data_7RFI
#
_entry.id   7RFI
#
_cell.length_a   1.00
_cell.length_b   1.00
_cell.length_c   1.00
_cell.angle_alpha   90.00
_cell.angle_beta   90.00
_cell.angle_gamma   90.00
#
_symmetry.space_group_name_H-M   'P 1'
#
loop_
_entity.id
_entity.type
_entity.pdbx_description
1 polymer "Isoform 5 of Inosine-5'-monophosphate dehydrogenase 1"
2 non-polymer "GUANOSINE-5'-TRIPHOSPHATE"
3 non-polymer 'INOSINIC ACID'
4 non-polymer NICOTINAMIDE-ADENINE-DINUCLEOTIDE
#
_entity_poly.entity_id   1
_entity_poly.type   'polypeptide(L)'
_entity_poly.pdbx_seq_one_letter_code
;MEGPLTPPPLQGGGAAAVPEPGARQHPGHETAAQRYSARLLQAGYEPESCFLLELSSVVLLAGVGVQMDRLRRASMADYL
ISGGTGYVPEDGLTAQQLFASADGLTYNDFLILPGFIDFIADEVDLTSALTRKITLKTPLISSPMDTVTEADMAIAMALM
GGIGFIHHNCTPEFQANEVRKVKKFEQGFITDPVVLSPSHTVGDVLEAKMRHGFSGIPITETGTMGSKLVGIVTSRDIDF
LAEKDHTTLLSEVMTPRIELVVAPAGVTLKEANEILQRSKKGKLPIVNDCDELVAIIARTDLKKNRDYPLASKDSQKQLL
CGAAVGTREDDKYRLDLLTQAGVDVIVLDSSQGNSVYQIAMVHYIKQKYPHLQVIGGNVVTAAQAKNLIDAGVDGLRVGM
GCGSICITQEVMACGRPQGTAVYKVAEYARRFGVPIIADGGIQTVGHVVKALALGASTVMMGSLLAATTEAPGEYFFSDG
VRLKKYRGMGSLDAMEKSSSSQKRYFSEGDKVKIAQGVSGSIQDKGSIQKFVPYLIAGIQHGCQDIGARSLSVLRSMMYS
GELKFEKRTMSAQIEGGVHGLHSYTFLPFTKSGCTEDSGGGRGGGGDAPQCPLLGTASLHN
;
_entity_poly.pdbx_strand_id   A,B,C,D,E,F,G,H
#
loop_
_chem_comp.id
_chem_comp.type
_chem_comp.name
_chem_comp.formula
GTP non-polymer GUANOSINE-5'-TRIPHOSPHATE 'C10 H16 N5 O14 P3'
IMP non-polymer 'INOSINIC ACID' 'C10 H13 N4 O8 P'
NAD non-polymer NICOTINAMIDE-ADENINE-DINUCLEOTIDE 'C21 H27 N7 O14 P2'
#
# COMPACT_ATOMS: atom_id res chain seq x y z
N GLY A 28 -36.13 3.01 -8.83
CA GLY A 28 -34.69 2.70 -8.79
C GLY A 28 -34.28 1.77 -9.91
N HIS A 29 -33.04 1.85 -10.39
CA HIS A 29 -32.57 1.05 -11.53
C HIS A 29 -32.39 -0.43 -11.17
N GLU A 30 -32.51 -1.31 -12.17
CA GLU A 30 -32.43 -2.75 -12.00
C GLU A 30 -31.04 -3.23 -12.40
N THR A 31 -30.50 -4.14 -11.60
CA THR A 31 -29.14 -4.60 -11.85
C THR A 31 -29.14 -5.67 -12.94
N ALA A 32 -27.98 -5.94 -13.52
CA ALA A 32 -27.79 -6.92 -14.59
C ALA A 32 -28.29 -8.30 -14.18
N ALA A 33 -28.05 -8.68 -12.92
CA ALA A 33 -28.54 -9.98 -12.44
C ALA A 33 -30.05 -10.00 -12.37
N GLN A 34 -30.67 -8.93 -11.87
CA GLN A 34 -32.12 -8.88 -11.80
C GLN A 34 -32.74 -9.00 -13.19
N ARG A 35 -32.22 -8.24 -14.14
CA ARG A 35 -32.76 -8.30 -15.50
C ARG A 35 -32.59 -9.70 -16.09
N TYR A 36 -31.39 -10.26 -15.97
CA TYR A 36 -31.11 -11.61 -16.46
C TYR A 36 -32.07 -12.62 -15.86
N SER A 37 -32.38 -12.49 -14.56
CA SER A 37 -33.26 -13.44 -13.89
C SER A 37 -34.70 -13.31 -14.39
N ALA A 38 -35.19 -12.07 -14.49
CA ALA A 38 -36.52 -11.87 -15.04
C ALA A 38 -36.62 -12.43 -16.45
N ARG A 39 -35.57 -12.35 -17.28
CA ARG A 39 -35.62 -12.87 -18.66
C ARG A 39 -35.52 -14.39 -18.70
N LEU A 40 -34.78 -15.03 -17.78
CA LEU A 40 -34.82 -16.48 -17.62
C LEU A 40 -36.19 -16.97 -17.13
N LEU A 41 -36.94 -16.13 -16.45
CA LEU A 41 -38.16 -16.36 -15.78
C LEU A 41 -39.41 -16.22 -16.61
N GLN A 42 -39.42 -15.39 -17.59
CA GLN A 42 -40.35 -15.30 -18.63
C GLN A 42 -40.49 -16.58 -19.41
N ALA A 43 -39.63 -17.52 -19.25
CA ALA A 43 -39.49 -18.74 -19.93
C ALA A 43 -39.32 -19.94 -19.02
N GLY A 44 -39.06 -21.12 -19.60
CA GLY A 44 -38.82 -22.29 -18.80
C GLY A 44 -37.47 -22.27 -18.12
N TYR A 45 -36.39 -22.23 -18.90
CA TYR A 45 -35.02 -22.13 -18.40
C TYR A 45 -34.78 -20.82 -17.65
N MET A 76 -37.50 -20.90 -3.65
CA MET A 76 -36.39 -21.82 -3.48
C MET A 76 -35.19 -21.17 -2.78
N ALA A 77 -34.19 -21.98 -2.40
CA ALA A 77 -33.00 -21.54 -1.68
C ALA A 77 -32.26 -20.36 -2.32
N ASP A 78 -32.12 -20.26 -3.63
CA ASP A 78 -31.36 -19.17 -4.28
C ASP A 78 -31.93 -17.78 -3.94
N TYR A 79 -33.26 -17.63 -3.89
CA TYR A 79 -33.85 -16.36 -3.47
C TYR A 79 -33.66 -16.13 -1.98
N LEU A 80 -33.82 -17.18 -1.18
CA LEU A 80 -33.68 -17.02 0.26
C LEU A 80 -32.26 -16.65 0.66
N ILE A 81 -31.25 -17.22 0.00
CA ILE A 81 -29.83 -17.02 0.33
C ILE A 81 -29.45 -15.56 0.11
N SER A 82 -29.48 -15.06 -1.11
CA SER A 82 -29.02 -13.72 -1.42
C SER A 82 -30.16 -12.75 -1.63
N GLY A 83 -31.39 -13.20 -1.52
CA GLY A 83 -32.53 -12.33 -1.61
C GLY A 83 -32.51 -11.47 -2.86
N GLY A 84 -32.44 -12.10 -4.01
CA GLY A 84 -32.45 -11.36 -5.25
C GLY A 84 -31.37 -10.31 -5.41
N THR A 85 -30.12 -10.64 -5.07
CA THR A 85 -28.96 -9.86 -5.49
C THR A 85 -28.18 -10.59 -6.57
N GLY A 86 -28.05 -11.91 -6.47
CA GLY A 86 -27.58 -12.70 -7.59
C GLY A 86 -26.09 -12.64 -7.81
N TYR A 87 -25.43 -13.79 -7.90
CA TYR A 87 -23.98 -13.82 -7.98
C TYR A 87 -23.52 -13.39 -9.36
N VAL A 88 -22.71 -12.34 -9.43
CA VAL A 88 -21.96 -11.97 -10.62
C VAL A 88 -20.49 -11.84 -10.21
N PRO A 89 -19.55 -12.48 -10.92
CA PRO A 89 -18.13 -12.35 -10.58
C PRO A 89 -17.67 -10.90 -10.73
N GLU A 90 -17.01 -10.36 -9.71
CA GLU A 90 -16.49 -9.00 -9.73
C GLU A 90 -15.26 -8.89 -10.64
N ASP A 91 -15.25 -7.90 -11.51
CA ASP A 91 -14.22 -7.73 -12.54
C ASP A 91 -14.15 -6.24 -12.93
N GLY A 92 -12.96 -5.63 -12.95
CA GLY A 92 -12.81 -4.22 -13.21
C GLY A 92 -12.80 -3.38 -11.96
N LEU A 93 -13.01 -2.09 -12.16
CA LEU A 93 -13.00 -1.11 -11.11
C LEU A 93 -14.29 -0.32 -11.11
N THR A 94 -14.63 0.25 -9.98
CA THR A 94 -15.69 1.24 -9.92
C THR A 94 -15.10 2.62 -10.16
N ALA A 95 -15.96 3.56 -10.51
CA ALA A 95 -15.49 4.93 -10.73
C ALA A 95 -14.71 5.43 -9.53
N GLN A 96 -15.15 5.06 -8.33
CA GLN A 96 -14.46 5.48 -7.12
C GLN A 96 -13.06 4.90 -7.06
N GLN A 97 -12.93 3.60 -7.24
CA GLN A 97 -11.61 2.99 -7.28
C GLN A 97 -10.80 3.55 -8.43
N LEU A 98 -11.43 3.76 -9.58
CA LEU A 98 -10.71 4.28 -10.74
C LEU A 98 -10.04 5.60 -10.42
N PHE A 99 -10.72 6.48 -9.70
CA PHE A 99 -10.18 7.79 -9.43
C PHE A 99 -9.51 7.91 -8.08
N ALA A 100 -9.43 6.82 -7.32
CA ALA A 100 -8.70 6.87 -6.06
C ALA A 100 -7.19 6.96 -6.28
N SER A 101 -6.70 6.50 -7.42
CA SER A 101 -5.26 6.44 -7.64
C SER A 101 -4.62 7.82 -7.68
N ALA A 102 -5.37 8.86 -8.02
CA ALA A 102 -4.89 10.22 -8.10
C ALA A 102 -3.90 10.41 -9.25
N ASP A 103 -3.97 9.56 -10.24
CA ASP A 103 -3.40 9.90 -11.52
C ASP A 103 -4.36 10.83 -12.24
N GLY A 104 -3.86 11.58 -13.20
CA GLY A 104 -4.75 12.47 -13.91
C GLY A 104 -5.30 11.84 -15.15
N LEU A 105 -6.53 11.35 -15.09
CA LEU A 105 -7.10 10.60 -16.20
C LEU A 105 -7.91 11.50 -17.13
N THR A 106 -7.70 11.30 -18.42
CA THR A 106 -8.54 11.85 -19.47
C THR A 106 -9.43 10.75 -20.02
N TYR A 107 -10.29 11.06 -21.00
CA TYR A 107 -11.17 10.07 -21.62
C TYR A 107 -10.42 8.95 -22.32
N ASN A 108 -9.24 9.22 -22.88
CA ASN A 108 -8.44 8.18 -23.53
C ASN A 108 -7.80 7.20 -22.53
N ASP A 109 -7.79 7.45 -21.22
CA ASP A 109 -7.05 6.62 -20.29
C ASP A 109 -7.82 5.43 -19.76
N PHE A 110 -9.11 5.33 -20.06
CA PHE A 110 -9.90 4.24 -19.51
C PHE A 110 -10.93 3.78 -20.53
N LEU A 111 -11.55 2.64 -20.27
CA LEU A 111 -12.68 2.03 -20.97
C LEU A 111 -13.80 1.72 -19.98
N ILE A 112 -15.01 1.58 -20.51
CA ILE A 112 -16.15 1.04 -19.78
C ILE A 112 -16.26 -0.45 -20.12
N LEU A 113 -16.42 -1.32 -19.13
CA LEU A 113 -16.60 -2.74 -19.40
C LEU A 113 -18.03 -3.04 -19.86
N PRO A 114 -18.25 -3.91 -20.86
CA PRO A 114 -19.59 -4.27 -21.33
C PRO A 114 -20.42 -5.03 -20.29
N GLY A 115 -21.74 -4.89 -20.37
CA GLY A 115 -22.70 -5.43 -19.40
C GLY A 115 -23.61 -6.53 -19.96
N PHE A 116 -24.88 -6.49 -19.60
CA PHE A 116 -25.92 -7.41 -20.06
C PHE A 116 -26.96 -6.69 -20.90
N ILE A 117 -27.23 -7.19 -22.10
CA ILE A 117 -28.13 -6.57 -23.08
C ILE A 117 -29.48 -7.30 -23.06
N ASP A 118 -30.57 -6.57 -22.89
CA ASP A 118 -31.92 -7.12 -23.02
C ASP A 118 -32.94 -6.19 -23.71
N PHE A 119 -32.44 -5.24 -24.49
CA PHE A 119 -33.20 -4.24 -25.26
C PHE A 119 -32.42 -3.91 -26.53
N ILE A 120 -33.07 -3.38 -27.56
CA ILE A 120 -32.36 -2.83 -28.74
C ILE A 120 -31.94 -1.38 -28.47
N ALA A 121 -31.01 -0.88 -29.27
CA ALA A 121 -30.44 0.44 -29.11
C ALA A 121 -31.47 1.54 -29.29
N ASP A 122 -32.34 1.40 -30.30
CA ASP A 122 -33.26 2.47 -30.65
C ASP A 122 -34.12 2.92 -29.49
N GLU A 123 -34.28 2.08 -28.47
CA GLU A 123 -35.11 2.41 -27.32
C GLU A 123 -34.30 2.91 -26.13
N VAL A 124 -33.07 3.39 -26.31
CA VAL A 124 -32.30 4.06 -25.26
C VAL A 124 -32.78 5.50 -25.11
N ASP A 125 -33.30 5.87 -23.94
CA ASP A 125 -33.75 7.24 -23.66
C ASP A 125 -32.57 8.18 -23.36
N LEU A 126 -32.40 9.22 -24.18
CA LEU A 126 -31.34 10.21 -24.03
C LEU A 126 -31.76 11.47 -23.28
N THR A 127 -32.94 11.50 -22.65
CA THR A 127 -33.43 12.66 -21.88
C THR A 127 -32.44 13.11 -20.80
N SER A 128 -32.15 14.41 -20.74
CA SER A 128 -31.12 15.01 -19.88
C SER A 128 -31.59 16.31 -19.22
N ALA A 129 -31.15 16.56 -17.99
CA ALA A 129 -31.27 17.86 -17.35
C ALA A 129 -30.15 18.80 -17.80
N LEU A 130 -30.49 19.97 -18.34
CA LEU A 130 -29.52 21.04 -18.61
C LEU A 130 -29.23 21.86 -17.35
N THR A 131 -30.27 22.13 -16.58
CA THR A 131 -30.24 22.87 -15.32
C THR A 131 -31.22 22.23 -14.35
N ARG A 132 -31.29 22.72 -13.11
CA ARG A 132 -32.28 22.27 -12.13
C ARG A 132 -33.74 22.26 -12.65
N LYS A 133 -34.10 23.14 -13.61
CA LYS A 133 -35.46 23.21 -14.20
C LYS A 133 -35.60 22.92 -15.70
N ILE A 134 -34.54 22.92 -16.51
CA ILE A 134 -34.64 22.69 -17.97
C ILE A 134 -34.26 21.26 -18.32
N THR A 135 -35.08 20.60 -19.14
CA THR A 135 -34.84 19.25 -19.69
C THR A 135 -34.71 19.30 -21.21
N LEU A 136 -33.80 18.51 -21.76
CA LEU A 136 -33.56 18.34 -23.19
C LEU A 136 -33.79 16.87 -23.56
N LYS A 137 -34.28 16.59 -24.76
CA LYS A 137 -34.45 15.21 -25.26
C LYS A 137 -33.15 14.57 -25.73
N THR A 138 -32.09 15.36 -25.94
CA THR A 138 -30.76 14.95 -26.42
C THR A 138 -29.69 15.61 -25.54
N PRO A 139 -28.58 14.95 -25.16
CA PRO A 139 -27.60 15.49 -24.21
C PRO A 139 -26.64 16.57 -24.76
N LEU A 140 -26.81 17.05 -25.99
CA LEU A 140 -25.77 17.74 -26.77
C LEU A 140 -26.00 19.25 -26.82
N ILE A 141 -24.94 20.03 -26.58
CA ILE A 141 -24.99 21.48 -26.50
C ILE A 141 -23.94 22.09 -27.43
N SER A 142 -24.24 23.17 -28.15
CA SER A 142 -23.20 23.86 -28.91
C SER A 142 -22.58 24.96 -28.07
N SER A 143 -21.27 25.05 -28.11
CA SER A 143 -20.50 25.99 -27.30
C SER A 143 -20.69 27.46 -27.71
N PRO A 144 -20.71 28.41 -26.76
CA PRO A 144 -20.82 29.85 -27.02
C PRO A 144 -19.53 30.47 -27.58
N MET A 145 -19.09 30.03 -28.74
CA MET A 145 -17.95 30.57 -29.47
C MET A 145 -18.40 31.19 -30.79
N ASP A 146 -17.74 32.25 -31.21
CA ASP A 146 -18.12 33.03 -32.39
C ASP A 146 -17.85 32.32 -33.73
N THR A 147 -17.04 31.27 -33.74
CA THR A 147 -16.91 30.32 -34.86
C THR A 147 -17.82 29.10 -34.73
N VAL A 148 -18.76 29.06 -33.77
CA VAL A 148 -19.65 27.91 -33.54
C VAL A 148 -21.12 28.30 -33.46
N THR A 149 -21.54 29.21 -32.57
CA THR A 149 -22.97 29.37 -32.24
C THR A 149 -23.49 30.79 -32.43
N GLU A 150 -24.24 30.97 -33.52
CA GLU A 150 -25.18 32.08 -33.75
C GLU A 150 -26.59 31.50 -34.00
N ALA A 151 -27.58 32.28 -34.46
CA ALA A 151 -28.96 31.83 -34.56
C ALA A 151 -29.13 30.54 -35.36
N ASP A 152 -28.42 30.34 -36.48
CA ASP A 152 -28.58 29.14 -37.31
C ASP A 152 -28.15 27.85 -36.61
N MET A 153 -27.00 27.85 -35.94
CA MET A 153 -26.55 26.73 -35.12
C MET A 153 -27.50 26.50 -33.93
N ALA A 154 -27.90 27.57 -33.25
CA ALA A 154 -28.81 27.48 -32.12
C ALA A 154 -30.19 26.90 -32.52
N ILE A 155 -30.75 27.33 -33.65
CA ILE A 155 -31.97 26.75 -34.23
C ILE A 155 -31.74 25.28 -34.54
N ALA A 156 -30.67 24.93 -35.24
CA ALA A 156 -30.41 23.54 -35.60
C ALA A 156 -30.28 22.65 -34.37
N MET A 157 -29.56 23.09 -33.33
CA MET A 157 -29.39 22.27 -32.14
C MET A 157 -30.70 22.14 -31.37
N ALA A 158 -31.46 23.22 -31.22
CA ALA A 158 -32.75 23.14 -30.58
C ALA A 158 -33.68 22.19 -31.34
N LEU A 159 -33.57 22.12 -32.67
CA LEU A 159 -34.47 21.30 -33.46
C LEU A 159 -34.13 19.82 -33.36
N MET A 160 -32.86 19.46 -33.22
CA MET A 160 -32.46 18.07 -32.95
C MET A 160 -32.57 17.68 -31.47
N GLY A 161 -33.15 18.53 -30.62
CA GLY A 161 -33.44 18.24 -29.21
C GLY A 161 -32.29 18.49 -28.24
N GLY A 162 -31.23 19.15 -28.67
CA GLY A 162 -30.23 19.76 -27.82
C GLY A 162 -30.52 21.24 -27.61
N ILE A 163 -29.50 22.06 -27.40
CA ILE A 163 -29.62 23.52 -27.29
C ILE A 163 -28.31 24.18 -27.72
N GLY A 164 -28.34 25.44 -28.13
CA GLY A 164 -27.14 26.20 -28.42
C GLY A 164 -27.09 27.46 -27.59
N PHE A 165 -25.90 27.82 -27.12
CA PHE A 165 -25.69 29.08 -26.40
C PHE A 165 -25.06 30.07 -27.36
N ILE A 166 -25.77 31.15 -27.68
CA ILE A 166 -25.25 32.18 -28.59
C ILE A 166 -24.04 32.89 -27.95
N HIS A 167 -23.01 33.19 -28.73
CA HIS A 167 -21.77 33.80 -28.26
C HIS A 167 -21.93 35.30 -27.93
N HIS A 168 -21.02 35.84 -27.13
CA HIS A 168 -21.01 37.26 -26.74
C HIS A 168 -19.82 38.08 -27.26
N ASN A 169 -19.05 37.59 -28.24
CA ASN A 169 -17.99 38.36 -28.91
C ASN A 169 -18.56 39.25 -30.02
N CYS A 170 -19.55 40.05 -29.65
CA CYS A 170 -20.42 40.85 -30.49
C CYS A 170 -21.11 41.93 -29.65
N THR A 171 -21.75 42.91 -30.27
CA THR A 171 -22.49 43.96 -29.53
C THR A 171 -23.71 43.41 -28.78
N PRO A 172 -24.18 44.07 -27.72
CA PRO A 172 -25.37 43.65 -26.98
C PRO A 172 -26.61 43.50 -27.87
N GLU A 173 -26.86 44.46 -28.76
CA GLU A 173 -27.98 44.47 -29.69
C GLU A 173 -27.88 43.35 -30.73
N PHE A 174 -26.68 43.03 -31.23
CA PHE A 174 -26.48 41.89 -32.12
C PHE A 174 -26.82 40.58 -31.42
N GLN A 175 -26.32 40.33 -30.21
CA GLN A 175 -26.64 39.10 -29.49
C GLN A 175 -28.14 38.99 -29.23
N ALA A 176 -28.81 40.06 -28.80
CA ALA A 176 -30.25 40.05 -28.59
C ALA A 176 -31.04 39.78 -29.87
N ASN A 177 -30.58 40.28 -31.02
CA ASN A 177 -31.19 39.97 -32.32
C ASN A 177 -30.99 38.51 -32.73
N GLU A 178 -29.82 37.93 -32.51
CA GLU A 178 -29.59 36.50 -32.72
C GLU A 178 -30.46 35.63 -31.82
N VAL A 179 -30.65 35.98 -30.54
CA VAL A 179 -31.60 35.29 -29.65
C VAL A 179 -33.04 35.40 -30.17
N ARG A 180 -33.48 36.58 -30.58
CA ARG A 180 -34.81 36.79 -31.15
C ARG A 180 -35.03 35.98 -32.43
N LYS A 181 -34.04 35.88 -33.31
CA LYS A 181 -34.10 35.01 -34.50
C LYS A 181 -34.38 33.55 -34.15
N VAL A 182 -33.80 33.03 -33.07
CA VAL A 182 -34.08 31.66 -32.57
C VAL A 182 -35.50 31.57 -32.02
N LYS A 183 -35.91 32.46 -31.12
CA LYS A 183 -37.26 32.40 -30.50
C LYS A 183 -38.40 32.58 -31.51
N LYS A 184 -38.17 33.29 -32.62
CA LYS A 184 -39.12 33.48 -33.74
C LYS A 184 -39.27 32.27 -34.67
N PHE A 185 -38.30 31.35 -34.75
CA PHE A 185 -38.17 30.42 -35.89
C PHE A 185 -39.33 29.42 -36.02
N GLU A 186 -39.69 28.74 -34.93
CA GLU A 186 -40.87 27.87 -34.81
C GLU A 186 -41.83 28.53 -33.83
N GLN A 187 -43.07 28.78 -34.24
CA GLN A 187 -44.06 29.48 -33.44
C GLN A 187 -45.29 28.63 -33.18
N GLY A 188 -45.93 28.91 -32.04
CA GLY A 188 -47.27 28.45 -31.78
C GLY A 188 -48.22 29.56 -32.15
N PHE A 189 -48.68 30.31 -31.16
CA PHE A 189 -49.45 31.52 -31.42
C PHE A 189 -48.50 32.65 -31.76
N ILE A 190 -48.55 33.15 -33.00
CA ILE A 190 -47.78 34.31 -33.42
C ILE A 190 -48.52 35.55 -32.88
N THR A 191 -48.10 36.08 -31.73
CA THR A 191 -48.76 37.23 -31.12
C THR A 191 -48.14 38.55 -31.54
N ASP A 192 -47.05 38.56 -32.29
CA ASP A 192 -46.42 39.77 -32.86
C ASP A 192 -46.23 39.65 -34.39
N PRO A 193 -47.29 39.38 -35.17
CA PRO A 193 -47.20 39.07 -36.60
C PRO A 193 -46.57 40.21 -37.42
N THR A 268 -57.53 27.46 -27.27
CA THR A 268 -56.44 26.53 -27.01
C THR A 268 -55.63 26.31 -28.29
N LEU A 269 -54.31 26.25 -28.15
CA LEU A 269 -53.45 26.07 -29.33
C LEU A 269 -53.82 24.81 -30.09
N LYS A 270 -54.41 23.82 -29.40
CA LYS A 270 -54.90 22.63 -30.08
C LYS A 270 -55.78 23.00 -31.28
N GLU A 271 -56.25 24.23 -31.35
CA GLU A 271 -56.92 24.73 -32.55
C GLU A 271 -56.06 24.59 -33.80
N ALA A 272 -54.78 24.23 -33.64
CA ALA A 272 -53.89 24.13 -34.79
C ALA A 272 -54.49 23.26 -35.89
N ASN A 273 -55.04 22.11 -35.53
CA ASN A 273 -55.63 21.22 -36.51
C ASN A 273 -57.06 21.63 -36.86
N ALA A 295 -53.17 37.37 -33.25
CA ALA A 295 -52.91 35.94 -33.13
C ALA A 295 -53.10 35.25 -34.48
N ILE A 296 -52.05 34.57 -34.95
CA ILE A 296 -52.06 33.88 -36.22
C ILE A 296 -51.45 32.50 -36.03
N ILE A 297 -51.81 31.58 -36.92
CA ILE A 297 -51.27 30.23 -36.92
C ILE A 297 -50.91 29.86 -38.36
N ALA A 298 -49.75 29.23 -38.53
CA ALA A 298 -49.26 28.83 -39.83
C ALA A 298 -48.97 27.34 -39.82
N ARG A 299 -49.27 26.69 -40.95
CA ARG A 299 -49.03 25.24 -41.03
C ARG A 299 -47.54 24.90 -41.08
N THR A 300 -46.68 25.85 -41.42
CA THR A 300 -45.26 25.57 -41.45
C THR A 300 -44.76 25.12 -40.09
N ASP A 301 -45.33 25.67 -39.02
CA ASP A 301 -44.95 25.23 -37.68
C ASP A 301 -45.48 23.84 -37.39
N LEU A 302 -46.62 23.47 -37.96
CA LEU A 302 -47.07 22.08 -37.86
C LEU A 302 -46.11 21.14 -38.58
N LYS A 303 -45.64 21.54 -39.76
CA LYS A 303 -44.67 20.73 -40.47
C LYS A 303 -43.36 20.63 -39.68
N LYS A 304 -42.94 21.73 -39.07
CA LYS A 304 -41.74 21.71 -38.25
C LYS A 304 -41.89 20.73 -37.10
N ASN A 305 -43.03 20.79 -36.42
CA ASN A 305 -43.33 19.81 -35.38
C ASN A 305 -43.22 18.39 -35.92
N ARG A 306 -43.91 18.11 -37.03
CA ARG A 306 -43.89 16.77 -37.60
C ARG A 306 -42.46 16.29 -37.86
N ASP A 307 -41.63 17.16 -38.45
CA ASP A 307 -40.33 16.74 -38.94
C ASP A 307 -39.28 16.63 -37.83
N TYR A 308 -39.49 17.30 -36.70
CA TYR A 308 -38.52 17.32 -35.61
C TYR A 308 -39.23 16.91 -34.33
N PRO A 309 -39.26 15.59 -34.03
CA PRO A 309 -39.95 15.03 -32.86
C PRO A 309 -39.20 15.24 -31.54
N LEU A 310 -37.90 15.56 -31.60
CA LEU A 310 -37.06 15.79 -30.42
C LEU A 310 -36.91 17.26 -30.04
N ALA A 311 -37.45 18.22 -30.80
CA ALA A 311 -37.09 19.62 -30.66
C ALA A 311 -37.32 20.21 -29.26
N SER A 312 -36.31 20.93 -28.74
CA SER A 312 -36.32 21.59 -27.45
C SER A 312 -37.17 22.85 -27.50
N LYS A 313 -38.39 22.83 -26.94
CA LYS A 313 -39.31 23.95 -27.00
C LYS A 313 -39.69 24.40 -25.60
N ASP A 314 -40.10 25.65 -25.47
CA ASP A 314 -40.71 26.22 -24.26
C ASP A 314 -42.22 26.02 -24.28
N SER A 315 -42.90 26.53 -23.23
CA SER A 315 -44.34 26.37 -23.08
C SER A 315 -45.11 26.98 -24.24
N GLN A 316 -44.62 28.08 -24.79
CA GLN A 316 -45.24 28.74 -25.92
C GLN A 316 -44.97 28.05 -27.25
N LYS A 317 -44.29 26.91 -27.23
CA LYS A 317 -43.98 26.13 -28.42
C LYS A 317 -42.83 26.71 -29.23
N GLN A 318 -42.07 27.65 -28.67
CA GLN A 318 -40.91 28.27 -29.33
C GLN A 318 -39.65 27.49 -28.99
N LEU A 319 -38.63 27.51 -29.84
CA LEU A 319 -37.36 26.85 -29.55
C LEU A 319 -36.71 27.43 -28.29
N LEU A 320 -36.01 26.61 -27.53
CA LEU A 320 -35.14 27.08 -26.45
C LEU A 320 -33.89 27.76 -27.02
N CYS A 321 -33.47 28.85 -26.40
CA CYS A 321 -32.20 29.50 -26.71
C CYS A 321 -31.45 29.86 -25.41
N GLY A 322 -30.16 29.56 -25.37
CA GLY A 322 -29.25 30.10 -24.37
C GLY A 322 -28.42 31.26 -24.90
N ALA A 323 -27.80 32.04 -24.02
CA ALA A 323 -26.84 33.08 -24.36
C ALA A 323 -25.70 33.15 -23.34
N ALA A 324 -24.56 33.69 -23.75
CA ALA A 324 -23.46 34.03 -22.85
C ALA A 324 -23.48 35.51 -22.45
N VAL A 325 -23.03 35.79 -21.22
CA VAL A 325 -22.63 37.14 -20.78
C VAL A 325 -21.35 37.03 -19.97
N GLY A 326 -20.57 38.10 -19.89
CA GLY A 326 -19.42 38.15 -18.98
C GLY A 326 -19.81 38.54 -17.55
N THR A 327 -18.79 38.87 -16.75
CA THR A 327 -18.95 39.29 -15.35
C THR A 327 -18.50 40.72 -15.12
N ARG A 328 -18.55 41.58 -16.14
CA ARG A 328 -18.28 43.02 -16.07
C ARG A 328 -19.56 43.80 -15.80
N GLU A 329 -19.43 45.07 -15.45
CA GLU A 329 -20.59 45.91 -15.16
C GLU A 329 -21.50 46.13 -16.38
N ASP A 330 -20.95 46.28 -17.59
CA ASP A 330 -21.76 46.44 -18.80
C ASP A 330 -22.46 45.15 -19.28
N ASP A 331 -22.13 43.98 -18.74
CA ASP A 331 -22.94 42.76 -18.93
C ASP A 331 -24.33 42.87 -18.33
N LYS A 332 -24.55 43.78 -17.36
CA LYS A 332 -25.90 44.04 -16.80
C LYS A 332 -26.86 44.62 -17.84
N TYR A 333 -26.37 45.48 -18.73
CA TYR A 333 -27.14 45.97 -19.89
C TYR A 333 -27.38 44.88 -20.94
N ARG A 334 -26.37 44.06 -21.27
CA ARG A 334 -26.57 42.91 -22.19
C ARG A 334 -27.72 42.05 -21.72
N LEU A 335 -27.72 41.69 -20.44
CA LEU A 335 -28.69 40.79 -19.88
C LEU A 335 -30.11 41.36 -19.87
N ASP A 336 -30.28 42.68 -19.78
CA ASP A 336 -31.57 43.33 -19.96
C ASP A 336 -32.12 43.09 -21.38
N LEU A 337 -31.30 43.34 -22.41
CA LEU A 337 -31.69 43.05 -23.80
C LEU A 337 -31.98 41.56 -24.04
N LEU A 338 -31.18 40.66 -23.51
CA LEU A 338 -31.37 39.22 -23.71
C LEU A 338 -32.63 38.70 -23.03
N THR A 339 -32.97 39.20 -21.85
CA THR A 339 -34.21 38.84 -21.17
C THR A 339 -35.43 39.50 -21.82
N GLN A 340 -35.29 40.66 -22.48
CA GLN A 340 -36.33 41.20 -23.37
C GLN A 340 -36.51 40.34 -24.65
N ALA A 341 -35.41 39.87 -25.26
CA ALA A 341 -35.43 39.01 -26.44
C ALA A 341 -35.97 37.60 -26.17
N GLY A 342 -36.10 37.21 -24.90
CA GLY A 342 -36.75 35.97 -24.48
C GLY A 342 -35.80 34.81 -24.20
N VAL A 343 -34.54 35.06 -23.84
CA VAL A 343 -33.56 34.01 -23.55
C VAL A 343 -34.03 33.10 -22.40
N ASP A 344 -33.81 31.80 -22.54
CA ASP A 344 -34.29 30.80 -21.57
C ASP A 344 -33.26 30.50 -20.48
N VAL A 345 -31.97 30.60 -20.79
CA VAL A 345 -30.87 30.20 -19.91
C VAL A 345 -29.61 31.02 -20.21
N ILE A 346 -28.79 31.28 -19.20
CA ILE A 346 -27.55 32.06 -19.29
C ILE A 346 -26.35 31.20 -18.89
N VAL A 347 -25.22 31.36 -19.59
CA VAL A 347 -23.89 30.93 -19.11
C VAL A 347 -23.01 32.16 -18.84
N LEU A 348 -22.26 32.14 -17.73
CA LEU A 348 -21.41 33.27 -17.32
C LEU A 348 -19.97 33.25 -17.84
N ASP A 349 -19.57 32.18 -18.52
CA ASP A 349 -18.45 32.15 -19.49
C ASP A 349 -17.04 32.57 -19.03
N SER A 350 -16.72 32.50 -17.75
CA SER A 350 -15.36 32.67 -17.22
C SER A 350 -14.45 31.48 -17.54
N SER A 351 -13.15 31.72 -17.73
CA SER A 351 -12.07 30.71 -17.68
C SER A 351 -11.98 30.02 -16.31
N GLN A 352 -12.20 30.78 -15.24
CA GLN A 352 -12.09 30.35 -13.86
C GLN A 352 -13.27 30.98 -13.10
N GLY A 353 -14.35 30.23 -12.93
CA GLY A 353 -15.63 30.74 -12.42
C GLY A 353 -15.66 31.05 -10.93
N ASN A 354 -14.69 30.58 -10.15
CA ASN A 354 -14.65 30.78 -8.71
C ASN A 354 -14.06 32.14 -8.33
N SER A 355 -14.81 33.21 -8.57
CA SER A 355 -14.37 34.58 -8.37
C SER A 355 -15.46 35.46 -7.79
N VAL A 356 -15.07 36.50 -7.07
CA VAL A 356 -16.01 37.52 -6.57
C VAL A 356 -16.82 38.16 -7.69
N TYR A 357 -16.24 38.38 -8.86
CA TYR A 357 -16.93 38.98 -10.00
C TYR A 357 -18.07 38.11 -10.50
N GLN A 358 -17.83 36.81 -10.61
CA GLN A 358 -18.84 35.84 -10.97
C GLN A 358 -19.89 35.65 -9.86
N ILE A 359 -19.50 35.50 -8.60
CA ILE A 359 -20.45 35.32 -7.50
C ILE A 359 -21.36 36.54 -7.36
N ALA A 360 -20.82 37.75 -7.45
CA ALA A 360 -21.61 38.98 -7.49
C ALA A 360 -22.60 38.99 -8.67
N MET A 361 -22.19 38.53 -9.85
CA MET A 361 -23.07 38.42 -11.00
C MET A 361 -24.20 37.39 -10.79
N VAL A 362 -23.92 36.20 -10.25
CA VAL A 362 -24.95 35.19 -9.95
C VAL A 362 -25.99 35.74 -8.96
N HIS A 363 -25.55 36.42 -7.89
CA HIS A 363 -26.46 37.07 -6.94
C HIS A 363 -27.30 38.18 -7.59
N TYR A 364 -26.70 39.02 -8.43
CA TYR A 364 -27.42 40.05 -9.16
C TYR A 364 -28.51 39.47 -10.08
N ILE A 365 -28.19 38.41 -10.82
CA ILE A 365 -29.14 37.81 -11.76
C ILE A 365 -30.30 37.18 -11.01
N LYS A 366 -30.05 36.37 -9.98
CA LYS A 366 -31.10 35.74 -9.18
C LYS A 366 -31.96 36.74 -8.43
N GLN A 367 -31.47 37.93 -8.14
CA GLN A 367 -32.28 39.02 -7.59
C GLN A 367 -33.18 39.66 -8.65
N LYS A 368 -32.64 40.06 -9.82
CA LYS A 368 -33.40 40.84 -10.82
C LYS A 368 -34.31 40.00 -11.73
N TYR A 369 -33.88 38.79 -12.08
CA TYR A 369 -34.57 37.86 -12.97
C TYR A 369 -34.76 36.51 -12.27
N PRO A 370 -35.59 36.41 -11.21
CA PRO A 370 -35.65 35.22 -10.37
C PRO A 370 -36.12 33.93 -11.07
N HIS A 371 -36.76 34.04 -12.23
CA HIS A 371 -37.19 32.90 -13.06
C HIS A 371 -36.20 32.52 -14.17
N LEU A 372 -35.08 33.25 -14.31
CA LEU A 372 -34.02 32.95 -15.26
C LEU A 372 -33.09 31.84 -14.73
N GLN A 373 -32.68 30.93 -15.62
CA GLN A 373 -31.76 29.85 -15.27
C GLN A 373 -30.31 30.28 -15.55
N VAL A 374 -29.40 30.06 -14.62
CA VAL A 374 -28.00 30.52 -14.70
C VAL A 374 -27.05 29.34 -14.52
N ILE A 375 -26.11 29.19 -15.43
CA ILE A 375 -25.09 28.14 -15.42
C ILE A 375 -23.73 28.76 -15.05
N GLY A 376 -23.08 28.17 -14.06
CA GLY A 376 -21.79 28.61 -13.53
C GLY A 376 -20.65 28.43 -14.53
N GLY A 377 -19.71 29.38 -14.48
CA GLY A 377 -18.56 29.49 -15.37
C GLY A 377 -17.51 28.47 -14.98
N ASN A 378 -16.47 28.31 -15.76
CA ASN A 378 -15.81 27.01 -15.75
C ASN A 378 -15.12 26.68 -14.43
N VAL A 379 -15.33 25.45 -13.97
CA VAL A 379 -14.76 24.88 -12.74
C VAL A 379 -14.23 23.49 -13.00
N VAL A 380 -13.28 23.02 -12.18
CA VAL A 380 -12.66 21.69 -12.28
C VAL A 380 -12.41 21.03 -10.92
N THR A 381 -12.76 21.68 -9.81
CA THR A 381 -12.66 21.14 -8.46
C THR A 381 -13.97 21.28 -7.70
N ALA A 382 -14.20 20.40 -6.72
CA ALA A 382 -15.35 20.50 -5.83
C ALA A 382 -15.37 21.80 -5.01
N ALA A 383 -14.20 22.36 -4.66
CA ALA A 383 -14.11 23.61 -3.93
C ALA A 383 -14.62 24.82 -4.73
N GLN A 384 -14.36 24.85 -6.04
CA GLN A 384 -14.95 25.85 -6.92
C GLN A 384 -16.46 25.63 -7.07
N ALA A 385 -16.91 24.39 -7.23
CA ALA A 385 -18.32 24.04 -7.34
C ALA A 385 -19.14 24.47 -6.11
N LYS A 386 -18.59 24.30 -4.90
CA LYS A 386 -19.21 24.73 -3.65
C LYS A 386 -19.65 26.19 -3.66
N ASN A 387 -18.75 27.12 -3.97
CA ASN A 387 -19.08 28.55 -3.90
C ASN A 387 -20.11 28.98 -4.94
N LEU A 388 -20.16 28.36 -6.12
CA LEU A 388 -21.16 28.65 -7.14
C LEU A 388 -22.52 28.00 -6.86
N ILE A 389 -22.54 26.79 -6.32
CA ILE A 389 -23.77 26.17 -5.83
C ILE A 389 -24.32 26.95 -4.64
N ASP A 390 -23.48 27.42 -3.72
CA ASP A 390 -23.87 28.31 -2.61
C ASP A 390 -24.36 29.69 -3.07
N ALA A 391 -23.83 30.25 -4.16
CA ALA A 391 -24.37 31.46 -4.79
C ALA A 391 -25.72 31.22 -5.50
N GLY A 392 -26.07 29.97 -5.81
CA GLY A 392 -27.39 29.61 -6.34
C GLY A 392 -27.47 29.44 -7.85
N VAL A 393 -26.40 29.01 -8.52
CA VAL A 393 -26.49 28.56 -9.93
C VAL A 393 -27.39 27.34 -10.09
N ASP A 394 -27.94 27.14 -11.27
CA ASP A 394 -28.81 26.01 -11.64
C ASP A 394 -28.09 24.90 -12.43
N GLY A 395 -26.85 25.13 -12.86
CA GLY A 395 -25.96 24.17 -13.52
C GLY A 395 -24.51 24.64 -13.43
N LEU A 396 -23.54 23.81 -13.78
CA LEU A 396 -22.12 24.19 -13.87
C LEU A 396 -21.51 23.75 -15.22
N ARG A 397 -20.63 24.56 -15.82
CA ARG A 397 -19.72 24.14 -16.91
C ARG A 397 -18.41 23.62 -16.34
N VAL A 398 -18.01 22.44 -16.75
CA VAL A 398 -16.83 21.76 -16.21
C VAL A 398 -15.79 21.54 -17.29
N GLY A 399 -14.59 22.06 -17.06
CA GLY A 399 -13.43 21.90 -17.93
C GLY A 399 -12.58 23.13 -17.95
N MET A 400 -11.27 22.98 -17.75
CA MET A 400 -10.30 24.06 -17.77
C MET A 400 -9.01 23.55 -18.36
N GLY A 401 -8.56 24.17 -19.45
CA GLY A 401 -7.31 23.83 -20.09
C GLY A 401 -7.40 22.71 -21.13
N CYS A 402 -8.39 21.82 -21.02
CA CYS A 402 -8.83 21.01 -22.15
C CYS A 402 -9.57 21.87 -23.19
N GLY A 403 -10.02 21.26 -24.28
CA GLY A 403 -10.63 21.97 -25.40
C GLY A 403 -9.61 22.18 -26.51
N SER A 404 -9.93 21.80 -27.73
CA SER A 404 -8.93 21.63 -28.79
C SER A 404 -8.13 22.88 -29.16
N ILE A 405 -8.74 24.06 -29.11
CA ILE A 405 -8.14 25.38 -29.37
C ILE A 405 -7.45 26.00 -28.14
N CYS A 406 -7.38 25.31 -27.01
CA CYS A 406 -6.87 25.85 -25.75
C CYS A 406 -5.35 25.73 -25.58
N ILE A 407 -4.72 26.72 -24.91
CA ILE A 407 -3.32 26.67 -24.44
C ILE A 407 -3.16 27.11 -22.98
N THR A 408 -4.25 27.33 -22.24
CA THR A 408 -4.25 27.82 -20.84
C THR A 408 -3.35 27.01 -19.89
N GLN A 409 -3.22 25.69 -20.03
CA GLN A 409 -2.36 24.89 -19.15
C GLN A 409 -0.88 25.27 -19.30
N GLU A 410 -0.41 25.44 -20.53
CA GLU A 410 0.99 25.74 -20.82
C GLU A 410 1.34 27.22 -20.59
N VAL A 411 0.36 28.12 -20.69
CA VAL A 411 0.53 29.55 -20.39
C VAL A 411 0.41 29.86 -18.89
N MET A 412 -0.50 29.21 -18.17
CA MET A 412 -0.94 29.62 -16.82
C MET A 412 -0.65 28.62 -15.71
N ALA A 413 -0.20 27.39 -16.04
CA ALA A 413 -0.07 26.24 -15.14
C ALA A 413 -1.35 25.67 -14.51
N CYS A 414 -2.49 26.37 -14.58
CA CYS A 414 -3.77 25.85 -14.12
C CYS A 414 -4.49 24.95 -15.11
N GLY A 415 -5.24 24.00 -14.58
CA GLY A 415 -6.19 23.17 -15.31
C GLY A 415 -6.49 21.88 -14.57
N ARG A 416 -7.17 20.96 -15.22
CA ARG A 416 -7.27 19.56 -14.76
C ARG A 416 -7.51 18.62 -15.94
N PRO A 417 -7.05 17.36 -15.92
CA PRO A 417 -7.44 16.35 -16.88
C PRO A 417 -8.96 16.13 -16.87
N GLN A 418 -9.61 16.20 -18.02
CA GLN A 418 -11.05 16.42 -18.09
C GLN A 418 -11.89 15.26 -17.53
N GLY A 419 -11.43 14.01 -17.62
CA GLY A 419 -12.13 12.89 -17.01
C GLY A 419 -12.27 13.04 -15.50
N THR A 420 -11.16 13.32 -14.84
CA THR A 420 -11.18 13.51 -13.39
C THR A 420 -12.04 14.70 -13.00
N ALA A 421 -11.94 15.80 -13.74
CA ALA A 421 -12.72 17.01 -13.47
C ALA A 421 -14.22 16.74 -13.56
N VAL A 422 -14.67 16.09 -14.63
CA VAL A 422 -16.06 15.70 -14.80
C VAL A 422 -16.51 14.78 -13.69
N TYR A 423 -15.72 13.76 -13.33
CA TYR A 423 -16.12 12.86 -12.27
C TYR A 423 -16.26 13.59 -10.93
N LYS A 424 -15.23 14.34 -10.52
CA LYS A 424 -15.14 14.96 -9.19
C LYS A 424 -16.14 16.09 -9.01
N VAL A 425 -16.32 16.94 -10.01
CA VAL A 425 -17.33 18.01 -9.93
C VAL A 425 -18.75 17.44 -9.99
N ALA A 426 -19.05 16.45 -10.82
CA ALA A 426 -20.37 15.83 -10.85
C ALA A 426 -20.71 15.08 -9.56
N GLU A 427 -19.75 14.36 -8.98
CA GLU A 427 -19.96 13.65 -7.71
C GLU A 427 -20.19 14.62 -6.55
N TYR A 428 -19.63 15.84 -6.59
CA TYR A 428 -20.02 16.88 -5.63
C TYR A 428 -21.39 17.49 -5.96
N ALA A 429 -21.63 17.88 -7.21
CA ALA A 429 -22.84 18.61 -7.59
C ALA A 429 -24.15 17.81 -7.46
N ARG A 430 -24.11 16.48 -7.62
CA ARG A 430 -25.27 15.59 -7.40
C ARG A 430 -25.82 15.64 -5.98
N ARG A 431 -25.00 15.96 -4.98
CA ARG A 431 -25.40 16.09 -3.56
C ARG A 431 -26.41 17.21 -3.33
N PHE A 432 -26.47 18.16 -4.27
CA PHE A 432 -27.31 19.35 -4.27
C PHE A 432 -28.33 19.36 -5.42
N GLY A 433 -28.39 18.28 -6.22
CA GLY A 433 -29.28 18.15 -7.37
C GLY A 433 -28.96 19.11 -8.53
N VAL A 434 -27.68 19.43 -8.76
CA VAL A 434 -27.25 20.35 -9.82
C VAL A 434 -26.67 19.57 -11.00
N PRO A 435 -27.16 19.75 -12.24
CA PRO A 435 -26.58 19.12 -13.42
C PRO A 435 -25.21 19.67 -13.83
N ILE A 436 -24.42 18.84 -14.51
CA ILE A 436 -23.09 19.19 -15.03
C ILE A 436 -23.08 19.19 -16.56
N ILE A 437 -22.53 20.25 -17.16
CA ILE A 437 -22.09 20.27 -18.55
C ILE A 437 -20.61 19.90 -18.60
N ALA A 438 -20.23 18.83 -19.30
CA ALA A 438 -18.84 18.54 -19.64
C ALA A 438 -18.44 19.31 -20.90
N ASP A 439 -17.41 20.15 -20.81
CA ASP A 439 -17.12 21.18 -21.80
C ASP A 439 -15.69 21.07 -22.35
N GLY A 440 -15.56 20.71 -23.62
CA GLY A 440 -14.28 20.62 -24.35
C GLY A 440 -13.55 19.28 -24.24
N GLY A 441 -12.73 18.96 -25.25
CA GLY A 441 -12.00 17.69 -25.35
C GLY A 441 -12.78 16.54 -26.00
N ILE A 442 -13.94 16.84 -26.58
CA ILE A 442 -14.83 15.85 -27.17
C ILE A 442 -14.52 15.69 -28.65
N GLN A 443 -13.80 14.62 -28.99
CA GLN A 443 -13.36 14.31 -30.37
C GLN A 443 -14.13 13.19 -31.08
N THR A 444 -14.83 12.35 -30.32
CA THR A 444 -15.41 11.08 -30.77
C THR A 444 -16.68 10.79 -29.99
N VAL A 445 -17.55 9.92 -30.50
CA VAL A 445 -18.78 9.54 -29.79
C VAL A 445 -18.48 8.75 -28.51
N GLY A 446 -17.37 8.01 -28.46
CA GLY A 446 -16.87 7.36 -27.25
C GLY A 446 -16.47 8.35 -26.17
N HIS A 447 -15.91 9.52 -26.51
CA HIS A 447 -15.72 10.58 -25.52
C HIS A 447 -17.05 11.09 -24.95
N VAL A 448 -18.10 11.20 -25.76
CA VAL A 448 -19.42 11.62 -25.26
C VAL A 448 -20.01 10.58 -24.30
N VAL A 449 -19.99 9.30 -24.66
CA VAL A 449 -20.44 8.21 -23.77
C VAL A 449 -19.64 8.18 -22.47
N LYS A 450 -18.31 8.34 -22.52
CA LYS A 450 -17.46 8.40 -21.32
C LYS A 450 -17.78 9.59 -20.44
N ALA A 451 -17.86 10.79 -20.98
CA ALA A 451 -18.25 11.97 -20.24
C ALA A 451 -19.59 11.77 -19.55
N LEU A 452 -20.61 11.24 -20.24
CA LEU A 452 -21.92 10.98 -19.66
C LEU A 452 -21.87 9.88 -18.59
N ALA A 453 -21.04 8.85 -18.78
CA ALA A 453 -20.93 7.78 -17.78
C ALA A 453 -20.26 8.27 -16.52
N LEU A 454 -19.34 9.22 -16.62
CA LEU A 454 -18.66 9.74 -15.45
C LEU A 454 -19.52 10.68 -14.63
N GLY A 455 -20.76 10.97 -15.04
CA GLY A 455 -21.69 11.78 -14.27
C GLY A 455 -22.13 13.09 -14.94
N ALA A 456 -21.60 13.46 -16.09
CA ALA A 456 -22.10 14.61 -16.84
C ALA A 456 -23.56 14.40 -17.26
N SER A 457 -24.38 15.43 -17.16
CA SER A 457 -25.77 15.39 -17.61
C SER A 457 -25.89 15.72 -19.11
N THR A 458 -24.99 16.55 -19.60
CA THR A 458 -24.94 17.05 -20.97
C THR A 458 -23.49 17.31 -21.37
N VAL A 459 -23.21 17.32 -22.67
CA VAL A 459 -21.87 17.51 -23.24
C VAL A 459 -21.91 18.72 -24.17
N MET A 460 -20.94 19.61 -24.03
CA MET A 460 -20.81 20.81 -24.86
C MET A 460 -19.63 20.67 -25.80
N MET A 461 -19.91 20.78 -27.09
CA MET A 461 -18.93 20.63 -28.15
C MET A 461 -18.63 21.97 -28.82
N GLY A 462 -17.35 22.23 -29.04
CA GLY A 462 -16.83 23.28 -29.88
C GLY A 462 -16.39 22.72 -31.22
N SER A 463 -15.21 22.13 -31.26
CA SER A 463 -14.55 21.61 -32.46
C SER A 463 -15.42 20.64 -33.26
N LEU A 464 -16.07 19.70 -32.58
CA LEU A 464 -16.88 18.69 -33.24
C LEU A 464 -18.11 19.26 -33.96
N LEU A 465 -18.51 20.50 -33.70
CA LEU A 465 -19.58 21.21 -34.43
C LEU A 465 -19.05 22.32 -35.35
N ALA A 466 -17.80 22.75 -35.18
CA ALA A 466 -17.14 23.70 -36.06
C ALA A 466 -17.02 23.14 -37.48
N ALA A 467 -17.08 24.02 -38.48
CA ALA A 467 -17.16 23.65 -39.90
C ALA A 467 -18.30 22.70 -40.29
N THR A 468 -19.38 22.65 -39.51
CA THR A 468 -20.70 22.29 -40.08
C THR A 468 -21.25 23.51 -40.82
N THR A 469 -22.25 23.34 -41.68
CA THR A 469 -22.73 24.46 -42.52
C THR A 469 -23.39 25.57 -41.70
N GLU A 470 -24.07 25.22 -40.60
CA GLU A 470 -24.70 26.17 -39.67
C GLU A 470 -23.71 26.93 -38.79
N ALA A 471 -22.45 26.50 -38.67
CA ALA A 471 -21.42 27.24 -37.95
C ALA A 471 -21.11 28.58 -38.64
N PRO A 472 -20.89 29.69 -37.92
CA PRO A 472 -20.62 31.01 -38.49
C PRO A 472 -19.43 31.07 -39.44
N GLY A 473 -19.41 32.08 -40.31
CA GLY A 473 -18.36 32.31 -41.30
C GLY A 473 -18.50 31.46 -42.56
N GLU A 474 -17.55 31.60 -43.48
CA GLU A 474 -17.62 31.04 -44.83
C GLU A 474 -16.50 30.02 -45.11
N TYR A 475 -16.76 29.03 -45.96
CA TYR A 475 -15.78 28.04 -46.36
C TYR A 475 -14.67 28.61 -47.26
N PHE A 476 -13.48 28.03 -47.16
CA PHE A 476 -12.33 28.27 -48.04
C PHE A 476 -11.59 26.96 -48.33
N PHE A 477 -10.78 26.94 -49.38
CA PHE A 477 -10.23 25.70 -49.99
C PHE A 477 -8.70 25.58 -49.90
N SER A 478 -8.06 26.37 -49.04
CA SER A 478 -6.62 26.71 -49.12
C SER A 478 -5.67 25.50 -49.22
N ASP A 479 -5.85 24.47 -48.38
CA ASP A 479 -4.98 23.28 -48.38
C ASP A 479 -5.46 22.13 -49.32
N GLY A 480 -6.34 22.42 -50.27
CA GLY A 480 -6.96 21.44 -51.16
C GLY A 480 -8.19 20.70 -50.59
N VAL A 481 -8.66 21.10 -49.40
CA VAL A 481 -9.89 20.62 -48.73
C VAL A 481 -10.72 21.81 -48.24
N ARG A 482 -12.05 21.66 -48.17
CA ARG A 482 -12.94 22.70 -47.59
C ARG A 482 -12.71 22.84 -46.08
N LEU A 483 -12.55 24.07 -45.64
CA LEU A 483 -12.20 24.48 -44.29
C LEU A 483 -13.07 25.64 -43.83
N LYS A 484 -13.40 25.71 -42.53
CA LYS A 484 -13.78 26.97 -41.85
C LYS A 484 -12.73 27.33 -40.81
N LYS A 485 -12.70 28.58 -40.38
CA LYS A 485 -11.91 29.03 -39.21
C LYS A 485 -12.55 28.57 -37.90
N TYR A 486 -11.75 28.24 -36.90
CA TYR A 486 -12.20 27.84 -35.57
C TYR A 486 -11.20 28.42 -34.57
N ARG A 487 -11.61 29.44 -33.80
CA ARG A 487 -10.65 30.45 -33.32
C ARG A 487 -10.26 30.40 -31.83
N GLY A 488 -11.10 29.89 -30.94
CA GLY A 488 -10.90 30.05 -29.49
C GLY A 488 -11.09 31.50 -28.99
N MET A 489 -11.89 31.70 -27.95
CA MET A 489 -12.37 33.02 -27.54
C MET A 489 -11.33 33.88 -26.80
N GLY A 490 -10.28 33.24 -26.28
CA GLY A 490 -9.09 33.89 -25.74
C GLY A 490 -7.89 33.86 -26.69
N SER A 491 -8.07 33.56 -27.97
CA SER A 491 -7.06 33.89 -28.97
C SER A 491 -7.01 35.41 -29.19
N LEU A 492 -5.85 35.95 -29.57
CA LEU A 492 -5.72 37.39 -29.82
C LEU A 492 -6.35 37.81 -31.17
N ASP A 493 -6.63 36.83 -32.04
CA ASP A 493 -7.55 36.94 -33.17
C ASP A 493 -8.98 37.35 -32.72
N ALA A 494 -9.55 36.68 -31.70
CA ALA A 494 -10.86 37.02 -31.16
C ALA A 494 -10.88 38.40 -30.48
N VAL A 512 -0.33 44.78 -21.73
CA VAL A 512 -0.16 43.48 -22.33
C VAL A 512 -1.41 42.60 -22.17
N LYS A 513 -1.84 41.99 -23.28
CA LYS A 513 -2.86 40.92 -23.32
C LYS A 513 -2.23 39.62 -23.85
N ILE A 514 -2.43 38.51 -23.13
CA ILE A 514 -1.81 37.21 -23.43
C ILE A 514 -2.86 36.25 -24.01
N ALA A 515 -2.52 35.50 -25.06
CA ALA A 515 -3.42 34.50 -25.63
C ALA A 515 -3.64 33.31 -24.67
N GLN A 516 -4.91 32.93 -24.50
CA GLN A 516 -5.34 31.70 -23.84
C GLN A 516 -5.67 30.58 -24.84
N GLY A 517 -5.72 30.88 -26.14
CA GLY A 517 -6.11 29.94 -27.18
C GLY A 517 -5.47 30.27 -28.52
N VAL A 518 -5.52 29.32 -29.43
CA VAL A 518 -4.94 29.41 -30.78
C VAL A 518 -6.05 29.53 -31.80
N SER A 519 -5.87 30.38 -32.82
CA SER A 519 -6.81 30.45 -33.93
C SER A 519 -6.38 29.50 -35.03
N GLY A 520 -7.27 28.64 -35.49
CA GLY A 520 -6.95 27.59 -36.44
C GLY A 520 -8.10 27.26 -37.39
N SER A 521 -8.09 26.06 -37.94
CA SER A 521 -9.02 25.68 -38.99
C SER A 521 -9.43 24.22 -38.90
N ILE A 522 -10.64 23.92 -39.36
CA ILE A 522 -11.32 22.63 -39.24
C ILE A 522 -11.92 22.29 -40.60
N GLN A 523 -11.81 21.03 -41.02
CA GLN A 523 -12.38 20.52 -42.26
C GLN A 523 -13.91 20.42 -42.23
N ASP A 524 -14.56 20.65 -43.37
CA ASP A 524 -16.01 20.55 -43.55
C ASP A 524 -16.63 19.20 -43.08
N LYS A 525 -17.81 19.26 -42.45
CA LYS A 525 -18.62 18.12 -42.00
C LYS A 525 -20.07 18.11 -42.49
N GLY A 526 -20.49 19.04 -43.35
CA GLY A 526 -21.89 19.13 -43.79
C GLY A 526 -22.82 19.72 -42.72
N SER A 527 -24.11 19.42 -42.72
CA SER A 527 -25.05 20.02 -41.78
C SER A 527 -25.13 19.31 -40.41
N ILE A 528 -25.48 20.08 -39.38
CA ILE A 528 -25.85 19.57 -38.06
C ILE A 528 -26.95 18.52 -38.19
N GLN A 529 -27.93 18.72 -39.05
CA GLN A 529 -29.07 17.81 -39.19
C GLN A 529 -28.76 16.43 -39.80
N LYS A 530 -27.57 16.22 -40.38
CA LYS A 530 -27.13 14.93 -40.87
C LYS A 530 -26.04 14.34 -39.98
N PHE A 531 -25.54 15.12 -39.01
CA PHE A 531 -24.41 14.76 -38.15
C PHE A 531 -24.83 14.54 -36.69
N VAL A 532 -25.82 15.26 -36.17
CA VAL A 532 -26.35 15.01 -34.82
C VAL A 532 -27.07 13.67 -34.71
N PRO A 533 -27.88 13.20 -35.69
CA PRO A 533 -28.44 11.85 -35.61
C PRO A 533 -27.39 10.72 -35.61
N TYR A 534 -26.21 10.94 -36.20
CA TYR A 534 -25.06 10.06 -36.04
C TYR A 534 -24.53 10.01 -34.59
N LEU A 535 -24.38 11.15 -33.92
CA LEU A 535 -24.00 11.19 -32.51
C LEU A 535 -25.06 10.53 -31.62
N ILE A 536 -26.34 10.77 -31.88
CA ILE A 536 -27.45 10.11 -31.17
C ILE A 536 -27.38 8.59 -31.34
N ALA A 537 -27.27 8.09 -32.57
CA ALA A 537 -27.13 6.67 -32.84
C ALA A 537 -25.90 6.05 -32.17
N GLY A 538 -24.75 6.72 -32.18
CA GLY A 538 -23.55 6.25 -31.49
C GLY A 538 -23.66 6.26 -29.97
N ILE A 539 -24.32 7.26 -29.36
CA ILE A 539 -24.59 7.26 -27.91
C ILE A 539 -25.52 6.10 -27.55
N GLN A 540 -26.60 5.89 -28.32
CA GLN A 540 -27.52 4.77 -28.08
C GLN A 540 -26.84 3.41 -28.19
N HIS A 541 -25.96 3.19 -29.18
CA HIS A 541 -25.27 1.92 -29.31
C HIS A 541 -24.22 1.71 -28.22
N GLY A 542 -23.54 2.77 -27.79
CA GLY A 542 -22.69 2.74 -26.61
C GLY A 542 -23.46 2.39 -25.34
N CYS A 543 -24.63 2.99 -25.09
CA CYS A 543 -25.45 2.62 -23.94
C CYS A 543 -25.98 1.19 -24.03
N GLN A 544 -26.29 0.70 -25.24
CA GLN A 544 -26.79 -0.66 -25.39
C GLN A 544 -25.74 -1.71 -25.00
N ASP A 545 -24.48 -1.58 -25.43
CA ASP A 545 -23.42 -2.54 -25.05
C ASP A 545 -23.08 -2.54 -23.56
N ILE A 546 -23.29 -1.40 -22.88
CA ILE A 546 -23.21 -1.27 -21.42
C ILE A 546 -24.41 -1.91 -20.71
N GLY A 547 -25.56 -2.06 -21.38
CA GLY A 547 -26.80 -2.53 -20.77
C GLY A 547 -27.62 -1.43 -20.06
N ALA A 548 -27.37 -0.17 -20.37
CA ALA A 548 -28.11 0.97 -19.82
C ALA A 548 -29.28 1.30 -20.73
N ARG A 549 -30.49 1.22 -20.20
CA ARG A 549 -31.67 1.53 -20.97
C ARG A 549 -31.91 3.03 -21.14
N SER A 550 -31.19 3.88 -20.41
CA SER A 550 -31.25 5.34 -20.50
C SER A 550 -29.99 5.96 -19.89
N LEU A 551 -29.75 7.24 -20.14
CA LEU A 551 -28.62 7.95 -19.53
C LEU A 551 -28.74 8.10 -18.01
N SER A 552 -29.95 8.21 -17.47
CA SER A 552 -30.20 8.18 -16.02
C SER A 552 -29.87 6.83 -15.41
N VAL A 553 -30.25 5.72 -16.07
CA VAL A 553 -29.86 4.37 -15.66
C VAL A 553 -28.35 4.20 -15.73
N LEU A 554 -27.66 4.77 -16.72
CA LEU A 554 -26.22 4.69 -16.82
C LEU A 554 -25.55 5.34 -15.62
N ARG A 555 -25.87 6.60 -15.30
CA ARG A 555 -25.26 7.30 -14.15
C ARG A 555 -25.62 6.64 -12.83
N SER A 556 -26.85 6.15 -12.72
CA SER A 556 -27.29 5.31 -11.60
C SER A 556 -26.42 4.06 -11.40
N MET A 557 -26.10 3.31 -12.47
CA MET A 557 -25.22 2.15 -12.39
C MET A 557 -23.79 2.55 -12.05
N MET A 558 -23.36 3.73 -12.48
CA MET A 558 -22.02 4.17 -12.12
C MET A 558 -21.93 4.51 -10.64
N TYR A 559 -22.87 5.29 -10.09
CA TYR A 559 -22.84 5.65 -8.68
C TYR A 559 -23.06 4.45 -7.75
N SER A 560 -23.79 3.43 -8.18
CA SER A 560 -24.01 2.21 -7.39
C SER A 560 -22.87 1.19 -7.44
N GLY A 561 -21.81 1.37 -8.25
CA GLY A 561 -20.79 0.37 -8.40
C GLY A 561 -21.08 -0.70 -9.42
N GLU A 562 -22.27 -0.73 -10.01
CA GLU A 562 -22.57 -1.80 -10.95
C GLU A 562 -21.75 -1.66 -12.22
N LEU A 563 -21.55 -0.44 -12.69
CA LEU A 563 -20.73 -0.18 -13.86
C LEU A 563 -19.26 -0.29 -13.50
N LYS A 564 -18.50 -1.00 -14.33
CA LYS A 564 -17.10 -1.28 -14.10
C LYS A 564 -16.23 -0.62 -15.15
N PHE A 565 -15.02 -0.25 -14.74
CA PHE A 565 -14.09 0.49 -15.58
C PHE A 565 -12.77 -0.26 -15.63
N GLU A 566 -11.99 0.07 -16.63
CA GLU A 566 -10.68 -0.53 -16.81
C GLU A 566 -9.73 0.54 -17.27
N LYS A 567 -8.59 0.66 -16.62
CA LYS A 567 -7.57 1.60 -17.07
C LYS A 567 -6.83 1.05 -18.29
N ARG A 568 -6.23 1.93 -19.07
CA ARG A 568 -5.49 1.60 -20.30
C ARG A 568 -4.05 2.05 -20.16
N THR A 569 -3.12 1.21 -20.57
CA THR A 569 -1.75 1.65 -20.76
C THR A 569 -1.63 2.32 -22.12
N MET A 570 -0.44 2.75 -22.48
CA MET A 570 -0.26 3.33 -23.81
C MET A 570 -0.36 2.26 -24.89
N SER A 571 0.23 1.10 -24.65
CA SER A 571 0.09 0.02 -25.63
C SER A 571 -1.36 -0.39 -25.76
N ALA A 572 -2.13 -0.36 -24.68
CA ALA A 572 -3.57 -0.61 -24.74
C ALA A 572 -4.29 0.41 -25.60
N GLN A 573 -3.94 1.69 -25.51
CA GLN A 573 -4.53 2.71 -26.36
C GLN A 573 -4.13 2.54 -27.82
N ILE A 574 -2.89 2.12 -28.08
CA ILE A 574 -2.48 1.79 -29.44
C ILE A 574 -3.33 0.65 -29.98
N GLU A 575 -3.49 -0.42 -29.20
CA GLU A 575 -4.33 -1.60 -29.53
C GLU A 575 -5.82 -1.25 -29.70
N GLY A 576 -6.34 -0.23 -29.03
CA GLY A 576 -7.70 0.27 -29.24
C GLY A 576 -7.89 1.14 -30.47
N GLY A 577 -6.81 1.59 -31.11
CA GLY A 577 -6.80 2.19 -32.43
C GLY A 577 -6.68 1.16 -33.55
N VAL A 578 -6.19 1.59 -34.72
CA VAL A 578 -5.96 0.74 -35.90
C VAL A 578 -4.49 0.26 -35.95
N HIS A 579 -4.26 -1.04 -36.17
CA HIS A 579 -2.91 -1.65 -36.11
C HIS A 579 -2.24 -1.68 -37.49
N GLY A 580 -1.43 -2.72 -37.77
CA GLY A 580 -0.56 -2.87 -38.94
C GLY A 580 -1.23 -3.07 -40.32
N LEU A 581 -2.35 -2.40 -40.57
CA LEU A 581 -2.89 -2.26 -41.93
C LEU A 581 -1.92 -1.46 -42.79
N HIS A 582 -1.80 -1.78 -44.08
CA HIS A 582 -1.01 -0.97 -45.01
C HIS A 582 -1.64 0.41 -45.20
N SER A 583 -2.96 0.41 -45.44
CA SER A 583 -3.82 1.58 -45.62
C SER A 583 -5.22 1.26 -45.10
N TYR A 584 -6.00 2.27 -44.74
CA TYR A 584 -7.43 2.11 -44.43
C TYR A 584 -8.26 3.35 -44.79
N THR A 585 -9.53 3.10 -45.03
CA THR A 585 -10.60 4.09 -45.20
C THR A 585 -11.56 3.99 -44.02
N PHE A 586 -11.89 5.12 -43.40
CA PHE A 586 -12.95 5.19 -42.39
C PHE A 586 -14.16 5.98 -42.94
N LEU A 587 -15.31 5.31 -43.04
CA LEU A 587 -16.60 5.96 -43.23
C LEU A 587 -17.37 5.82 -41.91
N PRO A 588 -17.75 6.91 -41.20
CA PRO A 588 -18.35 6.81 -39.87
C PRO A 588 -19.79 6.30 -39.91
N PHE A 589 -20.60 6.78 -40.86
CA PHE A 589 -21.99 6.42 -41.07
C PHE A 589 -22.36 6.49 -42.56
N THR A 590 -23.21 5.58 -43.03
CA THR A 590 -23.60 5.47 -44.47
C THR A 590 -24.86 6.28 -44.81
N LYS A 591 -25.74 6.50 -43.83
CA LYS A 591 -27.03 7.20 -43.98
C LYS A 591 -27.27 8.21 -42.86
N GLY B 28 0.81 36.42 8.34
CA GLY B 28 0.59 35.08 7.74
C GLY B 28 -0.49 35.13 6.67
N HIS B 29 -0.42 34.23 5.67
CA HIS B 29 -1.35 34.26 4.52
C HIS B 29 -2.78 33.83 4.89
N GLU B 30 -3.76 34.28 4.11
CA GLU B 30 -5.17 34.02 4.36
C GLU B 30 -5.65 32.92 3.42
N THR B 31 -6.44 32.01 3.95
CA THR B 31 -6.89 30.88 3.16
C THR B 31 -8.08 31.28 2.29
N ALA B 32 -8.37 30.48 1.26
CA ALA B 32 -9.46 30.71 0.32
C ALA B 32 -10.79 30.87 1.05
N ALA B 33 -11.03 30.06 2.09
CA ALA B 33 -12.27 30.17 2.83
C ALA B 33 -12.34 31.48 3.59
N GLN B 34 -11.24 31.89 4.22
CA GLN B 34 -11.23 33.16 4.94
C GLN B 34 -11.53 34.32 4.00
N ARG B 35 -10.87 34.35 2.85
CA ARG B 35 -11.11 35.43 1.90
C ARG B 35 -12.55 35.43 1.43
N TYR B 36 -13.07 34.26 1.04
CA TYR B 36 -14.45 34.12 0.60
C TYR B 36 -15.43 34.62 1.66
N SER B 37 -15.16 34.33 2.94
CA SER B 37 -16.05 34.75 4.01
C SER B 37 -16.01 36.26 4.20
N ALA B 38 -14.81 36.84 4.21
CA ALA B 38 -14.70 38.29 4.32
C ALA B 38 -15.43 38.96 3.18
N ARG B 39 -15.42 38.41 1.96
CA ARG B 39 -16.10 39.02 0.81
C ARG B 39 -17.62 38.83 0.86
N LEU B 40 -18.11 37.71 1.39
CA LEU B 40 -19.54 37.53 1.68
C LEU B 40 -20.02 38.48 2.78
N LEU B 41 -19.12 38.94 3.65
CA LEU B 41 -19.31 39.71 4.81
C LEU B 41 -19.29 41.20 4.64
N GLN B 42 -18.56 41.72 3.70
CA GLN B 42 -18.61 43.02 3.19
C GLN B 42 -19.97 43.40 2.67
N ALA B 43 -20.86 42.49 2.50
CA ALA B 43 -22.16 42.55 1.95
C ALA B 43 -23.22 41.89 2.79
N GLY B 44 -24.44 41.80 2.28
CA GLY B 44 -25.49 41.10 2.98
C GLY B 44 -25.30 39.60 2.96
N TYR B 45 -25.35 39.00 1.77
CA TYR B 45 -25.16 37.56 1.56
C TYR B 45 -23.76 37.11 1.98
N MET B 76 -22.22 33.01 16.54
CA MET B 76 -23.08 32.03 15.89
C MET B 76 -22.35 30.71 15.61
N ALA B 77 -23.10 29.62 15.46
CA ALA B 77 -22.61 28.26 15.40
C ALA B 77 -21.49 28.02 14.37
N ASP B 78 -21.54 28.58 13.16
CA ASP B 78 -20.51 28.33 12.13
C ASP B 78 -19.09 28.75 12.62
N TYR B 79 -18.97 29.92 13.25
CA TYR B 79 -17.69 30.35 13.78
C TYR B 79 -17.30 29.54 15.01
N LEU B 80 -18.26 29.24 15.87
CA LEU B 80 -17.95 28.48 17.07
C LEU B 80 -17.50 27.07 16.74
N ILE B 81 -18.11 26.40 15.76
CA ILE B 81 -17.82 25.01 15.39
C ILE B 81 -16.40 24.90 14.87
N SER B 82 -16.07 25.54 13.77
CA SER B 82 -14.77 25.36 13.14
C SER B 82 -13.85 26.52 13.40
N GLY B 83 -14.31 27.55 14.09
CA GLY B 83 -13.48 28.67 14.47
C GLY B 83 -12.73 29.26 13.30
N GLY B 84 -13.45 29.70 12.28
CA GLY B 84 -12.81 30.32 11.14
C GLY B 84 -11.77 29.46 10.43
N THR B 85 -12.09 28.21 10.14
CA THR B 85 -11.34 27.42 9.17
C THR B 85 -12.18 27.17 7.91
N GLY B 86 -13.47 26.89 8.08
CA GLY B 86 -14.39 26.91 6.95
C GLY B 86 -14.30 25.69 6.07
N TYR B 87 -15.43 25.06 5.79
CA TYR B 87 -15.42 23.80 5.07
C TYR B 87 -15.13 24.06 3.60
N VAL B 88 -14.09 23.42 3.06
CA VAL B 88 -13.83 23.32 1.63
C VAL B 88 -13.61 21.86 1.29
N PRO B 89 -14.29 21.28 0.28
CA PRO B 89 -14.07 19.88 -0.07
C PRO B 89 -12.64 19.65 -0.53
N GLU B 90 -11.94 18.70 0.08
CA GLU B 90 -10.57 18.34 -0.28
C GLU B 90 -10.54 17.67 -1.65
N ASP B 91 -9.67 18.12 -2.54
CA ASP B 91 -9.58 17.67 -3.92
C ASP B 91 -8.15 17.88 -4.43
N GLY B 92 -7.52 16.89 -5.07
CA GLY B 92 -6.15 16.98 -5.50
C GLY B 92 -5.16 16.47 -4.47
N LEU B 93 -3.91 16.86 -4.68
CA LEU B 93 -2.82 16.46 -3.83
C LEU B 93 -2.07 17.68 -3.32
N THR B 94 -1.38 17.51 -2.21
CA THR B 94 -0.42 18.51 -1.77
C THR B 94 0.93 18.21 -2.37
N ALA B 95 1.80 19.21 -2.39
CA ALA B 95 3.14 19.00 -2.91
C ALA B 95 3.81 17.81 -2.24
N GLN B 96 3.57 17.64 -0.95
CA GLN B 96 4.14 16.51 -0.22
C GLN B 96 3.63 15.19 -0.76
N GLN B 97 2.30 15.05 -0.86
CA GLN B 97 1.74 13.85 -1.44
C GLN B 97 2.19 13.68 -2.89
N LEU B 98 2.25 14.77 -3.63
CA LEU B 98 2.64 14.70 -5.03
C LEU B 98 4.01 14.06 -5.17
N PHE B 99 4.94 14.42 -4.30
CA PHE B 99 6.30 13.91 -4.44
C PHE B 99 6.58 12.72 -3.55
N ALA B 100 5.60 12.22 -2.82
CA ALA B 100 5.82 11.02 -2.02
C ALA B 100 5.94 9.78 -2.91
N SER B 101 5.39 9.82 -4.11
CA SER B 101 5.34 8.63 -4.94
C SER B 101 6.72 8.19 -5.41
N ALA B 102 7.68 9.10 -5.47
CA ALA B 102 9.05 8.82 -5.88
C ALA B 102 9.14 8.47 -7.36
N ASP B 103 8.17 8.91 -8.14
CA ASP B 103 8.39 9.02 -9.57
C ASP B 103 9.20 10.27 -9.84
N GLY B 104 9.85 10.31 -10.98
CA GLY B 104 10.63 11.49 -11.29
C GLY B 104 9.83 12.48 -12.08
N LEU B 105 9.31 13.51 -11.43
CA LEU B 105 8.41 14.45 -12.08
C LEU B 105 9.15 15.65 -12.61
N THR B 106 8.82 16.04 -13.83
CA THR B 106 9.22 17.30 -14.44
C THR B 106 8.04 18.25 -14.42
N TYR B 107 8.20 19.48 -14.89
CA TYR B 107 7.13 20.47 -14.95
C TYR B 107 5.94 20.01 -15.80
N ASN B 108 6.18 19.25 -16.87
CA ASN B 108 5.11 18.74 -17.72
C ASN B 108 4.26 17.65 -17.05
N ASP B 109 4.67 17.06 -15.93
CA ASP B 109 3.98 15.91 -15.37
C ASP B 109 2.84 16.26 -14.44
N PHE B 110 2.66 17.54 -14.11
CA PHE B 110 1.61 17.91 -13.16
C PHE B 110 1.01 19.24 -13.57
N LEU B 111 -0.12 19.57 -12.95
CA LEU B 111 -0.86 20.83 -13.02
C LEU B 111 -1.07 21.38 -11.60
N ILE B 112 -1.31 22.67 -11.50
CA ILE B 112 -1.79 23.32 -10.29
C ILE B 112 -3.31 23.46 -10.40
N LEU B 113 -4.07 23.11 -9.37
CA LEU B 113 -5.52 23.28 -9.39
C LEU B 113 -5.92 24.74 -9.12
N PRO B 114 -6.91 25.30 -9.84
CA PRO B 114 -7.38 26.66 -9.61
C PRO B 114 -8.02 26.86 -8.23
N GLY B 115 -7.93 28.09 -7.71
CA GLY B 115 -8.40 28.46 -6.37
C GLY B 115 -9.57 29.44 -6.36
N PHE B 116 -9.54 30.41 -5.45
CA PHE B 116 -10.53 31.48 -5.30
C PHE B 116 -9.93 32.83 -5.65
N ILE B 117 -10.59 33.57 -6.53
CA ILE B 117 -10.12 34.85 -7.05
C ILE B 117 -10.87 35.99 -6.37
N ASP B 118 -10.17 36.95 -5.78
CA ASP B 118 -10.78 38.15 -5.21
C ASP B 118 -9.96 39.44 -5.45
N PHE B 119 -9.12 39.44 -6.48
CA PHE B 119 -8.24 40.52 -6.91
C PHE B 119 -8.05 40.42 -8.43
N ILE B 120 -7.64 41.50 -9.10
CA ILE B 120 -7.20 41.44 -10.50
C ILE B 120 -5.72 41.07 -10.60
N ALA B 121 -5.28 40.66 -11.76
CA ALA B 121 -3.92 40.18 -12.00
C ALA B 121 -2.90 41.28 -11.79
N ASP B 122 -3.18 42.49 -12.26
CA ASP B 122 -2.18 43.55 -12.26
C ASP B 122 -1.63 43.82 -10.87
N GLU B 123 -2.36 43.46 -9.82
CA GLU B 123 -1.93 43.70 -8.46
C GLU B 123 -1.27 42.49 -7.82
N VAL B 124 -0.71 41.59 -8.60
CA VAL B 124 0.09 40.49 -8.05
C VAL B 124 1.52 40.97 -7.85
N ASP B 125 2.04 40.78 -6.64
CA ASP B 125 3.38 41.23 -6.29
C ASP B 125 4.39 40.14 -6.61
N LEU B 126 5.38 40.47 -7.42
CA LEU B 126 6.39 39.53 -7.86
C LEU B 126 7.73 39.68 -7.12
N THR B 127 7.77 40.42 -6.00
CA THR B 127 8.97 40.59 -5.19
C THR B 127 9.58 39.25 -4.76
N SER B 128 10.88 39.05 -5.01
CA SER B 128 11.59 37.79 -4.78
C SER B 128 12.96 38.00 -4.16
N ALA B 129 13.37 37.12 -3.26
CA ALA B 129 14.73 37.06 -2.74
C ALA B 129 15.64 36.36 -3.74
N LEU B 130 16.73 37.00 -4.16
CA LEU B 130 17.80 36.34 -4.92
C LEU B 130 18.75 35.59 -3.98
N THR B 131 19.06 36.21 -2.85
CA THR B 131 19.93 35.68 -1.79
C THR B 131 19.37 36.09 -0.44
N ARG B 132 20.03 35.70 0.65
CA ARG B 132 19.72 36.19 2.01
C ARG B 132 19.49 37.72 2.10
N LYS B 133 20.24 38.53 1.33
CA LYS B 133 20.22 40.01 1.41
C LYS B 133 19.75 40.77 0.16
N ILE B 134 19.67 40.16 -1.01
CA ILE B 134 19.28 40.86 -2.27
C ILE B 134 17.84 40.52 -2.62
N THR B 135 17.05 41.53 -2.94
CA THR B 135 15.66 41.42 -3.38
C THR B 135 15.51 41.98 -4.80
N LEU B 136 14.72 41.32 -5.63
CA LEU B 136 14.38 41.72 -6.99
C LEU B 136 12.87 41.96 -7.07
N LYS B 137 12.42 42.91 -7.88
CA LYS B 137 10.99 43.14 -8.12
C LYS B 137 10.36 42.13 -9.09
N THR B 138 11.17 41.37 -9.80
CA THR B 138 10.79 40.36 -10.79
C THR B 138 11.61 39.08 -10.54
N PRO B 139 11.05 37.86 -10.61
CA PRO B 139 11.79 36.62 -10.29
C PRO B 139 12.72 36.10 -11.38
N LEU B 140 13.04 36.87 -12.42
CA LEU B 140 13.71 36.36 -13.61
C LEU B 140 15.19 36.74 -13.64
N ILE B 141 16.02 35.77 -14.01
CA ILE B 141 17.47 35.86 -14.03
C ILE B 141 17.99 35.40 -15.38
N SER B 142 18.94 36.08 -16.00
CA SER B 142 19.56 35.56 -17.21
C SER B 142 20.78 34.72 -16.84
N SER B 143 20.92 33.57 -17.49
CA SER B 143 21.96 32.61 -17.19
C SER B 143 23.37 33.07 -17.61
N PRO B 144 24.43 32.75 -16.83
CA PRO B 144 25.82 33.10 -17.14
C PRO B 144 26.42 32.25 -18.26
N MET B 145 25.87 32.36 -19.47
CA MET B 145 26.36 31.71 -20.68
C MET B 145 26.80 32.73 -21.72
N ASP B 146 27.83 32.41 -22.49
CA ASP B 146 28.46 33.34 -23.45
C ASP B 146 27.60 33.64 -24.69
N THR B 147 26.56 32.85 -24.96
CA THR B 147 25.49 33.17 -25.92
C THR B 147 24.26 33.81 -25.28
N VAL B 148 24.30 34.20 -23.99
CA VAL B 148 23.17 34.81 -23.28
C VAL B 148 23.54 36.11 -22.57
N THR B 149 24.54 36.15 -21.68
CA THR B 149 24.68 37.30 -20.77
C THR B 149 26.05 37.98 -20.81
N GLU B 150 26.09 39.13 -21.45
CA GLU B 150 27.11 40.18 -21.33
C GLU B 150 26.44 41.49 -20.87
N ALA B 151 27.12 42.64 -20.90
CA ALA B 151 26.62 43.88 -20.31
C ALA B 151 25.23 44.29 -20.84
N ASP B 152 24.92 44.14 -22.12
CA ASP B 152 23.61 44.57 -22.66
C ASP B 152 22.44 43.75 -22.13
N MET B 153 22.59 42.42 -22.05
CA MET B 153 21.60 41.55 -21.43
C MET B 153 21.47 41.83 -19.94
N ALA B 154 22.59 42.00 -19.24
CA ALA B 154 22.58 42.29 -17.82
C ALA B 154 21.93 43.65 -17.51
N ILE B 155 22.22 44.70 -18.29
CA ILE B 155 21.54 46.00 -18.20
C ILE B 155 20.05 45.82 -18.45
N ALA B 156 19.64 45.12 -19.51
CA ALA B 156 18.22 44.94 -19.81
C ALA B 156 17.47 44.19 -18.71
N MET B 157 18.02 43.08 -18.20
CA MET B 157 17.40 42.32 -17.12
C MET B 157 17.28 43.14 -15.84
N ALA B 158 18.32 43.89 -15.47
CA ALA B 158 18.25 44.77 -14.31
C ALA B 158 17.20 45.87 -14.49
N LEU B 159 17.06 46.49 -15.68
CA LEU B 159 16.05 47.51 -15.94
C LEU B 159 14.63 46.97 -15.82
N MET B 160 14.33 45.76 -16.30
CA MET B 160 13.02 45.14 -16.12
C MET B 160 12.79 44.52 -14.73
N GLY B 161 13.70 44.77 -13.77
CA GLY B 161 13.57 44.37 -12.37
C GLY B 161 14.01 42.95 -12.02
N GLY B 162 14.66 42.26 -12.94
CA GLY B 162 15.40 41.02 -12.70
C GLY B 162 16.89 41.28 -12.50
N ILE B 163 17.75 40.33 -12.83
CA ILE B 163 19.21 40.50 -12.80
C ILE B 163 19.86 39.60 -13.84
N GLY B 164 21.07 39.91 -14.32
CA GLY B 164 21.82 39.04 -15.19
C GLY B 164 23.17 38.72 -14.58
N PHE B 165 23.62 37.49 -14.75
CA PHE B 165 24.96 37.07 -14.33
C PHE B 165 25.85 37.04 -15.55
N ILE B 166 26.87 37.89 -15.61
CA ILE B 166 27.80 37.93 -16.75
C ILE B 166 28.63 36.64 -16.78
N HIS B 167 28.85 36.09 -17.97
CA HIS B 167 29.58 34.82 -18.16
C HIS B 167 31.09 34.95 -17.95
N HIS B 168 31.77 33.82 -17.70
CA HIS B 168 33.22 33.75 -17.49
C HIS B 168 34.01 33.00 -18.56
N ASN B 169 33.42 32.69 -19.73
CA ASN B 169 34.13 32.13 -20.88
C ASN B 169 34.84 33.22 -21.70
N CYS B 170 35.66 34.00 -21.01
CA CYS B 170 36.32 35.21 -21.44
C CYS B 170 37.46 35.54 -20.46
N THR B 171 38.36 36.46 -20.77
CA THR B 171 39.45 36.84 -19.84
C THR B 171 38.93 37.56 -18.59
N PRO B 172 39.66 37.55 -17.47
CA PRO B 172 39.28 38.27 -16.25
C PRO B 172 39.02 39.77 -16.48
N GLU B 173 39.89 40.45 -17.22
CA GLU B 173 39.76 41.85 -17.57
C GLU B 173 38.54 42.15 -18.45
N PHE B 174 38.19 41.26 -19.39
CA PHE B 174 36.98 41.38 -20.18
C PHE B 174 35.74 41.27 -19.30
N GLN B 175 35.65 40.26 -18.42
CA GLN B 175 34.50 40.13 -17.53
C GLN B 175 34.36 41.34 -16.61
N ALA B 176 35.45 41.82 -16.01
CA ALA B 176 35.42 43.00 -15.17
C ALA B 176 34.98 44.26 -15.94
N ASN B 177 35.35 44.40 -17.21
CA ASN B 177 34.88 45.50 -18.05
C ASN B 177 33.38 45.39 -18.37
N GLU B 178 32.86 44.21 -18.69
CA GLU B 178 31.42 43.99 -18.85
C GLU B 178 30.64 44.29 -17.56
N VAL B 179 31.14 43.90 -16.38
CA VAL B 179 30.53 44.29 -15.09
C VAL B 179 30.53 45.80 -14.90
N ARG B 180 31.65 46.48 -15.16
CA ARG B 180 31.75 47.94 -15.07
C ARG B 180 30.79 48.66 -16.02
N LYS B 181 30.61 48.16 -17.24
CA LYS B 181 29.60 48.68 -18.19
C LYS B 181 28.19 48.64 -17.61
N VAL B 182 27.81 47.57 -16.90
CA VAL B 182 26.52 47.51 -16.20
C VAL B 182 26.45 48.53 -15.05
N LYS B 183 27.44 48.58 -14.16
CA LYS B 183 27.41 49.48 -13.00
C LYS B 183 27.45 50.96 -13.38
N LYS B 184 28.03 51.34 -14.53
CA LYS B 184 28.05 52.70 -15.07
C LYS B 184 26.76 53.15 -15.77
N PHE B 185 25.88 52.23 -16.21
CA PHE B 185 24.80 52.56 -17.16
C PHE B 185 23.76 53.56 -16.64
N GLU B 186 23.35 53.44 -15.38
CA GLU B 186 22.43 54.35 -14.70
C GLU B 186 23.09 54.80 -13.39
N GLN B 187 23.01 56.09 -13.06
CA GLN B 187 23.79 56.69 -11.98
C GLN B 187 22.97 57.60 -11.07
N GLY B 188 23.21 57.50 -9.77
CA GLY B 188 22.93 58.58 -8.82
C GLY B 188 23.94 59.72 -9.00
N PHE B 189 24.78 59.97 -8.00
CA PHE B 189 25.97 60.81 -8.19
C PHE B 189 26.99 60.10 -9.08
N ILE B 190 27.42 60.73 -10.17
CA ILE B 190 28.57 60.31 -10.97
C ILE B 190 29.83 60.82 -10.25
N THR B 191 30.47 59.97 -9.46
CA THR B 191 31.66 60.31 -8.67
C THR B 191 32.99 60.13 -9.41
N ASP B 192 32.98 59.47 -10.57
CA ASP B 192 34.14 59.22 -11.45
C ASP B 192 33.86 59.67 -12.89
N PRO B 193 33.50 60.95 -13.14
CA PRO B 193 33.03 61.42 -14.44
C PRO B 193 34.09 61.26 -15.54
N THR B 268 22.19 65.54 -0.36
CA THR B 268 21.25 64.45 -0.57
C THR B 268 20.93 64.31 -2.06
N LEU B 269 20.94 63.05 -2.54
CA LEU B 269 20.67 62.73 -3.95
C LEU B 269 19.30 63.25 -4.40
N LYS B 270 18.42 63.58 -3.43
CA LYS B 270 17.15 64.22 -3.75
C LYS B 270 17.34 65.55 -4.47
N GLU B 271 18.53 66.15 -4.47
CA GLU B 271 18.82 67.41 -5.16
C GLU B 271 18.71 67.32 -6.71
N ALA B 272 18.60 66.10 -7.27
CA ALA B 272 18.62 65.86 -8.70
C ALA B 272 17.54 66.64 -9.49
N ASN B 273 16.27 66.56 -9.08
CA ASN B 273 15.19 67.35 -9.68
C ASN B 273 15.16 68.78 -9.14
N ALA B 295 31.35 65.55 -7.82
CA ALA B 295 30.42 64.64 -8.47
C ALA B 295 29.38 65.37 -9.35
N ILE B 296 28.78 64.64 -10.29
CA ILE B 296 27.84 65.17 -11.31
C ILE B 296 26.49 64.43 -11.24
N ILE B 297 25.40 65.11 -11.61
CA ILE B 297 24.08 64.50 -11.89
C ILE B 297 23.63 64.90 -13.30
N ALA B 298 22.93 64.00 -14.00
CA ALA B 298 22.38 64.23 -15.34
C ALA B 298 20.90 63.78 -15.43
N ARG B 299 20.05 64.56 -16.11
CA ARG B 299 18.61 64.29 -16.24
C ARG B 299 18.29 62.97 -16.94
N THR B 300 19.21 62.45 -17.76
CA THR B 300 19.08 61.14 -18.41
C THR B 300 18.87 59.99 -17.42
N ASP B 301 19.47 60.05 -16.23
CA ASP B 301 19.20 59.08 -15.18
C ASP B 301 17.82 59.24 -14.53
N LEU B 302 17.28 60.46 -14.46
CA LEU B 302 15.87 60.67 -14.10
C LEU B 302 14.93 60.10 -15.17
N LYS B 303 15.27 60.23 -16.46
CA LYS B 303 14.50 59.59 -17.54
C LYS B 303 14.54 58.07 -17.44
N LYS B 304 15.71 57.47 -17.16
CA LYS B 304 15.84 56.03 -16.89
C LYS B 304 14.99 55.60 -15.69
N ASN B 305 15.11 56.30 -14.58
CA ASN B 305 14.30 56.11 -13.37
C ASN B 305 12.78 56.23 -13.63
N ARG B 306 12.34 57.18 -14.46
CA ARG B 306 10.94 57.30 -14.90
C ARG B 306 10.51 56.11 -15.76
N ASP B 307 11.29 55.78 -16.77
CA ASP B 307 10.94 54.81 -17.81
C ASP B 307 10.92 53.35 -17.35
N TYR B 308 11.62 53.01 -16.27
CA TYR B 308 11.78 51.64 -15.78
C TYR B 308 11.39 51.50 -14.29
N PRO B 309 10.08 51.42 -13.96
CA PRO B 309 9.61 51.47 -12.58
C PRO B 309 10.05 50.31 -11.68
N LEU B 310 10.48 49.17 -12.26
CA LEU B 310 10.88 47.97 -11.53
C LEU B 310 12.40 47.80 -11.39
N ALA B 311 13.24 48.69 -11.92
CA ALA B 311 14.67 48.41 -12.09
C ALA B 311 15.42 48.01 -10.80
N SER B 312 16.23 46.96 -10.89
CA SER B 312 17.05 46.42 -9.80
C SER B 312 18.26 47.31 -9.56
N LYS B 313 18.21 48.14 -8.52
CA LYS B 313 19.22 49.16 -8.20
C LYS B 313 19.83 48.94 -6.81
N ASP B 314 21.12 49.21 -6.65
CA ASP B 314 21.82 49.25 -5.36
C ASP B 314 21.62 50.59 -4.63
N SER B 315 22.22 50.76 -3.45
CA SER B 315 22.03 51.96 -2.65
C SER B 315 22.48 53.22 -3.38
N GLN B 316 23.52 53.12 -4.20
CA GLN B 316 24.02 54.24 -4.97
C GLN B 316 23.20 54.53 -6.20
N LYS B 317 22.05 53.86 -6.39
CA LYS B 317 21.13 53.93 -7.53
C LYS B 317 21.70 53.37 -8.84
N GLN B 318 22.78 52.59 -8.78
CA GLN B 318 23.34 51.88 -9.92
C GLN B 318 22.65 50.54 -10.12
N LEU B 319 22.60 50.02 -11.34
CA LEU B 319 22.01 48.71 -11.59
C LEU B 319 22.75 47.60 -10.85
N LEU B 320 22.05 46.56 -10.42
CA LEU B 320 22.68 45.36 -9.91
C LEU B 320 23.32 44.54 -11.04
N CYS B 321 24.49 43.98 -10.79
CA CYS B 321 25.14 43.03 -11.68
C CYS B 321 25.66 41.82 -10.92
N GLY B 322 25.41 40.62 -11.43
CA GLY B 322 26.09 39.40 -11.02
C GLY B 322 27.20 39.00 -11.97
N ALA B 323 28.11 38.13 -11.52
CA ALA B 323 29.14 37.51 -12.36
C ALA B 323 29.37 36.05 -11.97
N ALA B 324 29.87 35.26 -12.90
CA ALA B 324 30.34 33.91 -12.64
C ALA B 324 31.86 33.85 -12.40
N VAL B 325 32.30 32.91 -11.58
CA VAL B 325 33.70 32.48 -11.47
C VAL B 325 33.72 30.95 -11.33
N GLY B 326 34.81 30.32 -11.71
CA GLY B 326 35.01 28.90 -11.44
C GLY B 326 35.55 28.62 -10.03
N THR B 327 36.01 27.39 -9.81
CA THR B 327 36.58 26.95 -8.52
C THR B 327 38.05 26.56 -8.66
N ARG B 328 38.76 27.12 -9.64
CA ARG B 328 40.21 26.96 -9.84
C ARG B 328 40.97 28.04 -9.07
N GLU B 329 42.28 27.88 -8.92
CA GLU B 329 43.09 28.85 -8.18
C GLU B 329 43.16 30.22 -8.86
N ASP B 330 43.21 30.28 -10.19
CA ASP B 330 43.23 31.57 -10.91
C ASP B 330 41.87 32.30 -10.93
N ASP B 331 40.77 31.69 -10.49
CA ASP B 331 39.52 32.41 -10.22
C ASP B 331 39.65 33.40 -9.05
N LYS B 332 40.66 33.25 -8.18
CA LYS B 332 40.94 34.23 -7.12
C LYS B 332 41.33 35.60 -7.67
N TYR B 333 42.09 35.64 -8.76
CA TYR B 333 42.39 36.88 -9.48
C TYR B 333 41.18 37.48 -10.22
N ARG B 334 40.33 36.67 -10.87
CA ARG B 334 39.04 37.17 -11.41
C ARG B 334 38.28 37.91 -10.33
N LEU B 335 38.10 37.28 -9.19
CA LEU B 335 37.23 37.81 -8.15
C LEU B 335 37.76 39.12 -7.56
N ASP B 336 39.07 39.32 -7.53
CA ASP B 336 39.68 40.60 -7.18
C ASP B 336 39.28 41.71 -8.17
N LEU B 337 39.39 41.45 -9.48
CA LEU B 337 38.94 42.39 -10.50
C LEU B 337 37.43 42.64 -10.46
N LEU B 338 36.61 41.61 -10.27
CA LEU B 338 35.15 41.75 -10.24
C LEU B 338 34.67 42.54 -9.03
N THR B 339 35.30 42.36 -7.87
CA THR B 339 34.99 43.14 -6.68
C THR B 339 35.53 44.58 -6.78
N GLN B 340 36.62 44.83 -7.49
CA GLN B 340 37.02 46.19 -7.88
C GLN B 340 36.02 46.84 -8.84
N ALA B 341 35.50 46.09 -9.83
CA ALA B 341 34.49 46.56 -10.79
C ALA B 341 33.12 46.82 -10.17
N GLY B 342 32.87 46.35 -8.94
CA GLY B 342 31.67 46.64 -8.16
C GLY B 342 30.58 45.58 -8.23
N VAL B 343 30.91 44.32 -8.53
CA VAL B 343 29.91 43.23 -8.64
C VAL B 343 29.12 43.05 -7.33
N ASP B 344 27.82 42.81 -7.43
CA ASP B 344 26.92 42.71 -6.28
C ASP B 344 26.77 41.28 -5.75
N VAL B 345 26.91 40.27 -6.60
CA VAL B 345 26.67 38.87 -6.29
C VAL B 345 27.51 37.94 -7.18
N ILE B 346 27.90 36.78 -6.69
CA ILE B 346 28.70 35.77 -7.41
C ILE B 346 27.94 34.46 -7.53
N VAL B 347 28.04 33.77 -8.68
CA VAL B 347 27.72 32.34 -8.83
C VAL B 347 28.99 31.54 -9.10
N LEU B 348 29.14 30.38 -8.47
CA LEU B 348 30.34 29.54 -8.59
C LEU B 348 30.31 28.49 -9.72
N ASP B 349 29.20 28.39 -10.44
CA ASP B 349 29.08 27.81 -11.78
C ASP B 349 29.57 26.36 -12.05
N SER B 350 29.77 25.54 -11.03
CA SER B 350 29.99 24.08 -11.18
C SER B 350 28.75 23.36 -11.73
N SER B 351 28.92 22.35 -12.57
CA SER B 351 27.85 21.38 -12.91
C SER B 351 27.40 20.53 -11.71
N GLN B 352 28.27 20.35 -10.72
CA GLN B 352 28.04 19.60 -9.50
C GLN B 352 28.74 20.37 -8.37
N GLY B 353 27.99 21.13 -7.57
CA GLY B 353 28.55 22.06 -6.59
C GLY B 353 29.03 21.43 -5.28
N ASN B 354 28.61 20.22 -4.97
CA ASN B 354 29.02 19.52 -3.76
C ASN B 354 30.43 18.92 -3.89
N SER B 355 31.46 19.76 -3.79
CA SER B 355 32.85 19.37 -3.95
C SER B 355 33.77 20.13 -3.01
N VAL B 356 34.91 19.54 -2.67
CA VAL B 356 35.97 20.22 -1.90
C VAL B 356 36.44 21.50 -2.57
N TYR B 357 36.55 21.53 -3.90
CA TYR B 357 37.00 22.69 -4.65
C TYR B 357 36.04 23.87 -4.48
N GLN B 358 34.74 23.59 -4.57
CA GLN B 358 33.72 24.60 -4.35
C GLN B 358 33.61 25.01 -2.89
N ILE B 359 33.61 24.10 -1.93
CA ILE B 359 33.51 24.44 -0.50
C ILE B 359 34.71 25.28 -0.08
N ALA B 360 35.93 24.94 -0.50
CA ALA B 360 37.10 25.77 -0.30
C ALA B 360 36.96 27.17 -0.92
N MET B 361 36.37 27.28 -2.11
CA MET B 361 36.09 28.59 -2.71
C MET B 361 35.08 29.40 -1.91
N VAL B 362 33.97 28.82 -1.44
CA VAL B 362 32.97 29.52 -0.61
C VAL B 362 33.60 30.05 0.67
N HIS B 363 34.39 29.25 1.38
CA HIS B 363 35.11 29.69 2.59
C HIS B 363 36.11 30.81 2.30
N TYR B 364 36.85 30.73 1.19
CA TYR B 364 37.78 31.77 0.79
C TYR B 364 37.07 33.11 0.51
N ILE B 365 35.95 33.09 -0.21
CA ILE B 365 35.21 34.31 -0.54
C ILE B 365 34.63 34.93 0.72
N LYS B 366 33.94 34.16 1.56
CA LYS B 366 33.34 34.66 2.80
C LYS B 366 34.38 35.24 3.77
N GLN B 367 35.63 34.78 3.71
CA GLN B 367 36.73 35.36 4.47
C GLN B 367 37.23 36.68 3.88
N LYS B 368 37.54 36.73 2.57
CA LYS B 368 38.18 37.90 1.94
C LYS B 368 37.23 39.05 1.62
N TYR B 369 35.99 38.74 1.25
CA TYR B 369 34.96 39.69 0.84
C TYR B 369 33.66 39.43 1.63
N PRO B 370 33.65 39.68 2.96
CA PRO B 370 32.53 39.27 3.83
C PRO B 370 31.18 39.93 3.53
N HIS B 371 31.16 41.03 2.77
CA HIS B 371 29.94 41.71 2.31
C HIS B 371 29.43 41.23 0.94
N LEU B 372 30.19 40.40 0.23
CA LEU B 372 29.81 39.84 -1.05
C LEU B 372 28.83 38.67 -0.89
N GLN B 373 27.76 38.66 -1.68
CA GLN B 373 26.79 37.56 -1.72
C GLN B 373 27.27 36.45 -2.67
N VAL B 374 27.17 35.18 -2.25
CA VAL B 374 27.65 34.03 -3.02
C VAL B 374 26.55 33.00 -3.19
N ILE B 375 26.32 32.55 -4.42
CA ILE B 375 25.32 31.55 -4.76
C ILE B 375 26.03 30.24 -5.11
N GLY B 376 25.60 29.15 -4.46
CA GLY B 376 26.13 27.80 -4.63
C GLY B 376 25.87 27.23 -6.01
N GLY B 377 26.84 26.46 -6.49
CA GLY B 377 26.87 25.84 -7.81
C GLY B 377 25.94 24.65 -7.85
N ASN B 378 25.71 24.06 -9.01
CA ASN B 378 24.45 23.36 -9.18
C ASN B 378 24.30 22.14 -8.29
N VAL B 379 23.14 22.00 -7.66
CA VAL B 379 22.74 20.90 -6.78
C VAL B 379 21.34 20.42 -7.14
N VAL B 380 21.01 19.18 -6.81
CA VAL B 380 19.70 18.55 -7.05
C VAL B 380 19.21 17.66 -5.91
N THR B 381 19.98 17.53 -4.84
CA THR B 381 19.59 16.79 -3.63
C THR B 381 19.79 17.61 -2.37
N ALA B 382 19.03 17.31 -1.33
CA ALA B 382 19.18 17.94 -0.02
C ALA B 382 20.57 17.69 0.61
N ALA B 383 21.20 16.54 0.34
CA ALA B 383 22.53 16.22 0.84
C ALA B 383 23.63 17.12 0.26
N GLN B 384 23.52 17.48 -1.01
CA GLN B 384 24.37 18.49 -1.62
C GLN B 384 24.10 19.89 -1.05
N ALA B 385 22.83 20.26 -0.89
CA ALA B 385 22.44 21.55 -0.32
C ALA B 385 22.97 21.75 1.10
N LYS B 386 22.97 20.70 1.94
CA LYS B 386 23.52 20.73 3.30
C LYS B 386 24.95 21.24 3.35
N ASN B 387 25.88 20.67 2.57
CA ASN B 387 27.29 21.04 2.67
C ASN B 387 27.57 22.46 2.17
N LEU B 388 26.79 22.99 1.22
CA LEU B 388 26.95 24.36 0.73
C LEU B 388 26.30 25.39 1.65
N ILE B 389 25.14 25.09 2.23
CA ILE B 389 24.53 25.93 3.27
C ILE B 389 25.44 25.95 4.52
N ASP B 390 26.03 24.83 4.91
CA ASP B 390 27.02 24.76 6.00
C ASP B 390 28.34 25.47 5.67
N ALA B 391 28.76 25.56 4.40
CA ALA B 391 29.87 26.41 3.98
C ALA B 391 29.53 27.92 4.02
N GLY B 392 28.25 28.28 4.05
CA GLY B 392 27.79 29.65 4.22
C GLY B 392 27.43 30.38 2.92
N VAL B 393 26.95 29.69 1.88
CA VAL B 393 26.35 30.35 0.70
C VAL B 393 25.08 31.14 1.08
N ASP B 394 24.75 32.15 0.28
CA ASP B 394 23.59 33.01 0.46
C ASP B 394 22.41 32.66 -0.46
N GLY B 395 22.60 31.75 -1.42
CA GLY B 395 21.60 31.16 -2.31
C GLY B 395 22.11 29.88 -2.95
N LEU B 396 21.27 29.12 -3.64
CA LEU B 396 21.67 27.92 -4.41
C LEU B 396 21.10 27.94 -5.84
N ARG B 397 21.85 27.46 -6.84
CA ARG B 397 21.34 27.11 -8.18
C ARG B 397 20.94 25.65 -8.23
N VAL B 398 19.72 25.36 -8.68
CA VAL B 398 19.16 24.01 -8.68
C VAL B 398 18.89 23.54 -10.09
N GLY B 399 19.46 22.40 -10.45
CA GLY B 399 19.24 21.73 -11.72
C GLY B 399 20.50 21.07 -12.24
N MET B 400 20.40 19.82 -12.68
CA MET B 400 21.51 19.05 -13.23
C MET B 400 20.99 18.14 -14.32
N GLY B 401 21.47 18.31 -15.53
CA GLY B 401 21.10 17.46 -16.65
C GLY B 401 19.83 17.90 -17.40
N CYS B 402 18.96 18.68 -16.77
CA CYS B 402 17.97 19.50 -17.47
C CYS B 402 18.66 20.70 -18.15
N GLY B 403 17.88 21.53 -18.83
CA GLY B 403 18.41 22.64 -19.62
C GLY B 403 18.55 22.25 -21.09
N SER B 404 18.06 23.06 -22.00
CA SER B 404 17.81 22.65 -23.38
C SER B 404 19.04 22.20 -24.18
N ILE B 405 20.20 22.81 -23.95
CA ILE B 405 21.51 22.51 -24.58
C ILE B 405 22.30 21.40 -23.87
N CYS B 406 21.72 20.74 -22.87
CA CYS B 406 22.41 19.77 -22.03
C CYS B 406 22.39 18.33 -22.58
N ILE B 407 23.45 17.54 -22.34
CA ILE B 407 23.49 16.08 -22.56
C ILE B 407 24.09 15.30 -21.36
N THR B 408 24.35 15.96 -20.22
CA THR B 408 25.01 15.36 -19.05
C THR B 408 24.38 14.05 -18.53
N GLN B 409 23.05 13.90 -18.61
CA GLN B 409 22.38 12.66 -18.16
C GLN B 409 22.79 11.44 -18.99
N GLU B 410 22.85 11.58 -20.31
CA GLU B 410 23.16 10.48 -21.23
C GLU B 410 24.66 10.21 -21.32
N VAL B 411 25.50 11.20 -21.00
CA VAL B 411 26.97 11.06 -20.96
C VAL B 411 27.47 10.53 -19.61
N MET B 412 26.85 10.92 -18.48
CA MET B 412 27.41 10.74 -17.12
C MET B 412 26.53 9.91 -16.18
N ALA B 413 25.29 9.59 -16.56
CA ALA B 413 24.23 8.98 -15.73
C ALA B 413 23.73 9.80 -14.53
N CYS B 414 24.40 10.88 -14.12
CA CYS B 414 23.91 11.77 -13.08
C CYS B 414 22.88 12.79 -13.55
N GLY B 415 21.97 13.13 -12.65
CA GLY B 415 21.06 14.26 -12.79
C GLY B 415 19.84 14.09 -11.90
N ARG B 416 18.83 14.92 -12.09
CA ARG B 416 17.49 14.70 -11.53
C ARG B 416 16.41 15.37 -12.39
N PRO B 417 15.18 14.84 -12.45
CA PRO B 417 14.04 15.54 -13.05
C PRO B 417 13.77 16.85 -12.31
N GLN B 418 13.66 17.96 -13.05
CA GLN B 418 13.82 19.28 -12.48
C GLN B 418 12.72 19.68 -11.50
N GLY B 419 11.48 19.21 -11.67
CA GLY B 419 10.43 19.47 -10.71
C GLY B 419 10.74 18.94 -9.33
N THR B 420 11.13 17.67 -9.26
CA THR B 420 11.48 17.05 -7.98
C THR B 420 12.68 17.74 -7.36
N ALA B 421 13.70 18.07 -8.17
CA ALA B 421 14.91 18.74 -7.70
C ALA B 421 14.60 20.10 -7.06
N VAL B 422 13.80 20.92 -7.74
CA VAL B 422 13.35 22.21 -7.22
C VAL B 422 12.55 22.03 -5.94
N TYR B 423 11.60 21.10 -5.90
CA TYR B 423 10.82 20.90 -4.69
C TYR B 423 11.68 20.48 -3.51
N LYS B 424 12.52 19.45 -3.68
CA LYS B 424 13.30 18.83 -2.59
C LYS B 424 14.40 19.74 -2.09
N VAL B 425 15.13 20.41 -2.96
CA VAL B 425 16.17 21.37 -2.52
C VAL B 425 15.54 22.60 -1.88
N ALA B 426 14.45 23.15 -2.40
CA ALA B 426 13.79 24.29 -1.77
C ALA B 426 13.19 23.95 -0.40
N GLU B 427 12.57 22.78 -0.26
CA GLU B 427 12.00 22.33 1.00
C GLU B 427 13.10 22.10 2.06
N TYR B 428 14.32 21.73 1.69
CA TYR B 428 15.46 21.72 2.60
C TYR B 428 15.99 23.14 2.89
N ALA B 429 16.24 23.95 1.86
CA ALA B 429 16.91 25.24 1.99
C ALA B 429 16.10 26.29 2.76
N ARG B 430 14.76 26.23 2.72
CA ARG B 430 13.88 27.11 3.51
C ARG B 430 14.07 26.99 5.03
N ARG B 431 14.52 25.84 5.53
CA ARG B 431 14.78 25.58 6.96
C ARG B 431 15.90 26.46 7.52
N PHE B 432 16.78 26.95 6.63
CA PHE B 432 17.92 27.79 6.92
C PHE B 432 17.75 29.22 6.38
N GLY B 433 16.59 29.53 5.79
CA GLY B 433 16.28 30.82 5.18
C GLY B 433 17.05 31.13 3.90
N VAL B 434 17.40 30.12 3.10
CA VAL B 434 18.20 30.29 1.88
C VAL B 434 17.30 30.23 0.64
N PRO B 435 17.31 31.25 -0.25
CA PRO B 435 16.54 31.22 -1.50
C PRO B 435 17.08 30.25 -2.56
N ILE B 436 16.22 29.79 -3.46
CA ILE B 436 16.55 28.89 -4.56
C ILE B 436 16.38 29.56 -5.93
N ILE B 437 17.38 29.39 -6.80
CA ILE B 437 17.23 29.60 -8.24
C ILE B 437 16.89 28.27 -8.91
N ALA B 438 15.75 28.19 -9.61
CA ALA B 438 15.46 27.08 -10.51
C ALA B 438 16.09 27.34 -11.89
N ASP B 439 17.00 26.48 -12.33
CA ASP B 439 17.91 26.76 -13.44
C ASP B 439 17.79 25.70 -14.54
N GLY B 440 17.34 26.12 -15.73
CA GLY B 440 17.20 25.30 -16.92
C GLY B 440 15.88 24.54 -17.05
N GLY B 441 15.46 24.25 -18.28
CA GLY B 441 14.21 23.54 -18.58
C GLY B 441 12.96 24.41 -18.68
N ILE B 442 13.13 25.73 -18.74
CA ILE B 442 12.03 26.69 -18.79
C ILE B 442 11.72 27.03 -20.24
N GLN B 443 10.62 26.48 -20.76
CA GLN B 443 10.20 26.65 -22.16
C GLN B 443 8.99 27.58 -22.34
N THR B 444 8.24 27.85 -21.27
CA THR B 444 6.92 28.48 -21.28
C THR B 444 6.69 29.23 -19.98
N VAL B 445 5.77 30.18 -19.95
CA VAL B 445 5.44 30.89 -18.71
C VAL B 445 4.81 29.96 -17.66
N GLY B 446 4.12 28.90 -18.08
CA GLY B 446 3.63 27.86 -17.20
C GLY B 446 4.74 27.09 -16.47
N HIS B 447 5.90 26.87 -17.10
CA HIS B 447 7.07 26.32 -16.39
C HIS B 447 7.60 27.30 -15.33
N VAL B 448 7.59 28.60 -15.59
CA VAL B 448 8.00 29.61 -14.59
C VAL B 448 7.07 29.56 -13.39
N VAL B 449 5.75 29.59 -13.61
CA VAL B 449 4.75 29.52 -12.54
C VAL B 449 4.88 28.22 -11.74
N LYS B 450 5.06 27.07 -12.39
CA LYS B 450 5.28 25.79 -11.71
C LYS B 450 6.56 25.77 -10.90
N ALA B 451 7.70 26.19 -11.46
CA ALA B 451 8.94 26.29 -10.70
C ALA B 451 8.77 27.16 -9.46
N LEU B 452 8.07 28.29 -9.58
CA LEU B 452 7.88 29.18 -8.44
C LEU B 452 6.95 28.58 -7.41
N ALA B 453 5.92 27.87 -7.87
CA ALA B 453 4.98 27.24 -6.94
C ALA B 453 5.63 26.11 -6.17
N LEU B 454 6.60 25.42 -6.76
CA LEU B 454 7.27 24.33 -6.08
C LEU B 454 8.27 24.80 -5.04
N GLY B 455 8.47 26.12 -4.86
CA GLY B 455 9.34 26.67 -3.84
C GLY B 455 10.54 27.44 -4.35
N ALA B 456 10.79 27.53 -5.67
CA ALA B 456 11.83 28.41 -6.19
C ALA B 456 11.53 29.87 -5.87
N SER B 457 12.53 30.63 -5.48
CA SER B 457 12.41 32.08 -5.25
C SER B 457 12.58 32.86 -6.54
N THR B 458 13.42 32.38 -7.44
CA THR B 458 13.73 32.99 -8.73
C THR B 458 13.96 31.90 -9.77
N VAL B 459 13.78 32.23 -11.05
CA VAL B 459 13.93 31.32 -12.18
C VAL B 459 14.99 31.86 -13.12
N MET B 460 15.95 31.03 -13.48
CA MET B 460 17.05 31.38 -14.38
C MET B 460 16.84 30.74 -15.75
N MET B 461 16.93 31.56 -16.79
CA MET B 461 16.64 31.14 -18.16
C MET B 461 17.88 31.30 -19.04
N GLY B 462 18.13 30.30 -19.86
CA GLY B 462 19.09 30.30 -20.94
C GLY B 462 18.38 30.45 -22.28
N SER B 463 17.81 29.37 -22.78
CA SER B 463 17.18 29.28 -24.09
C SER B 463 16.09 30.33 -24.31
N LEU B 464 15.23 30.56 -23.32
CA LEU B 464 14.14 31.53 -23.45
C LEU B 464 14.64 32.97 -23.65
N LEU B 465 15.89 33.30 -23.31
CA LEU B 465 16.50 34.62 -23.52
C LEU B 465 17.50 34.64 -24.68
N ALA B 466 17.96 33.48 -25.12
CA ALA B 466 18.79 33.34 -26.31
C ALA B 466 18.04 33.84 -27.56
N ALA B 467 18.77 34.42 -28.51
CA ALA B 467 18.22 35.09 -29.70
C ALA B 467 17.21 36.22 -29.42
N THR B 468 17.25 36.84 -28.23
CA THR B 468 16.82 38.24 -28.09
C THR B 468 17.91 39.17 -28.62
N THR B 469 17.59 40.44 -28.89
CA THR B 469 18.56 41.36 -29.50
C THR B 469 19.74 41.67 -28.58
N GLU B 470 19.53 41.68 -27.27
CA GLU B 470 20.56 41.90 -26.24
C GLU B 470 21.46 40.69 -25.99
N ALA B 471 21.08 39.47 -26.42
CA ALA B 471 21.95 38.30 -26.31
C ALA B 471 23.20 38.45 -27.21
N PRO B 472 24.40 38.02 -26.77
CA PRO B 472 25.65 38.16 -27.53
C PRO B 472 25.65 37.55 -28.93
N GLY B 473 26.56 38.01 -29.79
CA GLY B 473 26.70 37.56 -31.17
C GLY B 473 25.74 38.23 -32.15
N GLU B 474 25.60 37.65 -33.35
CA GLU B 474 24.86 38.23 -34.49
C GLU B 474 23.91 37.21 -35.15
N TYR B 475 22.84 37.71 -35.79
CA TYR B 475 21.89 36.87 -36.54
C TYR B 475 22.44 36.43 -37.91
N PHE B 476 22.02 35.26 -38.41
CA PHE B 476 22.65 34.64 -39.60
C PHE B 476 21.76 33.98 -40.67
N PHE B 477 20.42 33.98 -40.51
CA PHE B 477 19.41 33.63 -41.54
C PHE B 477 19.48 32.25 -42.25
N SER B 478 20.41 31.36 -41.93
CA SER B 478 20.83 30.26 -42.84
C SER B 478 19.72 29.31 -43.29
N ASP B 479 18.79 28.92 -42.41
CA ASP B 479 17.70 27.98 -42.75
C ASP B 479 16.48 28.65 -43.43
N GLY B 480 16.60 29.90 -43.88
CA GLY B 480 15.49 30.72 -44.37
C GLY B 480 14.65 31.38 -43.27
N VAL B 481 15.12 31.33 -42.03
CA VAL B 481 14.53 31.98 -40.84
C VAL B 481 15.64 32.62 -40.00
N ARG B 482 15.35 33.75 -39.36
CA ARG B 482 16.33 34.56 -38.61
C ARG B 482 16.72 33.88 -37.29
N LEU B 483 17.98 33.49 -37.18
CA LEU B 483 18.54 32.60 -36.16
C LEU B 483 19.76 33.23 -35.48
N LYS B 484 19.96 32.96 -34.18
CA LYS B 484 21.14 33.35 -33.39
C LYS B 484 21.68 32.12 -32.64
N LYS B 485 23.00 31.96 -32.58
CA LYS B 485 23.64 30.78 -31.98
C LYS B 485 23.40 30.68 -30.46
N TYR B 486 23.28 29.47 -29.94
CA TYR B 486 23.07 29.17 -28.53
C TYR B 486 23.80 27.88 -28.16
N ARG B 487 24.88 27.96 -27.36
CA ARG B 487 25.97 26.98 -27.46
C ARG B 487 26.15 25.95 -26.35
N GLY B 488 25.72 26.21 -25.10
CA GLY B 488 26.06 25.36 -23.95
C GLY B 488 27.53 25.43 -23.53
N MET B 489 27.81 25.72 -22.25
CA MET B 489 29.16 26.06 -21.77
C MET B 489 30.13 24.88 -21.67
N GLY B 490 29.60 23.66 -21.63
CA GLY B 490 30.35 22.42 -21.75
C GLY B 490 30.25 21.76 -23.13
N SER B 491 29.76 22.45 -24.16
CA SER B 491 30.03 22.05 -25.55
C SER B 491 31.51 22.25 -25.88
N LEU B 492 32.04 21.50 -26.85
CA LEU B 492 33.45 21.66 -27.25
C LEU B 492 33.66 22.88 -28.16
N ASP B 493 32.57 23.43 -28.70
CA ASP B 493 32.50 24.77 -29.28
C ASP B 493 32.86 25.87 -28.26
N ALA B 494 32.30 25.83 -27.05
CA ALA B 494 32.62 26.77 -25.97
C ALA B 494 34.08 26.67 -25.51
N VAL B 512 41.83 13.55 -23.02
CA VAL B 512 40.47 13.63 -23.55
C VAL B 512 39.62 14.64 -22.76
N LYS B 513 38.87 15.48 -23.46
CA LYS B 513 37.77 16.31 -22.93
C LYS B 513 36.44 15.91 -23.60
N ILE B 514 35.42 15.63 -22.80
CA ILE B 514 34.10 15.15 -23.25
C ILE B 514 33.08 16.27 -23.21
N ALA B 515 32.23 16.38 -24.23
CA ALA B 515 31.15 17.36 -24.25
C ALA B 515 30.08 17.05 -23.17
N GLN B 516 29.69 18.07 -22.42
CA GLN B 516 28.53 18.06 -21.52
C GLN B 516 27.29 18.69 -22.15
N GLY B 517 27.43 19.33 -23.30
CA GLY B 517 26.37 20.07 -23.97
C GLY B 517 26.55 20.12 -25.48
N VAL B 518 25.51 20.54 -26.18
CA VAL B 518 25.46 20.65 -27.64
C VAL B 518 25.39 22.11 -28.05
N SER B 519 26.08 22.47 -29.14
CA SER B 519 25.99 23.81 -29.69
C SER B 519 24.93 23.83 -30.79
N GLY B 520 24.00 24.78 -30.72
CA GLY B 520 22.86 24.88 -31.62
C GLY B 520 22.47 26.31 -31.93
N SER B 521 21.22 26.49 -32.37
CA SER B 521 20.70 27.80 -32.76
C SER B 521 19.23 27.97 -32.40
N ILE B 522 18.81 29.22 -32.21
CA ILE B 522 17.49 29.62 -31.72
C ILE B 522 16.96 30.73 -32.63
N GLN B 523 15.65 30.72 -32.89
CA GLN B 523 14.98 31.74 -33.70
C GLN B 523 14.82 33.08 -32.95
N ASP B 524 14.94 34.19 -33.67
CA ASP B 524 14.80 35.56 -33.16
C ASP B 524 13.49 35.82 -32.38
N LYS B 525 13.60 36.52 -31.26
CA LYS B 525 12.48 36.97 -30.39
C LYS B 525 12.39 38.48 -30.17
N GLY B 526 13.21 39.31 -30.82
CA GLY B 526 13.22 40.76 -30.57
C GLY B 526 13.88 41.12 -29.23
N SER B 527 13.54 42.26 -28.63
CA SER B 527 14.21 42.73 -27.41
C SER B 527 13.67 42.10 -26.13
N ILE B 528 14.54 42.03 -25.11
CA ILE B 528 14.17 41.70 -23.72
C ILE B 528 13.06 42.64 -23.24
N GLN B 529 13.13 43.92 -23.57
CA GLN B 529 12.17 44.91 -23.09
C GLN B 529 10.74 44.79 -23.66
N LYS B 530 10.52 43.97 -24.70
CA LYS B 530 9.19 43.69 -25.22
C LYS B 530 8.75 42.27 -24.87
N PHE B 531 9.63 41.46 -24.30
CA PHE B 531 9.42 40.04 -24.03
C PHE B 531 9.37 39.73 -22.53
N VAL B 532 10.03 40.52 -21.68
CA VAL B 532 9.98 40.28 -20.26
C VAL B 532 8.65 40.76 -19.68
N PRO B 533 8.05 41.89 -20.14
CA PRO B 533 6.72 42.27 -19.65
C PRO B 533 5.62 41.25 -20.03
N TYR B 534 5.83 40.47 -21.09
CA TYR B 534 5.00 39.32 -21.39
C TYR B 534 5.15 38.17 -20.38
N LEU B 535 6.36 37.82 -19.95
CA LEU B 535 6.56 36.83 -18.89
C LEU B 535 5.98 37.33 -17.56
N ILE B 536 6.18 38.60 -17.21
CA ILE B 536 5.57 39.22 -16.04
C ILE B 536 4.04 39.09 -16.09
N ALA B 537 3.41 39.49 -17.19
CA ALA B 537 1.97 39.38 -17.35
C ALA B 537 1.45 37.93 -17.28
N GLY B 538 2.15 36.97 -17.87
CA GLY B 538 1.81 35.56 -17.77
C GLY B 538 1.97 35.00 -16.36
N ILE B 539 3.01 35.38 -15.62
CA ILE B 539 3.15 35.01 -14.19
C ILE B 539 2.01 35.62 -13.39
N GLN B 540 1.65 36.89 -13.59
CA GLN B 540 0.57 37.50 -12.83
C GLN B 540 -0.75 36.79 -13.09
N HIS B 541 -1.07 36.44 -14.34
CA HIS B 541 -2.32 35.78 -14.65
C HIS B 541 -2.35 34.33 -14.15
N GLY B 542 -1.22 33.62 -14.18
CA GLY B 542 -1.09 32.34 -13.51
C GLY B 542 -1.33 32.44 -12.00
N CYS B 543 -0.78 33.45 -11.33
CA CYS B 543 -1.01 33.60 -9.89
C CYS B 543 -2.44 34.01 -9.59
N GLN B 544 -3.09 34.78 -10.47
CA GLN B 544 -4.47 35.17 -10.26
C GLN B 544 -5.44 33.98 -10.30
N ASP B 545 -5.32 33.06 -11.27
CA ASP B 545 -6.19 31.88 -11.35
C ASP B 545 -6.00 30.89 -10.19
N ILE B 546 -4.82 30.86 -9.58
CA ILE B 546 -4.52 30.14 -8.34
C ILE B 546 -5.11 30.84 -7.10
N GLY B 547 -5.34 32.16 -7.15
CA GLY B 547 -5.78 32.95 -6.01
C GLY B 547 -4.66 33.45 -5.10
N ALA B 548 -3.41 33.49 -5.58
CA ALA B 548 -2.25 33.98 -4.87
C ALA B 548 -2.07 35.46 -5.18
N ARG B 549 -2.12 36.30 -4.14
CA ARG B 549 -1.95 37.72 -4.33
C ARG B 549 -0.48 38.13 -4.51
N SER B 550 0.46 37.22 -4.25
CA SER B 550 1.88 37.45 -4.44
C SER B 550 2.57 36.10 -4.53
N LEU B 551 3.86 36.12 -4.88
CA LEU B 551 4.61 34.87 -4.97
C LEU B 551 4.92 34.31 -3.60
N SER B 552 5.14 35.15 -2.59
CA SER B 552 5.30 34.69 -1.20
C SER B 552 4.04 34.03 -0.67
N VAL B 553 2.86 34.57 -0.99
CA VAL B 553 1.58 33.94 -0.68
C VAL B 553 1.44 32.62 -1.42
N LEU B 554 1.89 32.51 -2.67
CA LEU B 554 1.85 31.26 -3.41
C LEU B 554 2.66 30.18 -2.71
N ARG B 555 3.94 30.43 -2.39
CA ARG B 555 4.78 29.43 -1.70
C ARG B 555 4.26 29.09 -0.31
N SER B 556 3.74 30.08 0.39
CA SER B 556 3.04 29.92 1.65
C SER B 556 1.84 28.95 1.54
N MET B 557 1.00 29.09 0.52
CA MET B 557 -0.12 28.18 0.30
C MET B 557 0.36 26.79 -0.09
N MET B 558 1.49 26.69 -0.77
CA MET B 558 2.02 25.37 -1.10
C MET B 558 2.53 24.66 0.14
N TYR B 559 3.35 25.30 0.98
CA TYR B 559 3.87 24.66 2.18
C TYR B 559 2.78 24.35 3.22
N SER B 560 1.69 25.13 3.26
CA SER B 560 0.57 24.87 4.17
C SER B 560 -0.42 23.80 3.69
N GLY B 561 -0.31 23.24 2.48
CA GLY B 561 -1.29 22.31 1.98
C GLY B 561 -2.47 22.93 1.29
N GLU B 562 -2.61 24.25 1.32
CA GLU B 562 -3.80 24.86 0.71
C GLU B 562 -3.79 24.70 -0.80
N LEU B 563 -2.62 24.83 -1.41
CA LEU B 563 -2.46 24.66 -2.84
C LEU B 563 -2.48 23.17 -3.18
N LYS B 564 -3.25 22.82 -4.20
CA LYS B 564 -3.47 21.44 -4.61
C LYS B 564 -2.91 21.18 -5.99
N PHE B 565 -2.44 19.95 -6.21
CA PHE B 565 -1.79 19.57 -7.45
C PHE B 565 -2.49 18.35 -8.02
N GLU B 566 -2.27 18.13 -9.30
CA GLU B 566 -2.85 17.00 -9.99
C GLU B 566 -1.79 16.45 -10.93
N LYS B 567 -1.56 15.15 -10.89
CA LYS B 567 -0.65 14.52 -11.83
C LYS B 567 -1.32 14.36 -13.19
N ARG B 568 -0.51 14.28 -14.24
CA ARG B 568 -0.95 14.14 -15.64
C ARG B 568 -0.45 12.81 -16.20
N THR B 569 -1.30 12.10 -16.92
CA THR B 569 -0.85 11.00 -17.75
C THR B 569 -0.33 11.55 -19.06
N MET B 570 0.11 10.69 -19.96
CA MET B 570 0.53 11.19 -21.26
C MET B 570 -0.66 11.66 -22.10
N SER B 571 -1.78 10.93 -22.05
CA SER B 571 -2.96 11.41 -22.75
C SER B 571 -3.43 12.73 -22.18
N ALA B 572 -3.30 12.95 -20.87
CA ALA B 572 -3.61 14.22 -20.25
C ALA B 572 -2.71 15.34 -20.77
N GLN B 573 -1.42 15.08 -20.97
CA GLN B 573 -0.53 16.08 -21.54
C GLN B 573 -0.85 16.35 -23.00
N ILE B 574 -1.26 15.33 -23.76
CA ILE B 574 -1.73 15.55 -25.12
C ILE B 574 -2.95 16.46 -25.12
N GLU B 575 -3.93 16.18 -24.24
CA GLU B 575 -5.14 16.99 -24.04
C GLU B 575 -4.85 18.43 -23.56
N GLY B 576 -3.76 18.67 -22.83
CA GLY B 576 -3.34 20.02 -22.42
C GLY B 576 -2.70 20.86 -23.54
N GLY B 577 -2.33 20.24 -24.66
CA GLY B 577 -1.93 20.92 -25.89
C GLY B 577 -3.08 21.16 -26.86
N VAL B 578 -2.76 21.51 -28.11
CA VAL B 578 -3.71 21.67 -29.22
C VAL B 578 -4.13 20.31 -29.79
N HIS B 579 -5.41 20.08 -30.08
CA HIS B 579 -5.92 18.77 -30.57
C HIS B 579 -6.08 18.72 -32.10
N GLY B 580 -7.11 18.04 -32.61
CA GLY B 580 -7.38 17.77 -34.03
C GLY B 580 -7.77 18.97 -34.92
N LEU B 581 -7.20 20.15 -34.69
CA LEU B 581 -7.20 21.22 -35.67
C LEU B 581 -6.45 20.77 -36.94
N HIS B 582 -6.91 21.20 -38.11
CA HIS B 582 -6.19 20.98 -39.36
C HIS B 582 -4.87 21.77 -39.39
N SER B 583 -4.94 23.03 -38.97
CA SER B 583 -3.84 24.00 -38.85
C SER B 583 -4.13 24.97 -37.71
N TYR B 584 -3.10 25.58 -37.12
CA TYR B 584 -3.28 26.70 -36.20
C TYR B 584 -2.15 27.73 -36.26
N THR B 585 -2.50 28.97 -35.93
CA THR B 585 -1.58 30.08 -35.65
C THR B 585 -1.61 30.37 -34.14
N PHE B 586 -0.44 30.52 -33.55
CA PHE B 586 -0.26 30.98 -32.17
C PHE B 586 0.40 32.36 -32.16
N LEU B 587 -0.29 33.39 -31.63
CA LEU B 587 0.31 34.68 -31.30
C LEU B 587 0.30 34.80 -29.77
N PRO B 588 1.44 34.86 -29.07
CA PRO B 588 1.44 34.80 -27.61
C PRO B 588 0.96 36.08 -26.93
N PHE B 589 1.34 37.25 -27.45
CA PHE B 589 0.99 38.57 -26.91
C PHE B 589 0.89 39.62 -28.01
N THR B 590 0.06 40.64 -27.81
CA THR B 590 -0.31 41.63 -28.85
C THR B 590 0.52 42.94 -28.83
N LYS B 591 1.04 43.34 -27.67
CA LYS B 591 1.70 44.65 -27.44
C LYS B 591 2.94 44.56 -26.54
N GLY C 28 35.87 -1.89 3.67
CA GLY C 28 34.67 -1.24 3.18
C GLY C 28 34.91 0.18 2.73
N HIS C 29 33.97 0.74 1.98
CA HIS C 29 34.17 2.08 1.45
C HIS C 29 33.90 3.11 2.53
N GLU C 30 34.39 4.32 2.30
CA GLU C 30 34.11 5.45 3.17
C GLU C 30 32.89 6.20 2.65
N THR C 31 32.03 6.67 3.56
CA THR C 31 30.83 7.41 3.16
C THR C 31 31.11 8.86 2.81
N ALA C 32 30.19 9.51 2.10
CA ALA C 32 30.24 10.95 1.79
C ALA C 32 30.44 11.80 3.05
N ALA C 33 29.69 11.52 4.13
CA ALA C 33 29.84 12.22 5.40
C ALA C 33 31.21 11.99 6.04
N GLN C 34 31.73 10.76 6.03
CA GLN C 34 33.07 10.46 6.52
C GLN C 34 34.15 11.22 5.73
N ARG C 35 34.08 11.20 4.40
CA ARG C 35 35.04 11.92 3.57
C ARG C 35 34.93 13.42 3.80
N TYR C 36 33.72 13.97 3.80
CA TYR C 36 33.49 15.39 4.05
C TYR C 36 34.07 15.82 5.39
N SER C 37 33.90 14.99 6.43
CA SER C 37 34.39 15.27 7.77
C SER C 37 35.91 15.27 7.82
N ALA C 38 36.58 14.29 7.19
CA ALA C 38 38.02 14.27 7.11
C ALA C 38 38.54 15.49 6.35
N ARG C 39 37.80 15.95 5.35
CA ARG C 39 38.28 17.10 4.59
C ARG C 39 38.14 18.38 5.38
N LEU C 40 37.02 18.56 6.10
CA LEU C 40 36.83 19.69 7.01
C LEU C 40 37.87 19.70 8.13
N LEU C 41 38.48 18.53 8.45
CA LEU C 41 39.36 18.26 9.50
C LEU C 41 40.82 18.44 9.21
N GLN C 42 41.24 18.25 8.00
CA GLN C 42 42.48 18.63 7.45
C GLN C 42 42.75 20.10 7.57
N ALA C 43 41.79 20.90 7.91
CA ALA C 43 41.77 22.30 7.99
C ALA C 43 41.18 22.84 9.27
N GLY C 44 41.01 24.16 9.36
CA GLY C 44 40.36 24.75 10.51
C GLY C 44 38.86 24.49 10.54
N TYR C 45 38.14 25.01 9.55
CA TYR C 45 36.69 24.86 9.44
C TYR C 45 36.29 23.40 9.24
N MET C 76 33.88 15.14 21.91
CA MET C 76 32.81 16.12 21.72
C MET C 76 31.50 15.46 21.24
N ALA C 77 30.37 16.12 21.49
CA ALA C 77 29.03 15.55 21.36
C ALA C 77 28.72 14.95 19.98
N ASP C 78 29.06 15.57 18.86
CA ASP C 78 28.71 15.09 17.51
C ASP C 78 29.22 13.65 17.24
N TYR C 79 30.49 13.39 17.57
CA TYR C 79 31.07 12.06 17.51
C TYR C 79 30.45 11.09 18.52
N LEU C 80 30.24 11.51 19.77
CA LEU C 80 29.63 10.66 20.79
C LEU C 80 28.20 10.25 20.44
N ILE C 81 27.41 11.16 19.86
CA ILE C 81 26.03 10.91 19.43
C ILE C 81 26.00 9.88 18.30
N SER C 82 26.59 10.17 17.15
CA SER C 82 26.39 9.37 15.93
C SER C 82 27.54 8.42 15.57
N GLY C 83 28.64 8.38 16.34
CA GLY C 83 29.80 7.53 16.05
C GLY C 83 30.48 7.80 14.72
N GLY C 84 30.48 9.06 14.26
CA GLY C 84 31.08 9.47 12.99
C GLY C 84 30.24 9.22 11.71
N THR C 85 29.06 8.60 11.80
CA THR C 85 28.17 8.40 10.63
C THR C 85 27.79 9.72 9.95
N GLY C 86 27.52 10.77 10.74
CA GLY C 86 27.17 12.12 10.26
C GLY C 86 25.76 12.20 9.68
N TYR C 87 25.04 13.29 9.96
CA TYR C 87 23.73 13.50 9.36
C TYR C 87 23.85 13.85 7.87
N VAL C 88 23.20 13.06 7.02
CA VAL C 88 22.92 13.41 5.63
C VAL C 88 21.42 13.27 5.39
N PRO C 89 20.71 14.29 4.88
CA PRO C 89 19.28 14.17 4.61
C PRO C 89 19.03 13.10 3.54
N GLU C 90 18.15 12.15 3.83
CA GLU C 90 17.82 11.07 2.89
C GLU C 90 17.00 11.60 1.72
N ASP C 91 17.37 11.24 0.50
CA ASP C 91 16.79 11.75 -0.73
C ASP C 91 16.97 10.70 -1.84
N GLY C 92 15.93 10.35 -2.59
CA GLY C 92 16.01 9.32 -3.61
C GLY C 92 15.67 7.94 -3.10
N LEU C 93 16.07 6.96 -3.88
CA LEU C 93 15.80 5.57 -3.59
C LEU C 93 17.10 4.78 -3.58
N THR C 94 17.08 3.65 -2.90
CA THR C 94 18.16 2.68 -3.03
C THR C 94 17.83 1.72 -4.15
N ALA C 95 18.85 1.03 -4.65
CA ALA C 95 18.62 0.06 -5.70
C ALA C 95 17.54 -0.93 -5.30
N GLN C 96 17.51 -1.31 -4.03
CA GLN C 96 16.50 -2.24 -3.55
C GLN C 96 15.11 -1.65 -3.68
N GLN C 97 14.91 -0.44 -3.15
CA GLN C 97 13.63 0.23 -3.31
C GLN C 97 13.31 0.46 -4.78
N LEU C 98 14.31 0.83 -5.56
CA LEU C 98 14.09 1.10 -6.97
C LEU C 98 13.49 -0.11 -7.66
N PHE C 99 13.97 -1.29 -7.35
CA PHE C 99 13.49 -2.48 -8.03
C PHE C 99 12.42 -3.23 -7.28
N ALA C 100 11.99 -2.73 -6.13
CA ALA C 100 10.89 -3.38 -5.42
C ALA C 100 9.57 -3.19 -6.14
N SER C 101 9.44 -2.16 -6.96
CA SER C 101 8.17 -1.85 -7.57
C SER C 101 7.71 -2.90 -8.57
N ALA C 102 8.65 -3.65 -9.15
CA ALA C 102 8.35 -4.70 -10.11
C ALA C 102 7.84 -4.14 -11.43
N ASP C 103 8.15 -2.90 -11.72
CA ASP C 103 8.09 -2.44 -13.09
C ASP C 103 9.33 -2.94 -13.81
N GLY C 104 9.26 -3.01 -15.12
CA GLY C 104 10.43 -3.46 -15.85
C GLY C 104 11.30 -2.31 -16.27
N LEU C 105 12.38 -2.06 -15.56
CA LEU C 105 13.21 -0.90 -15.81
C LEU C 105 14.36 -1.22 -16.74
N THR C 106 14.59 -0.34 -17.70
CA THR C 106 15.78 -0.33 -18.53
C THR C 106 16.69 0.79 -18.06
N TYR C 107 17.87 0.97 -18.68
CA TYR C 107 18.80 2.04 -18.32
C TYR C 107 18.20 3.44 -18.51
N ASN C 108 17.32 3.63 -19.48
CA ASN C 108 16.69 4.92 -19.70
C ASN C 108 15.67 5.30 -18.61
N ASP C 109 15.23 4.38 -17.75
CA ASP C 109 14.12 4.64 -16.85
C ASP C 109 14.55 5.27 -15.54
N PHE C 110 15.85 5.39 -15.28
CA PHE C 110 16.29 5.93 -14.00
C PHE C 110 17.55 6.75 -14.20
N LEU C 111 17.92 7.51 -13.17
CA LEU C 111 19.14 8.29 -13.00
C LEU C 111 19.84 7.89 -11.70
N ILE C 112 21.13 8.16 -11.61
CA ILE C 112 21.89 8.11 -10.38
C ILE C 112 21.95 9.52 -9.81
N LEU C 113 21.72 9.71 -8.51
CA LEU C 113 21.81 11.02 -7.90
C LEU C 113 23.28 11.38 -7.60
N PRO C 114 23.73 12.63 -7.85
CA PRO C 114 25.09 13.05 -7.58
C PRO C 114 25.45 13.02 -6.09
N GLY C 115 26.73 12.83 -5.79
CA GLY C 115 27.24 12.59 -4.45
C GLY C 115 28.09 13.73 -3.88
N PHE C 116 29.24 13.38 -3.30
CA PHE C 116 30.24 14.30 -2.79
C PHE C 116 31.59 14.05 -3.47
N ILE C 117 32.18 15.10 -4.02
CA ILE C 117 33.42 15.02 -4.79
C ILE C 117 34.58 15.50 -3.91
N ASP C 118 35.58 14.65 -3.73
CA ASP C 118 36.84 15.03 -3.10
C ASP C 118 38.07 14.54 -3.87
N PHE C 119 37.98 14.29 -5.17
CA PHE C 119 39.06 13.81 -6.04
C PHE C 119 38.80 14.29 -7.49
N ILE C 120 39.81 14.28 -8.37
CA ILE C 120 39.61 14.55 -9.82
C ILE C 120 39.28 13.27 -10.59
N ALA C 121 38.70 13.38 -11.78
CA ALA C 121 38.28 12.20 -12.54
C ALA C 121 39.45 11.27 -12.94
N ASP C 122 40.64 11.80 -13.22
CA ASP C 122 41.73 10.99 -13.76
C ASP C 122 42.19 9.90 -12.81
N GLU C 123 41.92 10.05 -11.52
CA GLU C 123 42.33 9.07 -10.52
C GLU C 123 41.22 8.10 -10.15
N VAL C 124 40.26 7.87 -11.03
CA VAL C 124 39.26 6.83 -10.80
C VAL C 124 39.81 5.51 -11.31
N ASP C 125 39.77 4.49 -10.46
CA ASP C 125 40.30 3.17 -10.79
C ASP C 125 39.21 2.33 -11.44
N LEU C 126 39.48 1.82 -12.63
CA LEU C 126 38.50 1.05 -13.35
C LEU C 126 38.77 -0.44 -13.31
N THR C 127 39.72 -0.89 -12.49
CA THR C 127 40.04 -2.30 -12.40
C THR C 127 38.79 -3.14 -12.17
N SER C 128 38.65 -4.22 -12.95
CA SER C 128 37.44 -5.02 -12.95
C SER C 128 37.77 -6.49 -12.96
N ALA C 129 36.85 -7.30 -12.43
CA ALA C 129 36.92 -8.77 -12.48
C ALA C 129 36.14 -9.26 -13.71
N LEU C 130 36.78 -9.99 -14.61
CA LEU C 130 36.09 -10.67 -15.72
C LEU C 130 35.48 -12.00 -15.26
N THR C 131 36.22 -12.72 -14.43
CA THR C 131 35.86 -14.02 -13.84
C THR C 131 36.39 -14.09 -12.42
N ARG C 132 36.15 -15.20 -11.71
CA ARG C 132 36.78 -15.49 -10.42
C ARG C 132 38.30 -15.22 -10.37
N LYS C 133 39.04 -15.45 -11.46
CA LYS C 133 40.51 -15.37 -11.51
C LYS C 133 41.13 -14.34 -12.48
N ILE C 134 40.38 -13.78 -13.43
CA ILE C 134 40.91 -12.81 -14.43
C ILE C 134 40.49 -11.40 -14.05
N THR C 135 41.44 -10.46 -14.08
CA THR C 135 41.21 -9.05 -13.78
C THR C 135 41.62 -8.23 -14.99
N LEU C 136 40.85 -7.20 -15.29
CA LEU C 136 41.15 -6.27 -16.36
C LEU C 136 41.26 -4.88 -15.78
N LYS C 137 42.02 -4.03 -16.45
CA LYS C 137 42.20 -2.65 -16.00
C LYS C 137 41.13 -1.73 -16.55
N THR C 138 40.15 -2.27 -17.25
CA THR C 138 39.11 -1.54 -17.92
C THR C 138 37.92 -2.47 -18.01
N PRO C 139 36.70 -1.99 -17.81
CA PRO C 139 35.54 -2.89 -17.75
C PRO C 139 34.92 -3.28 -19.09
N LEU C 140 35.57 -3.03 -20.23
CA LEU C 140 34.95 -3.14 -21.54
C LEU C 140 35.37 -4.41 -22.27
N ILE C 141 34.38 -5.06 -22.90
CA ILE C 141 34.53 -6.34 -23.58
C ILE C 141 33.91 -6.23 -24.97
N SER C 142 34.56 -6.74 -26.01
CA SER C 142 33.92 -6.80 -27.32
C SER C 142 33.18 -8.11 -27.47
N SER C 143 31.97 -8.03 -28.00
CA SER C 143 31.06 -9.17 -28.14
C SER C 143 31.54 -10.20 -29.19
N PRO C 144 31.34 -11.51 -28.97
CA PRO C 144 31.69 -12.59 -29.89
C PRO C 144 30.73 -12.69 -31.09
N MET C 145 30.66 -11.64 -31.90
CA MET C 145 29.90 -11.59 -33.14
C MET C 145 30.83 -11.44 -34.34
N ASP C 146 30.47 -12.04 -35.46
CA ASP C 146 31.29 -12.09 -36.67
C ASP C 146 31.43 -10.75 -37.41
N THR C 147 30.55 -9.78 -37.14
CA THR C 147 30.71 -8.39 -37.54
C THR C 147 31.39 -7.52 -36.47
N VAL C 148 31.94 -8.09 -35.39
CA VAL C 148 32.58 -7.34 -34.30
C VAL C 148 33.96 -7.87 -33.95
N THR C 149 34.14 -9.15 -33.58
CA THR C 149 35.40 -9.59 -32.94
C THR C 149 36.10 -10.73 -33.67
N GLU C 150 37.19 -10.38 -34.35
CA GLU C 150 38.26 -11.27 -34.81
C GLU C 150 39.61 -10.78 -34.21
N ALA C 151 40.76 -11.30 -34.67
CA ALA C 151 42.04 -11.01 -34.04
C ALA C 151 42.33 -9.51 -33.90
N ASP C 152 42.04 -8.67 -34.90
CA ASP C 152 42.35 -7.23 -34.82
C ASP C 152 41.58 -6.49 -33.72
N MET C 153 40.28 -6.75 -33.60
CA MET C 153 39.45 -6.22 -32.53
C MET C 153 39.90 -6.76 -31.17
N ALA C 154 40.17 -8.06 -31.08
CA ALA C 154 40.62 -8.68 -29.84
C ALA C 154 41.98 -8.13 -29.38
N ILE C 155 42.94 -7.94 -30.29
CA ILE C 155 44.21 -7.26 -30.02
C ILE C 155 43.96 -5.84 -29.54
N ALA C 156 43.15 -5.06 -30.26
CA ALA C 156 42.89 -3.68 -29.88
C ALA C 156 42.25 -3.58 -28.49
N MET C 157 41.29 -4.43 -28.17
CA MET C 157 40.64 -4.38 -26.86
C MET C 157 41.60 -4.81 -25.76
N ALA C 158 42.36 -5.86 -25.98
CA ALA C 158 43.36 -6.29 -25.02
C ALA C 158 44.40 -5.20 -24.79
N LEU C 159 44.72 -4.39 -25.78
CA LEU C 159 45.74 -3.36 -25.65
C LEU C 159 45.24 -2.15 -24.89
N MET C 160 43.98 -1.81 -25.03
CA MET C 160 43.43 -0.67 -24.32
C MET C 160 42.97 -1.02 -22.92
N GLY C 161 43.09 -2.27 -22.50
CA GLY C 161 42.81 -2.66 -21.13
C GLY C 161 41.58 -3.49 -20.92
N GLY C 162 40.88 -3.88 -21.98
CA GLY C 162 39.78 -4.80 -21.87
C GLY C 162 40.12 -6.12 -22.50
N ILE C 163 39.15 -6.80 -23.08
CA ILE C 163 39.35 -8.09 -23.71
C ILE C 163 38.34 -8.26 -24.83
N GLY C 164 38.63 -9.08 -25.83
CA GLY C 164 37.68 -9.42 -26.87
C GLY C 164 37.49 -10.92 -26.91
N PHE C 165 36.24 -11.36 -27.15
CA PHE C 165 35.93 -12.76 -27.35
C PHE C 165 35.78 -13.02 -28.85
N ILE C 166 36.66 -13.82 -29.44
CA ILE C 166 36.57 -14.14 -30.87
C ILE C 166 35.31 -14.96 -31.16
N HIS C 167 34.63 -14.69 -32.28
CA HIS C 167 33.38 -15.36 -32.64
C HIS C 167 33.58 -16.80 -33.15
N HIS C 168 32.51 -17.60 -33.13
CA HIS C 168 32.54 -19.00 -33.59
C HIS C 168 31.68 -19.29 -34.84
N ASN C 169 31.22 -18.26 -35.57
CA ASN C 169 30.55 -18.42 -36.86
C ASN C 169 31.57 -18.64 -38.01
N CYS C 170 32.45 -19.61 -37.82
CA CYS C 170 33.63 -19.89 -38.62
C CYS C 170 34.13 -21.31 -38.29
N THR C 171 35.02 -21.89 -39.09
CA THR C 171 35.57 -23.23 -38.82
C THR C 171 36.42 -23.26 -37.53
N PRO C 172 36.55 -24.42 -36.86
CA PRO C 172 37.38 -24.56 -35.67
C PRO C 172 38.84 -24.12 -35.89
N GLU C 173 39.44 -24.51 -37.01
CA GLU C 173 40.80 -24.12 -37.39
C GLU C 173 40.94 -22.61 -37.63
N PHE C 174 39.95 -21.95 -38.23
CA PHE C 174 39.95 -20.49 -38.37
C PHE C 174 39.89 -19.79 -37.02
N GLN C 175 38.99 -20.20 -36.12
CA GLN C 175 38.90 -19.57 -34.80
C GLN C 175 40.20 -19.76 -34.02
N ALA C 176 40.79 -20.95 -34.03
CA ALA C 176 42.06 -21.20 -33.36
C ALA C 176 43.21 -20.36 -33.97
N ASN C 177 43.23 -20.15 -35.28
CA ASN C 177 44.20 -19.26 -35.91
C ASN C 177 44.01 -17.78 -35.51
N GLU C 178 42.78 -17.27 -35.45
CA GLU C 178 42.49 -15.94 -34.93
C GLU C 178 42.91 -15.79 -33.45
N VAL C 179 42.67 -16.78 -32.60
CA VAL C 179 43.16 -16.79 -31.21
C VAL C 179 44.69 -16.76 -31.16
N ARG C 180 45.37 -17.58 -31.97
CA ARG C 180 46.84 -17.60 -32.05
C ARG C 180 47.40 -16.26 -32.53
N LYS C 181 46.77 -15.59 -33.48
CA LYS C 181 47.16 -14.23 -33.91
C LYS C 181 47.14 -13.24 -32.74
N VAL C 182 46.13 -13.30 -31.85
CA VAL C 182 46.09 -12.46 -30.64
C VAL C 182 47.22 -12.82 -29.68
N LYS C 183 47.41 -14.11 -29.36
CA LYS C 183 48.43 -14.54 -28.39
C LYS C 183 49.87 -14.26 -28.88
N LYS C 184 50.11 -14.22 -30.19
CA LYS C 184 51.41 -13.87 -30.79
C LYS C 184 51.71 -12.37 -30.81
N PHE C 185 50.72 -11.48 -30.81
CA PHE C 185 50.92 -10.07 -31.21
C PHE C 185 51.94 -9.28 -30.38
N GLU C 186 51.86 -9.35 -29.06
CA GLU C 186 52.85 -8.82 -28.12
C GLU C 186 53.48 -10.01 -27.40
N GLN C 187 54.80 -10.09 -27.37
CA GLN C 187 55.55 -11.21 -26.79
C GLN C 187 56.50 -10.77 -25.71
N GLY C 188 56.76 -11.69 -24.79
CA GLY C 188 57.87 -11.60 -23.87
C GLY C 188 59.01 -12.42 -24.44
N PHE C 189 59.19 -13.63 -23.95
CA PHE C 189 60.11 -14.57 -24.56
C PHE C 189 59.45 -15.22 -25.76
N ILE C 190 59.98 -14.96 -26.96
CA ILE C 190 59.53 -15.63 -28.20
C ILE C 190 60.17 -17.02 -28.18
N THR C 191 59.42 -18.05 -27.79
CA THR C 191 59.97 -19.40 -27.72
C THR C 191 59.68 -20.23 -28.97
N ASP C 192 58.88 -19.74 -29.92
CA ASP C 192 58.57 -20.41 -31.19
C ASP C 192 58.85 -19.49 -32.40
N PRO C 193 60.08 -18.98 -32.57
CA PRO C 193 60.45 -18.04 -33.63
C PRO C 193 60.22 -18.65 -35.02
N THR C 268 65.50 -14.52 -16.32
CA THR C 268 64.57 -13.49 -15.86
C THR C 268 64.18 -12.58 -17.01
N LEU C 269 62.87 -12.50 -17.28
CA LEU C 269 62.40 -11.71 -18.42
C LEU C 269 62.85 -10.26 -18.31
N LYS C 270 63.09 -9.79 -17.09
CA LYS C 270 63.65 -8.44 -16.92
C LYS C 270 64.94 -8.26 -17.72
N GLU C 271 65.48 -9.34 -18.28
CA GLU C 271 66.61 -9.25 -19.21
C GLU C 271 66.34 -8.28 -20.34
N ALA C 272 65.09 -7.86 -20.55
CA ALA C 272 64.78 -6.93 -21.62
C ALA C 272 65.71 -5.72 -21.59
N ASN C 273 65.98 -5.20 -20.40
CA ASN C 273 66.87 -4.05 -20.26
C ASN C 273 67.61 -4.09 -18.93
N ALA C 295 64.48 -18.82 -28.00
CA ALA C 295 64.39 -17.75 -27.02
C ALA C 295 64.95 -16.45 -27.58
N ILE C 296 64.05 -15.51 -27.88
CA ILE C 296 64.42 -14.24 -28.48
C ILE C 296 63.64 -13.12 -27.79
N ILE C 297 64.18 -11.92 -27.84
CA ILE C 297 63.53 -10.73 -27.32
C ILE C 297 63.63 -9.63 -28.36
N ALA C 298 62.54 -8.90 -28.56
CA ALA C 298 62.47 -7.82 -29.54
C ALA C 298 62.07 -6.54 -28.84
N ARG C 299 62.63 -5.42 -29.30
CA ARG C 299 62.32 -4.14 -28.69
C ARG C 299 60.92 -3.66 -29.03
N THR C 300 60.33 -4.16 -30.11
CA THR C 300 58.97 -3.74 -30.45
C THR C 300 57.99 -4.07 -29.34
N ASP C 301 58.21 -5.17 -28.62
CA ASP C 301 57.37 -5.47 -27.47
C ASP C 301 57.63 -4.51 -26.32
N LEU C 302 58.85 -4.02 -26.17
CA LEU C 302 59.09 -2.96 -25.20
C LEU C 302 58.35 -1.69 -25.58
N LYS C 303 58.35 -1.34 -26.86
CA LYS C 303 57.59 -0.18 -27.31
C LYS C 303 56.11 -0.39 -27.08
N LYS C 304 55.61 -1.59 -27.34
CA LYS C 304 54.20 -1.89 -27.10
C LYS C 304 53.86 -1.70 -25.64
N ASN C 305 54.70 -2.22 -24.75
CA ASN C 305 54.54 -1.99 -23.33
C ASN C 305 54.47 -0.50 -23.02
N ARG C 306 55.45 0.25 -23.50
CA ARG C 306 55.49 1.69 -23.23
C ARG C 306 54.20 2.37 -23.67
N ASP C 307 53.71 2.05 -24.87
CA ASP C 307 52.61 2.79 -25.45
C ASP C 307 51.25 2.40 -24.88
N TYR C 308 51.13 1.21 -24.31
CA TYR C 308 49.86 0.70 -23.80
C TYR C 308 50.03 0.28 -22.35
N PRO C 309 49.82 1.21 -21.41
CA PRO C 309 50.07 0.90 -20.01
C PRO C 309 48.95 0.14 -19.34
N LEU C 310 47.83 -0.08 -20.03
CA LEU C 310 46.72 -0.83 -19.47
C LEU C 310 46.47 -2.15 -20.16
N ALA C 311 47.42 -2.65 -20.94
CA ALA C 311 47.18 -3.85 -21.73
C ALA C 311 46.89 -5.06 -20.84
N SER C 312 45.88 -5.83 -21.22
CA SER C 312 45.51 -7.05 -20.51
C SER C 312 46.44 -8.16 -20.96
N LYS C 313 47.36 -8.56 -20.10
CA LYS C 313 48.35 -9.56 -20.43
C LYS C 313 48.29 -10.72 -19.47
N ASP C 314 48.75 -11.88 -19.91
CA ASP C 314 48.96 -13.06 -19.08
C ASP C 314 50.37 -13.05 -18.46
N SER C 315 50.70 -14.09 -17.70
CA SER C 315 51.99 -14.19 -17.00
C SER C 315 53.16 -14.16 -17.97
N GLN C 316 52.98 -14.73 -19.15
CA GLN C 316 54.04 -14.73 -20.16
C GLN C 316 54.14 -13.43 -20.93
N LYS C 317 53.41 -12.40 -20.52
CA LYS C 317 53.43 -11.08 -21.14
C LYS C 317 52.69 -11.03 -22.46
N GLN C 318 51.89 -12.02 -22.80
CA GLN C 318 51.09 -12.08 -24.03
C GLN C 318 49.70 -11.49 -23.79
N LEU C 319 49.05 -10.93 -24.80
CA LEU C 319 47.69 -10.40 -24.65
C LEU C 319 46.71 -11.49 -24.21
N LEU C 320 45.70 -11.14 -23.42
CA LEU C 320 44.58 -12.04 -23.13
C LEU C 320 43.66 -12.18 -24.33
N CYS C 321 43.16 -13.38 -24.59
CA CYS C 321 42.14 -13.63 -25.60
C CYS C 321 41.04 -14.54 -25.05
N GLY C 322 39.77 -14.19 -25.30
CA GLY C 322 38.64 -15.08 -25.14
C GLY C 322 38.18 -15.69 -26.45
N ALA C 323 37.40 -16.76 -26.40
CA ALA C 323 36.75 -17.37 -27.55
C ALA C 323 35.34 -17.86 -27.18
N ALA C 324 34.47 -17.98 -28.17
CA ALA C 324 33.17 -18.62 -28.02
C ALA C 324 33.18 -20.07 -28.50
N VAL C 325 32.37 -20.91 -27.87
CA VAL C 325 31.99 -22.24 -28.39
C VAL C 325 30.51 -22.46 -28.13
N GLY C 326 29.87 -23.33 -28.91
CA GLY C 326 28.49 -23.75 -28.64
C GLY C 326 28.41 -24.88 -27.62
N THR C 327 27.22 -25.46 -27.49
CA THR C 327 26.93 -26.57 -26.57
C THR C 327 26.59 -27.86 -27.31
N ARG C 328 27.08 -28.05 -28.54
CA ARG C 328 26.93 -29.27 -29.34
C ARG C 328 28.11 -30.22 -29.09
N GLU C 329 28.02 -31.45 -29.57
CA GLU C 329 29.11 -32.42 -29.46
C GLU C 329 30.37 -31.97 -30.22
N ASP C 330 30.25 -31.38 -31.41
CA ASP C 330 31.40 -30.95 -32.19
C ASP C 330 32.13 -29.73 -31.60
N ASP C 331 31.52 -28.99 -30.66
CA ASP C 331 32.21 -27.96 -29.90
C ASP C 331 33.32 -28.51 -29.00
N LYS C 332 33.31 -29.81 -28.68
CA LYS C 332 34.40 -30.48 -27.95
C LYS C 332 35.72 -30.49 -28.75
N TYR C 333 35.65 -30.61 -30.07
CA TYR C 333 36.81 -30.48 -30.96
C TYR C 333 37.30 -29.03 -31.10
N ARG C 334 36.40 -28.03 -31.23
CA ARG C 334 36.81 -26.60 -31.16
C ARG C 334 37.67 -26.35 -29.94
N LEU C 335 37.18 -26.74 -28.79
CA LEU C 335 37.81 -26.43 -27.52
C LEU C 335 39.21 -27.05 -27.38
N ASP C 336 39.45 -28.21 -28.00
CA ASP C 336 40.78 -28.80 -28.11
C ASP C 336 41.75 -27.87 -28.86
N LEU C 337 41.36 -27.41 -30.05
CA LEU C 337 42.16 -26.46 -30.82
C LEU C 337 42.36 -25.12 -30.11
N LEU C 338 41.32 -24.57 -29.48
CA LEU C 338 41.40 -23.29 -28.79
C LEU C 338 42.30 -23.34 -27.56
N THR C 339 42.29 -24.44 -26.82
CA THR C 339 43.20 -24.62 -25.68
C THR C 339 44.62 -24.93 -26.12
N GLN C 340 44.84 -25.58 -27.27
CA GLN C 340 46.17 -25.62 -27.90
C GLN C 340 46.66 -24.24 -28.37
N ALA C 341 45.78 -23.42 -28.93
CA ALA C 341 46.10 -22.05 -29.37
C ALA C 341 46.36 -21.08 -28.21
N GLY C 342 46.04 -21.47 -26.97
CA GLY C 342 46.35 -20.71 -25.76
C GLY C 342 45.24 -19.77 -25.27
N VAL C 343 43.97 -20.06 -25.58
CA VAL C 343 42.85 -19.23 -25.13
C VAL C 343 42.80 -19.14 -23.60
N ASP C 344 42.52 -17.95 -23.06
CA ASP C 344 42.53 -17.70 -21.62
C ASP C 344 41.16 -17.95 -20.96
N VAL C 345 40.08 -17.74 -21.69
CA VAL C 345 38.70 -17.80 -21.17
C VAL C 345 37.71 -18.18 -22.27
N ILE C 346 36.61 -18.83 -21.91
CA ILE C 346 35.56 -19.30 -22.82
C ILE C 346 34.22 -18.66 -22.47
N VAL C 347 33.41 -18.30 -23.47
CA VAL C 347 31.95 -18.07 -23.32
C VAL C 347 31.17 -19.16 -24.06
N LEU C 348 30.10 -19.67 -23.46
CA LEU C 348 29.28 -20.74 -24.06
C LEU C 348 28.11 -20.27 -24.94
N ASP C 349 27.86 -18.96 -25.02
CA ASP C 349 27.15 -18.30 -26.12
C ASP C 349 25.70 -18.76 -26.46
N SER C 350 24.96 -19.33 -25.52
CA SER C 350 23.53 -19.62 -25.68
C SER C 350 22.65 -18.36 -25.60
N SER C 351 21.54 -18.32 -26.31
CA SER C 351 20.41 -17.40 -26.08
C SER C 351 19.80 -17.54 -24.68
N GLN C 352 19.72 -18.78 -24.20
CA GLN C 352 19.12 -19.17 -22.93
C GLN C 352 20.04 -20.22 -22.31
N GLY C 353 20.89 -19.81 -21.38
CA GLY C 353 21.97 -20.64 -20.83
C GLY C 353 21.52 -21.70 -19.83
N ASN C 354 20.31 -21.64 -19.30
CA ASN C 354 19.81 -22.58 -18.31
C ASN C 354 19.26 -23.85 -18.96
N SER C 355 20.16 -24.69 -19.47
CA SER C 355 19.80 -25.90 -20.19
C SER C 355 20.72 -27.06 -19.84
N VAL C 356 20.23 -28.29 -19.97
CA VAL C 356 21.04 -29.51 -19.81
C VAL C 356 22.24 -29.53 -20.74
N TYR C 357 22.11 -29.02 -21.97
CA TYR C 357 23.20 -28.99 -22.96
C TYR C 357 24.35 -28.11 -22.49
N GLN C 358 24.03 -26.94 -21.95
CA GLN C 358 25.00 -26.03 -21.36
C GLN C 358 25.59 -26.57 -20.07
N ILE C 359 24.79 -27.08 -19.14
CA ILE C 359 25.28 -27.61 -17.86
C ILE C 359 26.22 -28.81 -18.10
N ALA C 360 25.86 -29.71 -19.01
CA ALA C 360 26.73 -30.79 -19.45
C ALA C 360 28.06 -30.28 -20.02
N MET C 361 28.03 -29.22 -20.83
CA MET C 361 29.24 -28.60 -21.37
C MET C 361 30.11 -28.00 -20.25
N VAL C 362 29.55 -27.25 -19.29
CA VAL C 362 30.31 -26.67 -18.17
C VAL C 362 31.01 -27.77 -17.36
N HIS C 363 30.32 -28.87 -17.04
CA HIS C 363 30.92 -30.02 -16.36
C HIS C 363 32.02 -30.69 -17.17
N TYR C 364 31.85 -30.86 -18.48
CA TYR C 364 32.87 -31.42 -19.35
C TYR C 364 34.13 -30.55 -19.39
N ILE C 365 33.99 -29.23 -19.51
CA ILE C 365 35.13 -28.33 -19.58
C ILE C 365 35.90 -28.33 -18.27
N LYS C 366 35.23 -28.15 -17.13
CA LYS C 366 35.88 -28.16 -15.81
C LYS C 366 36.54 -29.48 -15.46
N GLN C 367 36.09 -30.59 -16.06
CA GLN C 367 36.75 -31.89 -15.93
C GLN C 367 38.04 -31.96 -16.78
N LYS C 368 37.99 -31.59 -18.07
CA LYS C 368 39.10 -31.79 -19.01
C LYS C 368 40.17 -30.70 -18.96
N TYR C 369 39.78 -29.46 -18.71
CA TYR C 369 40.64 -28.28 -18.68
C TYR C 369 40.43 -27.52 -17.34
N PRO C 370 40.86 -28.08 -16.20
CA PRO C 370 40.55 -27.55 -14.88
C PRO C 370 41.12 -26.15 -14.59
N HIS C 371 42.10 -25.68 -15.36
CA HIS C 371 42.67 -24.33 -15.26
C HIS C 371 41.99 -23.30 -16.17
N LEU C 372 41.07 -23.72 -17.05
CA LEU C 372 40.37 -22.84 -17.98
C LEU C 372 39.21 -22.11 -17.30
N GLN C 373 39.06 -20.82 -17.58
CA GLN C 373 37.96 -20.01 -17.10
C GLN C 373 36.76 -20.11 -18.05
N VAL C 374 35.55 -20.27 -17.53
CA VAL C 374 34.32 -20.46 -18.31
C VAL C 374 33.25 -19.49 -17.85
N ILE C 375 32.63 -18.79 -18.79
CA ILE C 375 31.56 -17.83 -18.55
C ILE C 375 30.25 -18.41 -19.06
N GLY C 376 29.24 -18.42 -18.20
CA GLY C 376 27.90 -18.94 -18.48
C GLY C 376 27.15 -18.12 -19.53
N GLY C 377 26.38 -18.81 -20.35
CA GLY C 377 25.61 -18.29 -21.47
C GLY C 377 24.38 -17.58 -20.97
N ASN C 378 23.65 -16.90 -21.84
CA ASN C 378 22.89 -15.76 -21.35
C ASN C 378 21.77 -16.13 -20.37
N VAL C 379 21.69 -15.38 -19.27
CA VAL C 379 20.69 -15.51 -18.21
C VAL C 379 20.13 -14.14 -17.86
N VAL C 380 18.92 -14.09 -17.31
CA VAL C 380 18.24 -12.86 -16.86
C VAL C 380 17.49 -13.02 -15.54
N THR C 381 17.50 -14.19 -14.93
CA THR C 381 16.89 -14.46 -13.62
C THR C 381 17.85 -15.12 -12.66
N ALA C 382 17.64 -14.92 -11.36
CA ALA C 382 18.42 -15.60 -10.32
C ALA C 382 18.28 -17.13 -10.39
N ALA C 383 17.13 -17.67 -10.82
CA ALA C 383 16.91 -19.11 -10.96
C ALA C 383 17.79 -19.73 -12.05
N GLN C 384 18.01 -19.02 -13.16
CA GLN C 384 18.97 -19.43 -14.17
C GLN C 384 20.42 -19.32 -13.66
N ALA C 385 20.76 -18.23 -12.96
CA ALA C 385 22.08 -18.02 -12.41
C ALA C 385 22.48 -19.12 -11.40
N LYS C 386 21.54 -19.58 -10.56
CA LYS C 386 21.74 -20.69 -9.61
C LYS C 386 22.29 -21.95 -10.28
N ASN C 387 21.64 -22.46 -11.33
CA ASN C 387 22.07 -23.72 -11.93
C ASN C 387 23.43 -23.63 -12.61
N LEU C 388 23.83 -22.48 -13.14
CA LEU C 388 25.14 -22.31 -13.75
C LEU C 388 26.25 -22.06 -12.72
N ILE C 389 25.98 -21.32 -11.64
CA ILE C 389 26.90 -21.19 -10.52
C ILE C 389 27.10 -22.55 -9.84
N ASP C 390 26.04 -23.35 -9.67
CA ASP C 390 26.13 -24.73 -9.18
C ASP C 390 26.88 -25.67 -10.11
N ALA C 391 26.82 -25.49 -11.43
CA ALA C 391 27.65 -26.23 -12.39
C ALA C 391 29.13 -25.81 -12.35
N GLY C 392 29.46 -24.65 -11.78
CA GLY C 392 30.84 -24.21 -11.55
C GLY C 392 31.40 -23.25 -12.60
N VAL C 393 30.58 -22.41 -13.22
CA VAL C 393 31.09 -21.30 -14.05
C VAL C 393 31.85 -20.27 -13.21
N ASP C 394 32.74 -19.51 -13.85
CA ASP C 394 33.55 -18.45 -13.23
C ASP C 394 33.04 -17.03 -13.50
N GLY C 395 32.04 -16.87 -14.36
CA GLY C 395 31.35 -15.62 -14.68
C GLY C 395 30.01 -15.92 -15.36
N LEU C 396 29.15 -14.92 -15.54
CA LEU C 396 27.89 -15.03 -16.29
C LEU C 396 27.72 -13.88 -17.29
N ARG C 397 27.19 -14.14 -18.49
CA ARG C 397 26.67 -13.10 -19.41
C ARG C 397 25.20 -12.85 -19.11
N VAL C 398 24.82 -11.60 -18.90
CA VAL C 398 23.47 -11.21 -18.53
C VAL C 398 22.84 -10.37 -19.62
N GLY C 399 21.70 -10.83 -20.11
CA GLY C 399 20.87 -10.11 -21.07
C GLY C 399 20.20 -11.05 -22.05
N MET C 400 18.89 -10.90 -22.25
CA MET C 400 18.10 -11.68 -23.18
C MET C 400 17.04 -10.79 -23.82
N GLY C 401 17.07 -10.66 -25.13
CA GLY C 401 16.07 -9.91 -25.87
C GLY C 401 16.37 -8.41 -26.02
N CYS C 402 17.18 -7.83 -25.15
CA CYS C 402 17.87 -6.57 -25.42
C CYS C 402 18.99 -6.78 -26.44
N GLY C 403 19.73 -5.72 -26.77
CA GLY C 403 20.77 -5.77 -27.78
C GLY C 403 20.25 -5.28 -29.12
N SER C 404 20.91 -4.34 -29.76
CA SER C 404 20.32 -3.52 -30.82
C SER C 404 19.81 -4.29 -32.05
N ILE C 405 20.48 -5.37 -32.44
CA ILE C 405 20.14 -6.27 -33.56
C ILE C 405 19.14 -7.39 -33.19
N CYS C 406 18.58 -7.39 -31.98
CA CYS C 406 17.74 -8.47 -31.46
C CYS C 406 16.24 -8.32 -31.80
N ILE C 407 15.54 -9.45 -32.04
CA ILE C 407 14.07 -9.54 -32.12
C ILE C 407 13.47 -10.67 -31.27
N THR C 408 14.27 -11.35 -30.43
CA THR C 408 13.87 -12.52 -29.63
C THR C 408 12.62 -12.29 -28.78
N GLN C 409 12.39 -11.09 -28.25
CA GLN C 409 11.21 -10.80 -27.43
C GLN C 409 9.90 -10.88 -28.23
N GLU C 410 9.86 -10.29 -29.43
CA GLU C 410 8.69 -10.31 -30.32
C GLU C 410 8.46 -11.67 -30.99
N VAL C 411 9.51 -12.47 -31.17
CA VAL C 411 9.41 -13.81 -31.77
C VAL C 411 9.06 -14.89 -30.73
N MET C 412 9.63 -14.83 -29.53
CA MET C 412 9.62 -15.94 -28.56
C MET C 412 8.86 -15.63 -27.27
N ALA C 413 8.43 -14.39 -27.05
CA ALA C 413 7.88 -13.84 -25.80
C ALA C 413 8.82 -13.83 -24.56
N CYS C 414 9.96 -14.51 -24.59
CA CYS C 414 10.94 -14.47 -23.51
C CYS C 414 11.88 -13.26 -23.57
N GLY C 415 12.29 -12.80 -22.40
CA GLY C 415 13.34 -11.83 -22.21
C GLY C 415 13.24 -11.16 -20.84
N ARG C 416 14.01 -10.11 -20.62
CA ARG C 416 13.81 -9.20 -19.49
C ARG C 416 14.34 -7.80 -19.80
N PRO C 417 13.76 -6.71 -19.25
CA PRO C 417 14.35 -5.37 -19.33
C PRO C 417 15.73 -5.35 -18.68
N GLN C 418 16.73 -4.83 -19.38
CA GLN C 418 18.13 -5.14 -19.07
C GLN C 418 18.61 -4.56 -17.73
N GLY C 419 18.08 -3.41 -17.28
CA GLY C 419 18.42 -2.88 -15.97
C GLY C 419 18.06 -3.84 -14.84
N THR C 420 16.82 -4.32 -14.84
CA THR C 420 16.37 -5.25 -13.82
C THR C 420 17.16 -6.55 -13.87
N ALA C 421 17.44 -7.06 -15.08
CA ALA C 421 18.19 -8.29 -15.26
C ALA C 421 19.61 -8.19 -14.68
N VAL C 422 20.31 -7.10 -15.00
CA VAL C 422 21.64 -6.83 -14.46
C VAL C 422 21.59 -6.70 -12.94
N TYR C 423 20.63 -5.96 -12.38
CA TYR C 423 20.55 -5.82 -10.94
C TYR C 423 20.30 -7.16 -10.25
N LYS C 424 19.27 -7.90 -10.69
CA LYS C 424 18.81 -9.13 -10.02
C LYS C 424 19.80 -10.27 -10.17
N VAL C 425 20.41 -10.46 -11.35
CA VAL C 425 21.43 -11.50 -11.51
C VAL C 425 22.71 -11.15 -10.76
N ALA C 426 23.17 -9.89 -10.78
CA ALA C 426 24.36 -9.49 -10.03
C ALA C 426 24.16 -9.58 -8.51
N GLU C 427 22.99 -9.20 -8.00
CA GLU C 427 22.69 -9.34 -6.59
C GLU C 427 22.72 -10.78 -6.16
N TYR C 428 22.27 -11.72 -6.99
CA TYR C 428 22.39 -13.15 -6.67
C TYR C 428 23.83 -13.65 -6.80
N ALA C 429 24.52 -13.35 -7.89
CA ALA C 429 25.84 -13.87 -8.19
C ALA C 429 26.94 -13.41 -7.23
N ARG C 430 26.83 -12.21 -6.64
CA ARG C 430 27.79 -11.71 -5.63
C ARG C 430 27.87 -12.59 -4.37
N ARG C 431 26.79 -13.30 -4.02
CA ARG C 431 26.70 -14.18 -2.84
C ARG C 431 27.67 -15.36 -2.93
N PHE C 432 28.09 -15.69 -4.14
CA PHE C 432 28.99 -16.79 -4.49
C PHE C 432 30.33 -16.28 -5.04
N GLY C 433 30.56 -14.96 -5.05
CA GLY C 433 31.77 -14.34 -5.57
C GLY C 433 31.94 -14.42 -7.09
N VAL C 434 30.86 -14.42 -7.87
CA VAL C 434 30.90 -14.56 -9.32
C VAL C 434 30.65 -13.20 -10.00
N PRO C 435 31.55 -12.70 -10.88
CA PRO C 435 31.34 -11.47 -11.63
C PRO C 435 30.27 -11.58 -12.71
N ILE C 436 29.67 -10.44 -13.07
CA ILE C 436 28.65 -10.32 -14.13
C ILE C 436 29.17 -9.51 -15.31
N ILE C 437 28.94 -10.01 -16.53
CA ILE C 437 29.03 -9.21 -17.76
C ILE C 437 27.61 -8.72 -18.09
N ALA C 438 27.39 -7.41 -18.20
CA ALA C 438 26.16 -6.86 -18.77
C ALA C 438 26.27 -6.79 -20.30
N ASP C 439 25.37 -7.47 -21.02
CA ASP C 439 25.53 -7.76 -22.43
C ASP C 439 24.35 -7.23 -23.27
N GLY C 440 24.62 -6.27 -24.15
CA GLY C 440 23.66 -5.67 -25.08
C GLY C 440 22.85 -4.49 -24.51
N GLY C 441 22.41 -3.60 -25.39
CA GLY C 441 21.63 -2.40 -25.05
C GLY C 441 22.46 -1.18 -24.65
N ILE C 442 23.77 -1.21 -24.88
CA ILE C 442 24.68 -0.12 -24.53
C ILE C 442 24.81 0.83 -25.71
N GLN C 443 24.21 2.01 -25.62
CA GLN C 443 24.21 3.02 -26.68
C GLN C 443 25.04 4.27 -26.37
N THR C 444 25.41 4.47 -25.10
CA THR C 444 25.98 5.71 -24.56
C THR C 444 26.88 5.39 -23.37
N VAL C 445 27.79 6.29 -23.01
CA VAL C 445 28.64 6.10 -21.81
C VAL C 445 27.82 6.10 -20.52
N GLY C 446 26.68 6.80 -20.48
CA GLY C 446 25.75 6.75 -19.37
C GLY C 446 25.12 5.38 -19.17
N HIS C 447 24.84 4.61 -20.24
CA HIS C 447 24.42 3.21 -20.10
C HIS C 447 25.52 2.35 -19.48
N VAL C 448 26.79 2.58 -19.79
CA VAL C 448 27.92 1.85 -19.19
C VAL C 448 28.00 2.15 -17.69
N VAL C 449 27.98 3.41 -17.29
CA VAL C 449 28.01 3.81 -15.88
C VAL C 449 26.81 3.23 -15.13
N LYS C 450 25.60 3.27 -15.70
CA LYS C 450 24.41 2.65 -15.09
C LYS C 450 24.52 1.15 -14.95
N ALA C 451 24.91 0.42 -15.99
CA ALA C 451 25.14 -1.02 -15.92
C ALA C 451 26.14 -1.35 -14.80
N LEU C 452 27.22 -0.58 -14.69
CA LEU C 452 28.24 -0.85 -13.67
C LEU C 452 27.73 -0.53 -12.28
N ALA C 453 26.94 0.53 -12.15
CA ALA C 453 26.39 0.90 -10.86
C ALA C 453 25.38 -0.11 -10.36
N LEU C 454 24.66 -0.77 -11.26
CA LEU C 454 23.68 -1.76 -10.87
C LEU C 454 24.30 -3.08 -10.45
N GLY C 455 25.63 -3.23 -10.51
CA GLY C 455 26.31 -4.45 -10.07
C GLY C 455 27.05 -5.22 -11.17
N ALA C 456 26.98 -4.85 -12.44
CA ALA C 456 27.82 -5.46 -13.47
C ALA C 456 29.30 -5.19 -13.18
N SER C 457 30.15 -6.20 -13.30
CA SER C 457 31.60 -6.04 -13.12
C SER C 457 32.28 -5.56 -14.39
N THR C 458 31.73 -5.93 -15.53
CA THR C 458 32.18 -5.57 -16.88
C THR C 458 30.97 -5.41 -17.81
N VAL C 459 31.15 -4.73 -18.92
CA VAL C 459 30.11 -4.42 -19.90
C VAL C 459 30.56 -4.90 -21.28
N MET C 460 29.72 -5.65 -21.97
CA MET C 460 30.01 -6.19 -23.30
C MET C 460 29.21 -5.46 -24.37
N MET C 461 29.91 -4.98 -25.39
CA MET C 461 29.34 -4.15 -26.44
C MET C 461 29.43 -4.83 -27.80
N GLY C 462 28.35 -4.77 -28.55
CA GLY C 462 28.26 -5.12 -29.95
C GLY C 462 28.23 -3.88 -30.82
N SER C 463 27.08 -3.23 -30.90
CA SER C 463 26.82 -2.08 -31.77
C SER C 463 27.79 -0.92 -31.56
N LEU C 464 28.12 -0.61 -30.31
CA LEU C 464 29.03 0.49 -29.99
C LEU C 464 30.45 0.27 -30.57
N LEU C 465 30.87 -0.98 -30.82
CA LEU C 465 32.17 -1.30 -31.40
C LEU C 465 32.09 -1.69 -32.89
N ALA C 466 30.89 -2.02 -33.38
CA ALA C 466 30.63 -2.23 -34.79
C ALA C 466 30.97 -0.97 -35.60
N ALA C 467 31.44 -1.16 -36.83
CA ALA C 467 31.94 -0.09 -37.71
C ALA C 467 33.08 0.78 -37.13
N THR C 468 33.85 0.26 -36.17
CA THR C 468 35.24 0.72 -35.98
C THR C 468 36.16 0.08 -37.02
N THR C 469 37.38 0.59 -37.21
CA THR C 469 38.26 0.08 -38.27
C THR C 469 38.69 -1.37 -38.03
N GLU C 470 38.86 -1.77 -36.77
CA GLU C 470 39.22 -3.14 -36.36
C GLU C 470 38.06 -4.15 -36.43
N ALA C 471 36.81 -3.70 -36.55
CA ALA C 471 35.67 -4.60 -36.75
C ALA C 471 35.75 -5.31 -38.12
N PRO C 472 35.41 -6.60 -38.24
CA PRO C 472 35.49 -7.38 -39.47
C PRO C 472 34.75 -6.79 -40.67
N GLY C 473 35.17 -7.16 -41.88
CA GLY C 473 34.56 -6.72 -43.14
C GLY C 473 35.04 -5.35 -43.62
N GLU C 474 34.35 -4.80 -44.60
CA GLU C 474 34.74 -3.59 -45.34
C GLU C 474 33.63 -2.53 -45.40
N TYR C 475 34.01 -1.26 -45.51
CA TYR C 475 33.06 -0.15 -45.68
C TYR C 475 32.51 -0.04 -47.11
N PHE C 476 31.29 0.50 -47.29
CA PHE C 476 30.61 0.47 -48.60
C PHE C 476 29.76 1.70 -49.01
N PHE C 477 29.77 2.80 -48.26
CA PHE C 477 29.26 4.15 -48.66
C PHE C 477 27.79 4.28 -49.16
N SER C 478 26.95 3.24 -49.04
CA SER C 478 25.72 3.12 -49.84
C SER C 478 24.71 4.27 -49.69
N ASP C 479 24.42 4.73 -48.47
CA ASP C 479 23.43 5.79 -48.22
C ASP C 479 24.00 7.23 -48.33
N GLY C 480 25.18 7.40 -48.93
CA GLY C 480 25.91 8.68 -48.96
C GLY C 480 26.75 8.95 -47.70
N VAL C 481 26.88 7.97 -46.81
CA VAL C 481 27.73 7.98 -45.60
C VAL C 481 28.49 6.66 -45.46
N ARG C 482 29.70 6.68 -44.90
CA ARG C 482 30.54 5.48 -44.72
C ARG C 482 29.90 4.53 -43.70
N LEU C 483 29.53 3.34 -44.15
CA LEU C 483 28.79 2.31 -43.40
C LEU C 483 29.53 0.96 -43.40
N LYS C 484 29.39 0.19 -42.33
CA LYS C 484 29.82 -1.21 -42.20
C LYS C 484 28.65 -2.08 -41.75
N LYS C 485 28.59 -3.33 -42.18
CA LYS C 485 27.49 -4.26 -41.84
C LYS C 485 27.59 -4.73 -40.38
N TYR C 486 26.45 -4.94 -39.73
CA TYR C 486 26.36 -5.40 -38.35
C TYR C 486 25.14 -6.31 -38.23
N ARG C 487 25.35 -7.63 -38.03
CA ARG C 487 24.37 -8.62 -38.51
C ARG C 487 23.49 -9.32 -37.47
N GLY C 488 23.94 -9.48 -36.22
CA GLY C 488 23.27 -10.36 -35.26
C GLY C 488 23.42 -11.86 -35.59
N MET C 489 23.84 -12.68 -34.63
CA MET C 489 24.29 -14.06 -34.86
C MET C 489 23.16 -15.06 -35.12
N GLY C 490 21.94 -14.72 -34.73
CA GLY C 490 20.71 -15.43 -35.06
C GLY C 490 19.90 -14.78 -36.18
N SER C 491 20.45 -13.81 -36.92
CA SER C 491 19.88 -13.45 -38.22
C SER C 491 20.08 -14.59 -39.23
N LEU C 492 19.21 -14.72 -40.23
CA LEU C 492 19.34 -15.77 -41.23
C LEU C 492 20.44 -15.47 -42.27
N ASP C 493 20.92 -14.22 -42.29
CA ASP C 493 22.16 -13.79 -42.93
C ASP C 493 23.39 -14.50 -42.32
N ALA C 494 23.49 -14.58 -40.99
CA ALA C 494 24.58 -15.26 -40.29
C ALA C 494 24.58 -16.78 -40.54
N VAL C 512 12.26 -25.75 -40.73
CA VAL C 512 12.13 -24.32 -40.52
C VAL C 512 13.21 -23.81 -39.57
N LYS C 513 13.92 -22.75 -39.96
CA LYS C 513 14.79 -21.95 -39.08
C LYS C 513 14.26 -20.52 -38.99
N ILE C 514 14.04 -20.04 -37.77
CA ILE C 514 13.42 -18.73 -37.49
C ILE C 514 14.50 -17.72 -37.10
N ALA C 515 14.45 -16.50 -37.62
CA ALA C 515 15.40 -15.45 -37.23
C ALA C 515 15.18 -15.00 -35.76
N GLN C 516 16.27 -14.88 -35.02
CA GLN C 516 16.33 -14.25 -33.69
C GLN C 516 16.84 -12.80 -33.73
N GLY C 517 17.37 -12.35 -34.87
CA GLY C 517 17.98 -11.05 -35.03
C GLY C 517 17.89 -10.55 -36.46
N VAL C 518 18.14 -9.26 -36.64
CA VAL C 518 18.06 -8.56 -37.93
C VAL C 518 19.46 -8.20 -38.41
N SER C 519 19.75 -8.44 -39.70
CA SER C 519 21.00 -7.97 -40.29
C SER C 519 20.86 -6.52 -40.73
N GLY C 520 21.77 -5.65 -40.32
CA GLY C 520 21.72 -4.23 -40.59
C GLY C 520 23.09 -3.60 -40.78
N SER C 521 23.15 -2.29 -40.57
CA SER C 521 24.27 -1.46 -40.97
C SER C 521 24.51 -0.33 -39.97
N ILE C 522 25.76 0.08 -39.80
CA ILE C 522 26.22 1.04 -38.79
C ILE C 522 27.21 2.01 -39.42
N GLN C 523 27.13 3.29 -39.07
CA GLN C 523 28.03 4.33 -39.55
C GLN C 523 29.43 4.22 -38.92
N ASP C 524 30.47 4.56 -39.68
CA ASP C 524 31.87 4.54 -39.25
C ASP C 524 32.16 5.37 -37.98
N LYS C 525 33.06 4.87 -37.13
CA LYS C 525 33.54 5.53 -35.90
C LYS C 525 35.07 5.64 -35.79
N GLY C 526 35.84 5.24 -36.79
CA GLY C 526 37.31 5.24 -36.71
C GLY C 526 37.87 4.10 -35.86
N SER C 527 39.08 4.22 -35.33
CA SER C 527 39.71 3.11 -34.58
C SER C 527 39.20 2.96 -33.14
N ILE C 528 39.25 1.73 -32.62
CA ILE C 528 39.07 1.42 -31.20
C ILE C 528 40.01 2.26 -30.34
N GLN C 529 41.25 2.47 -30.78
CA GLN C 529 42.25 3.18 -30.00
C GLN C 529 42.03 4.70 -29.85
N LYS C 530 41.10 5.31 -30.60
CA LYS C 530 40.71 6.70 -30.43
C LYS C 530 39.34 6.82 -29.79
N PHE C 531 38.63 5.71 -29.62
CA PHE C 531 37.25 5.65 -29.15
C PHE C 531 37.12 5.01 -27.77
N VAL C 532 38.02 4.10 -27.41
CA VAL C 532 37.95 3.48 -26.09
C VAL C 532 38.45 4.45 -25.02
N PRO C 533 39.50 5.28 -25.25
CA PRO C 533 39.88 6.30 -24.26
C PRO C 533 38.79 7.35 -24.02
N TYR C 534 37.89 7.59 -24.98
CA TYR C 534 36.67 8.37 -24.77
C TYR C 534 35.68 7.68 -23.81
N LEU C 535 35.41 6.38 -23.97
CA LEU C 535 34.56 5.65 -23.03
C LEU C 535 35.17 5.60 -21.63
N ILE C 536 36.48 5.39 -21.51
CA ILE C 536 37.21 5.43 -20.24
C ILE C 536 37.05 6.81 -19.59
N ALA C 537 37.30 7.90 -20.30
CA ALA C 537 37.15 9.25 -19.79
C ALA C 537 35.72 9.56 -19.35
N GLY C 538 34.70 9.11 -20.10
CA GLY C 538 33.31 9.26 -19.73
C GLY C 538 32.91 8.43 -18.51
N ILE C 539 33.41 7.20 -18.37
CA ILE C 539 33.22 6.40 -17.15
C ILE C 539 33.87 7.09 -15.95
N GLN C 540 35.08 7.63 -16.09
CA GLN C 540 35.75 8.30 -14.98
C GLN C 540 34.97 9.54 -14.55
N HIS C 541 34.48 10.35 -15.48
CA HIS C 541 33.73 11.56 -15.13
C HIS C 541 32.36 11.25 -14.54
N GLY C 542 31.68 10.20 -15.01
CA GLY C 542 30.49 9.67 -14.35
C GLY C 542 30.76 9.22 -12.92
N CYS C 543 31.86 8.50 -12.67
CA CYS C 543 32.17 8.08 -11.32
C CYS C 543 32.57 9.25 -10.43
N GLN C 544 33.20 10.28 -10.99
CA GLN C 544 33.59 11.45 -10.20
C GLN C 544 32.35 12.20 -9.69
N ASP C 545 31.35 12.47 -10.52
CA ASP C 545 30.11 13.13 -10.08
C ASP C 545 29.28 12.32 -9.08
N ILE C 546 29.45 11.00 -9.06
CA ILE C 546 28.87 10.12 -8.05
C ILE C 546 29.64 10.17 -6.72
N GLY C 547 30.92 10.55 -6.69
CA GLY C 547 31.73 10.42 -5.50
C GLY C 547 32.43 9.10 -5.35
N ALA C 548 32.48 8.27 -6.39
CA ALA C 548 33.09 6.96 -6.33
C ALA C 548 34.53 7.06 -6.81
N ARG C 549 35.46 6.72 -5.94
CA ARG C 549 36.87 6.76 -6.32
C ARG C 549 37.30 5.57 -7.17
N SER C 550 36.46 4.54 -7.29
CA SER C 550 36.72 3.38 -8.13
C SER C 550 35.38 2.69 -8.40
N LEU C 551 35.40 1.72 -9.30
CA LEU C 551 34.19 0.99 -9.62
C LEU C 551 33.79 0.05 -8.49
N SER C 552 34.78 -0.52 -7.81
CA SER C 552 34.53 -1.27 -6.59
C SER C 552 33.82 -0.43 -5.54
N VAL C 553 34.28 0.81 -5.34
CA VAL C 553 33.64 1.68 -4.37
C VAL C 553 32.24 2.03 -4.82
N LEU C 554 32.02 2.16 -6.13
CA LEU C 554 30.69 2.43 -6.65
C LEU C 554 29.73 1.31 -6.31
N ARG C 555 30.10 0.06 -6.61
CA ARG C 555 29.21 -1.05 -6.29
C ARG C 555 29.03 -1.22 -4.79
N SER C 556 30.07 -0.95 -4.02
CA SER C 556 29.94 -1.00 -2.57
C SER C 556 28.92 0.02 -2.07
N MET C 557 28.97 1.25 -2.59
CA MET C 557 28.00 2.27 -2.20
C MET C 557 26.59 1.90 -2.63
N MET C 558 26.45 1.19 -3.75
CA MET C 558 25.13 0.76 -4.16
C MET C 558 24.58 -0.31 -3.23
N TYR C 559 25.35 -1.35 -2.94
CA TYR C 559 24.83 -2.43 -2.12
C TYR C 559 24.55 -1.97 -0.68
N SER C 560 25.19 -0.91 -0.24
CA SER C 560 25.07 -0.45 1.13
C SER C 560 24.03 0.65 1.32
N GLY C 561 23.35 1.05 0.26
CA GLY C 561 22.34 2.08 0.35
C GLY C 561 22.84 3.49 0.22
N GLU C 562 24.14 3.74 0.22
CA GLU C 562 24.65 5.10 0.14
C GLU C 562 24.31 5.74 -1.19
N LEU C 563 24.40 4.99 -2.27
CA LEU C 563 24.06 5.49 -3.60
C LEU C 563 22.56 5.52 -3.76
N LYS C 564 22.06 6.64 -4.28
CA LYS C 564 20.63 6.90 -4.41
C LYS C 564 20.24 7.00 -5.87
N PHE C 565 19.01 6.58 -6.18
CA PHE C 565 18.51 6.52 -7.53
C PHE C 565 17.21 7.31 -7.62
N GLU C 566 16.84 7.66 -8.83
CA GLU C 566 15.62 8.39 -9.08
C GLU C 566 15.00 7.83 -10.34
N LYS C 567 13.72 7.51 -10.29
CA LYS C 567 13.01 7.06 -11.49
C LYS C 567 12.67 8.26 -12.37
N ARG C 568 12.48 8.00 -13.66
CA ARG C 568 12.17 9.02 -14.69
C ARG C 568 10.82 8.71 -15.31
N THR C 569 9.99 9.73 -15.48
CA THR C 569 8.82 9.60 -16.33
C THR C 569 9.24 9.79 -17.78
N MET C 570 8.29 9.74 -18.69
CA MET C 570 8.65 9.99 -20.09
C MET C 570 8.98 11.44 -20.33
N SER C 571 8.24 12.36 -19.71
CA SER C 571 8.58 13.77 -19.84
C SER C 571 9.94 14.04 -19.23
N ALA C 572 10.32 13.32 -18.18
CA ALA C 572 11.66 13.40 -17.61
C ALA C 572 12.76 12.92 -18.56
N GLN C 573 12.57 11.82 -19.29
CA GLN C 573 13.54 11.43 -20.31
C GLN C 573 13.54 12.41 -21.49
N ILE C 574 12.41 13.04 -21.84
CA ILE C 574 12.45 14.10 -22.86
C ILE C 574 13.31 15.25 -22.38
N GLU C 575 13.10 15.70 -21.14
CA GLU C 575 13.90 16.75 -20.48
C GLU C 575 15.39 16.39 -20.33
N GLY C 576 15.74 15.11 -20.19
CA GLY C 576 17.12 14.66 -20.14
C GLY C 576 17.86 14.67 -21.48
N GLY C 577 17.14 14.76 -22.60
CA GLY C 577 17.69 15.00 -23.93
C GLY C 577 17.78 16.49 -24.29
N VAL C 578 17.94 16.79 -25.58
CA VAL C 578 17.94 18.15 -26.13
C VAL C 578 16.49 18.66 -26.33
N HIS C 579 16.20 19.94 -26.01
CA HIS C 579 14.84 20.51 -26.10
C HIS C 579 14.62 21.36 -27.37
N GLY C 580 13.86 22.46 -27.28
CA GLY C 580 13.42 23.32 -28.38
C GLY C 580 14.50 24.16 -29.09
N LEU C 581 15.71 23.63 -29.26
CA LEU C 581 16.69 24.19 -30.19
C LEU C 581 16.15 24.06 -31.63
N HIS C 582 16.45 25.01 -32.52
CA HIS C 582 16.07 24.89 -33.93
C HIS C 582 16.87 23.78 -34.62
N SER C 583 18.18 23.78 -34.38
CA SER C 583 19.16 22.81 -34.85
C SER C 583 20.27 22.67 -33.81
N TYR C 584 20.98 21.53 -33.80
CA TYR C 584 22.17 21.35 -32.97
C TYR C 584 23.22 20.45 -33.62
N THR C 585 24.47 20.70 -33.25
CA THR C 585 25.65 19.87 -33.54
C THR C 585 26.13 19.22 -32.26
N PHE C 586 26.40 17.92 -32.30
CA PHE C 586 27.02 17.17 -31.20
C PHE C 586 28.41 16.69 -31.62
N LEU C 587 29.46 17.15 -30.94
CA LEU C 587 30.79 16.57 -31.00
C LEU C 587 31.05 15.93 -29.63
N PRO C 588 31.23 14.61 -29.51
CA PRO C 588 31.31 13.96 -28.19
C PRO C 588 32.64 14.22 -27.47
N PHE C 589 33.76 14.25 -28.19
CA PHE C 589 35.10 14.47 -27.64
C PHE C 589 36.02 15.14 -28.68
N THR C 590 36.96 15.99 -28.21
CA THR C 590 37.79 16.85 -29.08
C THR C 590 39.11 16.18 -29.52
N LYS C 591 39.66 15.26 -28.71
CA LYS C 591 40.98 14.62 -28.91
C LYS C 591 40.94 13.10 -28.72
N GLY D 28 0.36 -34.88 -13.41
CA GLY D 28 0.66 -33.45 -13.17
C GLY D 28 2.01 -33.06 -13.75
N HIS D 29 2.21 -31.78 -14.09
CA HIS D 29 3.48 -31.32 -14.70
C HIS D 29 4.65 -31.37 -13.71
N GLU D 30 5.88 -31.53 -14.23
CA GLU D 30 7.10 -31.60 -13.41
C GLU D 30 7.81 -30.24 -13.41
N THR D 31 8.10 -29.74 -12.21
CA THR D 31 8.67 -28.38 -12.05
C THR D 31 10.12 -28.29 -12.49
N ALA D 32 10.64 -27.08 -12.73
CA ALA D 32 12.03 -26.85 -13.13
C ALA D 32 13.02 -27.48 -12.16
N ALA D 33 12.82 -27.34 -10.85
CA ALA D 33 13.67 -27.96 -9.84
C ALA D 33 13.60 -29.48 -9.89
N GLN D 34 12.41 -30.06 -10.05
CA GLN D 34 12.22 -31.51 -10.17
C GLN D 34 12.90 -32.07 -11.41
N ARG D 35 12.70 -31.42 -12.56
CA ARG D 35 13.37 -31.79 -13.82
C ARG D 35 14.88 -31.68 -13.68
N TYR D 36 15.40 -30.55 -13.23
CA TYR D 36 16.84 -30.36 -13.01
C TYR D 36 17.43 -31.44 -12.10
N SER D 37 16.75 -31.75 -10.99
CA SER D 37 17.18 -32.81 -10.06
C SER D 37 17.25 -34.19 -10.72
N ALA D 38 16.29 -34.57 -11.55
CA ALA D 38 16.35 -35.83 -12.29
C ALA D 38 17.51 -35.84 -13.30
N ARG D 39 17.78 -34.75 -14.01
CA ARG D 39 18.88 -34.68 -14.99
C ARG D 39 20.26 -34.69 -14.33
N LEU D 40 20.40 -34.11 -13.13
CA LEU D 40 21.57 -34.32 -12.27
C LEU D 40 21.72 -35.77 -11.79
N LEU D 41 20.62 -36.53 -11.65
CA LEU D 41 20.50 -37.81 -11.11
C LEU D 41 20.69 -38.96 -12.05
N GLN D 42 20.37 -38.82 -13.29
CA GLN D 42 20.72 -39.63 -14.38
C GLN D 42 22.21 -39.81 -14.52
N ALA D 43 23.00 -39.03 -13.86
CA ALA D 43 24.41 -38.93 -13.87
C ALA D 43 25.05 -38.93 -12.51
N GLY D 44 26.36 -38.71 -12.44
CA GLY D 44 27.03 -38.62 -11.17
C GLY D 44 26.67 -37.37 -10.39
N TYR D 45 27.04 -36.21 -10.92
CA TYR D 45 26.75 -34.90 -10.35
C TYR D 45 25.25 -34.63 -10.26
N MET D 76 18.59 -38.54 1.73
CA MET D 76 19.46 -37.65 2.49
C MET D 76 18.73 -36.36 2.92
N ALA D 77 19.39 -35.50 3.69
CA ALA D 77 18.82 -34.30 4.29
C ALA D 77 18.09 -33.39 3.30
N ASP D 78 18.60 -33.15 2.10
CA ASP D 78 17.97 -32.26 1.11
C ASP D 78 16.53 -32.70 0.75
N TYR D 79 16.34 -34.00 0.53
CA TYR D 79 15.00 -34.57 0.32
C TYR D 79 14.15 -34.51 1.59
N LEU D 80 14.71 -34.85 2.75
CA LEU D 80 13.98 -34.82 4.01
C LEU D 80 13.49 -33.42 4.39
N ILE D 81 14.30 -32.38 4.16
CA ILE D 81 13.97 -30.98 4.42
C ILE D 81 12.81 -30.53 3.53
N SER D 82 13.01 -30.47 2.22
CA SER D 82 12.07 -29.79 1.32
C SER D 82 11.08 -30.71 0.59
N GLY D 83 11.21 -32.03 0.71
CA GLY D 83 10.28 -33.02 0.16
C GLY D 83 10.02 -32.90 -1.34
N GLY D 84 11.08 -32.68 -2.13
CA GLY D 84 10.98 -32.55 -3.59
C GLY D 84 10.36 -31.26 -4.15
N THR D 85 10.22 -30.18 -3.36
CA THR D 85 9.97 -28.85 -3.95
C THR D 85 11.26 -28.24 -4.55
N GLY D 86 12.40 -28.36 -3.87
CA GLY D 86 13.72 -27.85 -4.30
C GLY D 86 13.85 -26.33 -4.27
N TYR D 87 14.97 -25.79 -3.81
CA TYR D 87 15.17 -24.34 -3.76
C TYR D 87 15.39 -23.74 -5.14
N VAL D 88 14.55 -22.77 -5.52
CA VAL D 88 14.80 -21.86 -6.63
C VAL D 88 14.56 -20.43 -6.13
N PRO D 89 15.47 -19.48 -6.36
CA PRO D 89 15.25 -18.10 -5.95
C PRO D 89 14.06 -17.50 -6.68
N GLU D 90 13.11 -16.91 -5.95
CA GLU D 90 11.92 -16.29 -6.53
C GLU D 90 12.30 -15.00 -7.26
N ASP D 91 11.76 -14.77 -8.45
CA ASP D 91 12.12 -13.65 -9.31
C ASP D 91 10.97 -13.40 -10.30
N GLY D 92 10.48 -12.17 -10.46
CA GLY D 92 9.36 -11.87 -11.31
C GLY D 92 8.03 -11.91 -10.58
N LEU D 93 6.97 -12.00 -11.36
CA LEU D 93 5.62 -12.00 -10.86
C LEU D 93 4.88 -13.22 -11.37
N THR D 94 3.84 -13.61 -10.66
CA THR D 94 2.90 -14.59 -11.18
C THR D 94 1.80 -13.87 -11.93
N ALA D 95 1.09 -14.61 -12.78
CA ALA D 95 -0.01 -14.02 -13.52
C ALA D 95 -0.98 -13.31 -12.59
N GLN D 96 -1.21 -13.89 -11.41
CA GLN D 96 -2.11 -13.29 -10.45
C GLN D 96 -1.58 -11.94 -9.97
N GLN D 97 -0.33 -11.90 -9.53
CA GLN D 97 0.27 -10.64 -9.15
C GLN D 97 0.32 -9.68 -10.32
N LEU D 98 0.64 -10.18 -11.50
CA LEU D 98 0.74 -9.33 -12.67
C LEU D 98 -0.56 -8.58 -12.91
N PHE D 99 -1.69 -9.25 -12.75
CA PHE D 99 -2.96 -8.61 -13.03
C PHE D 99 -3.66 -8.06 -11.81
N ALA D 100 -3.03 -8.15 -10.64
CA ALA D 100 -3.63 -7.54 -9.47
C ALA D 100 -3.57 -6.01 -9.51
N SER D 101 -2.64 -5.45 -10.28
CA SER D 101 -2.44 -4.01 -10.28
C SER D 101 -3.62 -3.26 -10.86
N ALA D 102 -4.42 -3.89 -11.72
CA ALA D 102 -5.59 -3.29 -12.34
C ALA D 102 -5.20 -2.19 -13.33
N ASP D 103 -3.98 -2.24 -13.83
CA ASP D 103 -3.68 -1.54 -15.06
C ASP D 103 -4.22 -2.36 -16.22
N GLY D 104 -4.45 -1.71 -17.34
CA GLY D 104 -4.94 -2.46 -18.47
C GLY D 104 -3.83 -2.95 -19.35
N LEU D 105 -3.47 -4.21 -19.24
CA LEU D 105 -2.31 -4.74 -19.94
C LEU D 105 -2.70 -5.38 -21.25
N THR D 106 -1.93 -5.08 -22.29
CA THR D 106 -1.97 -5.77 -23.57
C THR D 106 -0.77 -6.70 -23.66
N TYR D 107 -0.66 -7.38 -24.80
CA TYR D 107 0.44 -8.31 -24.98
C TYR D 107 1.80 -7.61 -24.93
N ASN D 108 1.89 -6.39 -25.44
CA ASN D 108 3.15 -5.64 -25.47
C ASN D 108 3.60 -5.18 -24.08
N ASP D 109 2.77 -5.24 -23.05
CA ASP D 109 3.10 -4.64 -21.77
C ASP D 109 3.89 -5.55 -20.86
N PHE D 110 4.08 -6.82 -21.22
CA PHE D 110 4.78 -7.74 -20.34
C PHE D 110 5.62 -8.70 -21.16
N LEU D 111 6.49 -9.43 -20.49
CA LEU D 111 7.33 -10.53 -20.97
C LEU D 111 7.12 -11.77 -20.10
N ILE D 112 7.44 -12.93 -20.64
CA ILE D 112 7.56 -14.18 -19.88
C ILE D 112 9.03 -14.36 -19.53
N LEU D 113 9.35 -14.72 -18.30
CA LEU D 113 10.73 -14.99 -17.90
C LEU D 113 11.17 -16.39 -18.35
N PRO D 114 12.38 -16.58 -18.87
CA PRO D 114 12.88 -17.90 -19.28
C PRO D 114 13.04 -18.88 -18.11
N GLY D 115 12.90 -20.17 -18.39
CA GLY D 115 12.91 -21.26 -17.41
C GLY D 115 14.11 -22.20 -17.51
N PHE D 116 13.86 -23.50 -17.34
CA PHE D 116 14.85 -24.56 -17.46
C PHE D 116 14.56 -25.47 -18.65
N ILE D 117 15.55 -25.67 -19.51
CA ILE D 117 15.42 -26.43 -20.75
C ILE D 117 16.03 -27.82 -20.58
N ASP D 118 15.27 -28.87 -20.87
CA ASP D 118 15.76 -30.26 -20.88
C ASP D 118 15.22 -31.12 -22.03
N PHE D 119 14.75 -30.48 -23.11
CA PHE D 119 14.19 -31.07 -24.32
C PHE D 119 14.48 -30.15 -25.50
N ILE D 120 14.46 -30.65 -26.74
CA ILE D 120 14.53 -29.79 -27.94
C ILE D 120 13.14 -29.27 -28.33
N ALA D 121 13.09 -28.24 -29.16
CA ALA D 121 11.86 -27.58 -29.55
C ALA D 121 10.93 -28.50 -30.32
N ASP D 122 11.49 -29.28 -31.25
CA ASP D 122 10.66 -30.07 -32.15
C ASP D 122 9.71 -31.00 -31.42
N GLU D 123 9.99 -31.32 -30.16
CA GLU D 123 9.14 -32.22 -29.39
C GLU D 123 8.19 -31.48 -28.47
N VAL D 124 7.83 -30.25 -28.78
CA VAL D 124 6.79 -29.55 -28.03
C VAL D 124 5.43 -29.91 -28.61
N ASP D 125 4.52 -30.35 -27.75
CA ASP D 125 3.19 -30.78 -28.16
C ASP D 125 2.26 -29.58 -28.17
N LEU D 126 1.62 -29.34 -29.30
CA LEU D 126 0.73 -28.20 -29.42
C LEU D 126 -0.74 -28.58 -29.38
N THR D 127 -1.06 -29.83 -29.05
CA THR D 127 -2.44 -30.27 -28.98
C THR D 127 -3.29 -29.33 -28.14
N SER D 128 -4.44 -28.94 -28.67
CA SER D 128 -5.28 -27.92 -28.04
C SER D 128 -6.73 -28.34 -28.07
N ALA D 129 -7.50 -27.74 -27.18
CA ALA D 129 -8.94 -27.95 -27.10
C ALA D 129 -9.63 -26.78 -27.77
N LEU D 130 -10.46 -27.03 -28.78
CA LEU D 130 -11.29 -25.98 -29.40
C LEU D 130 -12.57 -25.75 -28.58
N THR D 131 -13.17 -26.83 -28.12
CA THR D 131 -14.39 -26.87 -27.31
C THR D 131 -14.26 -27.95 -26.25
N ARG D 132 -15.30 -28.16 -25.44
CA ARG D 132 -15.40 -29.33 -24.54
C ARG D 132 -15.07 -30.66 -25.23
N LYS D 133 -15.42 -30.86 -26.51
CA LYS D 133 -15.30 -32.14 -27.23
C LYS D 133 -14.39 -32.16 -28.47
N ILE D 134 -13.96 -31.03 -29.03
CA ILE D 134 -13.10 -30.99 -30.23
C ILE D 134 -11.65 -30.67 -29.84
N THR D 135 -10.70 -31.42 -30.39
CA THR D 135 -9.27 -31.24 -30.15
C THR D 135 -8.58 -30.99 -31.48
N LEU D 136 -7.61 -30.09 -31.47
CA LEU D 136 -6.81 -29.80 -32.64
C LEU D 136 -5.35 -30.05 -32.30
N LYS D 137 -4.56 -30.36 -33.32
CA LYS D 137 -3.14 -30.60 -33.12
C LYS D 137 -2.32 -29.33 -33.21
N THR D 138 -2.98 -28.18 -33.32
CA THR D 138 -2.35 -26.89 -33.52
C THR D 138 -3.33 -25.88 -32.98
N PRO D 139 -2.87 -24.84 -32.28
CA PRO D 139 -3.81 -23.91 -31.63
C PRO D 139 -4.35 -22.78 -32.50
N LEU D 140 -4.21 -22.83 -33.83
CA LEU D 140 -4.50 -21.70 -34.70
C LEU D 140 -5.84 -21.86 -35.41
N ILE D 141 -6.58 -20.76 -35.47
CA ILE D 141 -7.92 -20.69 -36.04
C ILE D 141 -7.97 -19.51 -37.00
N SER D 142 -8.61 -19.66 -38.16
CA SER D 142 -8.83 -18.51 -39.02
C SER D 142 -10.19 -17.88 -38.70
N SER D 143 -10.20 -16.55 -38.66
CA SER D 143 -11.35 -15.82 -38.19
C SER D 143 -12.46 -15.82 -39.23
N PRO D 144 -13.75 -15.86 -38.83
CA PRO D 144 -14.90 -15.81 -39.73
C PRO D 144 -15.13 -14.41 -40.31
N MET D 145 -14.26 -13.98 -41.20
CA MET D 145 -14.38 -12.73 -41.95
C MET D 145 -14.37 -12.99 -43.45
N ASP D 146 -15.10 -12.20 -44.21
CA ASP D 146 -15.27 -12.39 -45.66
C ASP D 146 -14.02 -12.07 -46.50
N THR D 147 -13.06 -11.32 -45.95
CA THR D 147 -11.71 -11.18 -46.48
C THR D 147 -10.72 -12.19 -45.92
N VAL D 148 -11.14 -13.20 -45.15
CA VAL D 148 -10.25 -14.21 -44.53
C VAL D 148 -10.68 -15.64 -44.82
N THR D 149 -11.89 -16.08 -44.47
CA THR D 149 -12.22 -17.52 -44.44
C THR D 149 -13.42 -17.92 -45.29
N GLU D 150 -13.12 -18.58 -46.41
CA GLU D 150 -14.03 -19.39 -47.21
C GLU D 150 -13.45 -20.81 -47.35
N ALA D 151 -13.95 -21.67 -48.24
CA ALA D 151 -13.56 -23.07 -48.28
C ALA D 151 -12.04 -23.27 -48.43
N ASP D 152 -11.33 -22.50 -49.25
CA ASP D 152 -9.89 -22.68 -49.47
C ASP D 152 -9.05 -22.43 -48.21
N MET D 153 -9.33 -21.35 -47.48
CA MET D 153 -8.69 -21.06 -46.20
C MET D 153 -9.05 -22.10 -45.16
N ALA D 154 -10.33 -22.48 -45.07
CA ALA D 154 -10.77 -23.50 -44.14
C ALA D 154 -10.13 -24.87 -44.40
N ILE D 155 -10.02 -25.29 -45.66
CA ILE D 155 -9.28 -26.50 -46.07
C ILE D 155 -7.82 -26.36 -45.65
N ALA D 156 -7.16 -25.25 -45.99
CA ALA D 156 -5.75 -25.08 -45.66
C ALA D 156 -5.52 -25.13 -44.15
N MET D 157 -6.35 -24.48 -43.34
CA MET D 157 -6.17 -24.49 -41.89
C MET D 157 -6.43 -25.87 -41.31
N ALA D 158 -7.48 -26.54 -41.76
CA ALA D 158 -7.77 -27.89 -41.31
C ALA D 158 -6.62 -28.83 -41.67
N LEU D 159 -5.92 -28.60 -42.79
CA LEU D 159 -4.85 -29.49 -43.22
C LEU D 159 -3.58 -29.29 -42.43
N MET D 160 -3.28 -28.07 -42.02
CA MET D 160 -2.09 -27.81 -41.23
C MET D 160 -2.30 -28.06 -39.75
N GLY D 161 -3.49 -28.45 -39.32
CA GLY D 161 -3.72 -28.85 -37.95
C GLY D 161 -4.56 -27.91 -37.13
N GLY D 162 -5.10 -26.85 -37.72
CA GLY D 162 -6.03 -26.00 -37.04
C GLY D 162 -7.41 -26.13 -37.63
N ILE D 163 -8.18 -25.05 -37.66
CA ILE D 163 -9.53 -25.05 -38.19
C ILE D 163 -9.86 -23.65 -38.70
N GLY D 164 -10.78 -23.55 -39.64
CA GLY D 164 -11.28 -22.27 -40.10
C GLY D 164 -12.77 -22.19 -39.92
N PHE D 165 -13.27 -21.01 -39.54
CA PHE D 165 -14.70 -20.75 -39.43
C PHE D 165 -15.13 -19.97 -40.67
N ILE D 166 -15.99 -20.56 -41.50
CA ILE D 166 -16.47 -19.89 -42.71
C ILE D 166 -17.37 -18.71 -42.32
N HIS D 167 -17.23 -17.58 -43.02
CA HIS D 167 -17.97 -16.35 -42.72
C HIS D 167 -19.44 -16.41 -43.14
N HIS D 168 -20.28 -15.53 -42.57
CA HIS D 168 -21.71 -15.44 -42.85
C HIS D 168 -22.15 -14.14 -43.54
N ASN D 169 -21.24 -13.32 -44.08
CA ASN D 169 -21.57 -12.15 -44.89
C ASN D 169 -21.88 -12.55 -46.35
N CYS D 170 -22.80 -13.49 -46.51
CA CYS D 170 -23.16 -14.19 -47.72
C CYS D 170 -24.53 -14.86 -47.54
N THR D 171 -25.14 -15.37 -48.61
CA THR D 171 -26.43 -16.08 -48.51
C THR D 171 -26.30 -17.42 -47.76
N PRO D 172 -27.39 -17.94 -47.16
CA PRO D 172 -27.36 -19.21 -46.45
C PRO D 172 -26.89 -20.39 -47.31
N GLU D 173 -27.36 -20.49 -48.55
CA GLU D 173 -26.98 -21.54 -49.49
C GLU D 173 -25.51 -21.44 -49.94
N PHE D 174 -24.97 -20.22 -50.11
CA PHE D 174 -23.54 -20.03 -50.37
C PHE D 174 -22.70 -20.53 -49.19
N GLN D 175 -23.02 -20.15 -47.94
CA GLN D 175 -22.25 -20.62 -46.79
C GLN D 175 -22.29 -22.14 -46.67
N ALA D 176 -23.46 -22.75 -46.84
CA ALA D 176 -23.60 -24.20 -46.81
C ALA D 176 -22.80 -24.88 -47.93
N ASN D 177 -22.71 -24.27 -49.11
CA ASN D 177 -21.87 -24.77 -50.19
C ASN D 177 -20.37 -24.68 -49.87
N GLU D 178 -19.90 -23.58 -49.30
CA GLU D 178 -18.52 -23.45 -48.83
C GLU D 178 -18.20 -24.48 -47.73
N VAL D 179 -19.10 -24.73 -46.78
CA VAL D 179 -18.92 -25.81 -45.79
C VAL D 179 -18.83 -27.18 -46.45
N ARG D 180 -19.72 -27.48 -47.40
CA ARG D 180 -19.69 -28.76 -48.14
C ARG D 180 -18.40 -28.93 -48.94
N LYS D 181 -17.86 -27.88 -49.55
CA LYS D 181 -16.55 -27.92 -50.22
C LYS D 181 -15.43 -28.36 -49.28
N VAL D 182 -15.42 -27.89 -48.02
CA VAL D 182 -14.44 -28.35 -47.02
C VAL D 182 -14.66 -29.80 -46.65
N LYS D 183 -15.89 -30.22 -46.32
CA LYS D 183 -16.16 -31.61 -45.89
C LYS D 183 -15.89 -32.63 -46.99
N LYS D 184 -16.04 -32.27 -48.27
CA LYS D 184 -15.72 -33.11 -49.43
C LYS D 184 -14.22 -33.24 -49.74
N PHE D 185 -13.35 -32.32 -49.31
CA PHE D 185 -12.00 -32.17 -49.88
C PHE D 185 -11.08 -33.38 -49.69
N GLU D 186 -11.00 -33.91 -48.46
CA GLU D 186 -10.31 -35.16 -48.14
C GLU D 186 -11.37 -36.15 -47.67
N GLN D 187 -11.43 -37.34 -48.27
CA GLN D 187 -12.46 -38.34 -47.99
C GLN D 187 -11.88 -39.65 -47.52
N GLY D 188 -12.66 -40.37 -46.73
CA GLY D 188 -12.43 -41.76 -46.44
C GLY D 188 -13.27 -42.58 -47.39
N PHE D 189 -14.42 -43.06 -46.92
CA PHE D 189 -15.38 -43.68 -47.80
C PHE D 189 -16.20 -42.60 -48.50
N ILE D 190 -16.09 -42.52 -49.84
CA ILE D 190 -16.87 -41.57 -50.67
C ILE D 190 -18.25 -42.18 -50.89
N THR D 191 -19.23 -41.91 -50.03
CA THR D 191 -20.55 -42.53 -50.09
C THR D 191 -21.53 -41.76 -50.97
N ASP D 192 -21.18 -40.57 -51.46
CA ASP D 192 -21.98 -39.77 -52.39
C ASP D 192 -21.16 -39.37 -53.63
N PRO D 193 -20.62 -40.34 -54.40
CA PRO D 193 -19.67 -40.09 -55.49
C PRO D 193 -20.26 -39.18 -56.58
N THR D 268 -13.98 -52.39 -42.95
CA THR D 268 -13.10 -51.49 -42.22
C THR D 268 -12.36 -50.57 -43.18
N LEU D 269 -12.33 -49.28 -42.86
CA LEU D 269 -11.69 -48.30 -43.73
C LEU D 269 -10.24 -48.65 -43.97
N LYS D 270 -9.64 -49.44 -43.07
CA LYS D 270 -8.28 -49.92 -43.26
C LYS D 270 -8.10 -50.59 -44.61
N GLU D 271 -9.19 -50.91 -45.31
CA GLU D 271 -9.13 -51.41 -46.67
C GLU D 271 -8.29 -50.52 -47.59
N ALA D 272 -7.97 -49.30 -47.15
CA ALA D 272 -7.18 -48.41 -47.98
C ALA D 272 -5.93 -49.11 -48.52
N ASN D 273 -5.24 -49.85 -47.68
CA ASN D 273 -4.06 -50.59 -48.10
C ASN D 273 -4.06 -52.00 -47.54
N ALA D 295 -18.23 -46.97 -50.47
CA ALA D 295 -18.57 -47.15 -51.88
C ALA D 295 -17.32 -47.09 -52.74
N ILE D 296 -16.55 -46.01 -52.59
CA ILE D 296 -15.35 -45.80 -53.39
C ILE D 296 -14.23 -45.31 -52.48
N ILE D 297 -13.00 -45.61 -52.87
CA ILE D 297 -11.81 -45.14 -52.18
C ILE D 297 -10.80 -44.68 -53.22
N ALA D 298 -10.15 -43.55 -52.95
CA ALA D 298 -9.20 -42.96 -53.87
C ALA D 298 -7.85 -42.82 -53.18
N ARG D 299 -6.78 -43.05 -53.94
CA ARG D 299 -5.44 -42.94 -53.37
C ARG D 299 -5.05 -41.49 -53.11
N THR D 300 -5.71 -40.53 -53.74
CA THR D 300 -5.40 -39.13 -53.47
C THR D 300 -5.60 -38.79 -52.01
N ASP D 301 -6.60 -39.40 -51.37
CA ASP D 301 -6.80 -39.17 -49.95
C ASP D 301 -5.71 -39.85 -49.13
N LEU D 302 -5.17 -40.97 -49.60
CA LEU D 302 -4.01 -41.54 -48.94
C LEU D 302 -2.80 -40.62 -49.03
N LYS D 303 -2.60 -40.00 -50.20
CA LYS D 303 -1.51 -39.05 -50.34
C LYS D 303 -1.74 -37.83 -49.47
N LYS D 304 -2.97 -37.37 -49.37
CA LYS D 304 -3.29 -36.25 -48.50
C LYS D 304 -2.96 -36.59 -47.05
N ASN D 305 -3.34 -37.78 -46.62
CA ASN D 305 -2.95 -38.26 -45.30
C ASN D 305 -1.44 -38.19 -45.13
N ARG D 306 -0.71 -38.80 -46.06
CA ARG D 306 0.74 -38.84 -45.95
C ARG D 306 1.33 -37.44 -45.81
N ASP D 307 0.86 -36.50 -46.63
CA ASP D 307 1.50 -35.20 -46.72
C ASP D 307 1.13 -34.27 -45.56
N TYR D 308 0.01 -34.51 -44.89
CA TYR D 308 -0.47 -33.65 -43.82
C TYR D 308 -0.71 -34.49 -42.58
N PRO D 309 0.31 -34.64 -41.74
CA PRO D 309 0.17 -35.52 -40.58
C PRO D 309 -0.54 -34.89 -39.41
N LEU D 310 -0.88 -33.60 -39.48
CA LEU D 310 -1.59 -32.93 -38.41
C LEU D 310 -2.99 -32.50 -38.80
N ALA D 311 -3.55 -33.03 -39.87
CA ALA D 311 -4.84 -32.57 -40.35
C ALA D 311 -5.94 -32.81 -39.34
N SER D 312 -6.78 -31.80 -39.14
CA SER D 312 -7.93 -31.89 -38.24
C SER D 312 -9.05 -32.60 -38.96
N LYS D 313 -9.31 -33.84 -38.58
CA LYS D 313 -10.31 -34.66 -39.25
C LYS D 313 -11.36 -35.12 -38.25
N ASP D 314 -12.54 -35.43 -38.75
CA ASP D 314 -13.61 -36.10 -38.00
C ASP D 314 -13.48 -37.63 -38.10
N SER D 315 -14.42 -38.35 -37.47
CA SER D 315 -14.39 -39.81 -37.42
C SER D 315 -14.44 -40.42 -38.82
N GLN D 316 -15.13 -39.79 -39.75
CA GLN D 316 -15.23 -40.26 -41.11
C GLN D 316 -14.02 -39.92 -41.95
N LYS D 317 -12.98 -39.35 -41.36
CA LYS D 317 -11.74 -38.99 -42.03
C LYS D 317 -11.86 -37.73 -42.87
N GLN D 318 -12.93 -36.95 -42.71
CA GLN D 318 -13.15 -35.68 -43.43
C GLN D 318 -12.57 -34.52 -42.64
N LEU D 319 -12.17 -33.45 -43.30
CA LEU D 319 -11.68 -32.25 -42.60
C LEU D 319 -12.75 -31.67 -41.68
N LEU D 320 -12.35 -31.11 -40.53
CA LEU D 320 -13.24 -30.31 -39.71
C LEU D 320 -13.52 -28.95 -40.34
N CYS D 321 -14.77 -28.48 -40.23
CA CYS D 321 -15.15 -27.14 -40.63
C CYS D 321 -16.01 -26.47 -39.56
N GLY D 322 -15.72 -25.22 -39.23
CA GLY D 322 -16.62 -24.35 -38.48
C GLY D 322 -17.40 -23.40 -39.38
N ALA D 323 -18.50 -22.83 -38.89
CA ALA D 323 -19.25 -21.77 -39.55
C ALA D 323 -19.75 -20.73 -38.55
N ALA D 324 -19.99 -19.51 -39.01
CA ALA D 324 -20.65 -18.47 -38.24
C ALA D 324 -22.15 -18.39 -38.53
N VAL D 325 -22.93 -17.98 -37.53
CA VAL D 325 -24.33 -17.55 -37.69
C VAL D 325 -24.56 -16.34 -36.79
N GLY D 326 -25.54 -15.50 -37.11
CA GLY D 326 -25.99 -14.43 -36.21
C GLY D 326 -26.99 -14.91 -35.16
N THR D 327 -27.61 -13.95 -34.48
CA THR D 327 -28.62 -14.21 -33.44
C THR D 327 -30.01 -13.69 -33.84
N ARG D 328 -30.30 -13.59 -35.13
CA ARG D 328 -31.63 -13.22 -35.67
C ARG D 328 -32.48 -14.46 -35.91
N GLU D 329 -33.78 -14.28 -36.11
CA GLU D 329 -34.69 -15.40 -36.37
C GLU D 329 -34.32 -16.15 -37.67
N ASP D 330 -33.89 -15.45 -38.72
CA ASP D 330 -33.49 -16.07 -39.98
C ASP D 330 -32.17 -16.86 -39.91
N ASP D 331 -31.36 -16.67 -38.87
CA ASP D 331 -30.20 -17.54 -38.62
C ASP D 331 -30.61 -18.99 -38.30
N LYS D 332 -31.85 -19.24 -37.88
CA LYS D 332 -32.38 -20.60 -37.67
C LYS D 332 -32.45 -21.41 -38.96
N TYR D 333 -32.80 -20.77 -40.08
CA TYR D 333 -32.73 -21.39 -41.41
C TYR D 333 -31.29 -21.63 -41.88
N ARG D 334 -30.37 -20.67 -41.67
CA ARG D 334 -28.94 -20.89 -41.98
C ARG D 334 -28.44 -22.16 -41.32
N LEU D 335 -28.69 -22.30 -40.03
CA LEU D 335 -28.18 -23.42 -39.25
C LEU D 335 -28.76 -24.78 -39.67
N ASP D 336 -29.97 -24.82 -40.21
CA ASP D 336 -30.53 -26.01 -40.84
C ASP D 336 -29.69 -26.45 -42.05
N LEU D 337 -29.38 -25.53 -42.96
CA LEU D 337 -28.52 -25.83 -44.11
C LEU D 337 -27.10 -26.21 -43.69
N LEU D 338 -26.51 -25.53 -42.69
CA LEU D 338 -25.16 -25.82 -42.23
C LEU D 338 -25.04 -27.19 -41.57
N THR D 339 -26.05 -27.60 -40.81
CA THR D 339 -26.07 -28.94 -40.21
C THR D 339 -26.41 -30.03 -41.24
N GLN D 340 -27.13 -29.72 -42.33
CA GLN D 340 -27.22 -30.60 -43.50
C GLN D 340 -25.89 -30.71 -44.26
N ALA D 341 -25.15 -29.61 -44.41
CA ALA D 341 -23.83 -29.58 -45.06
C ALA D 341 -22.73 -30.28 -44.25
N GLY D 342 -22.97 -30.56 -42.97
CA GLY D 342 -22.10 -31.35 -42.11
C GLY D 342 -21.16 -30.55 -41.23
N VAL D 343 -21.50 -29.31 -40.88
CA VAL D 343 -20.63 -28.44 -40.04
C VAL D 343 -20.36 -29.08 -38.67
N ASP D 344 -19.13 -28.96 -38.17
CA ASP D 344 -18.70 -29.60 -36.93
C ASP D 344 -18.91 -28.71 -35.69
N VAL D 345 -18.83 -27.39 -35.86
CA VAL D 345 -18.84 -26.41 -34.78
C VAL D 345 -19.39 -25.06 -35.26
N ILE D 346 -20.02 -24.29 -34.38
CA ILE D 346 -20.64 -22.99 -34.67
C ILE D 346 -20.04 -21.89 -33.80
N VAL D 347 -19.88 -20.68 -34.34
CA VAL D 347 -19.70 -19.43 -33.57
C VAL D 347 -20.89 -18.50 -33.77
N LEU D 348 -21.39 -17.85 -32.70
CA LEU D 348 -22.56 -16.95 -32.80
C LEU D 348 -22.22 -15.47 -33.08
N ASP D 349 -20.93 -15.15 -33.16
CA ASP D 349 -20.40 -13.97 -33.87
C ASP D 349 -20.94 -12.58 -33.49
N SER D 350 -21.31 -12.36 -32.23
CA SER D 350 -21.67 -11.02 -31.72
C SER D 350 -20.44 -10.18 -31.38
N SER D 351 -20.54 -8.86 -31.47
CA SER D 351 -19.63 -7.89 -30.82
C SER D 351 -19.67 -7.98 -29.29
N GLN D 352 -20.86 -8.25 -28.74
CA GLN D 352 -21.13 -8.31 -27.31
C GLN D 352 -22.09 -9.49 -27.07
N GLY D 353 -21.54 -10.64 -26.70
CA GLY D 353 -22.27 -11.90 -26.61
C GLY D 353 -23.20 -12.05 -25.42
N ASN D 354 -23.08 -11.20 -24.41
CA ASN D 354 -23.91 -11.27 -23.22
C ASN D 354 -25.27 -10.59 -23.43
N SER D 355 -26.13 -11.24 -24.21
CA SER D 355 -27.43 -10.70 -24.61
C SER D 355 -28.50 -11.76 -24.61
N VAL D 356 -29.75 -11.36 -24.38
CA VAL D 356 -30.91 -12.26 -24.49
C VAL D 356 -31.01 -12.91 -25.87
N TYR D 357 -30.62 -12.21 -26.93
CA TYR D 357 -30.63 -12.73 -28.29
C TYR D 357 -29.67 -13.89 -28.47
N GLN D 358 -28.46 -13.79 -27.94
CA GLN D 358 -27.49 -14.87 -28.02
C GLN D 358 -27.81 -16.00 -27.06
N ILE D 359 -28.26 -15.73 -25.84
CA ILE D 359 -28.65 -16.76 -24.87
C ILE D 359 -29.83 -17.57 -25.40
N ALA D 360 -30.86 -16.93 -25.96
CA ALA D 360 -31.96 -17.61 -26.62
C ALA D 360 -31.48 -18.48 -27.79
N MET D 361 -30.51 -18.00 -28.58
CA MET D 361 -29.91 -18.78 -29.66
C MET D 361 -29.14 -20.00 -29.13
N VAL D 362 -28.31 -19.87 -28.09
CA VAL D 362 -27.59 -21.02 -27.49
C VAL D 362 -28.56 -22.09 -27.00
N HIS D 363 -29.64 -21.70 -26.30
CA HIS D 363 -30.68 -22.65 -25.85
C HIS D 363 -31.41 -23.31 -27.01
N TYR D 364 -31.74 -22.58 -28.06
CA TYR D 364 -32.37 -23.15 -29.25
C TYR D 364 -31.47 -24.18 -29.95
N ILE D 365 -30.18 -23.90 -30.09
CA ILE D 365 -29.25 -24.81 -30.77
C ILE D 365 -29.08 -26.08 -29.95
N LYS D 366 -28.78 -25.98 -28.65
CA LYS D 366 -28.61 -27.15 -27.79
C LYS D 366 -29.87 -28.01 -27.67
N GLN D 367 -31.05 -27.44 -27.89
CA GLN D 367 -32.29 -28.20 -27.98
C GLN D 367 -32.42 -28.95 -29.31
N LYS D 368 -32.23 -28.28 -30.45
CA LYS D 368 -32.48 -28.86 -31.78
C LYS D 368 -31.36 -29.75 -32.33
N TYR D 369 -30.10 -29.40 -32.01
CA TYR D 369 -28.91 -30.09 -32.48
C TYR D 369 -28.00 -30.43 -31.29
N PRO D 370 -28.40 -31.34 -30.39
CA PRO D 370 -27.73 -31.58 -29.11
C PRO D 370 -26.27 -32.09 -29.23
N HIS D 371 -25.89 -32.64 -30.38
CA HIS D 371 -24.52 -33.11 -30.65
C HIS D 371 -23.62 -32.04 -31.30
N LEU D 372 -24.18 -30.89 -31.68
CA LEU D 372 -23.44 -29.78 -32.26
C LEU D 372 -22.69 -28.99 -31.18
N GLN D 373 -21.47 -28.55 -31.50
CA GLN D 373 -20.65 -27.76 -30.60
C GLN D 373 -20.85 -26.27 -30.88
N VAL D 374 -21.12 -25.48 -29.85
CA VAL D 374 -21.38 -24.03 -29.97
C VAL D 374 -20.36 -23.25 -29.18
N ILE D 375 -19.66 -22.35 -29.85
CA ILE D 375 -18.76 -21.39 -29.25
C ILE D 375 -19.49 -20.06 -29.19
N GLY D 376 -19.53 -19.45 -28.01
CA GLY D 376 -20.45 -18.34 -27.70
C GLY D 376 -20.34 -17.14 -28.62
N GLY D 377 -19.69 -16.08 -28.19
CA GLY D 377 -19.67 -14.81 -28.91
C GLY D 377 -19.02 -13.79 -28.02
N ASN D 378 -18.56 -12.67 -28.56
CA ASN D 378 -17.44 -12.00 -27.91
C ASN D 378 -17.73 -11.51 -26.48
N VAL D 379 -16.85 -11.89 -25.57
CA VAL D 379 -16.87 -11.52 -24.15
C VAL D 379 -15.48 -11.06 -23.71
N VAL D 380 -15.41 -10.22 -22.69
CA VAL D 380 -14.15 -9.71 -22.11
C VAL D 380 -14.16 -9.65 -20.58
N THR D 381 -15.24 -10.07 -19.93
CA THR D 381 -15.35 -10.12 -18.46
C THR D 381 -15.90 -11.46 -17.99
N ALA D 382 -15.57 -11.83 -16.76
CA ALA D 382 -16.09 -13.04 -16.14
C ALA D 382 -17.63 -13.02 -16.00
N ALA D 383 -18.23 -11.86 -15.80
CA ALA D 383 -19.69 -11.71 -15.70
C ALA D 383 -20.41 -12.02 -17.02
N GLN D 384 -19.83 -11.66 -18.16
CA GLN D 384 -20.34 -12.08 -19.46
C GLN D 384 -20.14 -13.58 -19.67
N ALA D 385 -18.99 -14.13 -19.31
CA ALA D 385 -18.68 -15.54 -19.45
C ALA D 385 -19.62 -16.43 -18.63
N LYS D 386 -20.01 -16.01 -17.42
CA LYS D 386 -20.97 -16.72 -16.57
C LYS D 386 -22.29 -17.01 -17.27
N ASN D 387 -22.95 -16.01 -17.84
CA ASN D 387 -24.28 -16.22 -18.45
C ASN D 387 -24.23 -17.12 -19.69
N LEU D 388 -23.14 -17.12 -20.45
CA LEU D 388 -22.98 -17.98 -21.61
C LEU D 388 -22.56 -19.41 -21.26
N ILE D 389 -21.68 -19.60 -20.27
CA ILE D 389 -21.40 -20.92 -19.70
C ILE D 389 -22.67 -21.49 -19.06
N ASP D 390 -23.50 -20.70 -18.38
CA ASP D 390 -24.79 -21.12 -17.84
C ASP D 390 -25.82 -21.45 -18.93
N ALA D 391 -25.79 -20.79 -20.08
CA ALA D 391 -26.60 -21.16 -21.24
C ALA D 391 -26.14 -22.48 -21.89
N GLY D 392 -24.90 -22.92 -21.65
CA GLY D 392 -24.39 -24.22 -22.08
C GLY D 392 -23.51 -24.20 -23.34
N VAL D 393 -22.79 -23.11 -23.60
CA VAL D 393 -21.77 -23.10 -24.67
C VAL D 393 -20.64 -24.09 -24.38
N ASP D 394 -20.01 -24.61 -25.43
CA ASP D 394 -18.88 -25.54 -25.35
C ASP D 394 -17.51 -24.84 -25.47
N GLY D 395 -17.50 -23.56 -25.83
CA GLY D 395 -16.34 -22.68 -25.90
C GLY D 395 -16.75 -21.22 -25.81
N LEU D 396 -15.81 -20.32 -25.51
CA LEU D 396 -16.04 -18.88 -25.58
C LEU D 396 -14.97 -18.19 -26.44
N ARG D 397 -15.36 -17.12 -27.12
CA ARG D 397 -14.50 -16.29 -27.97
C ARG D 397 -14.26 -14.95 -27.29
N VAL D 398 -13.01 -14.58 -27.09
CA VAL D 398 -12.63 -13.50 -26.18
C VAL D 398 -11.90 -12.38 -26.92
N GLY D 399 -12.44 -11.18 -26.80
CA GLY D 399 -11.84 -9.96 -27.34
C GLY D 399 -12.90 -8.95 -27.75
N MET D 400 -12.74 -7.69 -27.36
CA MET D 400 -13.66 -6.62 -27.72
C MET D 400 -12.88 -5.32 -27.88
N GLY D 401 -12.87 -4.79 -29.09
CA GLY D 401 -12.23 -3.51 -29.37
C GLY D 401 -10.75 -3.60 -29.78
N CYS D 402 -10.06 -4.66 -29.39
CA CYS D 402 -8.85 -5.10 -30.07
C CYS D 402 -9.21 -5.65 -31.47
N GLY D 403 -8.19 -6.08 -32.21
CA GLY D 403 -8.35 -6.50 -33.60
C GLY D 403 -7.97 -5.36 -34.53
N SER D 404 -7.11 -5.61 -35.52
CA SER D 404 -6.44 -4.54 -36.25
C SER D 404 -7.37 -3.60 -37.04
N ILE D 405 -8.44 -4.12 -37.62
CA ILE D 405 -9.48 -3.37 -38.36
C ILE D 405 -10.57 -2.76 -37.46
N CYS D 406 -10.45 -2.84 -36.14
CA CYS D 406 -11.48 -2.43 -35.19
C CYS D 406 -11.42 -0.93 -34.81
N ILE D 407 -12.59 -0.31 -34.58
CA ILE D 407 -12.72 1.04 -33.99
C ILE D 407 -13.79 1.11 -32.87
N THR D 408 -14.31 -0.02 -32.39
CA THR D 408 -15.37 -0.10 -31.36
C THR D 408 -15.07 0.70 -30.09
N GLN D 409 -13.83 0.76 -29.62
CA GLN D 409 -13.50 1.51 -28.39
C GLN D 409 -13.72 3.02 -28.54
N GLU D 410 -13.32 3.61 -29.67
CA GLU D 410 -13.49 5.05 -29.94
C GLU D 410 -14.93 5.44 -30.30
N VAL D 411 -15.72 4.51 -30.84
CA VAL D 411 -17.12 4.75 -31.21
C VAL D 411 -18.08 4.51 -30.04
N MET D 412 -17.84 3.48 -29.22
CA MET D 412 -18.83 2.94 -28.27
C MET D 412 -18.41 3.07 -26.80
N ALA D 413 -17.16 3.46 -26.52
CA ALA D 413 -16.49 3.43 -25.20
C ALA D 413 -16.30 2.05 -24.55
N CYS D 414 -16.92 0.98 -25.04
CA CYS D 414 -16.70 -0.37 -24.54
C CYS D 414 -15.50 -1.08 -25.13
N GLY D 415 -14.91 -1.95 -24.32
CA GLY D 415 -13.90 -2.91 -24.72
C GLY D 415 -13.08 -3.36 -23.53
N ARG D 416 -11.96 -4.05 -23.79
CA ARG D 416 -10.94 -4.31 -22.77
C ARG D 416 -9.57 -4.53 -23.40
N PRO D 417 -8.46 -4.16 -22.75
CA PRO D 417 -7.11 -4.54 -23.18
C PRO D 417 -6.98 -6.07 -23.24
N GLN D 418 -6.51 -6.60 -24.37
CA GLN D 418 -6.73 -8.01 -24.70
C GLN D 418 -5.98 -8.99 -23.79
N GLY D 419 -4.83 -8.63 -23.23
CA GLY D 419 -4.14 -9.47 -22.27
C GLY D 419 -4.96 -9.73 -21.02
N THR D 420 -5.47 -8.67 -20.42
CA THR D 420 -6.30 -8.80 -19.23
C THR D 420 -7.57 -9.59 -19.52
N ALA D 421 -8.21 -9.31 -20.65
CA ALA D 421 -9.43 -9.98 -21.05
C ALA D 421 -9.22 -11.49 -21.19
N VAL D 422 -8.13 -11.88 -21.84
CA VAL D 422 -7.80 -13.30 -21.98
C VAL D 422 -7.55 -13.92 -20.63
N TYR D 423 -6.70 -13.30 -19.82
CA TYR D 423 -6.39 -13.86 -18.52
C TYR D 423 -7.65 -14.06 -17.67
N LYS D 424 -8.48 -13.01 -17.53
CA LYS D 424 -9.62 -13.00 -16.61
C LYS D 424 -10.73 -13.92 -17.08
N VAL D 425 -11.07 -13.93 -18.37
CA VAL D 425 -12.07 -14.85 -18.89
C VAL D 425 -11.59 -16.29 -18.84
N ALA D 426 -10.32 -16.57 -19.13
CA ALA D 426 -9.84 -17.94 -19.07
C ALA D 426 -9.78 -18.46 -17.65
N GLU D 427 -9.32 -17.62 -16.72
CA GLU D 427 -9.30 -18.01 -15.32
C GLU D 427 -10.70 -18.35 -14.83
N TYR D 428 -11.72 -17.61 -15.23
CA TYR D 428 -13.10 -17.95 -14.87
C TYR D 428 -13.57 -19.22 -15.57
N ALA D 429 -13.31 -19.35 -16.88
CA ALA D 429 -13.89 -20.44 -17.65
C ALA D 429 -13.26 -21.78 -17.35
N ARG D 430 -12.03 -21.81 -16.83
CA ARG D 430 -11.42 -23.09 -16.49
C ARG D 430 -12.05 -23.73 -15.26
N ARG D 431 -12.75 -22.97 -14.42
CA ARG D 431 -13.49 -23.57 -13.32
C ARG D 431 -14.63 -24.45 -13.78
N PHE D 432 -14.97 -24.39 -15.06
CA PHE D 432 -16.05 -25.17 -15.62
C PHE D 432 -15.58 -26.02 -16.79
N GLY D 433 -14.28 -26.06 -17.02
CA GLY D 433 -13.70 -26.83 -18.10
C GLY D 433 -14.08 -26.37 -19.47
N VAL D 434 -14.07 -25.06 -19.72
CA VAL D 434 -14.44 -24.49 -21.00
C VAL D 434 -13.21 -23.83 -21.60
N PRO D 435 -12.84 -24.16 -22.83
CA PRO D 435 -11.69 -23.52 -23.47
C PRO D 435 -12.04 -22.14 -24.02
N ILE D 436 -11.01 -21.33 -24.16
CA ILE D 436 -11.13 -19.94 -24.58
C ILE D 436 -10.39 -19.75 -25.89
N ILE D 437 -11.00 -19.04 -26.84
CA ILE D 437 -10.33 -18.56 -28.06
C ILE D 437 -9.91 -17.11 -27.82
N ALA D 438 -8.63 -16.81 -27.95
CA ALA D 438 -8.12 -15.44 -27.91
C ALA D 438 -8.24 -14.85 -29.30
N ASP D 439 -9.08 -13.85 -29.49
CA ASP D 439 -9.41 -13.30 -30.81
C ASP D 439 -8.99 -11.84 -30.98
N GLY D 440 -8.11 -11.57 -31.95
CA GLY D 440 -7.72 -10.23 -32.38
C GLY D 440 -6.51 -9.63 -31.65
N GLY D 441 -5.78 -8.76 -32.34
CA GLY D 441 -4.55 -8.13 -31.84
C GLY D 441 -3.29 -8.96 -32.00
N ILE D 442 -3.37 -10.08 -32.72
CA ILE D 442 -2.28 -11.03 -32.87
C ILE D 442 -1.44 -10.64 -34.09
N GLN D 443 -0.35 -9.93 -33.85
CA GLN D 443 0.58 -9.45 -34.87
C GLN D 443 1.88 -10.25 -35.01
N THR D 444 2.29 -11.02 -34.00
CA THR D 444 3.63 -11.63 -33.92
C THR D 444 3.51 -13.00 -33.29
N VAL D 445 4.49 -13.89 -33.50
CA VAL D 445 4.47 -15.19 -32.84
C VAL D 445 4.60 -15.07 -31.32
N GLY D 446 5.29 -14.03 -30.82
CA GLY D 446 5.32 -13.70 -29.41
C GLY D 446 3.95 -13.35 -28.84
N HIS D 447 3.09 -12.67 -29.58
CA HIS D 447 1.70 -12.46 -29.17
C HIS D 447 0.94 -13.79 -29.06
N VAL D 448 1.17 -14.76 -29.96
CA VAL D 448 0.49 -16.04 -29.85
C VAL D 448 0.95 -16.77 -28.60
N VAL D 449 2.26 -16.81 -28.35
CA VAL D 449 2.83 -17.47 -27.18
C VAL D 449 2.32 -16.83 -25.89
N LYS D 450 2.26 -15.49 -25.84
CA LYS D 450 1.69 -14.76 -24.70
C LYS D 450 0.23 -15.06 -24.47
N ALA D 451 -0.61 -14.99 -25.49
CA ALA D 451 -2.01 -15.33 -25.33
C ALA D 451 -2.18 -16.75 -24.82
N LEU D 452 -1.41 -17.69 -25.34
CA LEU D 452 -1.53 -19.07 -24.88
C LEU D 452 -1.06 -19.22 -23.44
N ALA D 453 -0.02 -18.48 -23.06
CA ALA D 453 0.48 -18.55 -21.69
C ALA D 453 -0.50 -17.96 -20.71
N LEU D 454 -1.28 -16.97 -21.12
CA LEU D 454 -2.25 -16.35 -20.24
C LEU D 454 -3.49 -17.20 -20.03
N GLY D 455 -3.58 -18.36 -20.65
CA GLY D 455 -4.68 -19.26 -20.44
C GLY D 455 -5.54 -19.56 -21.65
N ALA D 456 -5.29 -18.96 -22.80
CA ALA D 456 -6.05 -19.31 -23.99
C ALA D 456 -5.70 -20.70 -24.46
N SER D 457 -6.69 -21.39 -25.02
CA SER D 457 -6.43 -22.68 -25.63
C SER D 457 -6.14 -22.59 -27.11
N THR D 458 -6.78 -21.64 -27.80
CA THR D 458 -6.55 -21.42 -29.21
C THR D 458 -6.46 -19.92 -29.44
N VAL D 459 -5.97 -19.56 -30.62
CA VAL D 459 -5.81 -18.17 -31.02
C VAL D 459 -6.42 -18.01 -32.39
N MET D 460 -7.27 -17.01 -32.56
CA MET D 460 -7.93 -16.74 -33.82
C MET D 460 -7.28 -15.52 -34.45
N MET D 461 -6.74 -15.69 -35.67
CA MET D 461 -6.05 -14.62 -36.36
C MET D 461 -6.87 -14.15 -37.54
N GLY D 462 -7.05 -12.85 -37.70
CA GLY D 462 -7.62 -12.22 -38.86
C GLY D 462 -6.54 -11.68 -39.77
N SER D 463 -5.94 -10.56 -39.38
CA SER D 463 -4.95 -9.82 -40.15
C SER D 463 -3.73 -10.65 -40.52
N LEU D 464 -3.22 -11.45 -39.60
CA LEU D 464 -2.04 -12.27 -39.84
C LEU D 464 -2.28 -13.37 -40.90
N LEU D 465 -3.53 -13.70 -41.23
CA LEU D 465 -3.88 -14.62 -42.31
C LEU D 465 -4.45 -13.93 -43.55
N ALA D 466 -4.83 -12.65 -43.45
CA ALA D 466 -5.25 -11.85 -44.58
C ALA D 466 -4.09 -11.67 -45.59
N ALA D 467 -4.43 -11.58 -46.88
CA ALA D 467 -3.49 -11.56 -48.00
C ALA D 467 -2.50 -12.74 -48.05
N THR D 468 -2.85 -13.88 -47.45
CA THR D 468 -2.32 -15.17 -47.95
C THR D 468 -3.07 -15.55 -49.22
N THR D 469 -2.56 -16.49 -50.03
CA THR D 469 -3.18 -16.80 -51.32
C THR D 469 -4.56 -17.46 -51.18
N GLU D 470 -4.78 -18.22 -50.12
CA GLU D 470 -6.06 -18.85 -49.79
C GLU D 470 -7.11 -17.88 -49.22
N ALA D 471 -6.73 -16.68 -48.79
CA ALA D 471 -7.69 -15.67 -48.36
C ALA D 471 -8.55 -15.18 -49.55
N PRO D 472 -9.86 -14.92 -49.39
CA PRO D 472 -10.75 -14.51 -50.47
C PRO D 472 -10.33 -13.23 -51.21
N GLY D 473 -10.81 -13.07 -52.43
CA GLY D 473 -10.53 -11.91 -53.29
C GLY D 473 -9.18 -11.98 -54.00
N GLU D 474 -8.85 -10.94 -54.77
CA GLU D 474 -7.73 -10.92 -55.71
C GLU D 474 -6.72 -9.80 -55.43
N TYR D 475 -5.44 -10.03 -55.74
CA TYR D 475 -4.37 -9.03 -55.58
C TYR D 475 -4.46 -7.88 -56.59
N PHE D 476 -4.00 -6.67 -56.23
CA PHE D 476 -4.19 -5.46 -57.06
C PHE D 476 -3.02 -4.46 -57.18
N PHE D 477 -1.87 -4.69 -56.55
CA PHE D 477 -0.59 -3.98 -56.79
C PHE D 477 -0.57 -2.43 -56.64
N SER D 478 -1.63 -1.79 -56.14
CA SER D 478 -1.89 -0.36 -56.41
C SER D 478 -0.82 0.60 -55.87
N ASP D 479 -0.35 0.42 -54.63
CA ASP D 479 0.65 1.31 -54.00
C ASP D 479 2.12 0.94 -54.35
N GLY D 480 2.35 0.18 -55.43
CA GLY D 480 3.67 -0.32 -55.81
C GLY D 480 4.13 -1.55 -55.01
N VAL D 481 3.27 -2.10 -54.14
CA VAL D 481 3.43 -3.39 -53.45
C VAL D 481 2.18 -4.25 -53.65
N ARG D 482 2.33 -5.57 -53.68
CA ARG D 482 1.22 -6.53 -53.89
C ARG D 482 0.36 -6.62 -52.62
N LEU D 483 -0.95 -6.40 -52.76
CA LEU D 483 -1.91 -6.20 -51.65
C LEU D 483 -3.24 -6.96 -51.90
N LYS D 484 -3.91 -7.40 -50.83
CA LYS D 484 -5.35 -7.75 -50.84
C LYS D 484 -6.12 -6.85 -49.87
N LYS D 485 -7.41 -6.65 -50.11
CA LYS D 485 -8.32 -5.94 -49.19
C LYS D 485 -8.55 -6.77 -47.91
N TYR D 486 -8.70 -6.10 -46.78
CA TYR D 486 -8.98 -6.69 -45.47
C TYR D 486 -9.92 -5.74 -44.73
N ARG D 487 -11.19 -6.13 -44.52
CA ARG D 487 -12.27 -5.13 -44.42
C ARG D 487 -12.89 -4.87 -43.03
N GLY D 488 -12.90 -5.83 -42.12
CA GLY D 488 -13.71 -5.73 -40.88
C GLY D 488 -15.22 -5.84 -41.13
N MET D 489 -15.92 -6.67 -40.37
CA MET D 489 -17.32 -7.05 -40.64
C MET D 489 -18.36 -6.00 -40.22
N GLY D 490 -17.98 -5.08 -39.35
CA GLY D 490 -18.71 -3.87 -38.99
C GLY D 490 -18.22 -2.62 -39.72
N SER D 491 -17.37 -2.74 -40.75
CA SER D 491 -17.17 -1.63 -41.70
C SER D 491 -18.40 -1.47 -42.57
N LEU D 492 -18.63 -0.27 -43.09
CA LEU D 492 -19.78 -0.02 -43.97
C LEU D 492 -19.54 -0.48 -45.41
N ASP D 493 -18.29 -0.75 -45.78
CA ASP D 493 -17.91 -1.55 -46.92
C ASP D 493 -18.52 -2.97 -46.87
N ALA D 494 -18.45 -3.65 -45.72
CA ALA D 494 -19.09 -4.95 -45.53
C ALA D 494 -20.63 -4.85 -45.57
N VAL D 512 -30.04 5.20 -39.29
CA VAL D 512 -28.58 5.37 -39.25
C VAL D 512 -27.88 4.05 -38.95
N LYS D 513 -26.83 3.73 -39.70
CA LYS D 513 -25.90 2.61 -39.43
C LYS D 513 -24.49 3.15 -39.23
N ILE D 514 -23.88 2.85 -38.08
CA ILE D 514 -22.57 3.35 -37.67
C ILE D 514 -21.49 2.29 -37.91
N ALA D 515 -20.35 2.67 -38.47
CA ALA D 515 -19.23 1.75 -38.61
C ALA D 515 -18.61 1.40 -37.25
N GLN D 516 -18.24 0.13 -37.08
CA GLN D 516 -17.41 -0.35 -35.97
C GLN D 516 -16.06 -0.89 -36.44
N GLY D 517 -15.79 -0.88 -37.73
CA GLY D 517 -14.52 -1.28 -38.32
C GLY D 517 -14.15 -0.44 -39.53
N VAL D 518 -12.88 -0.47 -39.91
CA VAL D 518 -12.33 0.24 -41.07
C VAL D 518 -11.99 -0.75 -42.17
N SER D 519 -12.37 -0.42 -43.41
CA SER D 519 -11.92 -1.23 -44.55
C SER D 519 -10.51 -0.82 -44.95
N GLY D 520 -9.61 -1.77 -45.10
CA GLY D 520 -8.21 -1.52 -45.38
C GLY D 520 -7.55 -2.55 -46.29
N SER D 521 -6.23 -2.56 -46.27
CA SER D 521 -5.40 -3.28 -47.22
C SER D 521 -4.19 -3.89 -46.53
N ILE D 522 -3.75 -5.07 -46.98
CA ILE D 522 -2.69 -5.88 -46.36
C ILE D 522 -1.77 -6.42 -47.45
N GLN D 523 -0.46 -6.40 -47.19
CA GLN D 523 0.57 -6.91 -48.11
C GLN D 523 0.57 -8.43 -48.22
N ASP D 524 0.86 -8.96 -49.42
CA ASP D 524 0.97 -10.40 -49.70
C ASP D 524 1.94 -11.16 -48.79
N LYS D 525 1.55 -12.36 -48.36
CA LYS D 525 2.36 -13.29 -47.54
C LYS D 525 2.55 -14.70 -48.14
N GLY D 526 2.06 -14.96 -49.35
CA GLY D 526 2.13 -16.30 -49.95
C GLY D 526 1.11 -17.27 -49.35
N SER D 527 1.34 -18.58 -49.41
CA SER D 527 0.34 -19.57 -48.94
C SER D 527 0.35 -19.80 -47.43
N ILE D 528 -0.81 -20.18 -46.89
CA ILE D 528 -0.97 -20.68 -45.53
C ILE D 528 0.00 -21.85 -45.28
N GLN D 529 0.20 -22.72 -46.25
CA GLN D 529 1.04 -23.91 -46.09
C GLN D 529 2.55 -23.65 -45.99
N LYS D 530 3.03 -22.43 -46.28
CA LYS D 530 4.42 -22.05 -46.08
C LYS D 530 4.57 -21.10 -44.89
N PHE D 531 3.47 -20.64 -44.33
CA PHE D 531 3.42 -19.63 -43.29
C PHE D 531 2.94 -20.19 -41.94
N VAL D 532 2.10 -21.22 -41.94
CA VAL D 532 1.64 -21.81 -40.69
C VAL D 532 2.74 -22.64 -40.05
N PRO D 533 3.58 -23.42 -40.79
CA PRO D 533 4.68 -24.14 -40.16
C PRO D 533 5.74 -23.20 -39.57
N TYR D 534 5.89 -21.98 -40.09
CA TYR D 534 6.64 -20.92 -39.43
C TYR D 534 6.04 -20.53 -38.07
N LEU D 535 4.72 -20.36 -37.96
CA LEU D 535 4.13 -20.04 -36.67
C LEU D 535 4.26 -21.20 -35.70
N ILE D 536 4.16 -22.42 -36.21
CA ILE D 536 4.30 -23.59 -35.35
C ILE D 536 5.71 -23.68 -34.80
N ALA D 537 6.73 -23.46 -35.64
CA ALA D 537 8.12 -23.46 -35.24
C ALA D 537 8.43 -22.33 -34.25
N GLY D 538 7.86 -21.15 -34.44
CA GLY D 538 7.96 -20.05 -33.50
C GLY D 538 7.26 -20.35 -32.16
N ILE D 539 6.08 -20.99 -32.14
CA ILE D 539 5.47 -21.38 -30.88
C ILE D 539 6.31 -22.42 -30.16
N GLN D 540 6.83 -23.40 -30.89
CA GLN D 540 7.64 -24.43 -30.26
C GLN D 540 8.90 -23.84 -29.64
N HIS D 541 9.58 -22.91 -30.32
CA HIS D 541 10.79 -22.31 -29.76
C HIS D 541 10.50 -21.36 -28.59
N GLY D 542 9.38 -20.65 -28.62
CA GLY D 542 8.89 -19.91 -27.46
C GLY D 542 8.63 -20.83 -26.27
N CYS D 543 7.99 -21.98 -26.47
CA CYS D 543 7.73 -22.90 -25.37
C CYS D 543 9.01 -23.56 -24.87
N GLN D 544 10.00 -23.78 -25.74
CA GLN D 544 11.26 -24.37 -25.32
C GLN D 544 12.06 -23.44 -24.40
N ASP D 545 12.17 -22.14 -24.68
CA ASP D 545 12.89 -21.21 -23.80
C ASP D 545 12.22 -20.98 -22.45
N ILE D 546 10.90 -21.17 -22.37
CA ILE D 546 10.12 -21.22 -21.13
C ILE D 546 10.34 -22.53 -20.35
N GLY D 547 10.71 -23.62 -21.01
CA GLY D 547 10.82 -24.94 -20.40
C GLY D 547 9.51 -25.74 -20.35
N ALA D 548 8.52 -25.37 -21.16
CA ALA D 548 7.24 -26.05 -21.27
C ALA D 548 7.32 -27.11 -22.36
N ARG D 549 7.16 -28.38 -22.01
CA ARG D 549 7.16 -29.50 -22.96
C ARG D 549 5.89 -29.53 -23.83
N SER D 550 4.84 -28.82 -23.44
CA SER D 550 3.60 -28.76 -24.19
C SER D 550 2.84 -27.51 -23.77
N LEU D 551 1.77 -27.20 -24.49
CA LEU D 551 0.96 -26.04 -24.15
C LEU D 551 0.15 -26.27 -22.89
N SER D 552 -0.30 -27.50 -22.69
CA SER D 552 -0.91 -27.89 -21.42
C SER D 552 0.02 -27.65 -20.26
N VAL D 553 1.28 -28.08 -20.37
CA VAL D 553 2.30 -27.88 -19.33
C VAL D 553 2.53 -26.39 -19.12
N LEU D 554 2.46 -25.58 -20.18
CA LEU D 554 2.62 -24.14 -20.07
C LEU D 554 1.52 -23.53 -19.22
N ARG D 555 0.26 -23.82 -19.55
CA ARG D 555 -0.83 -23.27 -18.76
C ARG D 555 -0.83 -23.78 -17.33
N SER D 556 -0.45 -25.05 -17.14
CA SER D 556 -0.25 -25.65 -15.81
C SER D 556 0.79 -24.90 -14.98
N MET D 557 1.96 -24.58 -15.56
CA MET D 557 2.98 -23.75 -14.92
C MET D 557 2.48 -22.33 -14.63
N MET D 558 1.60 -21.77 -15.45
CA MET D 558 1.09 -20.44 -15.18
C MET D 558 0.11 -20.46 -14.01
N TYR D 559 -0.86 -21.36 -14.01
CA TYR D 559 -1.85 -21.35 -12.93
C TYR D 559 -1.25 -21.71 -11.59
N SER D 560 -0.16 -22.48 -11.56
CA SER D 560 0.52 -22.93 -10.34
C SER D 560 1.58 -21.95 -9.82
N GLY D 561 1.83 -20.81 -10.46
CA GLY D 561 2.81 -19.86 -10.03
C GLY D 561 4.23 -20.14 -10.50
N GLU D 562 4.50 -21.29 -11.11
CA GLU D 562 5.85 -21.62 -11.54
C GLU D 562 6.35 -20.65 -12.62
N LEU D 563 5.47 -20.29 -13.56
CA LEU D 563 5.80 -19.36 -14.62
C LEU D 563 5.77 -17.94 -14.08
N LYS D 564 6.81 -17.18 -14.43
CA LYS D 564 7.00 -15.83 -13.92
C LYS D 564 6.91 -14.81 -15.04
N PHE D 565 6.43 -13.61 -14.70
CA PHE D 565 6.20 -12.56 -15.67
C PHE D 565 6.92 -11.31 -15.23
N GLU D 566 7.11 -10.41 -16.17
CA GLU D 566 7.77 -9.15 -15.90
C GLU D 566 7.05 -8.08 -16.69
N LYS D 567 6.69 -6.99 -16.03
CA LYS D 567 6.09 -5.86 -16.73
C LYS D 567 7.16 -5.06 -17.46
N ARG D 568 6.75 -4.32 -18.49
CA ARG D 568 7.63 -3.51 -19.33
C ARG D 568 7.21 -2.05 -19.26
N THR D 569 8.18 -1.16 -19.13
CA THR D 569 7.92 0.25 -19.34
C THR D 569 7.94 0.55 -20.83
N MET D 570 7.76 1.80 -21.20
CA MET D 570 7.85 2.13 -22.61
C MET D 570 9.29 2.05 -23.12
N SER D 571 10.24 2.52 -22.32
CA SER D 571 11.63 2.38 -22.71
C SER D 571 12.01 0.92 -22.82
N ALA D 572 11.43 0.05 -21.99
CA ALA D 572 11.63 -1.39 -22.10
C ALA D 572 11.07 -1.96 -23.40
N GLN D 573 9.87 -1.58 -23.85
CA GLN D 573 9.40 -2.02 -25.18
C GLN D 573 10.24 -1.40 -26.31
N ILE D 574 10.79 -0.18 -26.16
CA ILE D 574 11.72 0.32 -27.18
C ILE D 574 12.96 -0.57 -27.25
N GLU D 575 13.55 -0.90 -26.09
CA GLU D 575 14.70 -1.82 -25.97
C GLU D 575 14.41 -3.24 -26.48
N GLY D 576 13.17 -3.72 -26.40
CA GLY D 576 12.78 -5.01 -26.95
C GLY D 576 12.60 -5.04 -28.48
N GLY D 577 12.57 -3.87 -29.12
CA GLY D 577 12.65 -3.71 -30.58
C GLY D 577 14.10 -3.57 -31.08
N VAL D 578 14.24 -3.11 -32.31
CA VAL D 578 15.53 -2.76 -32.94
C VAL D 578 15.97 -1.35 -32.51
N HIS D 579 17.25 -1.14 -32.16
CA HIS D 579 17.75 0.15 -31.64
C HIS D 579 18.41 1.01 -32.74
N GLY D 580 19.47 1.78 -32.41
CA GLY D 580 20.16 2.72 -33.29
C GLY D 580 20.98 2.14 -34.45
N LEU D 581 20.46 1.11 -35.14
CA LEU D 581 20.97 0.71 -36.45
C LEU D 581 20.69 1.81 -37.47
N HIS D 582 21.56 2.00 -38.46
CA HIS D 582 21.30 2.93 -39.55
C HIS D 582 20.15 2.44 -40.43
N SER D 583 20.21 1.16 -40.80
CA SER D 583 19.24 0.41 -41.61
C SER D 583 19.24 -1.06 -41.18
N TYR D 584 18.15 -1.79 -41.42
CA TYR D 584 18.13 -3.24 -41.24
C TYR D 584 17.16 -3.94 -42.20
N THR D 585 17.48 -5.20 -42.47
CA THR D 585 16.67 -6.18 -43.18
C THR D 585 16.18 -7.23 -42.19
N PHE D 586 14.89 -7.55 -42.23
CA PHE D 586 14.30 -8.66 -41.47
C PHE D 586 13.82 -9.76 -42.43
N LEU D 587 14.35 -10.97 -42.31
CA LEU D 587 13.79 -12.17 -42.94
C LEU D 587 13.28 -13.07 -41.80
N PRO D 588 11.99 -13.40 -41.69
CA PRO D 588 11.49 -14.13 -40.54
C PRO D 588 11.89 -15.62 -40.54
N PHE D 589 11.84 -16.29 -41.70
CA PHE D 589 12.20 -17.69 -41.87
C PHE D 589 12.79 -17.96 -43.26
N THR D 590 13.71 -18.93 -43.36
CA THR D 590 14.47 -19.23 -44.59
C THR D 590 13.87 -20.37 -45.44
N LYS D 591 13.15 -21.30 -44.79
CA LYS D 591 12.58 -22.53 -45.40
C LYS D 591 11.14 -22.77 -44.94
N GLY E 28 -34.56 -7.95 -6.27
CA GLY E 28 -33.51 -7.25 -5.54
C GLY E 28 -34.07 -6.36 -4.45
N HIS E 29 -33.27 -6.09 -3.43
CA HIS E 29 -33.76 -5.30 -2.32
C HIS E 29 -33.81 -3.82 -2.71
N GLU E 30 -34.55 -3.05 -1.92
CA GLU E 30 -34.59 -1.61 -2.08
C GLU E 30 -33.55 -0.97 -1.18
N THR E 31 -32.87 0.06 -1.67
CA THR E 31 -31.84 0.75 -0.88
C THR E 31 -32.44 1.73 0.13
N ALA E 32 -31.65 2.13 1.13
CA ALA E 32 -32.02 3.14 2.13
C ALA E 32 -32.45 4.45 1.48
N ALA E 33 -31.73 4.92 0.45
CA ALA E 33 -32.10 6.12 -0.30
C ALA E 33 -33.44 5.94 -1.04
N GLN E 34 -33.67 4.80 -1.68
CA GLN E 34 -34.94 4.49 -2.34
C GLN E 34 -36.10 4.48 -1.34
N ARG E 35 -35.94 3.79 -0.19
CA ARG E 35 -36.98 3.76 0.82
C ARG E 35 -37.24 5.14 1.40
N TYR E 36 -36.18 5.88 1.74
CA TYR E 36 -36.30 7.24 2.27
C TYR E 36 -37.05 8.15 1.29
N SER E 37 -36.75 8.02 0.01
CA SER E 37 -37.38 8.83 -1.04
C SER E 37 -38.87 8.51 -1.17
N ALA E 38 -39.25 7.22 -1.16
CA ALA E 38 -40.64 6.83 -1.18
C ALA E 38 -41.38 7.34 0.04
N ARG E 39 -40.75 7.38 1.23
CA ARG E 39 -41.41 7.84 2.45
C ARG E 39 -41.52 9.37 2.50
N LEU E 40 -40.57 10.11 1.93
CA LEU E 40 -40.69 11.56 1.73
C LEU E 40 -41.78 11.91 0.70
N LEU E 41 -42.13 10.97 -0.18
CA LEU E 41 -43.00 11.07 -1.28
C LEU E 41 -44.44 10.74 -1.03
N GLN E 42 -44.75 9.87 -0.13
CA GLN E 42 -46.01 9.64 0.46
C GLN E 42 -46.59 10.87 1.08
N ALA E 43 -45.85 11.90 1.29
CA ALA E 43 -46.12 13.14 1.89
C ALA E 43 -45.68 14.33 1.08
N GLY E 44 -45.80 15.53 1.63
CA GLY E 44 -45.27 16.69 0.96
C GLY E 44 -43.76 16.76 1.00
N TYR E 45 -43.19 16.93 2.20
CA TYR E 45 -41.74 17.03 2.41
C TYR E 45 -41.01 15.79 1.91
N MET E 76 -37.89 16.13 -13.00
CA MET E 76 -37.01 17.07 -12.33
C MET E 76 -35.56 16.55 -12.22
N ALA E 77 -34.60 17.46 -12.07
CA ALA E 77 -33.17 17.17 -12.19
C ALA E 77 -32.64 16.06 -11.29
N ASP E 78 -33.06 15.91 -10.04
CA ASP E 78 -32.48 14.91 -9.13
C ASP E 78 -32.67 13.48 -9.66
N TYR E 79 -33.86 13.16 -10.18
CA TYR E 79 -34.11 11.89 -10.86
C TYR E 79 -33.33 11.75 -12.17
N LEU E 80 -33.27 12.80 -13.00
CA LEU E 80 -32.53 12.76 -14.25
C LEU E 80 -31.02 12.57 -14.05
N ILE E 81 -30.42 13.21 -13.04
CA ILE E 81 -29.00 13.10 -12.71
C ILE E 81 -28.66 11.68 -12.27
N SER E 82 -29.22 11.22 -11.15
CA SER E 82 -28.75 9.98 -10.50
C SER E 82 -29.63 8.75 -10.78
N GLY E 83 -30.73 8.87 -11.50
CA GLY E 83 -31.65 7.77 -11.78
C GLY E 83 -32.30 7.15 -10.54
N GLY E 84 -32.55 7.95 -9.51
CA GLY E 84 -33.14 7.50 -8.25
C GLY E 84 -32.19 6.77 -7.27
N THR E 85 -30.91 6.56 -7.61
CA THR E 85 -29.91 6.00 -6.66
C THR E 85 -29.80 6.81 -5.37
N GLY E 86 -29.87 8.14 -5.46
CA GLY E 86 -29.80 9.08 -4.34
C GLY E 86 -28.42 9.19 -3.70
N TYR E 87 -27.99 10.40 -3.34
CA TYR E 87 -26.73 10.57 -2.63
C TYR E 87 -26.84 10.08 -1.18
N VAL E 88 -25.98 9.14 -0.79
CA VAL E 88 -25.71 8.82 0.61
C VAL E 88 -24.20 8.93 0.84
N PRO E 89 -23.72 9.68 1.84
CA PRO E 89 -22.28 9.76 2.09
C PRO E 89 -21.73 8.38 2.48
N GLU E 90 -20.69 7.92 1.79
CA GLU E 90 -20.06 6.63 2.05
C GLU E 90 -19.30 6.67 3.38
N ASP E 91 -19.47 5.63 4.19
CA ASP E 91 -18.92 5.55 5.55
C ASP E 91 -18.80 4.08 5.96
N GLY E 92 -17.66 3.64 6.51
CA GLY E 92 -17.44 2.26 6.86
C GLY E 92 -16.83 1.44 5.73
N LEU E 93 -16.95 0.13 5.87
CA LEU E 93 -16.40 -0.81 4.93
C LEU E 93 -17.47 -1.75 4.44
N THR E 94 -17.25 -2.33 3.27
CA THR E 94 -18.06 -3.44 2.82
C THR E 94 -17.45 -4.74 3.31
N ALA E 95 -18.26 -5.80 3.32
CA ALA E 95 -17.75 -7.10 3.74
C ALA E 95 -16.50 -7.47 2.96
N GLN E 96 -16.47 -7.13 1.68
CA GLN E 96 -15.30 -7.42 0.86
C GLN E 96 -14.07 -6.67 1.35
N GLN E 97 -14.20 -5.36 1.53
CA GLN E 97 -13.08 -4.59 2.10
C GLN E 97 -12.74 -5.09 3.49
N LEU E 98 -13.75 -5.40 4.28
CA LEU E 98 -13.51 -5.85 5.65
C LEU E 98 -12.60 -7.07 5.66
N PHE E 99 -12.82 -8.00 4.76
CA PHE E 99 -12.05 -9.23 4.77
C PHE E 99 -10.88 -9.22 3.81
N ALA E 100 -10.64 -8.13 3.10
CA ALA E 100 -9.47 -8.05 2.25
C ALA E 100 -8.18 -7.96 3.04
N SER E 101 -8.25 -7.48 4.29
CA SER E 101 -7.04 -7.25 5.07
C SER E 101 -6.29 -8.53 5.39
N ALA E 102 -6.99 -9.67 5.44
CA ALA E 102 -6.40 -10.96 5.74
C ALA E 102 -5.95 -11.06 7.19
N ASP E 103 -6.52 -10.25 8.06
CA ASP E 103 -6.49 -10.55 9.47
C ASP E 103 -7.54 -11.62 9.74
N GLY E 104 -7.36 -12.34 10.83
CA GLY E 104 -8.35 -13.35 11.15
C GLY E 104 -9.42 -12.81 12.05
N LEU E 105 -10.58 -12.48 11.50
CA LEU E 105 -11.63 -11.83 12.27
C LEU E 105 -12.62 -12.84 12.81
N THR E 106 -12.98 -12.65 14.08
CA THR E 106 -14.10 -13.33 14.72
C THR E 106 -15.26 -12.37 14.83
N TYR E 107 -16.40 -12.81 15.37
CA TYR E 107 -17.57 -11.95 15.56
C TYR E 107 -17.29 -10.76 16.47
N ASN E 108 -16.42 -10.90 17.47
CA ASN E 108 -16.08 -9.80 18.36
C ASN E 108 -15.23 -8.70 17.69
N ASP E 109 -14.67 -8.91 16.49
CA ASP E 109 -13.72 -7.98 15.93
C ASP E 109 -14.35 -6.88 15.10
N PHE E 110 -15.66 -6.94 14.84
CA PHE E 110 -16.29 -5.95 14.00
C PHE E 110 -17.69 -5.65 14.52
N LEU E 111 -18.28 -4.58 13.99
CA LEU E 111 -19.67 -4.13 14.17
C LEU E 111 -20.33 -3.94 12.82
N ILE E 112 -21.66 -3.98 12.80
CA ILE E 112 -22.47 -3.56 11.66
C ILE E 112 -22.89 -2.11 11.89
N LEU E 113 -22.76 -1.24 10.90
CA LEU E 113 -23.20 0.15 11.03
C LEU E 113 -24.72 0.26 10.87
N PRO E 114 -25.42 1.07 11.68
CA PRO E 114 -26.87 1.28 11.56
C PRO E 114 -27.29 1.93 10.24
N GLY E 115 -28.49 1.61 9.78
CA GLY E 115 -29.05 2.06 8.50
C GLY E 115 -30.24 3.00 8.64
N PHE E 116 -31.28 2.79 7.83
CA PHE E 116 -32.52 3.56 7.81
C PHE E 116 -33.73 2.69 8.20
N ILE E 117 -34.49 3.13 9.18
CA ILE E 117 -35.66 2.41 9.70
C ILE E 117 -36.93 2.98 9.09
N ASP E 118 -37.76 2.14 8.48
CA ASP E 118 -39.10 2.51 8.02
C ASP E 118 -40.19 1.44 8.30
N PHE E 119 -39.95 0.57 9.27
CA PHE E 119 -40.80 -0.54 9.69
C PHE E 119 -40.56 -0.82 11.18
N ILE E 120 -41.49 -1.46 11.88
CA ILE E 120 -41.25 -1.96 13.25
C ILE E 120 -40.58 -3.34 13.22
N ALA E 121 -40.01 -3.76 14.34
CA ALA E 121 -39.25 -5.00 14.45
C ALA E 121 -40.13 -6.22 14.23
N ASP E 122 -41.34 -6.21 14.78
CA ASP E 122 -42.18 -7.40 14.76
C ASP E 122 -42.44 -7.91 13.36
N GLU E 123 -42.29 -7.07 12.35
CA GLU E 123 -42.54 -7.47 10.97
C GLU E 123 -41.26 -7.83 10.22
N VAL E 124 -40.21 -8.24 10.92
CA VAL E 124 -39.03 -8.77 10.26
C VAL E 124 -39.22 -10.25 9.99
N ASP E 125 -39.00 -10.65 8.74
CA ASP E 125 -39.20 -12.03 8.32
C ASP E 125 -37.91 -12.82 8.52
N LEU E 126 -37.99 -13.91 9.25
CA LEU E 126 -36.81 -14.70 9.54
C LEU E 126 -36.74 -15.97 8.72
N THR E 127 -37.61 -16.15 7.73
CA THR E 127 -37.61 -17.35 6.90
C THR E 127 -36.22 -17.63 6.37
N SER E 128 -35.78 -18.89 6.50
CA SER E 128 -34.42 -19.27 6.16
C SER E 128 -34.42 -20.58 5.40
N ALA E 129 -33.37 -20.78 4.59
CA ALA E 129 -33.08 -22.03 3.89
C ALA E 129 -32.14 -22.88 4.75
N LEU E 130 -32.53 -24.12 5.07
CA LEU E 130 -31.64 -25.09 5.71
C LEU E 130 -30.77 -25.82 4.68
N THR E 131 -31.38 -26.18 3.55
CA THR E 131 -30.77 -26.87 2.42
C THR E 131 -31.35 -26.31 1.13
N ARG E 132 -30.91 -26.82 -0.03
CA ARG E 132 -31.54 -26.56 -1.33
C ARG E 132 -33.08 -26.62 -1.33
N LYS E 133 -33.69 -27.54 -0.55
CA LYS E 133 -35.15 -27.79 -0.57
C LYS E 133 -35.91 -27.58 0.75
N ILE E 134 -35.26 -27.48 1.92
CA ILE E 134 -35.93 -27.29 3.22
C ILE E 134 -35.88 -25.82 3.64
N THR E 135 -37.01 -25.27 4.08
CA THR E 135 -37.13 -23.91 4.57
C THR E 135 -37.63 -23.94 6.00
N LEU E 136 -37.10 -23.06 6.83
CA LEU E 136 -37.53 -22.91 8.20
C LEU E 136 -37.99 -21.48 8.41
N LYS E 137 -38.88 -21.29 9.37
CA LYS E 137 -39.39 -19.96 9.68
C LYS E 137 -38.54 -19.23 10.69
N THR E 138 -37.41 -19.82 11.08
CA THR E 138 -36.52 -19.31 12.10
C THR E 138 -35.15 -19.87 11.77
N PRO E 139 -34.08 -19.09 11.92
CA PRO E 139 -32.75 -19.55 11.48
C PRO E 139 -31.99 -20.41 12.48
N LEU E 140 -32.59 -20.92 13.54
CA LEU E 140 -31.89 -21.55 14.64
C LEU E 140 -31.96 -23.07 14.58
N ILE E 141 -30.82 -23.71 14.85
CA ILE E 141 -30.63 -25.15 14.78
C ILE E 141 -29.97 -25.62 16.07
N SER E 142 -30.42 -26.73 16.65
CA SER E 142 -29.70 -27.30 17.79
C SER E 142 -28.67 -28.31 17.30
N SER E 143 -27.47 -28.24 17.85
CA SER E 143 -26.33 -29.05 17.44
C SER E 143 -26.48 -30.55 17.79
N PRO E 144 -26.01 -31.47 16.93
CA PRO E 144 -26.05 -32.91 17.17
C PRO E 144 -25.01 -33.39 18.21
N MET E 145 -25.12 -32.91 19.44
CA MET E 145 -24.32 -33.32 20.59
C MET E 145 -25.18 -34.03 21.62
N ASP E 146 -24.62 -35.02 22.30
CA ASP E 146 -25.35 -35.88 23.26
C ASP E 146 -25.73 -35.18 24.57
N THR E 147 -25.14 -34.04 24.88
CA THR E 147 -25.59 -33.11 25.93
C THR E 147 -26.50 -31.99 25.41
N VAL E 148 -26.96 -32.04 24.16
CA VAL E 148 -27.83 -31.00 23.56
C VAL E 148 -29.07 -31.57 22.90
N THR E 149 -28.98 -32.51 21.94
CA THR E 149 -30.13 -32.84 21.08
C THR E 149 -30.50 -34.32 21.08
N GLU E 150 -31.60 -34.61 21.76
CA GLU E 150 -32.41 -35.84 21.63
C GLU E 150 -33.86 -35.44 21.29
N ALA E 151 -34.84 -36.35 21.35
CA ALA E 151 -36.19 -36.07 20.87
C ALA E 151 -36.83 -34.84 21.51
N ASP E 152 -36.65 -34.59 22.81
CA ASP E 152 -37.24 -33.42 23.47
C ASP E 152 -36.71 -32.10 22.92
N MET E 153 -35.39 -31.94 22.77
CA MET E 153 -34.81 -30.74 22.18
C MET E 153 -35.25 -30.59 20.72
N ALA E 154 -35.23 -31.68 19.96
CA ALA E 154 -35.61 -31.66 18.56
C ALA E 154 -37.09 -31.29 18.36
N ILE E 155 -38.01 -31.82 19.19
CA ILE E 155 -39.41 -31.42 19.21
C ILE E 155 -39.52 -29.94 19.55
N ALA E 156 -38.83 -29.46 20.59
CA ALA E 156 -38.96 -28.06 20.98
C ALA E 156 -38.45 -27.13 19.89
N MET E 157 -37.34 -27.46 19.26
CA MET E 157 -36.80 -26.59 18.21
C MET E 157 -37.70 -26.60 16.98
N ALA E 158 -38.22 -27.75 16.59
CA ALA E 158 -39.16 -27.82 15.48
C ALA E 158 -40.42 -27.02 15.78
N LEU E 159 -40.96 -27.07 17.00
CA LEU E 159 -42.14 -26.29 17.39
C LEU E 159 -41.91 -24.79 17.35
N MET E 160 -40.75 -24.28 17.74
CA MET E 160 -40.51 -22.84 17.75
C MET E 160 -40.08 -22.31 16.39
N GLY E 161 -39.93 -23.16 15.38
CA GLY E 161 -39.67 -22.72 14.04
C GLY E 161 -38.29 -23.02 13.52
N GLY E 162 -37.46 -23.74 14.27
CA GLY E 162 -36.19 -24.19 13.76
C GLY E 162 -36.18 -25.70 13.61
N ILE E 163 -35.05 -26.33 13.83
CA ILE E 163 -34.90 -27.78 13.69
C ILE E 163 -33.80 -28.25 14.63
N GLY E 164 -33.85 -29.50 15.04
CA GLY E 164 -32.78 -30.11 15.82
C GLY E 164 -32.25 -31.33 15.10
N PHE E 165 -30.94 -31.53 15.17
CA PHE E 165 -30.29 -32.72 14.64
C PHE E 165 -29.98 -33.67 15.79
N ILE E 166 -30.59 -34.85 15.80
CA ILE E 166 -30.36 -35.84 16.86
C ILE E 166 -28.92 -36.38 16.78
N HIS E 167 -28.26 -36.56 17.92
CA HIS E 167 -26.86 -37.01 18.00
C HIS E 167 -26.71 -38.50 17.68
N HIS E 168 -25.49 -38.92 17.33
CA HIS E 168 -25.16 -40.32 17.02
C HIS E 168 -24.17 -40.99 17.98
N ASN E 169 -23.94 -40.42 19.16
CA ASN E 169 -23.16 -41.07 20.23
C ASN E 169 -24.02 -42.07 21.03
N CYS E 170 -24.67 -42.97 20.30
CA CYS E 170 -25.69 -43.90 20.76
C CYS E 170 -25.86 -45.00 19.71
N THR E 171 -26.53 -46.11 20.05
CA THR E 171 -26.79 -47.18 19.08
C THR E 171 -27.70 -46.72 17.94
N PRO E 172 -27.62 -47.33 16.74
CA PRO E 172 -28.50 -47.00 15.62
C PRO E 172 -29.99 -47.11 15.95
N GLU E 173 -30.41 -48.16 16.65
CA GLU E 173 -31.79 -48.36 17.08
C GLU E 173 -32.27 -47.29 18.05
N PHE E 174 -31.41 -46.82 18.97
CA PHE E 174 -31.72 -45.70 19.85
C PHE E 174 -31.92 -44.41 19.06
N GLN E 175 -30.99 -44.05 18.15
CA GLN E 175 -31.15 -42.83 17.36
C GLN E 175 -32.42 -42.89 16.51
N ALA E 176 -32.71 -44.02 15.87
CA ALA E 176 -33.92 -44.19 15.08
C ALA E 176 -35.19 -44.08 15.93
N ASN E 177 -35.19 -44.57 17.16
CA ASN E 177 -36.29 -44.40 18.10
C ASN E 177 -36.48 -42.93 18.52
N GLU E 178 -35.41 -42.19 18.80
CA GLU E 178 -35.47 -40.75 19.04
C GLU E 178 -36.01 -39.97 17.84
N VAL E 179 -35.60 -40.29 16.61
CA VAL E 179 -36.18 -39.69 15.40
C VAL E 179 -37.67 -39.98 15.28
N ARG E 180 -38.09 -41.23 15.51
CA ARG E 180 -39.49 -41.64 15.49
C ARG E 180 -40.32 -40.90 16.54
N LYS E 181 -39.80 -40.69 17.75
CA LYS E 181 -40.44 -39.87 18.80
C LYS E 181 -40.73 -38.44 18.32
N VAL E 182 -39.82 -37.82 17.57
CA VAL E 182 -40.06 -36.49 16.95
C VAL E 182 -41.13 -36.57 15.88
N LYS E 183 -41.04 -37.49 14.91
CA LYS E 183 -42.01 -37.58 13.80
C LYS E 183 -43.44 -37.92 14.26
N LYS E 184 -43.60 -38.62 15.40
CA LYS E 184 -44.90 -38.94 16.02
C LYS E 184 -45.55 -37.78 16.79
N PHE E 185 -44.80 -36.79 17.29
CA PHE E 185 -45.27 -35.86 18.33
C PHE E 185 -46.46 -34.97 17.96
N GLU E 186 -46.54 -34.52 16.71
CA GLU E 186 -47.66 -33.78 16.14
C GLU E 186 -48.05 -34.44 14.82
N GLN E 187 -49.33 -34.61 14.56
CA GLN E 187 -49.85 -35.47 13.50
C GLN E 187 -50.97 -34.81 12.69
N GLY E 188 -50.92 -35.02 11.37
CA GLY E 188 -52.09 -34.88 10.49
C GLY E 188 -53.06 -36.05 10.69
N PHE E 189 -53.30 -36.84 9.65
CA PHE E 189 -53.90 -38.16 9.84
C PHE E 189 -52.92 -39.06 10.61
N ILE E 190 -53.36 -39.63 11.73
CA ILE E 190 -52.60 -40.67 12.45
C ILE E 190 -52.88 -42.00 11.73
N THR E 191 -52.13 -42.32 10.67
CA THR E 191 -52.41 -43.49 9.81
C THR E 191 -51.92 -44.82 10.37
N ASP E 192 -51.08 -44.80 11.42
CA ASP E 192 -50.60 -45.98 12.15
C ASP E 192 -50.92 -45.87 13.66
N PRO E 193 -52.22 -45.77 14.04
CA PRO E 193 -52.64 -45.46 15.40
C PRO E 193 -52.21 -46.54 16.41
N THR E 268 -59.45 -35.11 2.49
CA THR E 268 -58.68 -33.91 2.74
C THR E 268 -58.51 -33.69 4.24
N LEU E 269 -57.24 -33.53 4.65
CA LEU E 269 -56.81 -33.26 6.03
C LEU E 269 -57.56 -32.05 6.62
N LYS E 270 -58.10 -31.20 5.74
CA LYS E 270 -58.96 -30.09 6.13
C LYS E 270 -60.20 -30.55 6.86
N GLU E 271 -60.49 -31.85 6.82
CA GLU E 271 -61.56 -32.44 7.63
C GLU E 271 -61.40 -32.13 9.12
N ALA E 272 -60.23 -31.64 9.53
CA ALA E 272 -60.01 -31.35 10.94
C ALA E 272 -61.13 -30.47 11.51
N ASN E 273 -61.57 -29.48 10.75
CA ASN E 273 -62.64 -28.61 11.20
C ASN E 273 -63.75 -28.51 10.15
N ALA E 295 -56.78 -42.11 9.11
CA ALA E 295 -57.44 -43.10 9.96
C ALA E 295 -58.06 -42.45 11.18
N ILE E 296 -57.26 -41.66 11.90
CA ILE E 296 -57.70 -40.99 13.12
C ILE E 296 -57.19 -39.55 13.11
N ILE E 297 -57.94 -38.69 13.79
CA ILE E 297 -57.57 -37.30 13.97
C ILE E 297 -57.86 -36.91 15.41
N ALA E 298 -56.94 -36.17 16.02
CA ALA E 298 -57.08 -35.75 17.41
C ALA E 298 -57.01 -34.24 17.49
N ARG E 299 -57.81 -33.66 18.38
CA ARG E 299 -57.82 -32.21 18.53
C ARG E 299 -56.55 -31.68 19.16
N THR E 300 -55.78 -32.53 19.85
CA THR E 300 -54.54 -32.06 20.44
C THR E 300 -53.58 -31.54 19.38
N ASP E 301 -53.57 -32.14 18.20
CA ASP E 301 -52.78 -31.63 17.08
C ASP E 301 -53.31 -30.29 16.58
N LEU E 302 -54.63 -30.08 16.66
CA LEU E 302 -55.17 -28.75 16.35
C LEU E 302 -54.71 -27.72 17.36
N LYS E 303 -54.71 -28.08 18.64
CA LYS E 303 -54.20 -27.18 19.66
C LYS E 303 -52.72 -26.90 19.46
N LYS E 304 -51.92 -27.90 19.11
CA LYS E 304 -50.48 -27.71 18.84
C LYS E 304 -50.28 -26.74 17.69
N ASN E 305 -51.00 -26.93 16.59
CA ASN E 305 -51.05 -26.02 15.46
C ASN E 305 -51.46 -24.58 15.88
N ARG E 306 -52.47 -24.40 16.75
CA ARG E 306 -52.85 -23.08 17.26
C ARG E 306 -51.71 -22.45 18.06
N ASP E 307 -51.09 -23.20 18.94
CA ASP E 307 -50.14 -22.64 19.89
C ASP E 307 -48.78 -22.37 19.30
N TYR E 308 -48.40 -23.05 18.22
CA TYR E 308 -47.08 -22.98 17.60
C TYR E 308 -47.20 -22.56 16.13
N PRO E 309 -47.33 -21.25 15.81
CA PRO E 309 -47.60 -20.85 14.44
C PRO E 309 -46.38 -20.89 13.55
N LEU E 310 -45.20 -21.17 14.09
CA LEU E 310 -43.98 -21.24 13.30
C LEU E 310 -43.40 -22.64 13.23
N ALA E 311 -44.12 -23.67 13.65
CA ALA E 311 -43.58 -25.01 13.72
C ALA E 311 -43.11 -25.52 12.35
N SER E 312 -41.92 -26.09 12.30
CA SER E 312 -41.33 -26.67 11.09
C SER E 312 -41.95 -28.03 10.85
N LYS E 313 -42.84 -28.11 9.87
CA LYS E 313 -43.67 -29.29 9.57
C LYS E 313 -43.45 -29.75 8.13
N ASP E 314 -43.43 -31.06 7.92
CA ASP E 314 -43.43 -31.68 6.59
C ASP E 314 -44.83 -31.69 5.96
N SER E 315 -44.96 -32.23 4.75
CA SER E 315 -46.22 -32.25 4.02
C SER E 315 -47.31 -32.98 4.78
N GLN E 316 -46.98 -34.00 5.60
CA GLN E 316 -47.92 -34.77 6.43
C GLN E 316 -48.26 -34.09 7.77
N LYS E 317 -47.86 -32.83 7.96
CA LYS E 317 -48.00 -32.03 9.19
C LYS E 317 -47.21 -32.57 10.39
N GLN E 318 -46.28 -33.51 10.18
CA GLN E 318 -45.37 -33.98 11.21
C GLN E 318 -44.20 -33.02 11.35
N LEU E 319 -43.62 -32.91 12.54
CA LEU E 319 -42.44 -32.06 12.76
C LEU E 319 -41.26 -32.52 11.89
N LEU E 320 -40.41 -31.59 11.46
CA LEU E 320 -39.14 -31.94 10.83
C LEU E 320 -38.14 -32.46 11.86
N CYS E 321 -37.37 -33.49 11.51
CA CYS E 321 -36.26 -33.98 12.30
C CYS E 321 -35.03 -34.20 11.44
N GLY E 322 -33.86 -33.74 11.89
CA GLY E 322 -32.57 -34.15 11.37
C GLY E 322 -31.89 -35.21 12.23
N ALA E 323 -30.88 -35.88 11.69
CA ALA E 323 -30.02 -36.81 12.42
C ALA E 323 -28.58 -36.72 11.94
N ALA E 324 -27.64 -37.09 12.79
CA ALA E 324 -26.24 -37.25 12.41
C ALA E 324 -25.90 -38.70 12.07
N VAL E 325 -24.97 -38.89 11.14
CA VAL E 325 -24.26 -40.18 10.91
C VAL E 325 -22.79 -39.88 10.69
N GLY E 326 -21.93 -40.84 10.96
CA GLY E 326 -20.51 -40.77 10.61
C GLY E 326 -20.24 -41.14 9.15
N THR E 327 -18.96 -41.21 8.81
CA THR E 327 -18.48 -41.60 7.46
C THR E 327 -17.80 -42.96 7.48
N ARG E 328 -18.13 -43.83 8.44
CA ARG E 328 -17.62 -45.19 8.54
C ARG E 328 -18.54 -46.16 7.81
N GLU E 329 -18.08 -47.37 7.52
CA GLU E 329 -18.88 -48.37 6.82
C GLU E 329 -20.12 -48.78 7.63
N ASP E 330 -20.05 -48.89 8.95
CA ASP E 330 -21.21 -49.25 9.76
C ASP E 330 -22.28 -48.15 9.84
N ASP E 331 -22.03 -46.95 9.34
CA ASP E 331 -23.05 -45.90 9.25
C ASP E 331 -24.09 -46.18 8.17
N LYS E 332 -23.82 -47.09 7.22
CA LYS E 332 -24.78 -47.48 6.18
C LYS E 332 -26.02 -48.15 6.76
N TYR E 333 -25.87 -49.06 7.71
CA TYR E 333 -26.99 -49.64 8.46
C TYR E 333 -27.74 -48.61 9.32
N ARG E 334 -27.02 -47.72 10.02
CA ARG E 334 -27.62 -46.62 10.78
C ARG E 334 -28.51 -45.77 9.88
N LEU E 335 -28.02 -45.38 8.71
CA LEU E 335 -28.76 -44.53 7.79
C LEU E 335 -30.01 -45.23 7.22
N ASP E 336 -29.94 -46.53 6.98
CA ASP E 336 -31.12 -47.32 6.61
C ASP E 336 -32.19 -47.25 7.70
N LEU E 337 -31.84 -47.44 8.99
CA LEU E 337 -32.81 -47.28 10.08
C LEU E 337 -33.39 -45.86 10.18
N LEU E 338 -32.56 -44.83 10.04
CA LEU E 338 -33.02 -43.45 10.12
C LEU E 338 -33.96 -43.07 8.99
N THR E 339 -33.72 -43.56 7.79
CA THR E 339 -34.63 -43.32 6.67
C THR E 339 -35.92 -44.13 6.80
N GLN E 340 -35.92 -45.30 7.44
CA GLN E 340 -37.16 -45.96 7.87
C GLN E 340 -37.93 -45.19 8.95
N ALA E 341 -37.24 -44.61 9.93
CA ALA E 341 -37.83 -43.79 10.99
C ALA E 341 -38.40 -42.46 10.49
N GLY E 342 -38.08 -42.04 9.26
CA GLY E 342 -38.66 -40.88 8.59
C GLY E 342 -37.84 -39.61 8.71
N VAL E 343 -36.52 -39.69 8.89
CA VAL E 343 -35.64 -38.50 9.00
C VAL E 343 -35.74 -37.63 7.74
N ASP E 344 -35.78 -36.31 7.91
CA ASP E 344 -35.97 -35.36 6.81
C ASP E 344 -34.64 -34.92 6.18
N VAL E 345 -33.57 -34.87 6.98
CA VAL E 345 -32.26 -34.34 6.60
C VAL E 345 -31.13 -35.00 7.40
N ILE E 346 -29.95 -35.13 6.83
CA ILE E 346 -28.75 -35.75 7.43
C ILE E 346 -27.62 -34.74 7.52
N VAL E 347 -26.88 -34.73 8.64
CA VAL E 347 -25.54 -34.14 8.74
C VAL E 347 -24.50 -35.24 8.85
N LEU E 348 -23.42 -35.14 8.08
CA LEU E 348 -22.35 -36.15 8.06
C LEU E 348 -21.24 -35.98 9.11
N ASP E 349 -21.32 -34.93 9.92
CA ASP E 349 -20.68 -34.81 11.24
C ASP E 349 -19.19 -35.22 11.36
N SER E 350 -18.32 -34.45 10.70
CA SER E 350 -16.85 -34.60 10.74
C SER E 350 -16.20 -33.31 11.23
N SER E 351 -15.06 -33.38 11.91
CA SER E 351 -14.22 -32.21 12.19
C SER E 351 -13.64 -31.55 10.93
N GLN E 352 -13.41 -32.34 9.88
CA GLN E 352 -12.80 -31.92 8.62
C GLN E 352 -13.53 -32.69 7.50
N GLY E 353 -14.50 -32.05 6.85
CA GLY E 353 -15.38 -32.73 5.88
C GLY E 353 -14.76 -33.00 4.52
N ASN E 354 -13.67 -32.33 4.14
CA ASN E 354 -13.02 -32.54 2.86
C ASN E 354 -12.14 -33.80 2.86
N SER E 355 -12.77 -34.97 2.74
CA SER E 355 -12.10 -36.27 2.78
C SER E 355 -12.73 -37.27 1.84
N VAL E 356 -11.95 -38.26 1.39
CA VAL E 356 -12.47 -39.37 0.58
C VAL E 356 -13.58 -40.14 1.28
N TYR E 357 -13.52 -40.31 2.60
CA TYR E 357 -14.52 -41.03 3.38
C TYR E 357 -15.87 -40.31 3.34
N GLN E 358 -15.84 -38.99 3.50
CA GLN E 358 -17.01 -38.15 3.41
C GLN E 358 -17.56 -38.06 1.98
N ILE E 359 -16.71 -37.83 0.98
CA ILE E 359 -17.16 -37.76 -0.42
C ILE E 359 -17.77 -39.09 -0.87
N ALA E 360 -17.15 -40.22 -0.54
CA ALA E 360 -17.72 -41.54 -0.80
C ALA E 360 -19.07 -41.73 -0.09
N MET E 361 -19.22 -41.26 1.15
CA MET E 361 -20.49 -41.29 1.85
C MET E 361 -21.55 -40.43 1.16
N VAL E 362 -21.26 -39.18 0.79
CA VAL E 362 -22.20 -38.31 0.06
C VAL E 362 -22.69 -38.96 -1.24
N HIS E 363 -21.80 -39.52 -2.04
CA HIS E 363 -22.18 -40.25 -3.26
C HIS E 363 -23.05 -41.46 -2.97
N TYR E 364 -22.75 -42.24 -1.94
CA TYR E 364 -23.58 -43.38 -1.54
C TYR E 364 -24.99 -42.97 -1.12
N ILE E 365 -25.14 -41.93 -0.29
CA ILE E 365 -26.46 -41.49 0.18
C ILE E 365 -27.29 -41.00 -0.98
N LYS E 366 -26.73 -40.09 -1.78
CA LYS E 366 -27.41 -39.44 -2.90
C LYS E 366 -27.82 -40.44 -3.98
N GLN E 367 -27.15 -41.59 -4.07
CA GLN E 367 -27.53 -42.71 -4.94
C GLN E 367 -28.68 -43.56 -4.35
N LYS E 368 -28.61 -43.95 -3.08
CA LYS E 368 -29.58 -44.87 -2.45
C LYS E 368 -30.88 -44.20 -2.01
N TYR E 369 -30.80 -42.95 -1.54
CA TYR E 369 -31.93 -42.15 -1.07
C TYR E 369 -31.94 -40.79 -1.80
N PRO E 370 -32.30 -40.76 -3.10
CA PRO E 370 -32.16 -39.55 -3.91
C PRO E 370 -33.04 -38.36 -3.46
N HIS E 371 -34.08 -38.61 -2.67
CA HIS E 371 -34.96 -37.58 -2.09
C HIS E 371 -34.50 -37.08 -0.71
N LEU E 372 -33.48 -37.69 -0.11
CA LEU E 372 -32.94 -37.29 1.18
C LEU E 372 -32.04 -36.06 1.04
N GLN E 373 -32.10 -35.13 1.98
CA GLN E 373 -31.26 -33.94 2.02
C GLN E 373 -30.00 -34.21 2.85
N VAL E 374 -28.82 -33.87 2.35
CA VAL E 374 -27.53 -34.13 3.02
C VAL E 374 -26.76 -32.84 3.21
N ILE E 375 -26.29 -32.60 4.42
CA ILE E 375 -25.48 -31.44 4.78
C ILE E 375 -24.04 -31.89 5.01
N GLY E 376 -23.11 -31.24 4.33
CA GLY E 376 -21.68 -31.51 4.38
C GLY E 376 -21.04 -31.16 5.71
N GLY E 377 -20.07 -31.98 6.10
CA GLY E 377 -19.37 -31.94 7.39
C GLY E 377 -18.39 -30.79 7.41
N ASN E 378 -17.77 -30.51 8.55
CA ASN E 378 -17.33 -29.15 8.76
C ASN E 378 -16.22 -28.70 7.81
N VAL E 379 -16.40 -27.50 7.26
CA VAL E 379 -15.46 -26.84 6.36
C VAL E 379 -15.23 -25.41 6.81
N VAL E 380 -14.10 -24.82 6.44
CA VAL E 380 -13.74 -23.42 6.74
C VAL E 380 -13.06 -22.70 5.58
N THR E 381 -12.86 -23.36 4.45
CA THR E 381 -12.28 -22.76 3.25
C THR E 381 -13.11 -23.05 2.01
N ALA E 382 -13.03 -22.18 1.02
CA ALA E 382 -13.71 -22.38 -0.26
C ALA E 382 -13.25 -23.65 -0.99
N ALA E 383 -11.99 -24.06 -0.83
CA ALA E 383 -11.44 -25.28 -1.43
C ALA E 383 -12.07 -26.56 -0.86
N GLN E 384 -12.37 -26.59 0.44
CA GLN E 384 -13.16 -27.66 1.02
C GLN E 384 -14.61 -27.64 0.53
N ALA E 385 -15.24 -26.47 0.46
CA ALA E 385 -16.61 -26.32 -0.02
C ALA E 385 -16.79 -26.79 -1.47
N LYS E 386 -15.83 -26.53 -2.36
CA LYS E 386 -15.82 -27.01 -3.75
C LYS E 386 -16.04 -28.51 -3.85
N ASN E 387 -15.23 -29.33 -3.18
CA ASN E 387 -15.31 -30.78 -3.34
C ASN E 387 -16.61 -31.37 -2.78
N LEU E 388 -17.21 -30.77 -1.76
CA LEU E 388 -18.50 -31.23 -1.22
C LEU E 388 -19.70 -30.76 -2.04
N ILE E 389 -19.67 -29.54 -2.57
CA ILE E 389 -20.68 -29.07 -3.53
C ILE E 389 -20.61 -29.90 -4.82
N ASP E 390 -19.41 -30.22 -5.31
CA ASP E 390 -19.21 -31.14 -6.43
C ASP E 390 -19.60 -32.59 -6.15
N ALA E 391 -19.53 -33.07 -4.92
CA ALA E 391 -20.11 -34.35 -4.52
C ALA E 391 -21.65 -34.33 -4.45
N GLY E 392 -22.26 -33.15 -4.37
CA GLY E 392 -23.71 -32.98 -4.42
C GLY E 392 -24.40 -32.81 -3.08
N VAL E 393 -23.74 -32.26 -2.05
CA VAL E 393 -24.42 -31.89 -0.80
C VAL E 393 -25.48 -30.80 -1.04
N ASP E 394 -26.51 -30.79 -0.20
CA ASP E 394 -27.62 -29.84 -0.23
C ASP E 394 -27.44 -28.66 0.74
N GLY E 395 -26.44 -28.70 1.63
CA GLY E 395 -26.01 -27.64 2.55
C GLY E 395 -24.62 -27.90 3.09
N LEU E 396 -24.00 -26.95 3.79
CA LEU E 396 -22.68 -27.12 4.47
C LEU E 396 -22.72 -26.64 5.94
N ARG E 397 -22.05 -27.34 6.86
CA ARG E 397 -21.71 -26.84 8.21
C ARG E 397 -20.37 -26.14 8.18
N VAL E 398 -20.31 -24.91 8.68
CA VAL E 398 -19.09 -24.10 8.66
C VAL E 398 -18.61 -23.81 10.07
N GLY E 399 -17.37 -24.20 10.34
CA GLY E 399 -16.68 -23.90 11.59
C GLY E 399 -15.74 -25.01 11.99
N MET E 400 -14.51 -24.67 12.34
CA MET E 400 -13.50 -25.63 12.76
C MET E 400 -12.62 -24.99 13.82
N GLY E 401 -12.59 -25.57 15.01
CA GLY E 401 -11.74 -25.11 16.09
C GLY E 401 -12.35 -24.00 16.97
N CYS E 402 -13.34 -23.26 16.46
CA CYS E 402 -14.27 -22.51 17.30
C CYS E 402 -15.25 -23.48 17.99
N GLY E 403 -16.18 -22.93 18.77
CA GLY E 403 -17.12 -23.73 19.56
C GLY E 403 -16.62 -23.89 20.99
N SER E 404 -17.46 -23.59 21.96
CA SER E 404 -17.01 -23.32 23.33
C SER E 404 -16.25 -24.46 24.03
N ILE E 405 -16.63 -25.71 23.77
CA ILE E 405 -16.00 -26.94 24.29
C ILE E 405 -14.81 -27.45 23.46
N CYS E 406 -14.35 -26.71 22.47
CA CYS E 406 -13.34 -27.16 21.50
C CYS E 406 -11.89 -26.87 21.95
N ILE E 407 -10.95 -27.76 21.63
CA ILE E 407 -9.48 -27.52 21.76
C ILE E 407 -8.69 -27.89 20.49
N THR E 408 -9.37 -28.20 19.37
CA THR E 408 -8.75 -28.67 18.12
C THR E 408 -7.64 -27.75 17.59
N GLN E 409 -7.72 -26.43 17.76
CA GLN E 409 -6.68 -25.52 17.28
C GLN E 409 -5.35 -25.70 18.02
N GLU E 410 -5.39 -25.81 19.35
CA GLU E 410 -4.20 -26.02 20.19
C GLU E 410 -3.63 -27.43 20.10
N VAL E 411 -4.46 -28.43 19.78
CA VAL E 411 -4.02 -29.82 19.63
C VAL E 411 -3.48 -30.11 18.22
N MET E 412 -4.10 -29.55 17.17
CA MET E 412 -3.91 -29.98 15.78
C MET E 412 -3.33 -28.88 14.86
N ALA E 413 -3.27 -27.63 15.30
CA ALA E 413 -2.92 -26.43 14.53
C ALA E 413 -3.88 -26.01 13.40
N CYS E 414 -4.86 -26.84 13.03
CA CYS E 414 -5.89 -26.47 12.06
C CYS E 414 -7.07 -25.71 12.64
N GLY E 415 -7.64 -24.84 11.82
CA GLY E 415 -8.90 -24.17 12.08
C GLY E 415 -9.03 -22.91 11.26
N ARG E 416 -10.02 -22.08 11.58
CA ARG E 416 -10.10 -20.70 11.10
C ARG E 416 -10.92 -19.84 12.05
N PRO E 417 -10.64 -18.54 12.20
CA PRO E 417 -11.51 -17.60 12.90
C PRO E 417 -12.91 -17.57 12.27
N GLN E 418 -13.95 -17.73 13.08
CA GLN E 418 -15.26 -18.13 12.57
C GLN E 418 -15.94 -17.08 11.69
N GLY E 419 -15.70 -15.77 11.92
CA GLY E 419 -16.23 -14.74 11.05
C GLY E 419 -15.74 -14.87 9.62
N THR E 420 -14.43 -14.98 9.45
CA THR E 420 -13.84 -15.14 8.12
C THR E 420 -14.31 -16.41 7.45
N ALA E 421 -14.38 -17.52 8.21
CA ALA E 421 -14.82 -18.81 7.69
C ALA E 421 -16.26 -18.74 7.16
N VAL E 422 -17.17 -18.17 7.94
CA VAL E 422 -18.56 -17.96 7.52
C VAL E 422 -18.64 -17.07 6.30
N TYR E 423 -17.91 -15.96 6.26
CA TYR E 423 -17.96 -15.08 5.09
C TYR E 423 -17.46 -15.78 3.85
N LYS E 424 -16.26 -16.40 3.90
CA LYS E 424 -15.58 -16.96 2.73
C LYS E 424 -16.27 -18.20 2.19
N VAL E 425 -16.74 -19.10 3.06
CA VAL E 425 -17.50 -20.27 2.62
C VAL E 425 -18.87 -19.89 2.09
N ALA E 426 -19.59 -18.96 2.71
CA ALA E 426 -20.88 -18.52 2.21
C ALA E 426 -20.78 -17.76 0.88
N GLU E 427 -19.75 -16.93 0.70
CA GLU E 427 -19.53 -16.26 -0.57
C GLU E 427 -19.26 -17.25 -1.68
N TYR E 428 -18.55 -18.34 -1.42
CA TYR E 428 -18.35 -19.39 -2.43
C TYR E 428 -19.62 -20.20 -2.67
N ALA E 429 -20.31 -20.65 -1.62
CA ALA E 429 -21.46 -21.54 -1.72
C ALA E 429 -22.69 -20.90 -2.38
N ARG E 430 -22.89 -19.58 -2.27
CA ARG E 430 -24.00 -18.87 -2.95
C ARG E 430 -23.96 -18.97 -4.48
N ARG E 431 -22.77 -19.14 -5.07
CA ARG E 431 -22.55 -19.28 -6.51
C ARG E 431 -23.19 -20.53 -7.09
N PHE E 432 -23.47 -21.51 -6.24
CA PHE E 432 -24.09 -22.79 -6.55
C PHE E 432 -25.48 -22.94 -5.93
N GLY E 433 -25.98 -21.89 -5.26
CA GLY E 433 -27.28 -21.90 -4.59
C GLY E 433 -27.34 -22.79 -3.34
N VAL E 434 -26.24 -22.94 -2.60
CA VAL E 434 -26.15 -23.83 -1.43
C VAL E 434 -26.18 -23.01 -0.13
N PRO E 435 -27.10 -23.27 0.81
CA PRO E 435 -27.13 -22.59 2.11
C PRO E 435 -25.99 -23.00 3.05
N ILE E 436 -25.64 -22.10 3.97
CA ILE E 436 -24.62 -22.30 5.01
C ILE E 436 -25.24 -22.35 6.41
N ILE E 437 -24.83 -23.32 7.21
CA ILE E 437 -25.00 -23.31 8.66
C ILE E 437 -23.72 -22.75 9.29
N ALA E 438 -23.80 -21.67 10.06
CA ALA E 438 -22.70 -21.22 10.92
C ALA E 438 -22.73 -21.98 12.25
N ASP E 439 -21.67 -22.70 12.59
CA ASP E 439 -21.66 -23.70 13.65
C ASP E 439 -20.61 -23.41 14.73
N GLY E 440 -21.06 -23.11 15.95
CA GLY E 440 -20.22 -22.88 17.13
C GLY E 440 -19.68 -21.46 17.29
N GLY E 441 -19.38 -21.07 18.53
CA GLY E 441 -18.91 -19.73 18.89
C GLY E 441 -20.01 -18.69 19.10
N ILE E 442 -21.26 -19.11 19.18
CA ILE E 442 -22.41 -18.22 19.39
C ILE E 442 -22.67 -18.08 20.90
N GLN E 443 -22.36 -16.91 21.46
CA GLN E 443 -22.51 -16.62 22.89
C GLN E 443 -23.62 -15.61 23.19
N THR E 444 -24.10 -14.87 22.18
CA THR E 444 -24.98 -13.70 22.31
C THR E 444 -25.86 -13.58 21.08
N VAL E 445 -26.99 -12.87 21.18
CA VAL E 445 -27.84 -12.62 20.00
C VAL E 445 -27.14 -11.77 18.94
N GLY E 446 -26.20 -10.91 19.34
CA GLY E 446 -25.36 -10.16 18.43
C GLY E 446 -24.44 -11.05 17.59
N HIS E 447 -23.92 -12.16 18.13
CA HIS E 447 -23.21 -13.15 17.32
C HIS E 447 -24.13 -13.80 16.27
N VAL E 448 -25.40 -14.06 16.59
CA VAL E 448 -26.36 -14.62 15.62
C VAL E 448 -26.59 -13.63 14.49
N VAL E 449 -26.86 -12.37 14.80
CA VAL E 449 -27.07 -11.32 13.79
C VAL E 449 -25.82 -11.15 12.92
N LYS E 450 -24.61 -11.13 13.51
CA LYS E 450 -23.35 -11.05 12.75
C LYS E 450 -23.15 -12.25 11.84
N ALA E 451 -23.28 -13.47 12.34
CA ALA E 451 -23.20 -14.68 11.52
C ALA E 451 -24.16 -14.61 10.34
N LEU E 452 -25.40 -14.17 10.57
CA LEU E 452 -26.38 -14.11 9.50
C LEU E 452 -26.05 -13.01 8.50
N ALA E 453 -25.53 -11.89 8.98
CA ALA E 453 -25.17 -10.79 8.10
C ALA E 453 -23.99 -11.15 7.22
N LEU E 454 -23.08 -11.99 7.70
CA LEU E 454 -21.93 -12.39 6.91
C LEU E 454 -22.26 -13.41 5.84
N GLY E 455 -23.51 -13.87 5.73
CA GLY E 455 -23.92 -14.81 4.68
C GLY E 455 -24.40 -16.17 5.18
N ALA E 456 -24.33 -16.49 6.48
CA ALA E 456 -24.94 -17.72 6.98
C ALA E 456 -26.46 -17.69 6.78
N SER E 457 -27.05 -18.78 6.33
CA SER E 457 -28.51 -18.89 6.17
C SER E 457 -29.20 -19.31 7.47
N THR E 458 -28.50 -20.08 8.29
CA THR E 458 -28.93 -20.58 9.60
C THR E 458 -27.74 -20.63 10.54
N VAL E 459 -28.00 -20.69 11.83
CA VAL E 459 -27.01 -20.69 12.89
C VAL E 459 -27.25 -21.89 13.80
N MET E 460 -26.22 -22.67 14.08
CA MET E 460 -26.29 -23.86 14.91
C MET E 460 -25.63 -23.60 16.26
N MET E 461 -26.37 -23.88 17.33
CA MET E 461 -25.94 -23.60 18.69
C MET E 461 -25.77 -24.89 19.48
N GLY E 462 -24.66 -24.98 20.21
CA GLY E 462 -24.40 -25.98 21.22
C GLY E 462 -24.62 -25.40 22.61
N SER E 463 -23.62 -24.66 23.09
CA SER E 463 -23.58 -24.11 24.45
C SER E 463 -24.79 -23.25 24.81
N LEU E 464 -25.26 -22.41 23.88
CA LEU E 464 -26.41 -21.56 24.12
C LEU E 464 -27.71 -22.36 24.38
N LEU E 465 -27.80 -23.62 23.97
CA LEU E 465 -28.96 -24.49 24.22
C LEU E 465 -28.70 -25.54 25.31
N ALA E 466 -27.45 -25.78 25.67
CA ALA E 466 -27.07 -26.61 26.81
C ALA E 466 -27.63 -26.04 28.12
N ALA E 467 -27.96 -26.92 29.07
CA ALA E 467 -28.64 -26.57 30.32
C ALA E 467 -29.99 -25.84 30.18
N THR E 468 -30.67 -25.96 29.05
CA THR E 468 -32.13 -25.82 29.01
C THR E 468 -32.78 -27.10 29.53
N THR E 469 -34.07 -27.06 29.87
CA THR E 469 -34.73 -28.24 30.45
C THR E 469 -34.85 -29.39 29.44
N GLU E 470 -35.03 -29.11 28.15
CA GLU E 470 -35.09 -30.09 27.07
C GLU E 470 -33.73 -30.68 26.67
N ALA E 471 -32.61 -30.08 27.08
CA ALA E 471 -31.28 -30.67 26.86
C ALA E 471 -31.13 -31.98 27.65
N PRO E 472 -30.51 -33.04 27.10
CA PRO E 472 -30.35 -34.33 27.75
C PRO E 472 -29.63 -34.29 29.10
N GLY E 473 -29.89 -35.30 29.94
CA GLY E 473 -29.30 -35.41 31.27
C GLY E 473 -30.05 -34.61 32.35
N GLU E 474 -29.55 -34.66 33.58
CA GLU E 474 -30.21 -34.15 34.78
C GLU E 474 -29.41 -33.05 35.47
N TYR E 475 -30.10 -32.11 36.12
CA TYR E 475 -29.47 -31.01 36.84
C TYR E 475 -28.75 -31.45 38.11
N PHE E 476 -27.71 -30.70 38.51
CA PHE E 476 -26.96 -30.84 39.75
C PHE E 476 -26.44 -29.48 40.24
N PHE E 477 -25.86 -29.43 41.44
CA PHE E 477 -25.34 -28.20 42.05
C PHE E 477 -23.86 -28.34 42.42
N SER E 478 -23.11 -27.24 42.38
CA SER E 478 -21.69 -27.20 42.78
C SER E 478 -21.32 -25.87 43.44
N ASP E 479 -21.15 -24.80 42.67
CA ASP E 479 -20.78 -23.46 43.16
C ASP E 479 -21.98 -22.65 43.70
N GLY E 480 -22.92 -23.32 44.37
CA GLY E 480 -24.21 -22.74 44.79
C GLY E 480 -25.18 -22.43 43.64
N VAL E 481 -24.89 -22.89 42.42
CA VAL E 481 -25.70 -22.68 41.21
C VAL E 481 -26.10 -24.00 40.56
N ARG E 482 -27.28 -24.02 39.93
CA ARG E 482 -27.83 -25.18 39.21
C ARG E 482 -27.20 -25.34 37.83
N LEU E 483 -26.81 -26.56 37.48
CA LEU E 483 -25.94 -26.87 36.34
C LEU E 483 -26.40 -28.15 35.60
N LYS E 484 -26.09 -28.23 34.30
CA LYS E 484 -26.01 -29.51 33.53
C LYS E 484 -24.63 -29.66 32.91
N LYS E 485 -24.20 -30.90 32.70
CA LYS E 485 -22.96 -31.21 31.96
C LYS E 485 -23.10 -30.86 30.48
N TYR E 486 -22.03 -30.42 29.85
CA TYR E 486 -21.94 -30.08 28.44
C TYR E 486 -20.55 -30.49 27.93
N ARG E 487 -20.49 -31.52 27.07
CA ARG E 487 -19.29 -32.38 27.03
C ARG E 487 -18.32 -32.24 25.84
N GLY E 488 -18.76 -31.82 24.66
CA GLY E 488 -17.97 -31.92 23.44
C GLY E 488 -17.77 -33.35 22.94
N MET E 489 -18.05 -33.63 21.67
CA MET E 489 -18.17 -34.99 21.13
C MET E 489 -16.84 -35.71 20.89
N GLY E 490 -15.74 -34.96 20.82
CA GLY E 490 -14.37 -35.46 20.84
C GLY E 490 -13.66 -35.29 22.18
N SER E 491 -14.38 -35.00 23.27
CA SER E 491 -13.83 -35.24 24.61
C SER E 491 -13.71 -36.74 24.87
N LEU E 492 -12.77 -37.14 25.72
CA LEU E 492 -12.59 -38.57 26.04
C LEU E 492 -13.64 -39.08 27.05
N ASP E 493 -14.40 -38.18 27.66
CA ASP E 493 -15.68 -38.46 28.32
C ASP E 493 -16.74 -38.99 27.33
N ALA E 494 -16.88 -38.39 26.13
CA ALA E 494 -17.85 -38.81 25.13
C ALA E 494 -17.54 -40.19 24.54
N VAL E 512 -3.34 -45.00 20.88
CA VAL E 512 -3.61 -43.72 21.51
C VAL E 512 -4.86 -43.05 20.89
N LYS E 513 -5.72 -42.49 21.75
CA LYS E 513 -6.83 -41.58 21.39
C LYS E 513 -6.63 -40.21 22.03
N ILE E 514 -6.66 -39.15 21.24
CA ILE E 514 -6.40 -37.76 21.69
C ILE E 514 -7.71 -36.97 21.79
N ALA E 515 -7.90 -36.20 22.86
CA ALA E 515 -9.07 -35.34 23.00
C ALA E 515 -9.07 -34.16 22.00
N GLN E 516 -10.21 -33.93 21.35
CA GLN E 516 -10.49 -32.74 20.54
C GLN E 516 -11.32 -31.68 21.29
N GLY E 517 -11.85 -32.02 22.46
CA GLY E 517 -12.74 -31.17 23.24
C GLY E 517 -12.67 -31.45 24.73
N VAL E 518 -13.20 -30.54 25.52
CA VAL E 518 -13.20 -30.59 26.99
C VAL E 518 -14.60 -30.89 27.50
N SER E 519 -14.72 -31.79 28.47
CA SER E 519 -16.01 -31.99 29.14
C SER E 519 -16.19 -30.98 30.25
N GLY E 520 -17.30 -30.27 30.29
CA GLY E 520 -17.56 -29.20 31.24
C GLY E 520 -19.01 -29.09 31.67
N SER E 521 -19.39 -27.91 32.16
CA SER E 521 -20.66 -27.66 32.84
C SER E 521 -21.21 -26.27 32.54
N ILE E 522 -22.54 -26.14 32.52
CA ILE E 522 -23.27 -24.94 32.11
C ILE E 522 -24.43 -24.69 33.08
N GLN E 523 -24.66 -23.42 33.43
CA GLN E 523 -25.74 -22.97 34.30
C GLN E 523 -27.12 -23.09 33.65
N ASP E 524 -28.14 -23.45 34.45
CA ASP E 524 -29.54 -23.58 34.03
C ASP E 524 -30.12 -22.31 33.37
N LYS E 525 -30.88 -22.48 32.27
CA LYS E 525 -31.59 -21.42 31.52
C LYS E 525 -33.10 -21.62 31.37
N GLY E 526 -33.70 -22.65 31.97
CA GLY E 526 -35.13 -22.94 31.81
C GLY E 526 -35.48 -23.58 30.46
N SER E 527 -36.72 -23.46 29.99
CA SER E 527 -37.14 -24.16 28.76
C SER E 527 -36.71 -23.46 27.46
N ILE E 528 -36.62 -24.22 26.38
CA ILE E 528 -36.40 -23.69 25.03
C ILE E 528 -37.54 -22.74 24.64
N GLN E 529 -38.75 -22.99 25.10
CA GLN E 529 -39.92 -22.24 24.67
C GLN E 529 -40.07 -20.89 25.37
N LYS E 530 -39.21 -20.57 26.33
CA LYS E 530 -39.15 -19.26 26.91
C LYS E 530 -37.89 -18.51 26.53
N PHE E 531 -36.96 -19.19 25.85
CA PHE E 531 -35.63 -18.68 25.52
C PHE E 531 -35.44 -18.48 24.01
N VAL E 532 -36.14 -19.25 23.17
CA VAL E 532 -36.03 -19.07 21.72
C VAL E 532 -36.79 -17.84 21.28
N PRO E 533 -37.98 -17.49 21.83
CA PRO E 533 -38.64 -16.23 21.48
C PRO E 533 -37.83 -14.99 21.86
N TYR E 534 -36.97 -15.08 22.88
CA TYR E 534 -35.97 -14.05 23.16
C TYR E 534 -34.91 -13.91 22.07
N LEU E 535 -34.35 -15.01 21.54
CA LEU E 535 -33.41 -14.95 20.41
C LEU E 535 -34.09 -14.39 19.17
N ILE E 536 -35.31 -14.82 18.87
CA ILE E 536 -36.12 -14.29 17.77
C ILE E 536 -36.32 -12.78 17.93
N ALA E 537 -36.75 -12.29 19.09
CA ALA E 537 -36.94 -10.87 19.34
C ALA E 537 -35.64 -10.06 19.22
N GLY E 538 -34.51 -10.60 19.70
CA GLY E 538 -33.21 -9.96 19.53
C GLY E 538 -32.71 -9.94 18.08
N ILE E 539 -32.93 -11.01 17.30
CA ILE E 539 -32.64 -11.01 15.86
C ILE E 539 -33.52 -9.96 15.16
N GLN E 540 -34.82 -9.87 15.47
CA GLN E 540 -35.68 -8.89 14.82
C GLN E 540 -35.23 -7.47 15.13
N HIS E 541 -34.87 -7.17 16.38
CA HIS E 541 -34.44 -5.82 16.74
C HIS E 541 -33.07 -5.46 16.15
N GLY E 542 -32.15 -6.42 16.07
CA GLY E 542 -30.91 -6.27 15.32
C GLY E 542 -31.15 -5.97 13.84
N CYS E 543 -32.09 -6.67 13.19
CA CYS E 543 -32.37 -6.39 11.79
C CYS E 543 -33.09 -5.06 11.61
N GLN E 544 -33.89 -4.63 12.57
CA GLN E 544 -34.57 -3.34 12.49
C GLN E 544 -33.57 -2.17 12.52
N ASP E 545 -32.61 -2.14 13.45
CA ASP E 545 -31.63 -1.04 13.50
C ASP E 545 -30.70 -0.96 12.28
N ILE E 546 -30.49 -2.08 11.60
CA ILE E 546 -29.81 -2.16 10.30
C ILE E 546 -30.70 -1.67 9.14
N GLY E 547 -32.02 -1.71 9.27
CA GLY E 547 -32.96 -1.37 8.20
C GLY E 547 -33.30 -2.53 7.26
N ALA E 548 -33.04 -3.78 7.66
CA ALA E 548 -33.34 -4.98 6.89
C ALA E 548 -34.73 -5.47 7.26
N ARG E 549 -35.62 -5.52 6.28
CA ARG E 549 -36.97 -6.00 6.54
C ARG E 549 -37.06 -7.52 6.63
N SER E 550 -36.01 -8.24 6.26
CA SER E 550 -35.92 -9.69 6.37
C SER E 550 -34.47 -10.09 6.33
N LEU E 551 -34.21 -11.36 6.61
CA LEU E 551 -32.84 -11.86 6.59
C LEU E 551 -32.32 -11.98 5.16
N SER E 552 -33.19 -12.32 4.22
CA SER E 552 -32.86 -12.26 2.81
C SER E 552 -32.41 -10.86 2.39
N VAL E 553 -33.16 -9.84 2.83
CA VAL E 553 -32.80 -8.47 2.48
C VAL E 553 -31.48 -8.10 3.13
N LEU E 554 -31.22 -8.61 4.33
CA LEU E 554 -29.96 -8.36 5.00
C LEU E 554 -28.79 -8.89 4.19
N ARG E 555 -28.85 -10.16 3.79
CA ARG E 555 -27.76 -10.72 3.02
C ARG E 555 -27.64 -10.05 1.65
N SER E 556 -28.75 -9.67 1.05
CA SER E 556 -28.70 -8.93 -0.20
C SER E 556 -27.98 -7.60 -0.04
N MET E 557 -28.28 -6.86 1.03
CA MET E 557 -27.59 -5.60 1.28
C MET E 557 -26.11 -5.81 1.55
N MET E 558 -25.74 -6.93 2.15
CA MET E 558 -24.33 -7.20 2.37
C MET E 558 -23.61 -7.48 1.06
N TYR E 559 -24.15 -8.37 0.23
CA TYR E 559 -23.45 -8.72 -0.99
C TYR E 559 -23.37 -7.55 -1.98
N SER E 560 -24.27 -6.59 -1.85
CA SER E 560 -24.35 -5.47 -2.78
C SER E 560 -23.60 -4.24 -2.32
N GLY E 561 -22.95 -4.29 -1.16
CA GLY E 561 -22.21 -3.17 -0.65
C GLY E 561 -23.00 -2.17 0.15
N GLU E 562 -24.33 -2.26 0.20
CA GLU E 562 -25.12 -1.28 0.93
C GLU E 562 -24.83 -1.36 2.43
N LEU E 563 -24.70 -2.56 2.96
CA LEU E 563 -24.40 -2.75 4.37
C LEU E 563 -22.93 -2.46 4.62
N LYS E 564 -22.68 -1.69 5.67
CA LYS E 564 -21.34 -1.22 6.01
C LYS E 564 -20.88 -1.80 7.33
N PHE E 565 -19.57 -2.02 7.46
CA PHE E 565 -18.99 -2.65 8.62
C PHE E 565 -17.90 -1.75 9.18
N GLU E 566 -17.55 -2.00 10.42
CA GLU E 566 -16.51 -1.24 11.10
C GLU E 566 -15.70 -2.21 11.92
N LYS E 567 -14.38 -2.17 11.79
CA LYS E 567 -13.52 -2.97 12.64
C LYS E 567 -13.41 -2.36 14.02
N ARG E 568 -13.08 -3.19 15.02
CA ARG E 568 -12.94 -2.81 16.43
C ARG E 568 -11.52 -3.07 16.89
N THR E 569 -10.94 -2.12 17.62
CA THR E 569 -9.72 -2.39 18.35
C THR E 569 -10.07 -3.08 19.67
N MET E 570 -9.08 -3.37 20.48
CA MET E 570 -9.38 -3.96 21.77
C MET E 570 -10.03 -2.95 22.71
N SER E 571 -9.55 -1.71 22.70
CA SER E 571 -10.21 -0.69 23.50
C SER E 571 -11.63 -0.46 23.03
N ALA E 572 -11.90 -0.56 21.73
CA ALA E 572 -13.25 -0.49 21.21
C ALA E 572 -14.13 -1.62 21.73
N GLN E 573 -13.61 -2.83 21.83
CA GLN E 573 -14.36 -3.94 22.40
C GLN E 573 -14.60 -3.75 23.89
N ILE E 574 -13.63 -3.19 24.62
CA ILE E 574 -13.84 -2.85 26.02
C ILE E 574 -14.97 -1.84 26.14
N GLU E 575 -14.95 -0.78 25.32
CA GLU E 575 -16.02 0.24 25.24
C GLU E 575 -17.39 -0.34 24.82
N GLY E 576 -17.44 -1.41 24.04
CA GLY E 576 -18.69 -2.08 23.68
C GLY E 576 -19.30 -2.94 24.79
N GLY E 577 -18.57 -3.20 25.87
CA GLY E 577 -19.06 -3.82 27.10
C GLY E 577 -19.50 -2.80 28.16
N VAL E 578 -19.65 -3.24 29.39
CA VAL E 578 -19.93 -2.41 30.57
C VAL E 578 -18.64 -1.75 31.09
N HIS E 579 -18.66 -0.46 31.46
CA HIS E 579 -17.45 0.28 31.89
C HIS E 579 -17.33 0.38 33.42
N GLY E 580 -16.85 1.52 33.95
CA GLY E 580 -16.57 1.78 35.36
C GLY E 580 -17.76 1.87 36.33
N LEU E 581 -18.78 1.04 36.15
CA LEU E 581 -19.78 0.78 37.17
C LEU E 581 -19.13 0.10 38.38
N HIS E 582 -19.57 0.41 39.60
CA HIS E 582 -19.13 -0.31 40.79
C HIS E 582 -19.60 -1.78 40.77
N SER E 583 -20.84 -1.98 40.37
CA SER E 583 -21.49 -3.28 40.17
C SER E 583 -22.68 -3.11 39.22
N TYR E 584 -23.15 -4.20 38.62
CA TYR E 584 -24.36 -4.20 37.79
C TYR E 584 -25.14 -5.52 37.84
N THR E 585 -26.44 -5.41 37.60
CA THR E 585 -27.35 -6.51 37.30
C THR E 585 -27.71 -6.47 35.82
N PHE E 586 -27.62 -7.61 35.13
CA PHE E 586 -28.14 -7.79 33.78
C PHE E 586 -29.36 -8.72 33.78
N LEU E 587 -30.50 -8.23 33.32
CA LEU E 587 -31.68 -9.04 33.02
C LEU E 587 -31.90 -8.97 31.50
N PRO E 588 -31.78 -10.08 30.74
CA PRO E 588 -31.82 -10.04 29.28
C PRO E 588 -33.20 -9.74 28.71
N PHE E 589 -34.25 -10.35 29.29
CA PHE E 589 -35.65 -10.17 28.86
C PHE E 589 -36.62 -10.31 30.05
N THR E 590 -37.75 -9.60 29.99
CA THR E 590 -38.73 -9.52 31.12
C THR E 590 -39.82 -10.60 31.07
N LYS E 591 -40.17 -11.08 29.87
CA LYS E 591 -41.27 -12.03 29.59
C LYS E 591 -40.88 -13.11 28.58
N GLY F 28 8.28 -36.08 -6.57
CA GLY F 28 7.83 -34.76 -6.11
C GLY F 28 6.44 -34.83 -5.49
N HIS F 29 6.11 -33.95 -4.53
CA HIS F 29 4.84 -34.02 -3.79
C HIS F 29 3.62 -33.72 -4.67
N GLU F 30 2.49 -34.36 -4.37
CA GLU F 30 1.28 -34.26 -5.17
C GLU F 30 0.34 -33.27 -4.54
N THR F 31 -0.28 -32.44 -5.36
CA THR F 31 -1.15 -31.40 -4.86
C THR F 31 -2.53 -31.97 -4.52
N ALA F 32 -3.31 -31.26 -3.71
CA ALA F 32 -4.64 -31.65 -3.28
C ALA F 32 -5.54 -31.93 -4.48
N ALA F 33 -5.44 -31.12 -5.55
CA ALA F 33 -6.25 -31.36 -6.73
C ALA F 33 -5.84 -32.66 -7.42
N GLN F 34 -4.55 -32.92 -7.55
CA GLN F 34 -4.03 -34.15 -8.16
C GLN F 34 -4.51 -35.38 -7.41
N ARG F 35 -4.45 -35.36 -6.06
CA ARG F 35 -4.91 -36.48 -5.27
C ARG F 35 -6.42 -36.67 -5.41
N TYR F 36 -7.18 -35.58 -5.29
CA TYR F 36 -8.63 -35.63 -5.44
C TYR F 36 -9.02 -36.21 -6.79
N SER F 37 -8.30 -35.85 -7.86
CA SER F 37 -8.62 -36.34 -9.19
C SER F 37 -8.33 -37.83 -9.32
N ALA F 38 -7.16 -38.26 -8.85
CA ALA F 38 -6.85 -39.68 -8.86
C ALA F 38 -7.89 -40.47 -8.09
N ARG F 39 -8.41 -39.91 -6.99
CA ARG F 39 -9.39 -40.65 -6.21
C ARG F 39 -10.73 -40.72 -6.92
N LEU F 40 -11.17 -39.63 -7.54
CA LEU F 40 -12.37 -39.62 -8.39
C LEU F 40 -12.25 -40.60 -9.56
N LEU F 41 -11.02 -40.91 -10.00
CA LEU F 41 -10.63 -41.67 -11.12
C LEU F 41 -10.50 -43.15 -10.90
N GLN F 42 -10.14 -43.58 -9.75
CA GLN F 42 -10.23 -44.90 -9.25
C GLN F 42 -11.62 -45.45 -9.29
N ALA F 43 -12.61 -44.67 -9.53
CA ALA F 43 -14.00 -44.91 -9.55
C ALA F 43 -14.71 -44.40 -10.76
N GLY F 44 -16.04 -44.49 -10.78
CA GLY F 44 -16.79 -43.94 -11.89
C GLY F 44 -16.81 -42.43 -11.91
N TYR F 45 -17.37 -41.82 -10.86
CA TYR F 45 -17.45 -40.37 -10.68
C TYR F 45 -16.06 -39.76 -10.54
N MET F 76 -10.01 -35.04 -23.24
CA MET F 76 -11.02 -34.06 -22.91
C MET F 76 -10.41 -32.76 -22.44
N ALA F 77 -11.21 -31.69 -22.46
CA ALA F 77 -10.68 -30.34 -22.33
C ALA F 77 -10.04 -30.11 -20.98
N ASP F 78 -10.63 -30.61 -19.90
CA ASP F 78 -10.16 -30.24 -18.57
C ASP F 78 -8.67 -30.56 -18.41
N TYR F 79 -8.21 -31.71 -18.91
CA TYR F 79 -6.78 -32.02 -18.94
C TYR F 79 -6.03 -31.11 -19.90
N LEU F 80 -6.57 -30.86 -21.10
CA LEU F 80 -5.90 -30.04 -22.08
C LEU F 80 -5.80 -28.59 -21.63
N ILE F 81 -6.82 -28.08 -20.97
CA ILE F 81 -6.85 -26.69 -20.58
C ILE F 81 -5.76 -26.38 -19.57
N SER F 82 -5.87 -26.98 -18.39
CA SER F 82 -4.98 -26.65 -17.29
C SER F 82 -3.88 -27.68 -17.12
N GLY F 83 -3.77 -28.74 -17.92
CA GLY F 83 -2.63 -29.67 -17.85
C GLY F 83 -2.54 -30.45 -16.54
N GLY F 84 -3.69 -30.74 -15.91
CA GLY F 84 -3.77 -31.45 -14.63
C GLY F 84 -3.58 -30.60 -13.36
N THR F 85 -3.26 -29.30 -13.44
CA THR F 85 -3.15 -28.46 -12.23
C THR F 85 -4.48 -28.35 -11.45
N GLY F 86 -5.64 -28.16 -12.10
CA GLY F 86 -6.91 -28.30 -11.42
C GLY F 86 -7.33 -27.11 -10.62
N TYR F 87 -8.55 -26.62 -10.83
CA TYR F 87 -8.99 -25.39 -10.20
C TYR F 87 -9.30 -25.64 -8.73
N VAL F 88 -8.64 -24.92 -7.83
CA VAL F 88 -8.99 -24.84 -6.42
C VAL F 88 -9.11 -23.36 -6.06
N PRO F 89 -10.21 -22.90 -5.45
CA PRO F 89 -10.34 -21.49 -5.07
C PRO F 89 -9.25 -21.10 -4.06
N GLU F 90 -8.51 -20.04 -4.35
CA GLU F 90 -7.45 -19.54 -3.47
C GLU F 90 -8.07 -18.91 -2.23
N ASP F 91 -7.56 -19.28 -1.05
CA ASP F 91 -8.09 -18.85 0.24
C ASP F 91 -6.95 -18.87 1.27
N GLY F 92 -6.77 -17.82 2.08
CA GLY F 92 -5.69 -17.75 3.03
C GLY F 92 -4.43 -17.10 2.47
N LEU F 93 -3.34 -17.34 3.17
CA LEU F 93 -2.05 -16.78 2.82
C LEU F 93 -1.03 -17.89 2.68
N THR F 94 0.03 -17.60 1.94
CA THR F 94 1.19 -18.47 1.94
C THR F 94 2.16 -18.01 3.02
N ALA F 95 3.06 -18.90 3.42
CA ALA F 95 4.03 -18.54 4.42
C ALA F 95 4.77 -17.25 4.05
N GLN F 96 5.05 -17.09 2.76
CA GLN F 96 5.72 -15.88 2.30
C GLN F 96 4.87 -14.64 2.55
N GLN F 97 3.61 -14.67 2.11
CA GLN F 97 2.72 -13.56 2.39
C GLN F 97 2.53 -13.37 3.88
N LEU F 98 2.42 -14.47 4.62
CA LEU F 98 2.20 -14.39 6.05
C LEU F 98 3.31 -13.59 6.71
N PHE F 99 4.55 -13.80 6.31
CA PHE F 99 5.66 -13.14 6.97
C PHE F 99 6.13 -11.89 6.23
N ALA F 100 5.48 -11.51 5.14
CA ALA F 100 5.84 -10.28 4.48
C ALA F 100 5.45 -9.04 5.29
N SER F 101 4.46 -9.18 6.17
CA SER F 101 3.95 -8.03 6.89
C SER F 101 4.95 -7.43 7.86
N ALA F 102 5.91 -8.23 8.34
CA ALA F 102 6.93 -7.80 9.26
C ALA F 102 6.38 -7.47 10.64
N ASP F 103 5.24 -8.05 10.98
CA ASP F 103 4.88 -8.16 12.37
C ASP F 103 5.68 -9.30 12.99
N GLY F 104 5.80 -9.28 14.30
CA GLY F 104 6.53 -10.37 14.92
C GLY F 104 5.61 -11.48 15.34
N LEU F 105 5.53 -12.55 14.56
CA LEU F 105 4.57 -13.61 14.82
C LEU F 105 5.18 -14.72 15.64
N THR F 106 4.44 -15.18 16.63
CA THR F 106 4.72 -16.40 17.38
C THR F 106 3.78 -17.49 16.91
N TYR F 107 3.88 -18.70 17.45
CA TYR F 107 2.99 -19.81 17.11
C TYR F 107 1.53 -19.52 17.42
N ASN F 108 1.23 -18.75 18.45
CA ASN F 108 -0.14 -18.39 18.79
C ASN F 108 -0.79 -17.42 17.79
N ASP F 109 -0.04 -16.76 16.90
CA ASP F 109 -0.58 -15.68 16.09
C ASP F 109 -1.20 -16.16 14.79
N PHE F 110 -1.07 -17.43 14.44
CA PHE F 110 -1.60 -17.91 13.18
C PHE F 110 -2.14 -19.32 13.33
N LEU F 111 -2.87 -19.78 12.32
CA LEU F 111 -3.39 -21.13 12.12
C LEU F 111 -2.96 -21.64 10.75
N ILE F 112 -2.94 -22.96 10.59
CA ILE F 112 -2.83 -23.63 9.29
C ILE F 112 -4.26 -23.93 8.81
N LEU F 113 -4.58 -23.68 7.55
CA LEU F 113 -5.89 -24.01 7.00
C LEU F 113 -5.96 -25.51 6.64
N PRO F 114 -7.07 -26.21 6.93
CA PRO F 114 -7.23 -27.62 6.57
C PRO F 114 -7.23 -27.86 5.06
N GLY F 115 -6.79 -29.06 4.67
CA GLY F 115 -6.59 -29.45 3.27
C GLY F 115 -7.55 -30.52 2.77
N PHE F 116 -7.03 -31.49 2.05
CA PHE F 116 -7.75 -32.64 1.51
C PHE F 116 -7.21 -33.95 2.08
N ILE F 117 -8.07 -34.76 2.66
CA ILE F 117 -7.70 -36.02 3.30
C ILE F 117 -7.99 -37.18 2.36
N ASP F 118 -6.97 -37.98 2.08
CA ASP F 118 -7.14 -39.27 1.40
C ASP F 118 -6.37 -40.41 2.08
N PHE F 119 -6.06 -40.31 3.38
CA PHE F 119 -5.32 -41.36 4.07
C PHE F 119 -5.68 -41.26 5.53
N ILE F 120 -5.25 -42.23 6.32
CA ILE F 120 -5.51 -42.22 7.75
C ILE F 120 -4.28 -41.69 8.47
N ALA F 121 -4.47 -41.30 9.73
CA ALA F 121 -3.39 -40.66 10.47
C ALA F 121 -2.24 -41.61 10.72
N ASP F 122 -2.54 -42.86 11.08
CA ASP F 122 -1.49 -43.79 11.49
C ASP F 122 -0.41 -43.96 10.46
N GLU F 123 -0.69 -43.65 9.19
CA GLU F 123 0.29 -43.81 8.12
C GLU F 123 0.99 -42.50 7.77
N VAL F 124 1.07 -41.56 8.70
CA VAL F 124 1.88 -40.37 8.47
C VAL F 124 3.32 -40.66 8.88
N ASP F 125 4.25 -40.38 7.97
CA ASP F 125 5.66 -40.64 8.19
C ASP F 125 6.30 -39.44 8.87
N LEU F 126 6.95 -39.67 10.01
CA LEU F 126 7.55 -38.59 10.75
C LEU F 126 9.07 -38.55 10.60
N THR F 127 9.67 -39.29 9.68
CA THR F 127 11.12 -39.28 9.41
C THR F 127 11.66 -37.86 9.22
N SER F 128 12.72 -37.52 9.96
CA SER F 128 13.31 -36.17 10.01
C SER F 128 14.83 -36.21 9.98
N ALA F 129 15.44 -35.23 9.32
CA ALA F 129 16.87 -35.00 9.38
C ALA F 129 17.21 -34.20 10.65
N LEU F 130 18.09 -34.72 11.49
CA LEU F 130 18.68 -33.96 12.61
C LEU F 130 19.84 -33.09 12.13
N THR F 131 20.66 -33.64 11.23
CA THR F 131 21.80 -32.99 10.61
C THR F 131 21.88 -33.40 9.15
N ARG F 132 22.86 -32.90 8.39
CA ARG F 132 23.18 -33.37 7.04
C ARG F 132 23.21 -34.91 6.88
N LYS F 133 23.66 -35.65 7.91
CA LYS F 133 23.86 -37.11 7.85
C LYS F 133 23.05 -37.98 8.82
N ILE F 134 22.44 -37.42 9.86
CA ILE F 134 21.67 -38.17 10.87
C ILE F 134 20.17 -38.04 10.60
N THR F 135 19.47 -39.17 10.61
CA THR F 135 18.01 -39.25 10.46
C THR F 135 17.39 -39.85 11.71
N LEU F 136 16.26 -39.31 12.14
CA LEU F 136 15.44 -39.77 13.25
C LEU F 136 14.08 -40.19 12.71
N LYS F 137 13.43 -41.18 13.31
CA LYS F 137 12.09 -41.60 12.93
C LYS F 137 11.02 -40.78 13.60
N THR F 138 11.40 -39.74 14.33
CA THR F 138 10.52 -38.91 15.12
C THR F 138 11.20 -37.56 15.23
N PRO F 139 10.47 -36.46 15.15
CA PRO F 139 11.13 -35.13 15.12
C PRO F 139 11.46 -34.52 16.49
N LEU F 140 11.43 -35.27 17.58
CA LEU F 140 11.50 -34.71 18.93
C LEU F 140 12.87 -34.91 19.55
N ILE F 141 13.36 -33.85 20.20
CA ILE F 141 14.68 -33.77 20.80
C ILE F 141 14.54 -33.28 22.24
N SER F 142 15.24 -33.87 23.20
CA SER F 142 15.26 -33.30 24.54
C SER F 142 16.41 -32.31 24.68
N SER F 143 16.12 -31.16 25.28
CA SER F 143 17.07 -30.07 25.42
C SER F 143 18.24 -30.38 26.37
N PRO F 144 19.47 -29.90 26.08
CA PRO F 144 20.65 -30.08 26.92
C PRO F 144 20.66 -29.21 28.18
N MET F 145 19.67 -29.39 29.04
CA MET F 145 19.54 -28.71 30.33
C MET F 145 19.66 -29.71 31.47
N ASP F 146 20.25 -29.29 32.59
CA ASP F 146 20.56 -30.15 33.73
C ASP F 146 19.33 -30.60 34.54
N THR F 147 18.19 -29.95 34.37
CA THR F 147 16.87 -30.42 34.83
C THR F 147 16.08 -31.17 33.76
N VAL F 148 16.67 -31.51 32.61
CA VAL F 148 15.99 -32.24 31.52
C VAL F 148 16.76 -33.46 31.06
N THR F 149 18.01 -33.37 30.61
CA THR F 149 18.67 -34.48 29.89
C THR F 149 19.96 -34.97 30.52
N GLU F 150 19.89 -36.15 31.12
CA GLU F 150 21.03 -37.03 31.45
C GLU F 150 20.78 -38.40 30.80
N ALA F 151 21.53 -39.45 31.14
CA ALA F 151 21.48 -40.73 30.44
C ALA F 151 20.06 -41.31 30.37
N ASP F 152 19.25 -41.27 31.43
CA ASP F 152 17.91 -41.87 31.42
C ASP F 152 16.94 -41.20 30.43
N MET F 153 16.93 -39.87 30.38
CA MET F 153 16.16 -39.12 29.40
C MET F 153 16.67 -39.37 27.98
N ALA F 154 17.99 -39.35 27.79
CA ALA F 154 18.61 -39.59 26.50
C ALA F 154 18.30 -41.01 25.98
N ILE F 155 18.38 -42.03 26.82
CA ILE F 155 17.96 -43.40 26.52
C ILE F 155 16.49 -43.43 26.14
N ALA F 156 15.61 -42.83 26.95
CA ALA F 156 14.19 -42.84 26.67
C ALA F 156 13.87 -42.16 25.34
N MET F 157 14.49 -41.02 25.03
CA MET F 157 14.20 -40.33 23.77
C MET F 157 14.74 -41.11 22.58
N ALA F 158 15.95 -41.65 22.69
CA ALA F 158 16.49 -42.49 21.64
C ALA F 158 15.61 -43.70 21.39
N LEU F 159 15.02 -44.33 22.43
CA LEU F 159 14.16 -45.48 22.28
C LEU F 159 12.83 -45.17 21.59
N MET F 160 12.23 -44.00 21.86
CA MET F 160 10.96 -43.66 21.25
C MET F 160 11.12 -43.07 19.86
N GLY F 161 12.34 -42.91 19.37
CA GLY F 161 12.57 -42.48 18.00
C GLY F 161 13.12 -41.09 17.84
N GLY F 162 13.44 -40.39 18.92
CA GLY F 162 14.11 -39.12 18.83
C GLY F 162 15.51 -39.22 19.35
N ILE F 163 16.01 -38.18 19.98
CA ILE F 163 17.37 -38.14 20.52
C ILE F 163 17.39 -37.18 21.70
N GLY F 164 18.33 -37.35 22.61
CA GLY F 164 18.54 -36.41 23.69
C GLY F 164 19.98 -35.91 23.67
N PHE F 165 20.17 -34.63 23.97
CA PHE F 165 21.50 -34.05 24.11
C PHE F 165 21.82 -33.93 25.59
N ILE F 166 22.83 -34.64 26.06
CA ILE F 166 23.24 -34.60 27.46
C ILE F 166 23.82 -33.22 27.81
N HIS F 167 23.48 -32.68 28.99
CA HIS F 167 23.91 -31.33 29.40
C HIS F 167 25.39 -31.27 29.81
N HIS F 168 25.97 -30.08 29.79
CA HIS F 168 27.38 -29.83 30.14
C HIS F 168 27.60 -29.01 31.41
N ASN F 169 26.57 -28.81 32.24
CA ASN F 169 26.70 -28.19 33.56
C ASN F 169 27.21 -29.20 34.61
N CYS F 170 28.32 -29.87 34.29
CA CYS F 170 28.90 -30.97 35.04
C CYS F 170 30.36 -31.14 34.61
N THR F 171 31.15 -31.90 35.34
CA THR F 171 32.54 -32.19 34.94
C THR F 171 32.61 -32.97 33.62
N PRO F 172 33.68 -32.81 32.82
CA PRO F 172 33.87 -33.56 31.59
C PRO F 172 33.75 -35.08 31.76
N GLU F 173 34.33 -35.64 32.80
CA GLU F 173 34.26 -37.07 33.11
C GLU F 173 32.84 -37.54 33.46
N PHE F 174 32.05 -36.73 34.18
CA PHE F 174 30.64 -37.03 34.43
C PHE F 174 29.84 -37.04 33.11
N GLN F 175 29.98 -36.02 32.26
CA GLN F 175 29.26 -36.00 30.99
C GLN F 175 29.64 -37.19 30.12
N ALA F 176 30.93 -37.51 30.01
CA ALA F 176 31.39 -38.66 29.24
C ALA F 176 30.86 -39.98 29.81
N ASN F 177 30.71 -40.12 31.12
CA ASN F 177 30.09 -41.28 31.74
C ASN F 177 28.58 -41.37 31.42
N GLU F 178 27.84 -40.27 31.47
CA GLU F 178 26.44 -40.24 31.05
C GLU F 178 26.27 -40.59 29.56
N VAL F 179 27.16 -40.12 28.67
CA VAL F 179 27.16 -40.54 27.26
C VAL F 179 27.42 -42.04 27.12
N ARG F 180 28.43 -42.58 27.81
CA ARG F 180 28.74 -44.01 27.80
C ARG F 180 27.57 -44.85 28.30
N LYS F 181 26.85 -44.42 29.34
CA LYS F 181 25.62 -45.09 29.80
C LYS F 181 24.57 -45.21 28.71
N VAL F 182 24.38 -44.20 27.85
CA VAL F 182 23.47 -44.28 26.70
C VAL F 182 23.99 -45.26 25.66
N LYS F 183 25.25 -45.15 25.22
CA LYS F 183 25.80 -46.02 24.17
C LYS F 183 25.85 -47.50 24.57
N LYS F 184 25.97 -47.81 25.87
CA LYS F 184 25.90 -49.17 26.43
C LYS F 184 24.49 -49.76 26.51
N PHE F 185 23.41 -48.97 26.58
CA PHE F 185 22.11 -49.47 27.04
C PHE F 185 21.50 -50.60 26.21
N GLU F 186 21.66 -50.55 24.88
CA GLU F 186 21.23 -51.56 23.93
C GLU F 186 22.38 -51.86 22.98
N GLN F 187 22.63 -53.13 22.66
CA GLN F 187 23.85 -53.57 21.96
C GLN F 187 23.57 -54.52 20.82
N GLY F 188 24.35 -54.39 19.74
CA GLY F 188 24.61 -55.47 18.79
C GLY F 188 25.55 -56.50 19.41
N PHE F 189 26.76 -56.65 18.87
CA PHE F 189 27.83 -57.33 19.61
C PHE F 189 28.29 -56.49 20.79
N ILE F 190 28.36 -57.08 21.98
CA ILE F 190 29.10 -56.56 23.13
C ILE F 190 30.57 -56.91 22.92
N THR F 191 31.36 -55.97 22.40
CA THR F 191 32.79 -56.17 22.07
C THR F 191 33.73 -55.91 23.24
N ASP F 192 33.25 -55.30 24.32
CA ASP F 192 33.98 -54.97 25.54
C ASP F 192 33.25 -55.43 26.83
N PRO F 193 32.86 -56.71 26.95
CA PRO F 193 32.07 -57.22 28.08
C PRO F 193 32.78 -57.04 29.42
N THR F 268 28.12 -62.41 10.96
CA THR F 268 27.10 -61.39 10.78
C THR F 268 26.21 -61.30 12.02
N LEU F 269 25.89 -60.06 12.43
CA LEU F 269 25.06 -59.79 13.62
C LEU F 269 23.68 -60.44 13.50
N LYS F 270 23.27 -60.83 12.28
CA LYS F 270 22.04 -61.59 12.10
C LYS F 270 22.09 -62.93 12.81
N GLU F 271 23.25 -63.41 13.27
CA GLU F 271 23.39 -64.67 14.02
C GLU F 271 22.57 -64.68 15.32
N ALA F 272 22.16 -63.51 15.83
CA ALA F 272 21.21 -63.40 16.93
C ALA F 272 19.85 -64.08 16.66
N ASN F 273 19.45 -64.22 15.40
CA ASN F 273 18.22 -64.90 14.99
C ASN F 273 18.40 -65.65 13.65
N ALA F 295 31.81 -59.63 20.89
CA ALA F 295 32.15 -60.96 21.37
C ALA F 295 30.95 -61.74 21.94
N ILE F 296 29.95 -61.03 22.48
CA ILE F 296 28.74 -61.60 23.12
C ILE F 296 27.48 -60.94 22.53
N ILE F 297 26.38 -61.69 22.47
CA ILE F 297 25.03 -61.21 22.11
C ILE F 297 24.05 -61.63 23.21
N ALA F 298 23.13 -60.75 23.60
CA ALA F 298 22.12 -60.99 24.63
C ALA F 298 20.69 -60.88 24.06
N ARG F 299 19.81 -61.84 24.38
CA ARG F 299 18.39 -61.81 23.94
C ARG F 299 17.64 -60.57 24.45
N THR F 300 18.08 -59.96 25.54
CA THR F 300 17.53 -58.70 26.06
C THR F 300 17.60 -57.55 25.06
N ASP F 301 18.63 -57.50 24.21
CA ASP F 301 18.67 -56.54 23.11
C ASP F 301 17.68 -56.86 21.99
N LEU F 302 17.38 -58.14 21.74
CA LEU F 302 16.30 -58.51 20.84
C LEU F 302 14.94 -58.14 21.42
N LYS F 303 14.72 -58.30 22.73
CA LYS F 303 13.50 -57.84 23.39
C LYS F 303 13.37 -56.32 23.29
N LYS F 304 14.44 -55.56 23.53
CA LYS F 304 14.48 -54.11 23.33
C LYS F 304 14.12 -53.75 21.88
N ASN F 305 14.79 -54.35 20.90
CA ASN F 305 14.49 -54.15 19.48
C ASN F 305 13.02 -54.50 19.13
N ARG F 306 12.45 -55.57 19.68
CA ARG F 306 11.04 -55.92 19.51
C ARG F 306 10.10 -54.87 20.14
N ASP F 307 10.40 -54.42 21.35
CA ASP F 307 9.58 -53.48 22.11
C ASP F 307 9.62 -52.03 21.59
N TYR F 308 10.67 -51.64 20.87
CA TYR F 308 10.90 -50.26 20.40
C TYR F 308 11.13 -50.18 18.89
N PRO F 309 10.06 -50.14 18.06
CA PRO F 309 10.20 -50.19 16.60
C PRO F 309 10.86 -48.97 15.96
N LEU F 310 10.98 -47.85 16.71
CA LEU F 310 11.45 -46.58 16.18
C LEU F 310 12.74 -46.11 16.82
N ALA F 311 13.44 -46.95 17.57
CA ALA F 311 14.62 -46.53 18.29
C ALA F 311 15.72 -45.98 17.36
N SER F 312 16.28 -44.84 17.71
CA SER F 312 17.36 -44.19 16.96
C SER F 312 18.66 -44.90 17.29
N LYS F 313 19.16 -45.69 16.34
CA LYS F 313 20.34 -46.55 16.51
C LYS F 313 21.43 -46.20 15.49
N ASP F 314 22.69 -46.34 15.88
CA ASP F 314 23.83 -46.27 14.97
C ASP F 314 24.06 -47.61 14.26
N SER F 315 25.08 -47.68 13.42
CA SER F 315 25.39 -48.88 12.63
C SER F 315 25.66 -50.08 13.52
N GLN F 316 26.26 -49.88 14.68
CA GLN F 316 26.54 -50.95 15.61
C GLN F 316 25.34 -51.36 16.44
N LYS F 317 24.14 -50.85 16.12
CA LYS F 317 22.84 -51.08 16.79
C LYS F 317 22.76 -50.47 18.19
N GLN F 318 23.65 -49.53 18.54
CA GLN F 318 23.63 -48.81 19.81
C GLN F 318 22.74 -47.57 19.69
N LEU F 319 22.16 -47.10 20.78
CA LEU F 319 21.36 -45.87 20.74
C LEU F 319 22.20 -44.67 20.32
N LEU F 320 21.61 -43.72 19.61
CA LEU F 320 22.23 -42.42 19.36
C LEU F 320 22.25 -41.56 20.62
N CYS F 321 23.35 -40.86 20.86
CA CYS F 321 23.46 -39.87 21.92
C CYS F 321 24.09 -38.57 21.40
N GLY F 322 23.50 -37.43 21.74
CA GLY F 322 24.14 -36.13 21.58
C GLY F 322 24.74 -35.62 22.89
N ALA F 323 25.63 -34.64 22.82
CA ALA F 323 26.15 -33.92 23.98
C ALA F 323 26.32 -32.44 23.66
N ALA F 324 26.27 -31.59 24.69
CA ALA F 324 26.64 -30.19 24.60
C ALA F 324 28.11 -29.97 24.99
N VAL F 325 28.73 -28.95 24.37
CA VAL F 325 29.97 -28.33 24.84
C VAL F 325 29.87 -26.82 24.66
N GLY F 326 30.64 -26.05 25.41
CA GLY F 326 30.75 -24.62 25.22
C GLY F 326 31.77 -24.24 24.15
N THR F 327 32.08 -22.95 24.07
CA THR F 327 33.05 -22.38 23.11
C THR F 327 34.28 -21.83 23.82
N ARG F 328 34.61 -22.30 25.02
CA ARG F 328 35.80 -21.93 25.79
C ARG F 328 36.95 -22.88 25.46
N GLU F 329 38.18 -22.48 25.77
CA GLU F 329 39.35 -23.32 25.50
C GLU F 329 39.30 -24.65 26.26
N ASP F 330 38.78 -24.67 27.49
CA ASP F 330 38.71 -25.92 28.25
C ASP F 330 37.68 -26.89 27.72
N ASP F 331 36.83 -26.52 26.75
CA ASP F 331 35.89 -27.43 26.09
C ASP F 331 36.60 -28.41 25.14
N LYS F 332 37.84 -28.14 24.74
CA LYS F 332 38.63 -29.02 23.87
C LYS F 332 38.94 -30.37 24.53
N TYR F 333 39.31 -30.37 25.81
CA TYR F 333 39.46 -31.59 26.60
C TYR F 333 38.12 -32.32 26.82
N ARG F 334 37.04 -31.59 27.13
CA ARG F 334 35.69 -32.17 27.24
C ARG F 334 35.32 -32.90 25.96
N LEU F 335 35.51 -32.30 24.80
CA LEU F 335 35.17 -32.90 23.52
C LEU F 335 36.02 -34.13 23.18
N ASP F 336 37.31 -34.15 23.55
CA ASP F 336 38.13 -35.35 23.46
C ASP F 336 37.53 -36.50 24.26
N LEU F 337 37.11 -36.27 25.52
CA LEU F 337 36.44 -37.32 26.30
C LEU F 337 35.10 -37.78 25.70
N LEU F 338 34.28 -36.87 25.20
CA LEU F 338 32.99 -37.23 24.60
C LEU F 338 33.14 -38.04 23.32
N THR F 339 34.15 -37.75 22.50
CA THR F 339 34.45 -38.54 21.31
C THR F 339 35.09 -39.89 21.66
N GLN F 340 35.83 -40.02 22.76
CA GLN F 340 36.19 -41.35 23.32
C GLN F 340 34.97 -42.14 23.81
N ALA F 341 34.01 -41.48 24.48
CA ALA F 341 32.77 -42.09 24.96
C ALA F 341 31.81 -42.52 23.84
N GLY F 342 32.03 -42.08 22.60
CA GLY F 342 31.28 -42.50 21.42
C GLY F 342 30.11 -41.60 21.05
N VAL F 343 30.12 -40.32 21.42
CA VAL F 343 29.03 -39.38 21.08
C VAL F 343 28.83 -39.27 19.56
N ASP F 344 27.58 -39.21 19.12
CA ASP F 344 27.24 -39.21 17.69
C ASP F 344 27.15 -37.81 17.09
N VAL F 345 26.78 -36.81 17.90
CA VAL F 345 26.53 -35.43 17.47
C VAL F 345 26.80 -34.45 18.61
N ILE F 346 27.23 -33.23 18.28
CA ILE F 346 27.53 -32.16 19.25
C ILE F 346 26.60 -30.98 18.99
N VAL F 347 26.08 -30.37 20.06
CA VAL F 347 25.55 -28.99 20.00
C VAL F 347 26.55 -28.05 20.66
N LEU F 348 26.95 -27.03 19.93
CA LEU F 348 27.77 -25.95 20.48
C LEU F 348 26.87 -24.93 21.15
N ASP F 349 26.77 -25.02 22.46
CA ASP F 349 25.67 -24.47 23.24
C ASP F 349 25.89 -23.00 23.66
N SER F 350 25.16 -22.08 23.03
CA SER F 350 25.30 -20.62 23.21
C SER F 350 23.97 -19.92 23.03
N SER F 351 23.75 -18.79 23.70
CA SER F 351 22.60 -17.90 23.48
C SER F 351 22.65 -17.12 22.17
N GLN F 352 23.85 -16.86 21.65
CA GLN F 352 24.10 -16.06 20.45
C GLN F 352 25.28 -16.72 19.71
N GLY F 353 24.99 -17.61 18.77
CA GLY F 353 25.99 -18.45 18.11
C GLY F 353 26.86 -17.72 17.10
N ASN F 354 26.50 -16.54 16.65
CA ASN F 354 27.26 -15.79 15.66
C ASN F 354 28.44 -15.03 16.28
N SER F 355 29.47 -15.78 16.68
CA SER F 355 30.64 -15.22 17.35
C SER F 355 31.94 -15.86 16.88
N VAL F 356 33.03 -15.13 16.99
CA VAL F 356 34.38 -15.65 16.68
C VAL F 356 34.73 -16.88 17.51
N TYR F 357 34.28 -16.96 18.76
CA TYR F 357 34.52 -18.10 19.65
C TYR F 357 33.84 -19.36 19.15
N GLN F 358 32.59 -19.23 18.71
CA GLN F 358 31.83 -20.31 18.13
C GLN F 358 32.38 -20.74 16.77
N ILE F 359 32.71 -19.80 15.88
CA ILE F 359 33.27 -20.11 14.57
C ILE F 359 34.63 -20.78 14.70
N ALA F 360 35.51 -20.31 15.57
CA ALA F 360 36.77 -20.97 15.87
C ALA F 360 36.58 -22.40 16.40
N MET F 361 35.59 -22.62 17.25
CA MET F 361 35.25 -23.96 17.73
C MET F 361 34.73 -24.86 16.59
N VAL F 362 33.83 -24.41 15.72
CA VAL F 362 33.35 -25.21 14.56
C VAL F 362 34.51 -25.63 13.66
N HIS F 363 35.43 -24.71 13.33
CA HIS F 363 36.62 -25.03 12.54
C HIS F 363 37.56 -26.02 13.23
N TYR F 364 37.77 -25.89 14.53
CA TYR F 364 38.57 -26.84 15.31
C TYR F 364 37.97 -28.24 15.32
N ILE F 365 36.65 -28.36 15.51
CA ILE F 365 35.99 -29.67 15.55
C ILE F 365 36.07 -30.35 14.20
N LYS F 366 35.70 -29.65 13.12
CA LYS F 366 35.75 -30.22 11.76
C LYS F 366 37.16 -30.58 11.30
N GLN F 367 38.20 -29.98 11.87
CA GLN F 367 39.58 -30.36 11.62
C GLN F 367 39.98 -31.63 12.39
N LYS F 368 39.70 -31.70 13.70
CA LYS F 368 40.16 -32.82 14.55
C LYS F 368 39.29 -34.07 14.48
N TYR F 369 37.99 -33.92 14.29
CA TYR F 369 37.01 -35.01 14.22
C TYR F 369 36.15 -34.86 12.96
N PRO F 370 36.71 -35.10 11.76
CA PRO F 370 36.02 -34.81 10.49
C PRO F 370 34.73 -35.62 10.27
N HIS F 371 34.54 -36.73 10.97
CA HIS F 371 33.32 -37.55 10.91
C HIS F 371 32.25 -37.16 11.94
N LEU F 372 32.54 -36.26 12.88
CA LEU F 372 31.60 -35.81 13.91
C LEU F 372 30.60 -34.79 13.33
N GLN F 373 29.34 -34.90 13.75
CA GLN F 373 28.28 -33.97 13.36
C GLN F 373 28.17 -32.83 14.39
N VAL F 374 28.08 -31.59 13.93
CA VAL F 374 28.09 -30.38 14.79
C VAL F 374 26.89 -29.50 14.46
N ILE F 375 26.14 -29.11 15.48
CA ILE F 375 24.98 -28.24 15.36
C ILE F 375 25.34 -26.87 15.94
N GLY F 376 25.08 -25.82 15.17
CA GLY F 376 25.38 -24.43 15.52
C GLY F 376 24.48 -23.89 16.62
N GLY F 377 25.08 -23.10 17.51
CA GLY F 377 24.46 -22.48 18.68
C GLY F 377 23.51 -21.40 18.27
N ASN F 378 22.71 -20.89 19.21
CA ASN F 378 21.42 -20.35 18.80
C ASN F 378 21.48 -19.12 17.89
N VAL F 379 20.65 -19.14 16.85
CA VAL F 379 20.50 -18.08 15.85
C VAL F 379 19.03 -17.78 15.62
N VAL F 380 18.70 -16.58 15.16
CA VAL F 380 17.32 -16.15 14.85
C VAL F 380 17.22 -15.30 13.58
N THR F 381 18.33 -15.03 12.90
CA THR F 381 18.38 -14.32 11.61
C THR F 381 19.18 -15.08 10.58
N ALA F 382 18.88 -14.85 9.31
CA ALA F 382 19.64 -15.43 8.19
C ALA F 382 21.11 -14.99 8.18
N ALA F 383 21.43 -13.79 8.65
CA ALA F 383 22.81 -13.29 8.71
C ALA F 383 23.67 -14.06 9.73
N GLN F 384 23.09 -14.47 10.85
CA GLN F 384 23.77 -15.38 11.78
C GLN F 384 23.92 -16.79 11.17
N ALA F 385 22.88 -17.30 10.50
CA ALA F 385 22.91 -18.60 9.86
C ALA F 385 23.99 -18.70 8.77
N LYS F 386 24.19 -17.65 7.97
CA LYS F 386 25.25 -17.57 6.96
C LYS F 386 26.63 -17.88 7.51
N ASN F 387 27.07 -17.21 8.57
CA ASN F 387 28.43 -17.40 9.08
C ASN F 387 28.67 -18.78 9.68
N LEU F 388 27.65 -19.43 10.25
CA LEU F 388 27.77 -20.78 10.80
C LEU F 388 27.68 -21.88 9.73
N ILE F 389 26.83 -21.71 8.72
CA ILE F 389 26.80 -22.58 7.54
C ILE F 389 28.13 -22.46 6.77
N ASP F 390 28.67 -21.25 6.62
CA ASP F 390 30.00 -21.03 6.03
C ASP F 390 31.16 -21.58 6.87
N ALA F 391 31.03 -21.68 8.19
CA ALA F 391 31.99 -22.40 9.03
C ALA F 391 31.88 -23.94 8.90
N GLY F 392 30.76 -24.46 8.40
CA GLY F 392 30.58 -25.88 8.11
C GLY F 392 29.81 -26.67 9.17
N VAL F 393 28.88 -26.07 9.90
CA VAL F 393 27.94 -26.83 10.75
C VAL F 393 27.03 -27.73 9.92
N ASP F 394 26.54 -28.82 10.52
CA ASP F 394 25.64 -29.78 9.90
C ASP F 394 24.17 -29.59 10.27
N GLY F 395 23.86 -28.67 11.20
CA GLY F 395 22.53 -28.26 11.63
C GLY F 395 22.60 -26.95 12.40
N LEU F 396 21.46 -26.31 12.69
CA LEU F 396 21.36 -25.10 13.50
C LEU F 396 20.27 -25.22 14.58
N ARG F 397 20.50 -24.68 15.79
CA ARG F 397 19.45 -24.44 16.80
C ARG F 397 18.88 -23.05 16.63
N VAL F 398 17.57 -22.94 16.51
CA VAL F 398 16.88 -21.67 16.26
C VAL F 398 16.01 -21.29 17.44
N GLY F 399 16.25 -20.10 17.97
CA GLY F 399 15.44 -19.52 19.04
C GLY F 399 16.30 -18.71 20.00
N MET F 400 15.87 -17.52 20.34
CA MET F 400 16.57 -16.63 21.28
C MET F 400 15.55 -15.79 22.02
N GLY F 401 15.52 -15.89 23.34
CA GLY F 401 14.62 -15.10 24.16
C GLY F 401 13.22 -15.70 24.34
N CYS F 402 12.78 -16.58 23.45
CA CYS F 402 11.72 -17.54 23.72
C CYS F 402 12.25 -18.65 24.65
N GLY F 403 11.41 -19.61 25.01
CA GLY F 403 11.74 -20.65 25.97
C GLY F 403 11.20 -20.29 27.34
N SER F 404 10.48 -21.19 27.99
CA SER F 404 9.62 -20.84 29.12
C SER F 404 10.32 -20.24 30.34
N ILE F 405 11.53 -20.71 30.65
CA ILE F 405 12.42 -20.25 31.73
C ILE F 405 13.29 -19.05 31.36
N CYS F 406 13.10 -18.44 30.20
CA CYS F 406 13.96 -17.39 29.66
C CYS F 406 13.55 -15.97 30.09
N ILE F 407 14.52 -15.07 30.28
CA ILE F 407 14.30 -13.62 30.47
C ILE F 407 15.24 -12.74 29.62
N THR F 408 16.00 -13.33 28.68
CA THR F 408 17.01 -12.63 27.86
C THR F 408 16.46 -11.40 27.12
N GLN F 409 15.21 -11.41 26.67
CA GLN F 409 14.62 -10.25 25.97
C GLN F 409 14.50 -9.02 26.87
N GLU F 410 14.02 -9.19 28.10
CA GLU F 410 13.77 -8.09 29.04
C GLU F 410 15.06 -7.62 29.71
N VAL F 411 16.08 -8.47 29.80
CA VAL F 411 17.41 -8.14 30.34
C VAL F 411 18.35 -7.53 29.29
N MET F 412 18.29 -7.98 28.03
CA MET F 412 19.33 -7.69 27.02
C MET F 412 18.82 -6.98 25.76
N ALA F 413 17.51 -6.83 25.59
CA ALA F 413 16.81 -6.33 24.39
C ALA F 413 16.92 -7.18 23.11
N CYS F 414 17.81 -8.17 23.04
CA CYS F 414 17.89 -9.10 21.91
C CYS F 414 16.88 -10.23 21.97
N GLY F 415 16.49 -10.70 20.79
CA GLY F 415 15.74 -11.92 20.58
C GLY F 415 14.97 -11.87 19.27
N ARG F 416 14.07 -12.82 19.05
CA ARG F 416 13.06 -12.73 17.99
C ARG F 416 11.82 -13.56 18.34
N PRO F 417 10.61 -13.17 17.91
CA PRO F 417 9.43 -14.03 18.01
C PRO F 417 9.65 -15.35 17.27
N GLN F 418 9.40 -16.48 17.91
CA GLN F 418 9.93 -17.77 17.49
C GLN F 418 9.37 -18.26 16.16
N GLY F 419 8.11 -17.95 15.80
CA GLY F 419 7.57 -18.30 14.51
C GLY F 419 8.36 -17.70 13.36
N THR F 420 8.58 -16.39 13.41
CA THR F 420 9.33 -15.70 12.37
C THR F 420 10.75 -16.22 12.30
N ALA F 421 11.40 -16.45 13.45
CA ALA F 421 12.77 -16.94 13.52
C ALA F 421 12.91 -18.31 12.85
N VAL F 422 12.01 -19.24 13.18
CA VAL F 422 11.97 -20.57 12.55
C VAL F 422 11.73 -20.46 11.06
N TYR F 423 10.78 -19.64 10.61
CA TYR F 423 10.53 -19.51 9.18
C TYR F 423 11.75 -18.96 8.44
N LYS F 424 12.30 -17.83 8.91
CA LYS F 424 13.37 -17.10 8.20
C LYS F 424 14.69 -17.84 8.22
N VAL F 425 15.07 -18.45 9.34
CA VAL F 425 16.30 -19.25 9.38
C VAL F 425 16.16 -20.53 8.56
N ALA F 426 15.02 -21.24 8.61
CA ALA F 426 14.83 -22.44 7.79
C ALA F 426 14.78 -22.13 6.30
N GLU F 427 14.12 -21.04 5.89
CA GLU F 427 14.07 -20.64 4.49
C GLU F 427 15.45 -20.23 3.96
N TYR F 428 16.37 -19.73 4.79
CA TYR F 428 17.76 -19.57 4.39
C TYR F 428 18.54 -20.89 4.38
N ALA F 429 18.46 -21.68 5.46
CA ALA F 429 19.27 -22.88 5.63
C ALA F 429 18.98 -23.99 4.62
N ARG F 430 17.76 -24.11 4.10
CA ARG F 430 17.39 -25.07 3.04
C ARG F 430 18.13 -24.88 1.72
N ARG F 431 18.60 -23.66 1.42
CA ARG F 431 19.39 -23.33 0.22
C ARG F 431 20.74 -24.06 0.20
N PHE F 432 21.21 -24.49 1.37
CA PHE F 432 22.48 -25.19 1.58
C PHE F 432 22.28 -26.63 2.06
N GLY F 433 21.03 -27.11 2.12
CA GLY F 433 20.69 -28.46 2.57
C GLY F 433 20.88 -28.71 4.07
N VAL F 434 20.75 -27.68 4.92
CA VAL F 434 21.01 -27.77 6.37
C VAL F 434 19.68 -27.85 7.15
N PRO F 435 19.45 -28.87 8.00
CA PRO F 435 18.25 -28.97 8.84
C PRO F 435 18.21 -27.94 9.99
N ILE F 436 17.00 -27.61 10.43
CA ILE F 436 16.74 -26.70 11.56
C ILE F 436 16.14 -27.43 12.76
N ILE F 437 16.70 -27.19 13.94
CA ILE F 437 16.02 -27.46 15.22
C ILE F 437 15.29 -26.20 15.66
N ALA F 438 13.97 -26.27 15.86
CA ALA F 438 13.21 -25.21 16.54
C ALA F 438 13.28 -25.43 18.05
N ASP F 439 13.82 -24.48 18.79
CA ASP F 439 14.23 -24.66 20.19
C ASP F 439 13.53 -23.68 21.14
N GLY F 440 12.69 -24.20 22.04
CA GLY F 440 11.98 -23.44 23.07
C GLY F 440 10.65 -22.83 22.63
N GLY F 441 9.75 -22.60 23.59
CA GLY F 441 8.41 -22.05 23.37
C GLY F 441 7.34 -23.08 22.99
N ILE F 442 7.63 -24.37 23.12
CA ILE F 442 6.71 -25.45 22.74
C ILE F 442 5.88 -25.85 23.96
N GLN F 443 4.59 -25.51 23.97
CA GLN F 443 3.68 -25.75 25.09
C GLN F 443 2.60 -26.81 24.80
N THR F 444 2.39 -27.15 23.54
CA THR F 444 1.25 -27.93 23.03
C THR F 444 1.66 -28.68 21.78
N VAL F 445 0.94 -29.74 21.39
CA VAL F 445 1.23 -30.46 20.15
C VAL F 445 0.96 -29.59 18.90
N GLY F 446 0.04 -28.62 18.98
CA GLY F 446 -0.16 -27.63 17.95
C GLY F 446 1.05 -26.73 17.70
N HIS F 447 1.81 -26.36 18.75
CA HIS F 447 3.09 -25.66 18.56
C HIS F 447 4.11 -26.53 17.82
N VAL F 448 4.16 -27.84 18.08
CA VAL F 448 5.06 -28.75 17.36
C VAL F 448 4.70 -28.80 15.87
N VAL F 449 3.42 -29.00 15.55
CA VAL F 449 2.94 -29.02 14.16
C VAL F 449 3.22 -27.70 13.45
N LYS F 450 2.98 -26.56 14.10
CA LYS F 450 3.30 -25.24 13.54
C LYS F 450 4.78 -25.04 13.31
N ALA F 451 5.64 -25.32 14.28
CA ALA F 451 7.09 -25.26 14.10
C ALA F 451 7.54 -26.10 12.90
N LEU F 452 6.99 -27.31 12.76
CA LEU F 452 7.39 -28.19 11.66
C LEU F 452 6.88 -27.68 10.33
N ALA F 453 5.68 -27.11 10.31
CA ALA F 453 5.12 -26.59 9.08
C ALA F 453 5.87 -25.36 8.60
N LEU F 454 6.43 -24.58 9.51
CA LEU F 454 7.18 -23.39 9.13
C LEU F 454 8.56 -23.71 8.59
N GLY F 455 8.97 -24.98 8.54
CA GLY F 455 10.25 -25.39 7.97
C GLY F 455 11.23 -26.02 8.94
N ALA F 456 10.93 -26.12 10.24
CA ALA F 456 11.77 -26.87 11.17
C ALA F 456 11.79 -28.35 10.79
N SER F 457 12.96 -28.98 10.86
CA SER F 457 13.12 -30.42 10.62
C SER F 457 12.85 -31.21 11.89
N THR F 458 13.19 -30.65 13.04
CA THR F 458 13.03 -31.24 14.36
C THR F 458 12.69 -30.16 15.38
N VAL F 459 12.09 -30.53 16.49
CA VAL F 459 11.65 -29.64 17.56
C VAL F 459 12.31 -30.07 18.86
N MET F 460 12.91 -29.13 19.58
CA MET F 460 13.59 -29.38 20.85
C MET F 460 12.79 -28.82 22.01
N MET F 461 12.53 -29.67 23.00
CA MET F 461 11.68 -29.35 24.13
C MET F 461 12.47 -29.36 25.44
N GLY F 462 12.25 -28.33 26.24
CA GLY F 462 12.68 -28.22 27.62
C GLY F 462 11.51 -28.50 28.56
N SER F 463 10.66 -27.51 28.78
CA SER F 463 9.56 -27.56 29.73
C SER F 463 8.61 -28.74 29.51
N LEU F 464 8.27 -29.06 28.25
CA LEU F 464 7.35 -30.16 27.96
C LEU F 464 7.91 -31.53 28.39
N LEU F 465 9.21 -31.68 28.60
CA LEU F 465 9.85 -32.91 29.08
C LEU F 465 10.30 -32.82 30.54
N ALA F 466 10.37 -31.62 31.10
CA ALA F 466 10.63 -31.40 32.51
C ALA F 466 9.51 -32.04 33.37
N ALA F 467 9.89 -32.55 34.55
CA ALA F 467 9.02 -33.35 35.43
C ALA F 467 8.36 -34.58 34.79
N THR F 468 8.92 -35.14 33.73
CA THR F 468 8.75 -36.57 33.44
C THR F 468 9.65 -37.39 34.37
N THR F 469 9.41 -38.68 34.55
CA THR F 469 10.16 -39.47 35.53
C THR F 469 11.64 -39.61 35.17
N GLU F 470 11.99 -39.63 33.89
CA GLU F 470 13.36 -39.68 33.40
C GLU F 470 14.11 -38.35 33.47
N ALA F 471 13.43 -37.22 33.71
CA ALA F 471 14.10 -35.94 33.94
C ALA F 471 14.90 -35.98 35.26
N PRO F 472 16.11 -35.37 35.33
CA PRO F 472 16.95 -35.38 36.52
C PRO F 472 16.31 -34.81 37.80
N GLY F 473 16.86 -35.17 38.96
CA GLY F 473 16.36 -34.75 40.28
C GLY F 473 15.20 -35.59 40.79
N GLU F 474 14.52 -35.11 41.82
CA GLU F 474 13.47 -35.82 42.57
C GLU F 474 12.24 -34.93 42.85
N TYR F 475 11.06 -35.53 43.01
CA TYR F 475 9.82 -34.80 43.29
C TYR F 475 9.69 -34.33 44.75
N PHE F 476 8.95 -33.24 45.02
CA PHE F 476 8.92 -32.62 46.36
C PHE F 476 7.55 -32.11 46.88
N PHE F 477 6.44 -32.31 46.15
CA PHE F 477 5.05 -32.15 46.64
C PHE F 477 4.63 -30.80 47.25
N SER F 478 5.43 -29.74 47.15
CA SER F 478 5.37 -28.58 48.06
C SER F 478 4.03 -27.81 48.05
N ASP F 479 3.48 -27.46 46.88
CA ASP F 479 2.25 -26.65 46.78
C ASP F 479 0.95 -27.49 46.83
N GLY F 480 0.99 -28.67 47.43
CA GLY F 480 -0.12 -29.64 47.44
C GLY F 480 -0.27 -30.45 46.14
N VAL F 481 0.65 -30.29 45.19
CA VAL F 481 0.74 -31.03 43.92
C VAL F 481 2.17 -31.52 43.69
N ARG F 482 2.33 -32.66 43.02
CA ARG F 482 3.64 -33.29 42.77
C ARG F 482 4.44 -32.50 41.71
N LEU F 483 5.56 -31.92 42.15
CA LEU F 483 6.37 -30.96 41.39
C LEU F 483 7.83 -31.41 41.30
N LYS F 484 8.49 -31.06 40.19
CA LYS F 484 9.94 -31.25 39.97
C LYS F 484 10.56 -29.92 39.52
N LYS F 485 11.81 -29.65 39.87
CA LYS F 485 12.49 -28.38 39.56
C LYS F 485 12.86 -28.29 38.07
N TYR F 486 12.78 -27.10 37.50
CA TYR F 486 13.11 -26.83 36.10
C TYR F 486 13.76 -25.43 36.02
N ARG F 487 15.06 -25.35 35.74
CA ARG F 487 15.89 -24.23 36.24
C ARG F 487 16.35 -23.16 35.25
N GLY F 488 16.50 -23.45 33.96
CA GLY F 488 17.18 -22.55 33.00
C GLY F 488 18.70 -22.44 33.24
N MET F 489 19.52 -22.62 32.20
CA MET F 489 20.98 -22.78 32.31
C MET F 489 21.75 -21.50 32.58
N GLY F 490 21.14 -20.34 32.32
CA GLY F 490 21.62 -19.02 32.70
C GLY F 490 20.87 -18.42 33.89
N SER F 491 20.10 -19.19 34.65
CA SER F 491 19.71 -18.78 36.00
C SER F 491 20.93 -18.76 36.92
N LEU F 492 20.93 -17.91 37.95
CA LEU F 492 22.05 -17.87 38.90
C LEU F 492 22.02 -19.02 39.92
N ASP F 493 20.90 -19.76 39.97
CA ASP F 493 20.79 -21.09 40.55
C ASP F 493 21.72 -22.10 39.82
N ALA F 494 21.68 -22.15 38.48
CA ALA F 494 22.51 -23.04 37.68
C ALA F 494 24.02 -22.74 37.83
N VAL F 512 30.38 -8.85 38.36
CA VAL F 512 28.94 -9.07 38.27
C VAL F 512 28.59 -10.18 37.26
N LYS F 513 27.72 -11.12 37.67
CA LYS F 513 27.06 -12.10 36.80
C LYS F 513 25.55 -11.82 36.77
N ILE F 514 24.97 -11.69 35.58
CA ILE F 514 23.55 -11.35 35.39
C ILE F 514 22.76 -12.60 34.97
N ALA F 515 21.58 -12.81 35.54
CA ALA F 515 20.70 -13.92 35.16
C ALA F 515 20.12 -13.73 33.74
N GLN F 516 20.20 -14.78 32.92
CA GLN F 516 19.49 -14.90 31.63
C GLN F 516 18.20 -15.72 31.73
N GLY F 517 17.96 -16.37 32.86
CA GLY F 517 16.84 -17.26 33.06
C GLY F 517 16.38 -17.31 34.51
N VAL F 518 15.19 -17.85 34.74
CA VAL F 518 14.57 -18.01 36.06
C VAL F 518 14.53 -19.47 36.45
N SER F 519 14.79 -19.77 37.71
CA SER F 519 14.65 -21.13 38.22
C SER F 519 13.25 -21.32 38.77
N GLY F 520 12.58 -22.40 38.40
CA GLY F 520 11.19 -22.64 38.76
C GLY F 520 10.83 -24.11 38.88
N SER F 521 9.54 -24.39 38.76
CA SER F 521 8.95 -25.67 39.12
C SER F 521 7.87 -26.08 38.13
N ILE F 522 7.73 -27.38 37.87
CA ILE F 522 6.82 -27.96 36.88
C ILE F 522 6.14 -29.19 37.49
N GLN F 523 4.85 -29.37 37.20
CA GLN F 523 4.04 -30.49 37.68
C GLN F 523 4.41 -31.81 36.99
N ASP F 524 4.36 -32.93 37.71
CA ASP F 524 4.60 -34.28 37.22
C ASP F 524 3.77 -34.66 35.98
N LYS F 525 4.39 -35.35 35.01
CA LYS F 525 3.75 -35.91 33.80
C LYS F 525 3.94 -37.42 33.60
N GLY F 526 4.55 -38.14 34.54
CA GLY F 526 4.85 -39.57 34.36
C GLY F 526 6.01 -39.81 33.39
N SER F 527 6.10 -40.97 32.76
CA SER F 527 7.25 -41.30 31.91
C SER F 527 7.18 -40.71 30.49
N ILE F 528 8.36 -40.50 29.90
CA ILE F 528 8.53 -40.20 28.47
C ILE F 528 7.81 -41.26 27.62
N GLN F 529 7.87 -42.53 28.00
CA GLN F 529 7.33 -43.63 27.22
C GLN F 529 5.81 -43.70 27.15
N LYS F 530 5.08 -42.95 27.99
CA LYS F 530 3.63 -42.84 27.93
C LYS F 530 3.20 -41.49 27.39
N PHE F 531 4.13 -40.56 27.20
CA PHE F 531 3.87 -39.17 26.83
C PHE F 531 4.38 -38.85 25.42
N VAL F 532 5.43 -39.52 24.96
CA VAL F 532 5.93 -39.25 23.61
C VAL F 532 5.02 -39.88 22.57
N PRO F 533 4.42 -41.08 22.76
CA PRO F 533 3.44 -41.59 21.80
C PRO F 533 2.17 -40.73 21.70
N TYR F 534 1.81 -39.99 22.76
CA TYR F 534 0.80 -38.94 22.67
C TYR F 534 1.20 -37.79 21.75
N LEU F 535 2.43 -37.26 21.87
CA LEU F 535 2.91 -36.24 20.94
C LEU F 535 2.97 -36.79 19.51
N ILE F 536 3.34 -38.05 19.31
CA ILE F 536 3.41 -38.61 17.96
C ILE F 536 2.02 -38.73 17.35
N ALA F 537 1.04 -39.19 18.13
CA ALA F 537 -0.34 -39.28 17.70
C ALA F 537 -0.94 -37.91 17.39
N GLY F 538 -0.65 -36.89 18.19
CA GLY F 538 -1.08 -35.53 17.92
C GLY F 538 -0.43 -34.91 16.68
N ILE F 539 0.87 -35.14 16.44
CA ILE F 539 1.52 -34.72 15.19
C ILE F 539 0.88 -35.43 13.99
N GLN F 540 0.63 -36.74 14.08
CA GLN F 540 0.03 -37.46 12.96
C GLN F 540 -1.37 -36.93 12.65
N HIS F 541 -2.20 -36.66 13.66
CA HIS F 541 -3.55 -36.15 13.42
C HIS F 541 -3.55 -34.71 12.91
N GLY F 542 -2.62 -33.87 13.37
CA GLY F 542 -2.37 -32.57 12.79
C GLY F 542 -1.99 -32.65 11.31
N CYS F 543 -1.09 -33.57 10.93
CA CYS F 543 -0.71 -33.71 9.54
C CYS F 543 -1.84 -34.30 8.70
N GLN F 544 -2.68 -35.16 9.27
CA GLN F 544 -3.80 -35.71 8.53
C GLN F 544 -4.81 -34.61 8.17
N ASP F 545 -5.20 -33.74 9.10
CA ASP F 545 -6.12 -32.63 8.77
C ASP F 545 -5.57 -31.65 7.74
N ILE F 546 -4.24 -31.53 7.64
CA ILE F 546 -3.56 -30.72 6.62
C ILE F 546 -3.54 -31.42 5.24
N GLY F 547 -3.69 -32.74 5.15
CA GLY F 547 -3.49 -33.44 3.91
C GLY F 547 -2.06 -33.85 3.64
N ALA F 548 -1.19 -33.79 4.63
CA ALA F 548 0.22 -34.12 4.45
C ALA F 548 0.45 -35.57 4.84
N ARG F 549 0.91 -36.36 3.89
CA ARG F 549 1.17 -37.77 4.17
C ARG F 549 2.48 -38.00 4.93
N SER F 550 3.34 -37.00 5.03
CA SER F 550 4.60 -37.05 5.76
C SER F 550 5.03 -35.63 6.09
N LEU F 551 6.01 -35.47 6.97
CA LEU F 551 6.50 -34.15 7.33
C LEU F 551 7.26 -33.52 6.18
N SER F 552 7.98 -34.30 5.36
CA SER F 552 8.61 -33.82 4.14
C SER F 552 7.59 -33.31 3.14
N VAL F 553 6.46 -34.00 2.98
CA VAL F 553 5.34 -33.52 2.16
C VAL F 553 4.76 -32.24 2.73
N LEU F 554 4.69 -32.08 4.06
CA LEU F 554 4.20 -30.87 4.69
C LEU F 554 5.07 -29.68 4.34
N ARG F 555 6.39 -29.78 4.53
CA ARG F 555 7.32 -28.67 4.19
C ARG F 555 7.33 -28.38 2.69
N SER F 556 7.24 -29.41 1.86
CA SER F 556 7.06 -29.28 0.42
C SER F 556 5.80 -28.48 0.04
N MET F 557 4.65 -28.79 0.64
CA MET F 557 3.41 -28.01 0.49
C MET F 557 3.58 -26.57 0.96
N MET F 558 4.35 -26.32 2.02
CA MET F 558 4.54 -24.95 2.49
C MET F 558 5.42 -24.15 1.54
N TYR F 559 6.58 -24.66 1.11
CA TYR F 559 7.46 -23.90 0.22
C TYR F 559 6.87 -23.66 -1.17
N SER F 560 6.01 -24.56 -1.66
CA SER F 560 5.33 -24.42 -2.95
C SER F 560 4.06 -23.57 -2.92
N GLY F 561 3.60 -23.02 -1.78
CA GLY F 561 2.41 -22.23 -1.74
C GLY F 561 1.12 -23.02 -1.57
N GLU F 562 1.18 -24.34 -1.61
CA GLU F 562 -0.06 -25.11 -1.52
C GLU F 562 -0.68 -25.00 -0.14
N LEU F 563 0.15 -25.00 0.89
CA LEU F 563 -0.31 -24.84 2.27
C LEU F 563 -0.65 -23.38 2.53
N LYS F 564 -1.80 -23.16 3.14
CA LYS F 564 -2.33 -21.83 3.39
C LYS F 564 -2.40 -21.53 4.88
N PHE F 565 -2.23 -20.26 5.23
CA PHE F 565 -2.18 -19.83 6.62
C PHE F 565 -3.20 -18.74 6.83
N GLU F 566 -3.53 -18.50 8.09
CA GLU F 566 -4.47 -17.48 8.46
C GLU F 566 -3.96 -16.83 9.74
N LYS F 567 -3.90 -15.51 9.75
CA LYS F 567 -3.53 -14.80 10.96
C LYS F 567 -4.70 -14.76 11.93
N ARG F 568 -4.41 -14.59 13.21
CA ARG F 568 -5.38 -14.55 14.31
C ARG F 568 -5.31 -13.22 15.03
N THR F 569 -6.46 -12.61 15.30
CA THR F 569 -6.51 -11.48 16.21
C THR F 569 -6.52 -12.01 17.65
N MET F 570 -6.59 -11.11 18.62
CA MET F 570 -6.68 -11.58 20.00
C MET F 570 -8.03 -12.23 20.28
N SER F 571 -9.12 -11.65 19.77
CA SER F 571 -10.41 -12.29 19.94
C SER F 571 -10.45 -13.64 19.26
N ALA F 572 -9.74 -13.81 18.13
CA ALA F 572 -9.59 -15.11 17.49
C ALA F 572 -8.84 -16.12 18.36
N GLN F 573 -7.74 -15.75 19.02
CA GLN F 573 -7.10 -16.69 19.95
C GLN F 573 -7.97 -16.95 21.18
N ILE F 574 -8.80 -15.99 21.65
CA ILE F 574 -9.74 -16.31 22.72
C ILE F 574 -10.74 -17.35 22.24
N GLU F 575 -11.31 -17.18 21.04
CA GLU F 575 -12.24 -18.13 20.40
C GLU F 575 -11.61 -19.51 20.13
N GLY F 576 -10.30 -19.60 19.89
CA GLY F 576 -9.59 -20.88 19.73
C GLY F 576 -9.31 -21.63 21.04
N GLY F 577 -9.49 -20.97 22.18
CA GLY F 577 -9.52 -21.60 23.50
C GLY F 577 -10.92 -22.03 23.93
N VAL F 578 -11.09 -22.33 25.21
CA VAL F 578 -12.39 -22.64 25.84
C VAL F 578 -13.17 -21.37 26.17
N HIS F 579 -14.48 -21.31 25.90
CA HIS F 579 -15.30 -20.09 26.10
C HIS F 579 -16.04 -20.08 27.45
N GLY F 580 -17.24 -19.50 27.52
CA GLY F 580 -18.03 -19.28 28.73
C GLY F 580 -18.61 -20.50 29.45
N LEU F 581 -17.91 -21.63 29.47
CA LEU F 581 -18.23 -22.77 30.33
C LEU F 581 -18.13 -22.34 31.80
N HIS F 582 -18.94 -22.92 32.68
CA HIS F 582 -18.82 -22.67 34.13
C HIS F 582 -17.53 -23.28 34.68
N SER F 583 -17.29 -24.53 34.32
CA SER F 583 -16.11 -25.34 34.66
C SER F 583 -15.82 -26.31 33.52
N TYR F 584 -14.58 -26.77 33.40
CA TYR F 584 -14.22 -27.88 32.51
C TYR F 584 -13.07 -28.73 33.03
N THR F 585 -13.08 -30.00 32.65
CA THR F 585 -12.00 -30.99 32.81
C THR F 585 -11.36 -31.25 31.46
N PHE F 586 -10.03 -31.26 31.41
CA PHE F 586 -9.26 -31.66 30.23
C PHE F 586 -8.49 -32.95 30.52
N LEU F 587 -8.77 -34.02 29.76
CA LEU F 587 -7.93 -35.22 29.70
C LEU F 587 -7.31 -35.26 28.30
N PRO F 588 -5.99 -35.16 28.11
CA PRO F 588 -5.40 -35.03 26.78
C PRO F 588 -5.44 -36.34 25.98
N PHE F 589 -5.17 -37.47 26.64
CA PHE F 589 -5.20 -38.82 26.07
C PHE F 589 -5.61 -39.83 27.14
N THR F 590 -6.23 -40.95 26.75
CA THR F 590 -6.75 -41.96 27.69
C THR F 590 -5.86 -43.21 27.78
N LYS F 591 -5.42 -43.78 26.65
CA LYS F 591 -4.54 -44.96 26.61
C LYS F 591 -3.07 -44.59 26.48
N GLY G 28 34.99 6.10 11.61
CA GLY G 28 33.67 5.61 11.38
C GLY G 28 33.50 4.15 11.68
N HIS G 29 32.31 3.70 12.11
CA HIS G 29 32.12 2.32 12.58
C HIS G 29 32.25 1.27 11.46
N GLU G 30 32.66 0.06 11.83
CA GLU G 30 32.90 -1.06 10.94
C GLU G 30 31.69 -1.98 10.95
N THR G 31 31.31 -2.45 9.77
CA THR G 31 30.12 -3.26 9.65
C THR G 31 30.43 -4.71 10.04
N ALA G 32 29.40 -5.50 10.34
CA ALA G 32 29.52 -6.89 10.74
C ALA G 32 30.29 -7.70 9.70
N ALA G 33 30.05 -7.44 8.41
CA ALA G 33 30.78 -8.16 7.37
C ALA G 33 32.26 -7.80 7.39
N GLN G 34 32.58 -6.52 7.56
CA GLN G 34 33.98 -6.11 7.61
C GLN G 34 34.70 -6.78 8.78
N ARG G 35 34.08 -6.76 9.96
CA ARG G 35 34.71 -7.38 11.12
C ARG G 35 34.89 -8.88 10.90
N TYR G 36 33.85 -9.55 10.43
CA TYR G 36 33.90 -10.98 10.15
C TYR G 36 35.02 -11.30 9.17
N SER G 37 35.23 -10.46 8.15
CA SER G 37 36.25 -10.70 7.14
C SER G 37 37.64 -10.51 7.73
N ALA G 38 37.85 -9.43 8.48
CA ALA G 38 39.14 -9.25 9.14
C ALA G 38 39.45 -10.41 10.06
N ARG G 39 38.43 -11.00 10.70
CA ARG G 39 38.70 -12.10 11.62
C ARG G 39 39.05 -13.37 10.85
N LEU G 40 38.34 -13.66 9.76
CA LEU G 40 38.68 -14.77 8.86
C LEU G 40 40.08 -14.63 8.27
N LEU G 41 40.60 -13.40 8.19
CA LEU G 41 41.80 -12.99 7.57
C LEU G 41 43.03 -13.01 8.44
N GLN G 42 42.92 -12.82 9.71
CA GLN G 42 43.87 -13.07 10.72
C GLN G 42 44.33 -14.49 10.73
N ALA G 43 43.70 -15.38 10.07
CA ALA G 43 43.87 -16.78 10.01
C ALA G 43 43.93 -17.35 8.62
N GLY G 44 43.96 -18.68 8.50
CA GLY G 44 43.95 -19.30 7.19
C GLY G 44 42.60 -19.20 6.50
N TYR G 45 41.59 -19.83 7.09
CA TYR G 45 40.22 -19.83 6.59
C TYR G 45 39.62 -18.41 6.61
N MET G 76 41.53 -9.88 -6.12
CA MET G 76 40.68 -11.06 -6.31
C MET G 76 39.19 -10.69 -6.39
N ALA G 77 38.40 -11.51 -7.08
CA ALA G 77 37.03 -11.19 -7.49
C ALA G 77 36.11 -10.76 -6.36
N ASP G 78 36.13 -11.39 -5.19
CA ASP G 78 35.23 -11.04 -4.09
C ASP G 78 35.35 -9.56 -3.66
N TYR G 79 36.58 -9.05 -3.57
CA TYR G 79 36.84 -7.66 -3.25
C TYR G 79 36.51 -6.74 -4.42
N LEU G 80 36.85 -7.17 -5.63
CA LEU G 80 36.59 -6.33 -6.79
C LEU G 80 35.10 -6.16 -7.03
N ILE G 81 34.29 -7.20 -6.84
CA ILE G 81 32.84 -7.18 -7.11
C ILE G 81 32.17 -6.17 -6.19
N SER G 82 32.17 -6.40 -4.88
CA SER G 82 31.42 -5.57 -3.95
C SER G 82 32.30 -4.59 -3.22
N GLY G 83 33.61 -4.64 -3.44
CA GLY G 83 34.51 -3.68 -2.85
C GLY G 83 34.36 -3.56 -1.35
N GLY G 84 34.52 -4.67 -0.65
CA GLY G 84 34.43 -4.63 0.80
C GLY G 84 33.12 -4.11 1.37
N THR G 85 31.98 -4.54 0.83
CA THR G 85 30.70 -4.38 1.50
C THR G 85 30.20 -5.73 2.03
N GLY G 86 30.36 -6.80 1.24
CA GLY G 86 30.17 -8.14 1.77
C GLY G 86 28.72 -8.53 1.89
N TYR G 87 28.35 -9.69 1.34
CA TYR G 87 26.95 -10.07 1.30
C TYR G 87 26.49 -10.54 2.67
N VAL G 88 25.47 -9.90 3.22
CA VAL G 88 24.73 -10.39 4.38
C VAL G 88 23.25 -10.42 4.02
N PRO G 89 22.53 -11.53 4.24
CA PRO G 89 21.10 -11.57 3.93
C PRO G 89 20.33 -10.56 4.77
N GLU G 90 19.56 -9.69 4.12
CA GLU G 90 18.77 -8.68 4.80
C GLU G 90 17.59 -9.33 5.53
N ASP G 91 17.39 -8.97 6.79
CA ASP G 91 16.39 -9.56 7.68
C ASP G 91 15.98 -8.52 8.73
N GLY G 92 14.70 -8.35 9.05
CA GLY G 92 14.23 -7.36 9.98
C GLY G 92 13.96 -6.02 9.34
N LEU G 93 13.89 -5.01 10.19
CA LEU G 93 13.59 -3.65 9.77
C LEU G 93 14.67 -2.72 10.27
N THR G 94 14.79 -1.58 9.61
CA THR G 94 15.59 -0.49 10.14
C THR G 94 14.73 0.40 11.01
N ALA G 95 15.37 1.19 11.86
CA ALA G 95 14.62 2.11 12.70
C ALA G 95 13.67 2.96 11.88
N GLN G 96 14.11 3.37 10.70
CA GLN G 96 13.28 4.18 9.82
C GLN G 96 12.03 3.41 9.39
N GLN G 97 12.21 2.21 8.87
CA GLN G 97 11.07 1.39 8.52
C GLN G 97 10.22 1.08 9.73
N LEU G 98 10.86 0.81 10.86
CA LEU G 98 10.13 0.47 12.06
C LEU G 98 9.15 1.58 12.43
N PHE G 99 9.56 2.83 12.31
CA PHE G 99 8.71 3.92 12.71
C PHE G 99 7.95 4.56 11.57
N ALA G 100 8.08 4.04 10.35
CA ALA G 100 7.29 4.55 9.25
C ALA G 100 5.81 4.18 9.39
N SER G 101 5.51 3.12 10.13
CA SER G 101 4.13 2.63 10.19
C SER G 101 3.20 3.61 10.89
N ALA G 102 3.72 4.46 11.77
CA ALA G 102 2.94 5.43 12.51
C ALA G 102 2.01 4.78 13.52
N ASP G 103 2.33 3.57 13.95
CA ASP G 103 1.78 3.07 15.19
C ASP G 103 2.56 3.71 16.33
N GLY G 104 1.95 3.72 17.50
CA GLY G 104 2.66 4.30 18.62
C GLY G 104 3.43 3.26 19.40
N LEU G 105 4.72 3.16 19.18
CA LEU G 105 5.52 2.10 19.76
C LEU G 105 6.15 2.55 21.06
N THR G 106 6.09 1.68 22.06
CA THR G 106 6.85 1.80 23.30
C THR G 106 8.00 0.80 23.26
N TYR G 107 8.83 0.77 24.30
CA TYR G 107 9.95 -0.17 24.38
C TYR G 107 9.52 -1.64 24.35
N ASN G 108 8.36 -1.97 24.90
CA ASN G 108 7.86 -3.33 24.86
C ASN G 108 7.39 -3.79 23.48
N ASP G 109 7.23 -2.91 22.49
CA ASP G 109 6.63 -3.30 21.23
C ASP G 109 7.62 -3.83 20.21
N PHE G 110 8.92 -3.78 20.49
CA PHE G 110 9.90 -4.22 19.52
C PHE G 110 11.06 -4.89 20.23
N LEU G 111 11.90 -5.56 19.45
CA LEU G 111 13.19 -6.17 19.81
C LEU G 111 14.28 -5.67 18.89
N ILE G 112 15.53 -5.76 19.34
CA ILE G 112 16.70 -5.59 18.50
C ILE G 112 17.17 -6.98 18.05
N LEU G 113 17.50 -7.16 16.78
CA LEU G 113 18.00 -8.44 16.28
C LEU G 113 19.50 -8.60 16.62
N PRO G 114 19.95 -9.79 17.04
CA PRO G 114 21.36 -10.04 17.35
C PRO G 114 22.28 -9.91 16.12
N GLY G 115 23.52 -9.50 16.36
CA GLY G 115 24.52 -9.24 15.33
C GLY G 115 25.67 -10.23 15.28
N PHE G 116 26.89 -9.73 15.08
CA PHE G 116 28.13 -10.50 15.07
C PHE G 116 29.03 -10.11 16.24
N ILE G 117 29.43 -11.09 17.05
CA ILE G 117 30.28 -10.87 18.22
C ILE G 117 31.72 -11.16 17.86
N ASP G 118 32.62 -10.21 18.08
CA ASP G 118 34.06 -10.42 18.02
C ASP G 118 34.81 -9.80 19.21
N PHE G 119 34.15 -9.61 20.36
CA PHE G 119 34.79 -9.01 21.52
C PHE G 119 34.03 -9.50 22.74
N ILE G 120 34.55 -9.22 23.91
CA ILE G 120 33.89 -9.60 25.15
C ILE G 120 33.12 -8.40 25.70
N ALA G 121 32.20 -8.68 26.60
CA ALA G 121 31.33 -7.62 27.11
C ALA G 121 32.10 -6.57 27.89
N ASP G 122 33.03 -7.01 28.74
CA ASP G 122 33.70 -6.09 29.65
C ASP G 122 34.36 -4.93 28.93
N GLU G 123 34.65 -5.07 27.65
CA GLU G 123 35.31 -4.02 26.88
C GLU G 123 34.34 -3.18 26.07
N VAL G 124 33.08 -3.10 26.47
CA VAL G 124 32.14 -2.18 25.83
C VAL G 124 32.26 -0.81 26.49
N ASP G 125 32.45 0.21 25.66
CA ASP G 125 32.63 1.58 26.14
C ASP G 125 31.28 2.25 26.28
N LEU G 126 30.99 2.77 27.46
CA LEU G 126 29.71 3.39 27.70
C LEU G 126 29.78 4.91 27.74
N THR G 127 30.89 5.53 27.33
CA THR G 127 31.05 6.99 27.26
C THR G 127 29.88 7.67 26.52
N SER G 128 29.26 8.67 27.14
CA SER G 128 28.06 9.36 26.65
C SER G 128 28.15 10.87 26.82
N ALA G 129 27.63 11.62 25.86
CA ALA G 129 27.43 13.05 25.99
C ALA G 129 26.16 13.32 26.82
N LEU G 130 26.28 14.11 27.89
CA LEU G 130 25.12 14.67 28.60
C LEU G 130 24.58 15.92 27.90
N THR G 131 25.49 16.77 27.44
CA THR G 131 25.22 18.01 26.71
C THR G 131 26.26 18.19 25.61
N ARG G 132 26.20 19.28 24.84
CA ARG G 132 27.25 19.68 23.90
C ARG G 132 28.69 19.58 24.46
N LYS G 133 28.90 19.86 25.75
CA LYS G 133 30.24 19.95 26.39
C LYS G 133 30.53 19.01 27.56
N ILE G 134 29.54 18.34 28.16
CA ILE G 134 29.73 17.43 29.30
C ILE G 134 29.68 15.98 28.83
N THR G 135 30.66 15.18 29.24
CA THR G 135 30.74 13.75 28.96
C THR G 135 30.70 12.97 30.27
N LEU G 136 30.00 11.85 30.27
CA LEU G 136 29.89 10.91 31.37
C LEU G 136 30.45 9.57 30.92
N LYS G 137 31.04 8.78 31.83
CA LYS G 137 31.54 7.46 31.52
C LYS G 137 30.47 6.40 31.61
N THR G 138 29.22 6.79 31.86
CA THR G 138 28.10 5.91 32.08
C THR G 138 26.88 6.70 31.65
N PRO G 139 25.90 6.07 30.99
CA PRO G 139 24.75 6.83 30.46
C PRO G 139 23.61 7.08 31.43
N LEU G 140 23.78 6.90 32.73
CA LEU G 140 22.67 6.89 33.68
C LEU G 140 22.60 8.19 34.48
N ILE G 141 21.38 8.68 34.64
CA ILE G 141 21.08 9.95 35.30
C ILE G 141 19.98 9.73 36.33
N SER G 142 20.09 10.30 37.52
CA SER G 142 18.98 10.24 38.46
C SER G 142 18.07 11.45 38.27
N SER G 143 16.76 11.20 38.27
CA SER G 143 15.76 12.22 38.00
C SER G 143 15.61 13.26 39.12
N PRO G 144 15.38 14.56 38.79
CA PRO G 144 15.18 15.63 39.75
C PRO G 144 13.81 15.57 40.44
N MET G 145 13.57 14.52 41.21
CA MET G 145 12.38 14.34 42.03
C MET G 145 12.75 14.28 43.51
N ASP G 146 11.89 14.80 44.39
CA ASP G 146 12.17 14.92 45.81
C ASP G 146 12.19 13.59 46.58
N THR G 147 11.63 12.53 46.02
CA THR G 147 11.78 11.15 46.48
C THR G 147 12.92 10.40 45.79
N VAL G 148 13.77 11.06 44.99
CA VAL G 148 14.89 10.42 44.28
C VAL G 148 16.22 11.12 44.49
N THR G 149 16.37 12.43 44.20
CA THR G 149 17.70 13.04 44.11
C THR G 149 17.90 14.24 45.02
N GLU G 150 18.69 14.04 46.07
CA GLU G 150 19.35 15.05 46.89
C GLU G 150 20.86 14.76 46.92
N ALA G 151 21.66 15.38 47.81
CA ALA G 151 23.12 15.27 47.74
C ALA G 151 23.62 13.82 47.78
N ASP G 152 23.04 12.92 48.59
CA ASP G 152 23.53 11.54 48.69
C ASP G 152 23.36 10.73 47.40
N MET G 153 22.20 10.83 46.75
CA MET G 153 21.96 10.23 45.45
C MET G 153 22.86 10.85 44.39
N ALA G 154 22.98 12.17 44.36
CA ALA G 154 23.81 12.87 43.40
C ALA G 154 25.29 12.52 43.55
N ILE G 155 25.81 12.42 44.78
CA ILE G 155 27.17 11.92 45.06
C ILE G 155 27.29 10.49 44.56
N ALA G 156 26.38 9.59 44.91
CA ALA G 156 26.45 8.20 44.49
C ALA G 156 26.46 8.06 42.96
N MET G 157 25.61 8.79 42.26
CA MET G 157 25.55 8.69 40.80
C MET G 157 26.80 9.26 40.16
N ALA G 158 27.31 10.39 40.66
CA ALA G 158 28.55 10.95 40.16
C ALA G 158 29.72 9.98 40.38
N LEU G 159 29.81 9.32 41.52
CA LEU G 159 30.85 8.33 41.81
C LEU G 159 30.80 7.11 40.89
N MET G 160 29.62 6.60 40.53
CA MET G 160 29.56 5.42 39.68
C MET G 160 29.67 5.75 38.20
N GLY G 161 29.78 7.02 37.83
CA GLY G 161 30.04 7.40 36.47
C GLY G 161 28.89 8.07 35.76
N GLY G 162 27.79 8.35 36.44
CA GLY G 162 26.72 9.13 35.87
C GLY G 162 26.61 10.47 36.55
N ILE G 163 25.42 11.01 36.68
CA ILE G 163 25.18 12.31 37.30
C ILE G 163 23.78 12.31 37.91
N GLY G 164 23.56 13.13 38.92
CA GLY G 164 22.24 13.33 39.49
C GLY G 164 21.85 14.79 39.41
N PHE G 165 20.57 15.05 39.13
CA PHE G 165 20.04 16.42 39.14
C PHE G 165 19.26 16.61 40.43
N ILE G 166 19.72 17.51 41.29
CA ILE G 166 19.03 17.80 42.57
C ILE G 166 17.68 18.46 42.29
N HIS G 167 16.64 18.08 43.05
CA HIS G 167 15.27 18.56 42.88
C HIS G 167 15.06 20.00 43.39
N HIS G 168 14.00 20.66 42.92
CA HIS G 168 13.66 22.03 43.31
C HIS G 168 12.35 22.17 44.10
N ASN G 169 11.78 21.08 44.63
CA ASN G 169 10.63 21.11 45.54
C ASN G 169 11.07 21.43 46.99
N CYS G 170 11.81 22.52 47.13
CA CYS G 170 12.51 22.96 48.34
C CYS G 170 12.91 24.43 48.17
N THR G 171 13.30 25.10 49.25
CA THR G 171 13.77 26.49 49.16
C THR G 171 15.06 26.63 48.35
N PRO G 172 15.32 27.79 47.72
CA PRO G 172 16.56 28.02 46.98
C PRO G 172 17.83 27.77 47.79
N GLU G 173 17.87 28.22 49.04
CA GLU G 173 18.99 28.01 49.96
C GLU G 173 19.23 26.53 50.29
N PHE G 174 18.16 25.74 50.47
CA PHE G 174 18.28 24.29 50.65
C PHE G 174 18.85 23.63 49.40
N GLN G 175 18.34 23.94 48.21
CA GLN G 175 18.86 23.34 46.98
C GLN G 175 20.33 23.70 46.77
N ALA G 176 20.72 24.96 46.97
CA ALA G 176 22.11 25.37 46.86
C ALA G 176 23.01 24.69 47.90
N ASN G 177 22.52 24.41 49.11
CA ASN G 177 23.26 23.65 50.10
C ASN G 177 23.44 22.18 49.70
N GLU G 178 22.42 21.52 49.16
CA GLU G 178 22.55 20.18 48.60
C GLU G 178 23.53 20.13 47.43
N VAL G 179 23.54 21.12 46.53
CA VAL G 179 24.56 21.22 45.46
C VAL G 179 25.96 21.38 46.04
N ARG G 180 26.15 22.26 47.01
CA ARG G 180 27.45 22.47 47.67
C ARG G 180 27.97 21.19 48.35
N LYS G 181 27.10 20.42 49.00
CA LYS G 181 27.47 19.11 49.58
C LYS G 181 28.03 18.15 48.53
N VAL G 182 27.48 18.12 47.31
CA VAL G 182 28.02 17.29 46.22
C VAL G 182 29.38 17.79 45.77
N LYS G 183 29.53 19.10 45.52
CA LYS G 183 30.81 19.67 45.04
C LYS G 183 31.95 19.54 46.07
N LYS G 184 31.65 19.51 47.37
CA LYS G 184 32.62 19.32 48.47
C LYS G 184 33.09 17.88 48.66
N PHE G 185 32.32 16.85 48.29
CA PHE G 185 32.53 15.48 48.75
C PHE G 185 33.89 14.85 48.40
N GLU G 186 34.43 15.15 47.22
CA GLU G 186 35.75 14.72 46.76
C GLU G 186 36.49 15.94 46.22
N GLN G 187 37.76 16.11 46.55
CA GLN G 187 38.52 17.34 46.27
C GLN G 187 39.92 17.07 45.70
N GLY G 188 40.32 17.88 44.73
CA GLY G 188 41.74 18.15 44.44
C GLY G 188 42.34 19.02 45.55
N PHE G 189 42.82 20.22 45.22
CA PHE G 189 43.12 21.22 46.25
C PHE G 189 41.85 21.67 46.97
N ILE G 190 41.80 21.54 48.30
CA ILE G 190 40.81 22.17 49.16
C ILE G 190 41.22 23.64 49.34
N THR G 191 40.66 24.54 48.54
CA THR G 191 41.02 25.98 48.51
C THR G 191 40.47 26.79 49.68
N ASP G 192 39.53 26.24 50.44
CA ASP G 192 38.76 26.95 51.48
C ASP G 192 38.36 25.97 52.60
N PRO G 193 39.34 25.39 53.32
CA PRO G 193 39.10 24.33 54.29
C PRO G 193 38.21 24.77 55.47
N THR G 268 50.89 20.50 38.79
CA THR G 268 51.27 20.59 40.18
C THR G 268 50.37 19.74 41.07
N LEU G 269 49.09 19.60 40.70
CA LEU G 269 48.08 18.81 41.40
C LEU G 269 48.58 17.38 41.57
N LYS G 270 49.49 16.93 40.70
CA LYS G 270 50.14 15.64 40.86
C LYS G 270 50.91 15.56 42.17
N GLU G 271 51.16 16.62 42.92
CA GLU G 271 51.82 16.60 44.24
C GLU G 271 51.05 15.76 45.28
N ALA G 272 49.79 15.44 45.00
CA ALA G 272 49.03 14.38 45.66
C ALA G 272 49.80 13.05 45.73
N ASN G 273 50.52 12.67 44.67
CA ASN G 273 51.28 11.42 44.58
C ASN G 273 52.56 11.58 43.75
N ALA G 295 45.93 26.21 50.60
CA ALA G 295 45.07 25.07 50.31
C ALA G 295 45.62 23.74 50.88
N ILE G 296 44.77 22.71 50.96
CA ILE G 296 45.07 21.40 51.59
C ILE G 296 44.78 20.25 50.60
N ILE G 297 45.52 19.13 50.70
CA ILE G 297 45.21 17.85 50.05
C ILE G 297 45.13 16.73 51.12
N ALA G 298 44.23 15.76 50.95
CA ALA G 298 44.04 14.63 51.86
C ALA G 298 44.06 13.27 51.13
N ARG G 299 44.71 12.25 51.72
CA ARG G 299 44.74 10.88 51.18
C ARG G 299 43.35 10.28 50.96
N THR G 300 42.35 10.72 51.72
CA THR G 300 40.95 10.31 51.57
C THR G 300 40.41 10.54 50.15
N ASP G 301 40.80 11.62 49.48
CA ASP G 301 40.43 11.84 48.08
C ASP G 301 41.17 10.94 47.11
N LEU G 302 42.41 10.57 47.40
CA LEU G 302 43.13 9.56 46.62
C LEU G 302 42.47 8.20 46.77
N LYS G 303 42.03 7.82 47.97
CA LYS G 303 41.26 6.58 48.19
C LYS G 303 39.94 6.60 47.44
N LYS G 304 39.20 7.71 47.47
CA LYS G 304 37.99 7.89 46.65
C LYS G 304 38.28 7.72 45.17
N ASN G 305 39.27 8.42 44.65
CA ASN G 305 39.76 8.30 43.28
C ASN G 305 40.16 6.86 42.91
N ARG G 306 40.87 6.13 43.77
CA ARG G 306 41.22 4.71 43.59
C ARG G 306 39.98 3.80 43.60
N ASP G 307 39.03 4.03 44.50
CA ASP G 307 37.84 3.21 44.68
C ASP G 307 36.78 3.39 43.58
N TYR G 308 36.77 4.54 42.89
CA TYR G 308 35.74 4.91 41.91
C TYR G 308 36.33 5.30 40.54
N PRO G 309 36.71 4.31 39.70
CA PRO G 309 37.44 4.57 38.45
C PRO G 309 36.67 5.36 37.39
N LEU G 310 35.35 5.50 37.53
CA LEU G 310 34.48 6.12 36.55
C LEU G 310 33.80 7.38 37.06
N ALA G 311 34.24 7.94 38.19
CA ALA G 311 33.57 9.09 38.78
C ALA G 311 33.54 10.30 37.84
N SER G 312 32.39 10.93 37.70
CA SER G 312 32.18 12.11 36.87
C SER G 312 32.70 13.32 37.63
N LYS G 313 33.85 13.83 37.21
CA LYS G 313 34.61 14.88 37.89
C LYS G 313 34.84 16.07 36.95
N ASP G 314 34.76 17.28 37.48
CA ASP G 314 35.16 18.51 36.78
C ASP G 314 36.68 18.71 36.78
N SER G 315 37.15 19.81 36.19
CA SER G 315 38.58 20.09 36.07
C SER G 315 39.26 20.19 37.42
N GLN G 316 38.57 20.64 38.48
CA GLN G 316 39.07 20.74 39.85
C GLN G 316 39.00 19.43 40.63
N LYS G 317 38.71 18.30 39.96
CA LYS G 317 38.51 16.96 40.53
C LYS G 317 37.32 16.83 41.47
N GLN G 318 36.42 17.82 41.51
CA GLN G 318 35.17 17.73 42.26
C GLN G 318 34.12 16.97 41.45
N LEU G 319 33.17 16.31 42.13
CA LEU G 319 32.08 15.62 41.45
C LEU G 319 31.24 16.60 40.62
N LEU G 320 30.69 16.15 39.50
CA LEU G 320 29.68 16.90 38.76
C LEU G 320 28.34 16.87 39.49
N CYS G 321 27.65 17.99 39.53
CA CYS G 321 26.29 18.09 40.04
C CYS G 321 25.40 18.88 39.07
N GLY G 322 24.21 18.37 38.77
CA GLY G 322 23.14 19.13 38.14
C GLY G 322 22.10 19.62 39.14
N ALA G 323 21.28 20.60 38.75
CA ALA G 323 20.14 21.07 39.51
C ALA G 323 18.95 21.39 38.61
N ALA G 324 17.75 21.36 39.17
CA ALA G 324 16.54 21.83 38.50
C ALA G 324 16.19 23.27 38.91
N VAL G 325 15.59 24.01 37.98
CA VAL G 325 14.88 25.27 38.24
C VAL G 325 13.60 25.28 37.42
N GLY G 326 12.59 26.04 37.83
CA GLY G 326 11.42 26.28 37.02
C GLY G 326 11.62 27.42 36.00
N THR G 327 10.53 27.86 35.40
CA THR G 327 10.50 28.96 34.43
C THR G 327 9.68 30.14 34.94
N ARG G 328 9.52 30.29 36.26
CA ARG G 328 8.89 31.44 36.91
C ARG G 328 9.93 32.52 37.16
N GLU G 329 9.48 33.75 37.39
CA GLU G 329 10.40 34.87 37.65
C GLU G 329 11.25 34.65 38.91
N ASP G 330 10.72 34.06 39.98
CA ASP G 330 11.50 33.81 41.20
C ASP G 330 12.58 32.73 41.02
N ASP G 331 12.63 32.01 39.90
CA ASP G 331 13.72 31.08 39.61
C ASP G 331 15.04 31.79 39.28
N LYS G 332 15.01 33.08 38.95
CA LYS G 332 16.22 33.87 38.66
C LYS G 332 17.13 34.02 39.89
N TYR G 333 16.56 34.26 41.08
CA TYR G 333 17.29 34.23 42.35
C TYR G 333 17.80 32.82 42.71
N ARG G 334 16.97 31.79 42.52
CA ARG G 334 17.39 30.40 42.72
C ARG G 334 18.62 30.07 41.88
N LEU G 335 18.61 30.42 40.60
CA LEU G 335 19.74 30.13 39.72
C LEU G 335 21.01 30.92 40.06
N ASP G 336 20.88 32.15 40.54
CA ASP G 336 22.02 32.89 41.10
C ASP G 336 22.66 32.12 42.25
N LEU G 337 21.88 31.61 43.21
CA LEU G 337 22.43 30.79 44.30
C LEU G 337 23.08 29.48 43.81
N LEU G 338 22.48 28.78 42.86
CA LEU G 338 23.02 27.52 42.35
C LEU G 338 24.33 27.71 41.60
N THR G 339 24.47 28.80 40.84
CA THR G 339 25.72 29.12 40.15
C THR G 339 26.79 29.62 41.11
N GLN G 340 26.44 30.24 42.23
CA GLN G 340 27.38 30.48 43.35
C GLN G 340 27.82 29.18 44.04
N ALA G 341 26.91 28.21 44.24
CA ALA G 341 27.22 26.90 44.81
C ALA G 341 28.05 26.00 43.88
N GLY G 342 28.21 26.37 42.61
CA GLY G 342 29.10 25.70 41.66
C GLY G 342 28.43 24.62 40.81
N VAL G 343 27.13 24.71 40.56
CA VAL G 343 26.40 23.74 39.72
C VAL G 343 26.98 23.68 38.30
N ASP G 344 27.09 22.50 37.72
CA ASP G 344 27.71 22.28 36.41
C ASP G 344 26.72 22.38 35.25
N VAL G 345 25.45 22.04 35.48
CA VAL G 345 24.41 21.92 34.44
C VAL G 345 23.02 22.15 35.03
N ILE G 346 22.08 22.65 34.23
CA ILE G 346 20.70 22.95 34.65
C ILE G 346 19.70 22.17 33.80
N VAL G 347 18.63 21.66 34.41
CA VAL G 347 17.39 21.25 33.72
C VAL G 347 16.27 22.22 34.06
N LEU G 348 15.48 22.62 33.05
CA LEU G 348 14.37 23.57 33.23
C LEU G 348 13.00 22.95 33.59
N ASP G 349 12.92 21.63 33.65
CA ASP G 349 11.90 20.86 34.38
C ASP G 349 10.40 21.10 34.11
N SER G 350 10.02 21.71 32.98
CA SER G 350 8.62 21.80 32.55
C SER G 350 8.05 20.44 32.16
N SER G 351 6.75 20.20 32.33
CA SER G 351 6.05 19.07 31.67
C SER G 351 5.97 19.20 30.15
N GLN G 352 6.10 20.43 29.64
CA GLN G 352 6.18 20.78 28.24
C GLN G 352 7.07 22.01 28.08
N GLY G 353 8.22 21.85 27.41
CA GLY G 353 9.24 22.90 27.31
C GLY G 353 9.02 23.88 26.18
N ASN G 354 8.16 23.57 25.22
CA ASN G 354 7.86 24.45 24.09
C ASN G 354 6.89 25.58 24.48
N SER G 355 7.40 26.53 25.25
CA SER G 355 6.62 27.65 25.77
C SER G 355 7.44 28.92 25.78
N VAL G 356 6.79 30.07 25.68
CA VAL G 356 7.45 31.38 25.81
C VAL G 356 8.15 31.54 27.14
N TYR G 357 7.61 30.99 28.22
CA TYR G 357 8.18 31.04 29.56
C TYR G 357 9.53 30.32 29.62
N GLN G 358 9.60 29.14 29.03
CA GLN G 358 10.85 28.40 28.96
C GLN G 358 11.84 29.02 27.98
N ILE G 359 11.42 29.44 26.79
CA ILE G 359 12.32 30.06 25.80
C ILE G 359 12.93 31.35 26.36
N ALA G 360 12.13 32.20 27.03
CA ALA G 360 12.62 33.37 27.73
C ALA G 360 13.63 33.02 28.83
N MET G 361 13.40 31.94 29.57
CA MET G 361 14.36 31.45 30.57
C MET G 361 15.68 30.97 29.93
N VAL G 362 15.65 30.18 28.85
CA VAL G 362 16.87 29.72 28.15
C VAL G 362 17.69 30.91 27.66
N HIS G 363 17.07 31.93 27.05
CA HIS G 363 17.75 33.14 26.63
C HIS G 363 18.36 33.94 27.79
N TYR G 364 17.64 34.07 28.91
CA TYR G 364 18.16 34.73 30.11
C TYR G 364 19.38 34.01 30.67
N ILE G 365 19.34 32.68 30.78
CA ILE G 365 20.44 31.92 31.36
C ILE G 365 21.68 32.05 30.49
N LYS G 366 21.56 31.81 29.18
CA LYS G 366 22.71 31.83 28.27
C LYS G 366 23.31 33.22 28.09
N GLN G 367 22.57 34.28 28.44
CA GLN G 367 23.09 35.65 28.52
C GLN G 367 23.86 35.90 29.83
N LYS G 368 23.30 35.55 30.99
CA LYS G 368 23.90 35.86 32.30
C LYS G 368 25.03 34.92 32.72
N TYR G 369 24.91 33.64 32.36
CA TYR G 369 25.85 32.57 32.69
C TYR G 369 26.27 31.83 31.41
N PRO G 370 27.04 32.45 30.49
CA PRO G 370 27.31 31.89 29.16
C PRO G 370 28.12 30.59 29.15
N HIS G 371 28.78 30.24 30.27
CA HIS G 371 29.51 28.98 30.45
C HIS G 371 28.68 27.85 31.09
N LEU G 372 27.47 28.14 31.57
CA LEU G 372 26.57 27.17 32.16
C LEU G 372 25.86 26.36 31.07
N GLN G 373 25.80 25.03 31.22
CA GLN G 373 25.08 24.15 30.32
C GLN G 373 23.59 24.06 30.70
N VAL G 374 22.68 24.09 29.73
CA VAL G 374 21.22 24.08 29.98
C VAL G 374 20.53 23.00 29.16
N ILE G 375 19.67 22.23 29.80
CA ILE G 375 18.91 21.13 29.18
C ILE G 375 17.42 21.50 29.11
N GLY G 376 16.83 21.34 27.92
CA GLY G 376 15.42 21.62 27.60
C GLY G 376 14.41 20.77 28.35
N GLY G 377 13.17 21.26 28.45
CA GLY G 377 12.23 20.97 29.55
C GLY G 377 11.69 19.57 29.58
N ASN G 378 10.62 19.34 28.83
CA ASN G 378 10.30 18.04 28.27
C ASN G 378 9.71 18.24 26.88
N VAL G 379 10.07 17.37 25.94
CA VAL G 379 9.59 17.41 24.56
C VAL G 379 9.37 16.00 24.05
N VAL G 380 8.49 15.83 23.07
CA VAL G 380 8.18 14.54 22.43
C VAL G 380 8.00 14.63 20.91
N THR G 381 8.10 15.83 20.33
CA THR G 381 8.04 16.05 18.88
C THR G 381 9.22 16.87 18.37
N ALA G 382 9.58 16.69 17.10
CA ALA G 382 10.62 17.48 16.47
C ALA G 382 10.30 18.99 16.43
N ALA G 383 9.02 19.36 16.35
CA ALA G 383 8.59 20.76 16.34
C ALA G 383 8.86 21.46 17.68
N GLN G 384 8.73 20.75 18.80
CA GLN G 384 9.15 21.26 20.10
C GLN G 384 10.68 21.37 20.21
N ALA G 385 11.39 20.35 19.75
CA ALA G 385 12.85 20.32 19.75
C ALA G 385 13.45 21.49 18.96
N LYS G 386 12.87 21.86 17.80
CA LYS G 386 13.29 23.01 17.00
C LYS G 386 13.37 24.30 17.79
N ASN G 387 12.31 24.70 18.47
CA ASN G 387 12.29 26.00 19.15
C ASN G 387 13.25 26.08 20.34
N LEU G 388 13.54 24.97 21.02
CA LEU G 388 14.51 24.94 22.12
C LEU G 388 15.95 24.82 21.64
N ILE G 389 16.22 24.06 20.58
CA ILE G 389 17.52 24.08 19.90
C ILE G 389 17.79 25.48 19.34
N ASP G 390 16.79 26.16 18.77
CA ASP G 390 16.93 27.54 18.31
C ASP G 390 17.13 28.56 19.44
N ALA G 391 16.58 28.33 20.64
CA ALA G 391 16.88 29.13 21.82
C ALA G 391 18.29 28.88 22.39
N GLY G 392 18.95 27.79 22.00
CA GLY G 392 20.33 27.49 22.36
C GLY G 392 20.52 26.59 23.57
N VAL G 393 19.61 25.65 23.81
CA VAL G 393 19.86 24.58 24.80
C VAL G 393 21.05 23.70 24.38
N ASP G 394 21.73 23.11 25.35
CA ASP G 394 22.88 22.23 25.16
C ASP G 394 22.50 20.73 25.22
N GLY G 395 21.29 20.40 25.63
CA GLY G 395 20.70 19.07 25.63
C GLY G 395 19.18 19.15 25.64
N LEU G 396 18.48 18.08 25.33
CA LEU G 396 17.02 17.97 25.46
C LEU G 396 16.64 16.78 26.35
N ARG G 397 15.56 16.92 27.11
CA ARG G 397 14.96 15.87 27.93
C ARG G 397 13.65 15.41 27.30
N VAL G 398 13.52 14.12 27.04
CA VAL G 398 12.48 13.57 26.17
C VAL G 398 11.57 12.63 26.94
N GLY G 399 10.28 12.92 26.93
CA GLY G 399 9.25 12.11 27.54
C GLY G 399 8.08 12.94 28.01
N MET G 400 6.86 12.53 27.70
CA MET G 400 5.65 13.19 28.17
C MET G 400 4.55 12.16 28.34
N GLY G 401 4.07 12.02 29.57
CA GLY G 401 2.95 11.16 29.88
C GLY G 401 3.32 9.70 30.17
N CYS G 402 4.47 9.24 29.70
CA CYS G 402 5.17 8.08 30.24
C CYS G 402 5.76 8.41 31.62
N GLY G 403 6.42 7.44 32.24
CA GLY G 403 6.95 7.59 33.60
C GLY G 403 5.98 7.00 34.61
N SER G 404 6.46 6.15 35.52
CA SER G 404 5.61 5.25 36.29
C SER G 404 4.56 5.91 37.19
N ILE G 405 4.88 7.04 37.81
CA ILE G 405 3.99 7.86 38.67
C ILE G 405 3.10 8.85 37.90
N CYS G 406 3.09 8.83 36.57
CA CYS G 406 2.43 9.82 35.73
C CYS G 406 0.96 9.49 35.43
N ILE G 407 0.09 10.52 35.31
CA ILE G 407 -1.28 10.41 34.78
C ILE G 407 -1.64 11.49 33.75
N THR G 408 -0.67 12.26 33.23
CA THR G 408 -0.86 13.36 32.27
C THR G 408 -1.70 12.97 31.04
N GLN G 409 -1.55 11.76 30.51
CA GLN G 409 -2.27 11.32 29.32
C GLN G 409 -3.79 11.22 29.55
N GLU G 410 -4.24 10.69 30.69
CA GLU G 410 -5.67 10.63 31.04
C GLU G 410 -6.25 11.94 31.54
N VAL G 411 -5.44 12.84 32.12
CA VAL G 411 -5.90 14.15 32.60
C VAL G 411 -5.95 15.19 31.47
N MET G 412 -5.01 15.15 30.52
CA MET G 412 -4.74 16.25 29.59
C MET G 412 -4.85 15.88 28.11
N ALA G 413 -4.97 14.59 27.77
CA ALA G 413 -4.91 14.01 26.42
C ALA G 413 -3.57 14.17 25.66
N CYS G 414 -2.62 14.97 26.15
CA CYS G 414 -1.28 15.08 25.57
C CYS G 414 -0.32 13.99 26.01
N GLY G 415 0.57 13.63 25.12
CA GLY G 415 1.75 12.81 25.39
C GLY G 415 2.28 12.17 24.11
N ARG G 416 3.20 11.22 24.25
CA ARG G 416 3.58 10.32 23.15
C ARG G 416 4.10 8.99 23.70
N PRO G 417 3.93 7.86 22.99
CA PRO G 417 4.60 6.61 23.31
C PRO G 417 6.12 6.78 23.28
N GLN G 418 6.81 6.38 24.34
CA GLN G 418 8.17 6.84 24.62
C GLN G 418 9.20 6.37 23.59
N GLY G 419 9.04 5.19 23.00
CA GLY G 419 9.94 4.74 21.95
C GLY G 419 9.95 5.66 20.75
N THR G 420 8.77 5.98 20.23
CA THR G 420 8.65 6.88 19.09
C THR G 420 9.19 8.26 19.43
N ALA G 421 8.86 8.77 20.61
CA ALA G 421 9.30 10.08 21.06
C ALA G 421 10.83 10.17 21.11
N VAL G 422 11.49 9.17 21.67
CA VAL G 422 12.95 9.10 21.73
C VAL G 422 13.54 9.01 20.34
N TYR G 423 13.00 8.15 19.47
CA TYR G 423 13.53 8.04 18.11
C TYR G 423 13.41 9.36 17.35
N LYS G 424 12.21 9.95 17.31
CA LYS G 424 11.91 11.13 16.49
C LYS G 424 12.62 12.38 16.97
N VAL G 425 12.67 12.61 18.28
CA VAL G 425 13.40 13.76 18.82
C VAL G 425 14.91 13.59 18.67
N ALA G 426 15.48 12.40 18.91
CA ALA G 426 16.91 12.18 18.69
C ALA G 426 17.31 12.30 17.22
N GLU G 427 16.51 11.78 16.31
CA GLU G 427 16.77 11.88 14.87
C GLU G 427 16.71 13.33 14.38
N TYR G 428 15.89 14.20 14.98
CA TYR G 428 15.96 15.64 14.71
C TYR G 428 17.16 16.30 15.38
N ALA G 429 17.40 16.05 16.67
CA ALA G 429 18.41 16.74 17.46
C ALA G 429 19.85 16.46 17.05
N ARG G 430 20.16 15.28 16.50
CA ARG G 430 21.48 14.93 15.96
C ARG G 430 21.94 15.82 14.80
N ARG G 431 21.01 16.40 14.04
CA ARG G 431 21.29 17.33 12.92
C ARG G 431 21.99 18.60 13.39
N PHE G 432 21.87 18.93 14.67
CA PHE G 432 22.43 20.11 15.32
C PHE G 432 23.49 19.76 16.37
N GLY G 433 23.85 18.48 16.50
CA GLY G 433 24.82 17.99 17.48
C GLY G 433 24.36 18.02 18.93
N VAL G 434 23.06 17.91 19.19
CA VAL G 434 22.48 18.03 20.54
C VAL G 434 22.15 16.65 21.11
N PRO G 435 22.66 16.26 22.29
CA PRO G 435 22.34 14.99 22.94
C PRO G 435 20.92 14.92 23.51
N ILE G 436 20.38 13.71 23.61
CA ILE G 436 19.05 13.41 24.18
C ILE G 436 19.17 12.65 25.50
N ILE G 437 18.46 13.11 26.52
CA ILE G 437 18.10 12.31 27.69
C ILE G 437 16.75 11.64 27.42
N ALA G 438 16.65 10.32 27.47
CA ALA G 438 15.37 9.62 27.50
C ALA G 438 14.86 9.50 28.95
N ASP G 439 13.70 10.08 29.27
CA ASP G 439 13.22 10.20 30.64
C ASP G 439 11.90 9.46 30.89
N GLY G 440 11.92 8.50 31.81
CA GLY G 440 10.74 7.79 32.30
C GLY G 440 10.32 6.56 31.48
N GLY G 441 9.66 5.61 32.12
CA GLY G 441 9.24 4.34 31.52
C GLY G 441 10.32 3.26 31.51
N ILE G 442 11.41 3.47 32.24
CA ILE G 442 12.54 2.54 32.32
C ILE G 442 12.31 1.59 33.49
N GLN G 443 11.94 0.34 33.21
CA GLN G 443 11.61 -0.68 34.22
C GLN G 443 12.66 -1.80 34.32
N THR G 444 13.53 -1.95 33.33
CA THR G 444 14.42 -3.08 33.12
C THR G 444 15.66 -2.63 32.36
N VAL G 445 16.75 -3.39 32.42
CA VAL G 445 17.97 -3.05 31.67
C VAL G 445 17.77 -3.13 30.16
N GLY G 446 16.84 -3.98 29.69
CA GLY G 446 16.45 -4.02 28.29
C GLY G 446 15.79 -2.73 27.81
N HIS G 447 15.01 -2.03 28.64
CA HIS G 447 14.52 -0.69 28.29
C HIS G 447 15.66 0.32 28.16
N VAL G 448 16.71 0.24 28.97
CA VAL G 448 17.88 1.12 28.84
C VAL G 448 18.58 0.88 27.51
N VAL G 449 18.86 -0.37 27.17
CA VAL G 449 19.50 -0.73 25.89
C VAL G 449 18.66 -0.28 24.71
N LYS G 450 17.33 -0.48 24.75
CA LYS G 450 16.41 -0.01 23.71
C LYS G 450 16.39 1.51 23.58
N ALA G 451 16.25 2.25 24.67
CA ALA G 451 16.31 3.70 24.64
C ALA G 451 17.61 4.19 24.01
N LEU G 452 18.73 3.57 24.36
CA LEU G 452 20.03 3.99 23.84
C LEU G 452 20.16 3.65 22.37
N ALA G 453 19.63 2.50 21.96
CA ALA G 453 19.70 2.10 20.56
C ALA G 453 18.86 2.99 19.68
N LEU G 454 17.76 3.53 20.19
CA LEU G 454 16.91 4.40 19.41
C LEU G 454 17.47 5.80 19.24
N GLY G 455 18.64 6.11 19.83
CA GLY G 455 19.30 7.40 19.66
C GLY G 455 19.45 8.22 20.94
N ALA G 456 18.94 7.78 22.10
CA ALA G 456 19.21 8.47 23.36
C ALA G 456 20.70 8.42 23.68
N SER G 457 21.27 9.53 24.15
CA SER G 457 22.66 9.59 24.60
C SER G 457 22.77 9.17 26.07
N THR G 458 21.77 9.46 26.87
CA THR G 458 21.67 9.13 28.28
C THR G 458 20.24 8.77 28.63
N VAL G 459 20.05 8.06 29.74
CA VAL G 459 18.76 7.59 30.22
C VAL G 459 18.58 8.10 31.65
N MET G 460 17.44 8.72 31.94
CA MET G 460 17.10 9.25 33.23
C MET G 460 16.05 8.38 33.91
N MET G 461 16.32 8.01 35.16
CA MET G 461 15.49 7.07 35.91
C MET G 461 14.94 7.72 37.18
N GLY G 462 13.66 7.49 37.42
CA GLY G 462 12.97 7.81 38.65
C GLY G 462 12.76 6.55 39.47
N SER G 463 11.76 5.76 39.09
CA SER G 463 11.32 4.56 39.81
C SER G 463 12.44 3.54 40.03
N LEU G 464 13.27 3.29 39.02
CA LEU G 464 14.37 2.35 39.14
C LEU G 464 15.41 2.75 40.20
N LEU G 465 15.51 4.02 40.58
CA LEU G 465 16.42 4.50 41.63
C LEU G 465 15.70 4.83 42.95
N ALA G 466 14.38 4.97 42.92
CA ALA G 466 13.55 5.08 44.11
C ALA G 466 13.70 3.85 45.01
N ALA G 467 13.59 4.06 46.33
CA ALA G 467 13.81 3.04 47.36
C ALA G 467 15.19 2.36 47.35
N THR G 468 16.20 2.97 46.74
CA THR G 468 17.60 2.71 47.14
C THR G 468 17.90 3.41 48.46
N THR G 469 19.02 3.07 49.11
CA THR G 469 19.34 3.66 50.42
C THR G 469 19.65 5.15 50.33
N GLU G 470 20.29 5.61 49.26
CA GLU G 470 20.63 7.01 49.00
C GLU G 470 19.43 7.87 48.56
N ALA G 471 18.31 7.27 48.13
CA ALA G 471 17.09 8.00 47.84
C ALA G 471 16.53 8.68 49.12
N PRO G 472 15.99 9.91 49.05
CA PRO G 472 15.46 10.64 50.20
C PRO G 472 14.34 9.91 50.97
N GLY G 473 14.12 10.32 52.21
CA GLY G 473 13.11 9.73 53.11
C GLY G 473 13.59 8.46 53.82
N GLU G 474 12.66 7.77 54.46
CA GLU G 474 12.91 6.60 55.33
C GLU G 474 12.01 5.41 55.00
N TYR G 475 12.48 4.19 55.31
CA TYR G 475 11.70 2.96 55.11
C TYR G 475 10.63 2.73 56.20
N PHE G 476 9.51 2.08 55.87
CA PHE G 476 8.35 2.02 56.79
C PHE G 476 7.55 0.70 56.86
N PHE G 477 7.96 -0.38 56.18
CA PHE G 477 7.45 -1.76 56.37
C PHE G 477 5.92 -2.00 56.29
N SER G 478 5.12 -1.12 55.67
CA SER G 478 3.65 -1.14 55.87
C SER G 478 2.96 -2.44 55.41
N ASP G 479 3.24 -2.92 54.20
CA ASP G 479 2.68 -4.18 53.67
C ASP G 479 3.49 -5.43 54.05
N GLY G 480 4.25 -5.37 55.15
CA GLY G 480 5.20 -6.39 55.58
C GLY G 480 6.53 -6.35 54.79
N VAL G 481 6.49 -6.09 53.48
CA VAL G 481 7.67 -5.77 52.67
C VAL G 481 8.25 -4.40 53.03
N ARG G 482 9.57 -4.24 52.94
CA ARG G 482 10.26 -2.97 53.22
C ARG G 482 10.06 -1.98 52.06
N LEU G 483 9.47 -0.82 52.35
CA LEU G 483 8.98 0.16 51.37
C LEU G 483 9.52 1.56 51.65
N LYS G 484 9.76 2.35 50.60
CA LYS G 484 10.02 3.80 50.63
C LYS G 484 8.95 4.53 49.80
N LYS G 485 8.73 5.81 50.05
CA LYS G 485 7.75 6.62 49.30
C LYS G 485 8.33 7.09 47.95
N TYR G 486 7.50 7.16 46.92
CA TYR G 486 7.86 7.61 45.58
C TYR G 486 6.67 8.36 44.96
N ARG G 487 6.77 9.69 44.81
CA ARG G 487 5.57 10.56 44.85
C ARG G 487 5.09 11.20 43.55
N GLY G 488 5.96 11.43 42.55
CA GLY G 488 5.62 12.26 41.38
C GLY G 488 5.46 13.76 41.71
N MET G 489 6.13 14.64 40.97
CA MET G 489 6.28 16.06 41.30
C MET G 489 5.02 16.91 41.01
N GLY G 490 4.13 16.41 40.15
CA GLY G 490 2.79 16.93 39.90
C GLY G 490 1.69 16.17 40.66
N SER G 491 2.03 15.32 41.63
CA SER G 491 1.03 14.85 42.61
C SER G 491 0.66 15.98 43.57
N LEU G 492 -0.53 15.95 44.15
CA LEU G 492 -0.95 16.96 45.12
C LEU G 492 -0.36 16.72 46.52
N ASP G 493 0.22 15.54 46.75
CA ASP G 493 1.12 15.26 47.86
C ASP G 493 2.40 16.13 47.77
N ALA G 494 3.03 16.24 46.60
CA ALA G 494 4.22 17.07 46.38
C ALA G 494 3.93 18.57 46.59
N VAL G 512 -8.62 26.04 41.54
CA VAL G 512 -8.44 24.60 41.37
C VAL G 512 -7.00 24.26 40.94
N LYS G 513 -6.38 23.28 41.59
CA LYS G 513 -5.12 22.63 41.16
C LYS G 513 -5.37 21.15 40.89
N ILE G 514 -4.98 20.67 39.71
CA ILE G 514 -5.24 19.30 39.24
C ILE G 514 -3.96 18.47 39.35
N ALA G 515 -4.05 17.25 39.87
CA ALA G 515 -2.91 16.33 39.88
C ALA G 515 -2.54 15.87 38.47
N GLN G 516 -1.24 15.80 38.19
CA GLN G 516 -0.68 15.15 36.99
C GLN G 516 0.14 13.90 37.33
N GLY G 517 0.25 13.55 38.60
CA GLY G 517 0.91 12.35 39.07
C GLY G 517 0.24 11.75 40.31
N VAL G 518 0.55 10.50 40.60
CA VAL G 518 0.05 9.75 41.75
C VAL G 518 1.16 9.56 42.77
N SER G 519 0.87 9.76 44.06
CA SER G 519 1.84 9.44 45.10
C SER G 519 1.72 7.97 45.50
N GLY G 520 2.83 7.26 45.55
CA GLY G 520 2.86 5.83 45.80
C GLY G 520 4.12 5.37 46.53
N SER G 521 4.44 4.09 46.39
CA SER G 521 5.50 3.44 47.15
C SER G 521 6.21 2.34 46.34
N ILE G 522 7.48 2.10 46.67
CA ILE G 522 8.40 1.20 45.98
C ILE G 522 9.15 0.36 47.01
N GLN G 523 9.41 -0.92 46.71
CA GLN G 523 10.15 -1.84 47.56
C GLN G 523 11.66 -1.56 47.57
N ASP G 524 12.31 -1.78 48.71
CA ASP G 524 13.75 -1.59 48.91
C ASP G 524 14.65 -2.34 47.90
N LYS G 525 15.69 -1.69 47.40
CA LYS G 525 16.70 -2.25 46.47
C LYS G 525 18.15 -2.16 46.97
N GLY G 526 18.40 -1.69 48.20
CA GLY G 526 19.77 -1.53 48.70
C GLY G 526 20.48 -0.29 48.14
N SER G 527 21.81 -0.26 48.09
CA SER G 527 22.55 0.92 47.64
C SER G 527 22.65 1.05 46.12
N ILE G 528 22.75 2.28 45.63
CA ILE G 528 23.13 2.62 44.26
C ILE G 528 24.44 1.93 43.89
N GLN G 529 25.40 1.87 44.80
CA GLN G 529 26.72 1.30 44.54
C GLN G 529 26.75 -0.22 44.36
N LYS G 530 25.67 -0.96 44.66
CA LYS G 530 25.56 -2.37 44.38
C LYS G 530 24.58 -2.66 43.25
N PHE G 531 23.87 -1.64 42.78
CA PHE G 531 22.79 -1.75 41.79
C PHE G 531 23.15 -1.08 40.46
N VAL G 532 24.01 -0.06 40.46
CA VAL G 532 24.39 0.58 39.22
C VAL G 532 25.40 -0.29 38.46
N PRO G 533 26.35 -1.01 39.11
CA PRO G 533 27.20 -1.95 38.38
C PRO G 533 26.43 -3.11 37.74
N TYR G 534 25.27 -3.48 38.28
CA TYR G 534 24.33 -4.39 37.59
C TYR G 534 23.73 -3.79 36.32
N LEU G 535 23.29 -2.51 36.33
CA LEU G 535 22.81 -1.87 35.11
C LEU G 535 23.93 -1.73 34.08
N ILE G 536 25.14 -1.35 34.49
CA ILE G 536 26.31 -1.29 33.62
C ILE G 536 26.60 -2.66 32.99
N ALA G 537 26.67 -3.72 33.78
CA ALA G 537 26.90 -5.07 33.28
C ALA G 537 25.80 -5.55 32.31
N GLY G 538 24.53 -5.26 32.60
CA GLY G 538 23.43 -5.57 31.70
C GLY G 538 23.47 -4.77 30.40
N ILE G 539 23.84 -3.49 30.43
CA ILE G 539 24.05 -2.69 29.21
C ILE G 539 25.20 -3.27 28.40
N GLN G 540 26.32 -3.63 29.02
CA GLN G 540 27.46 -4.18 28.29
C GLN G 540 27.08 -5.50 27.61
N HIS G 541 26.36 -6.40 28.29
CA HIS G 541 25.99 -7.68 27.68
C HIS G 541 24.93 -7.51 26.58
N GLY G 542 24.00 -6.57 26.73
CA GLY G 542 23.10 -6.17 25.65
C GLY G 542 23.87 -5.65 24.43
N CYS G 543 24.88 -4.80 24.62
CA CYS G 543 25.65 -4.31 23.48
C CYS G 543 26.50 -5.40 22.87
N GLN G 544 27.00 -6.36 23.66
CA GLN G 544 27.81 -7.43 23.12
C GLN G 544 27.00 -8.32 22.17
N ASP G 545 25.81 -8.76 22.56
CA ASP G 545 24.94 -9.57 21.67
C ASP G 545 24.51 -8.85 20.39
N ILE G 546 24.47 -7.51 20.40
CA ILE G 546 24.22 -6.68 19.22
C ILE G 546 25.46 -6.57 18.32
N GLY G 547 26.68 -6.80 18.82
CA GLY G 547 27.88 -6.53 18.05
C GLY G 547 28.41 -5.13 18.16
N ALA G 548 27.93 -4.35 19.11
CA ALA G 548 28.35 -2.96 19.27
C ALA G 548 29.47 -2.89 20.29
N ARG G 549 30.63 -2.40 19.86
CA ARG G 549 31.76 -2.29 20.77
C ARG G 549 31.66 -1.07 21.69
N SER G 550 30.72 -0.17 21.44
CA SER G 550 30.47 0.99 22.27
C SER G 550 29.07 1.50 21.97
N LEU G 551 28.60 2.45 22.78
CA LEU G 551 27.28 3.01 22.56
C LEU G 551 27.26 3.92 21.35
N SER G 552 28.35 4.64 21.06
CA SER G 552 28.49 5.43 19.83
C SER G 552 28.47 4.55 18.58
N VAL G 553 29.11 3.38 18.63
CA VAL G 553 29.02 2.38 17.56
C VAL G 553 27.60 1.86 17.42
N LEU G 554 26.86 1.67 18.53
CA LEU G 554 25.48 1.23 18.48
C LEU G 554 24.61 2.23 17.75
N ARG G 555 24.63 3.51 18.13
CA ARG G 555 23.83 4.55 17.44
C ARG G 555 24.26 4.74 16.00
N SER G 556 25.55 4.64 15.72
CA SER G 556 26.09 4.63 14.36
C SER G 556 25.51 3.49 13.50
N MET G 557 25.49 2.26 14.00
CA MET G 557 24.83 1.12 13.35
C MET G 557 23.33 1.32 13.16
N MET G 558 22.65 2.01 14.09
CA MET G 558 21.22 2.25 13.92
C MET G 558 20.97 3.27 12.82
N TYR G 559 21.65 4.41 12.81
CA TYR G 559 21.44 5.43 11.78
C TYR G 559 21.86 4.96 10.39
N SER G 560 22.84 4.07 10.28
CA SER G 560 23.28 3.52 8.99
C SER G 560 22.43 2.36 8.45
N GLY G 561 21.41 1.86 9.16
CA GLY G 561 20.66 0.72 8.71
C GLY G 561 21.23 -0.62 9.06
N GLU G 562 22.44 -0.67 9.62
CA GLU G 562 23.04 -1.97 9.91
C GLU G 562 22.29 -2.70 11.01
N LEU G 563 21.85 -1.97 12.02
CA LEU G 563 21.07 -2.55 13.11
C LEU G 563 19.64 -2.78 12.65
N LYS G 564 19.13 -3.96 12.96
CA LYS G 564 17.80 -4.40 12.52
C LYS G 564 16.87 -4.58 13.70
N PHE G 565 15.58 -4.33 13.46
CA PHE G 565 14.57 -4.37 14.50
C PHE G 565 13.47 -5.31 14.08
N GLU G 566 12.69 -5.73 15.06
CA GLU G 566 11.57 -6.63 14.81
C GLU G 566 10.43 -6.18 15.70
N LYS G 567 9.25 -6.01 15.13
CA LYS G 567 8.08 -5.69 15.93
C LYS G 567 7.57 -6.94 16.64
N ARG G 568 6.84 -6.75 17.73
CA ARG G 568 6.27 -7.81 18.58
C ARG G 568 4.76 -7.70 18.60
N THR G 569 4.07 -8.82 18.44
CA THR G 569 2.64 -8.87 18.74
C THR G 569 2.46 -9.03 20.24
N MET G 570 1.22 -9.12 20.70
CA MET G 570 1.01 -9.36 22.12
C MET G 570 1.41 -10.77 22.52
N SER G 571 1.09 -11.76 21.68
CA SER G 571 1.53 -13.11 21.97
C SER G 571 3.05 -13.19 21.97
N ALA G 572 3.73 -12.43 21.11
CA ALA G 572 5.18 -12.36 21.12
C ALA G 572 5.71 -11.79 22.43
N GLN G 573 5.06 -10.77 22.98
CA GLN G 573 5.47 -10.22 24.28
C GLN G 573 5.19 -11.21 25.40
N ILE G 574 4.10 -11.96 25.33
CA ILE G 574 3.86 -13.03 26.31
C ILE G 574 4.99 -14.06 26.24
N GLU G 575 5.35 -14.50 25.03
CA GLU G 575 6.48 -15.43 24.78
C GLU G 575 7.84 -14.86 25.23
N GLY G 576 8.04 -13.54 25.20
CA GLY G 576 9.25 -12.89 25.70
C GLY G 576 9.36 -12.82 27.23
N GLY G 577 8.25 -13.06 27.94
CA GLY G 577 8.22 -13.25 29.40
C GLY G 577 8.42 -14.71 29.81
N VAL G 578 8.00 -15.04 31.03
CA VAL G 578 8.02 -16.40 31.60
C VAL G 578 6.70 -17.12 31.29
N HIS G 579 6.73 -18.40 30.88
CA HIS G 579 5.54 -19.13 30.41
C HIS G 579 4.92 -20.01 31.52
N GLY G 580 4.35 -21.18 31.16
CA GLY G 580 3.64 -22.11 32.03
C GLY G 580 4.46 -22.88 33.08
N LEU G 581 5.44 -22.24 33.72
CA LEU G 581 5.96 -22.69 35.01
C LEU G 581 4.84 -22.71 36.06
N HIS G 582 4.88 -23.63 37.01
CA HIS G 582 3.99 -23.58 38.18
C HIS G 582 4.34 -22.39 39.09
N SER G 583 5.64 -22.23 39.34
CA SER G 583 6.26 -21.18 40.16
C SER G 583 7.64 -20.83 39.62
N TYR G 584 8.14 -19.63 39.88
CA TYR G 584 9.53 -19.26 39.59
C TYR G 584 10.11 -18.27 40.60
N THR G 585 11.43 -18.37 40.78
CA THR G 585 12.30 -17.42 41.48
C THR G 585 13.14 -16.67 40.45
N PHE G 586 13.18 -15.34 40.54
CA PHE G 586 14.11 -14.50 39.80
C PHE G 586 15.13 -13.85 40.76
N LEU G 587 16.41 -14.12 40.55
CA LEU G 587 17.52 -13.38 41.16
C LEU G 587 18.27 -12.67 40.02
N PRO G 588 18.32 -11.33 39.95
CA PRO G 588 18.89 -10.63 38.79
C PRO G 588 20.41 -10.69 38.72
N PHE G 589 21.10 -10.57 39.86
CA PHE G 589 22.57 -10.60 39.98
C PHE G 589 23.00 -11.18 41.34
N THR G 590 24.20 -11.78 41.41
CA THR G 590 24.67 -12.56 42.59
C THR G 590 25.90 -11.96 43.31
N LYS G 591 26.58 -10.96 42.72
CA LYS G 591 27.77 -10.30 43.30
C LYS G 591 27.71 -8.78 43.14
N GLY H 28 -9.63 33.09 10.82
CA GLY H 28 -8.94 31.83 11.01
C GLY H 28 -7.95 31.87 12.15
N HIS H 29 -7.52 30.70 12.62
CA HIS H 29 -6.63 30.68 13.76
C HIS H 29 -5.20 31.01 13.32
N GLU H 30 -4.36 31.38 14.28
CA GLU H 30 -2.95 31.59 14.03
C GLU H 30 -2.19 30.31 14.30
N THR H 31 -1.21 30.00 13.45
CA THR H 31 -0.41 28.78 13.62
C THR H 31 0.66 28.92 14.69
N ALA H 32 1.18 27.80 15.21
CA ALA H 32 2.30 27.77 16.15
C ALA H 32 3.50 28.56 15.65
N ALA H 33 3.87 28.42 14.38
CA ALA H 33 4.95 29.17 13.76
C ALA H 33 4.67 30.68 13.74
N GLN H 34 3.45 31.10 13.39
CA GLN H 34 3.05 32.51 13.41
C GLN H 34 3.13 33.08 14.82
N ARG H 35 2.59 32.39 15.83
CA ARG H 35 2.63 32.86 17.21
C ARG H 35 4.07 32.94 17.71
N TYR H 36 4.86 31.90 17.47
CA TYR H 36 6.28 31.87 17.87
C TYR H 36 7.02 33.05 17.27
N SER H 37 6.77 33.36 16.00
CA SER H 37 7.43 34.45 15.29
C SER H 37 7.05 35.81 15.86
N ALA H 38 5.76 36.05 16.16
CA ALA H 38 5.34 37.28 16.81
C ALA H 38 5.96 37.41 18.19
N ARG H 39 6.14 36.32 18.95
CA ARG H 39 6.73 36.41 20.30
C ARG H 39 8.24 36.61 20.26
N LEU H 40 8.94 36.08 19.25
CA LEU H 40 10.34 36.40 18.99
C LEU H 40 10.53 37.87 18.59
N LEU H 41 9.50 38.48 18.01
CA LEU H 41 9.44 39.76 17.41
C LEU H 41 9.09 40.90 18.33
N GLN H 42 8.31 40.67 19.33
CA GLN H 42 8.09 41.49 20.46
C GLN H 42 9.35 41.83 21.20
N ALA H 43 10.44 41.21 20.92
CA ALA H 43 11.72 41.27 21.51
C ALA H 43 12.85 41.42 20.54
N GLY H 44 14.09 41.36 21.02
CA GLY H 44 15.23 41.43 20.13
C GLY H 44 15.40 40.17 19.29
N TYR H 45 15.66 39.04 19.95
CA TYR H 45 15.82 37.73 19.32
C TYR H 45 14.52 37.29 18.64
N MET H 76 13.17 40.70 4.40
CA MET H 76 14.27 39.73 4.41
C MET H 76 13.84 38.38 3.81
N ALA H 77 14.81 37.56 3.39
CA ALA H 77 14.60 36.31 2.68
C ALA H 77 13.60 35.36 3.35
N ASP H 78 13.63 35.19 4.67
CA ASP H 78 12.73 34.25 5.38
C ASP H 78 11.24 34.53 5.09
N TYR H 79 10.81 35.80 5.17
CA TYR H 79 9.46 36.20 4.80
C TYR H 79 9.19 36.06 3.31
N LEU H 80 10.12 36.49 2.45
CA LEU H 80 9.95 36.38 1.00
C LEU H 80 9.84 34.94 0.51
N ILE H 81 10.59 34.00 1.09
CA ILE H 81 10.57 32.58 0.74
C ILE H 81 9.21 31.98 1.10
N SER H 82 8.87 31.93 2.38
CA SER H 82 7.72 31.12 2.87
C SER H 82 6.45 31.92 3.13
N GLY H 83 6.44 33.24 2.97
CA GLY H 83 5.28 34.11 3.24
C GLY H 83 4.82 34.09 4.70
N GLY H 84 5.74 33.89 5.64
CA GLY H 84 5.43 33.82 7.07
C GLY H 84 4.86 32.49 7.58
N THR H 85 4.62 31.49 6.72
CA THR H 85 4.18 30.13 7.14
C THR H 85 5.14 29.49 8.15
N GLY H 86 6.45 29.69 7.99
CA GLY H 86 7.51 29.22 8.89
C GLY H 86 7.74 27.72 8.84
N TYR H 87 9.00 27.28 8.82
CA TYR H 87 9.32 25.86 8.87
C TYR H 87 9.01 25.28 10.26
N VAL H 88 8.19 24.24 10.30
CA VAL H 88 8.06 23.34 11.46
C VAL H 88 8.21 21.90 10.96
N PRO H 89 9.07 21.06 11.56
CA PRO H 89 9.22 19.69 11.12
C PRO H 89 7.92 18.89 11.34
N GLU H 90 7.46 18.21 10.30
CA GLU H 90 6.23 17.42 10.35
C GLU H 90 6.43 16.17 11.20
N ASP H 91 5.48 15.87 12.08
CA ASP H 91 5.56 14.79 13.04
C ASP H 91 4.14 14.38 13.46
N GLY H 92 3.80 13.09 13.48
CA GLY H 92 2.47 12.62 13.80
C GLY H 92 1.55 12.53 12.60
N LEU H 93 0.27 12.47 12.90
CA LEU H 93 -0.76 12.32 11.89
C LEU H 93 -1.79 13.42 12.03
N THR H 94 -2.49 13.69 10.95
CA THR H 94 -3.67 14.53 11.02
C THR H 94 -4.89 13.67 11.29
N ALA H 95 -5.96 14.29 11.76
CA ALA H 95 -7.18 13.55 12.02
C ALA H 95 -7.60 12.75 10.79
N GLN H 96 -7.41 13.32 9.61
CA GLN H 96 -7.76 12.64 8.38
C GLN H 96 -6.92 11.38 8.20
N GLN H 97 -5.60 11.51 8.29
CA GLN H 97 -4.74 10.34 8.22
C GLN H 97 -5.05 9.36 9.34
N LEU H 98 -5.31 9.88 10.53
CA LEU H 98 -5.58 9.01 11.67
C LEU H 98 -6.76 8.10 11.38
N PHE H 99 -7.80 8.62 10.76
CA PHE H 99 -9.00 7.84 10.53
C PHE H 99 -9.07 7.22 9.14
N ALA H 100 -8.05 7.43 8.32
CA ALA H 100 -8.03 6.78 7.02
C ALA H 100 -7.81 5.28 7.13
N SER H 101 -7.20 4.82 8.22
CA SER H 101 -6.84 3.41 8.33
C SER H 101 -8.04 2.50 8.40
N ALA H 102 -9.20 3.00 8.85
CA ALA H 102 -10.42 2.24 8.97
C ALA H 102 -10.34 1.17 10.06
N ASP H 103 -9.44 1.37 11.00
CA ASP H 103 -9.57 0.67 12.28
C ASP H 103 -10.63 1.40 13.10
N GLY H 104 -11.20 0.69 14.06
CA GLY H 104 -12.20 1.33 14.88
C GLY H 104 -11.61 1.94 16.12
N LEU H 105 -11.38 3.24 16.12
CA LEU H 105 -10.68 3.89 17.22
C LEU H 105 -11.64 4.44 18.24
N THR H 106 -11.33 4.21 19.51
CA THR H 106 -11.97 4.85 20.64
C THR H 106 -11.03 5.92 21.19
N TYR H 107 -11.45 6.66 22.21
CA TYR H 107 -10.61 7.69 22.84
C TYR H 107 -9.30 7.14 23.40
N ASN H 108 -9.30 5.91 23.90
CA ASN H 108 -8.10 5.29 24.44
C ASN H 108 -7.06 4.93 23.37
N ASP H 109 -7.40 4.93 22.08
CA ASP H 109 -6.50 4.42 21.06
C ASP H 109 -5.53 5.44 20.52
N PHE H 110 -5.67 6.71 20.90
CA PHE H 110 -4.80 7.74 20.34
C PHE H 110 -4.48 8.78 21.41
N LEU H 111 -3.51 9.63 21.12
CA LEU H 111 -3.07 10.81 21.87
C LEU H 111 -3.07 12.03 20.94
N ILE H 112 -3.15 13.21 21.53
CA ILE H 112 -2.90 14.47 20.85
C ILE H 112 -1.44 14.87 21.13
N LEU H 113 -0.69 15.27 20.12
CA LEU H 113 0.69 15.72 20.32
C LEU H 113 0.73 17.16 20.86
N PRO H 114 1.60 17.47 21.82
CA PRO H 114 1.74 18.82 22.37
C PRO H 114 2.20 19.84 21.34
N GLY H 115 1.78 21.10 21.51
CA GLY H 115 2.04 22.21 20.59
C GLY H 115 2.98 23.29 21.15
N PHE H 116 2.65 24.54 20.91
CA PHE H 116 3.37 25.72 21.39
C PHE H 116 2.52 26.56 22.34
N ILE H 117 3.04 26.85 23.53
CA ILE H 117 2.35 27.60 24.57
C ILE H 117 2.80 29.07 24.55
N ASP H 118 1.86 30.01 24.48
CA ASP H 118 2.14 31.43 24.66
C ASP H 118 1.07 32.18 25.48
N PHE H 119 0.33 31.45 26.31
CA PHE H 119 -0.75 31.93 27.18
C PHE H 119 -0.83 31.03 28.41
N ILE H 120 -1.42 31.49 29.52
CA ILE H 120 -1.74 30.62 30.66
C ILE H 120 -3.09 29.92 30.47
N ALA H 121 -3.34 28.88 31.22
CA ALA H 121 -4.53 28.05 31.09
C ALA H 121 -5.80 28.83 31.41
N ASP H 122 -5.76 29.65 32.45
CA ASP H 122 -6.98 30.31 32.93
C ASP H 122 -7.66 31.14 31.85
N GLU H 123 -6.94 31.52 30.80
CA GLU H 123 -7.50 32.32 29.73
C GLU H 123 -7.91 31.50 28.52
N VAL H 124 -8.21 30.22 28.70
CA VAL H 124 -8.76 29.42 27.62
C VAL H 124 -10.28 29.59 27.60
N ASP H 125 -10.81 29.94 26.43
CA ASP H 125 -12.24 30.18 26.27
C ASP H 125 -12.94 28.88 25.93
N LEU H 126 -13.95 28.53 26.71
CA LEU H 126 -14.66 27.29 26.50
C LEU H 126 -16.02 27.49 25.85
N THR H 127 -16.33 28.70 25.40
CA THR H 127 -17.62 28.96 24.77
C THR H 127 -17.93 27.94 23.68
N SER H 128 -19.14 27.40 23.71
CA SER H 128 -19.52 26.30 22.83
C SER H 128 -20.90 26.54 22.26
N ALA H 129 -21.17 25.95 21.10
CA ALA H 129 -22.49 25.91 20.47
C ALA H 129 -23.21 24.61 20.88
N LEU H 130 -24.40 24.70 21.48
CA LEU H 130 -25.27 23.55 21.73
C LEU H 130 -26.06 23.20 20.47
N THR H 131 -26.57 24.22 19.78
CA THR H 131 -27.36 24.12 18.55
C THR H 131 -26.98 25.25 17.61
N ARG H 132 -27.60 25.35 16.44
CA ARG H 132 -27.48 26.51 15.53
C ARG H 132 -27.62 27.87 16.23
N LYS H 133 -28.41 27.99 17.30
CA LYS H 133 -28.74 29.27 17.97
C LYS H 133 -28.42 29.38 19.46
N ILE H 134 -28.18 28.29 20.19
CA ILE H 134 -27.86 28.31 21.63
C ILE H 134 -26.36 28.18 21.85
N THR H 135 -25.80 29.05 22.70
CA THR H 135 -24.40 29.05 23.06
C THR H 135 -24.27 28.85 24.57
N LEU H 136 -23.29 28.08 24.97
CA LEU H 136 -22.99 27.86 26.38
C LEU H 136 -21.56 28.29 26.64
N LYS H 137 -21.28 28.67 27.88
CA LYS H 137 -19.95 29.10 28.27
C LYS H 137 -19.09 27.94 28.71
N THR H 138 -19.58 26.72 28.58
CA THR H 138 -18.94 25.50 29.04
C THR H 138 -19.47 24.39 28.18
N PRO H 139 -18.65 23.44 27.76
CA PRO H 139 -19.12 22.41 26.81
C PRO H 139 -19.83 21.20 27.42
N LEU H 140 -20.25 21.24 28.69
CA LEU H 140 -20.71 20.06 29.40
C LEU H 140 -22.23 20.03 29.51
N ILE H 141 -22.79 18.85 29.29
CA ILE H 141 -24.23 18.59 29.27
C ILE H 141 -24.53 17.39 30.15
N SER H 142 -25.57 17.42 30.97
CA SER H 142 -25.99 16.23 31.70
C SER H 142 -27.00 15.45 30.89
N SER H 143 -26.83 14.14 30.84
CA SER H 143 -27.64 13.25 30.02
C SER H 143 -29.09 13.11 30.52
N PRO H 144 -30.09 12.99 29.62
CA PRO H 144 -31.50 12.80 29.96
C PRO H 144 -31.82 11.38 30.45
N MET H 145 -31.23 10.99 31.58
CA MET H 145 -31.49 9.72 32.24
C MET H 145 -32.09 9.95 33.64
N ASP H 146 -32.96 9.06 34.08
CA ASP H 146 -33.73 9.22 35.32
C ASP H 146 -32.90 9.03 36.60
N THR H 147 -31.71 8.44 36.50
CA THR H 147 -30.69 8.44 37.56
C THR H 147 -29.67 9.58 37.43
N VAL H 148 -29.87 10.54 36.51
CA VAL H 148 -28.94 11.67 36.29
C VAL H 148 -29.62 13.03 36.33
N THR H 149 -30.65 13.31 35.51
CA THR H 149 -31.11 14.69 35.31
C THR H 149 -32.60 14.91 35.61
N GLU H 150 -32.86 15.56 36.74
CA GLU H 150 -34.12 16.23 37.09
C GLU H 150 -33.81 17.72 37.42
N ALA H 151 -34.72 18.48 38.01
CA ALA H 151 -34.55 19.92 38.17
C ALA H 151 -33.26 20.31 38.89
N ASP H 152 -32.85 19.61 39.96
CA ASP H 152 -31.65 19.99 40.73
C ASP H 152 -30.35 19.86 39.92
N MET H 153 -30.18 18.77 39.18
CA MET H 153 -29.05 18.59 38.27
C MET H 153 -29.09 19.61 37.14
N ALA H 154 -30.26 19.83 36.53
CA ALA H 154 -30.41 20.80 35.46
C ALA H 154 -30.10 22.23 35.92
N ILE H 155 -30.57 22.64 37.12
CA ILE H 155 -30.21 23.91 37.74
C ILE H 155 -28.70 23.98 37.96
N ALA H 156 -28.10 22.96 38.57
CA ALA H 156 -26.67 22.97 38.83
C ALA H 156 -25.85 23.08 37.54
N MET H 157 -26.21 22.36 36.49
CA MET H 157 -25.46 22.43 35.24
C MET H 157 -25.64 23.77 34.57
N ALA H 158 -26.85 24.29 34.53
CA ALA H 158 -27.10 25.61 33.98
C ALA H 158 -26.30 26.66 34.74
N LEU H 159 -26.11 26.51 36.05
CA LEU H 159 -25.43 27.51 36.85
C LEU H 159 -23.92 27.49 36.65
N MET H 160 -23.35 26.33 36.42
CA MET H 160 -21.91 26.24 36.18
C MET H 160 -21.53 26.50 34.74
N GLY H 161 -22.49 26.76 33.86
CA GLY H 161 -22.20 27.16 32.50
C GLY H 161 -22.51 26.14 31.44
N GLY H 162 -23.11 25.01 31.79
CA GLY H 162 -23.58 24.07 30.81
C GLY H 162 -25.08 24.01 30.80
N ILE H 163 -25.65 22.85 30.53
CA ILE H 163 -27.10 22.67 30.48
C ILE H 163 -27.42 21.22 30.85
N GLY H 164 -28.62 20.98 31.35
CA GLY H 164 -29.10 19.63 31.61
C GLY H 164 -30.37 19.38 30.84
N PHE H 165 -30.52 18.17 30.32
CA PHE H 165 -31.76 17.72 29.66
C PHE H 165 -32.54 16.87 30.64
N ILE H 166 -33.71 17.32 31.05
CA ILE H 166 -34.57 16.58 31.98
C ILE H 166 -35.08 15.30 31.30
N HIS H 167 -35.09 14.17 32.02
CA HIS H 167 -35.49 12.88 31.47
C HIS H 167 -37.01 12.74 31.25
N HIS H 168 -37.42 11.80 30.39
CA HIS H 168 -38.83 11.55 30.06
C HIS H 168 -39.39 10.20 30.55
N ASN H 169 -38.69 9.50 31.43
CA ASN H 169 -39.20 8.28 32.08
C ASN H 169 -40.15 8.62 33.25
N CYS H 170 -41.14 9.46 32.97
CA CYS H 170 -42.05 10.06 33.94
C CYS H 170 -43.29 10.56 33.19
N THR H 171 -44.36 10.90 33.90
CA THR H 171 -45.55 11.49 33.28
C THR H 171 -45.23 12.85 32.66
N PRO H 172 -45.93 13.26 31.59
CA PRO H 172 -45.77 14.57 30.98
C PRO H 172 -45.88 15.73 31.97
N GLU H 173 -46.83 15.69 32.88
CA GLU H 173 -47.04 16.68 33.93
C GLU H 173 -45.88 16.76 34.93
N PHE H 174 -45.29 15.62 35.31
CA PHE H 174 -44.08 15.60 36.12
C PHE H 174 -42.90 16.24 35.38
N GLN H 175 -42.65 15.87 34.13
CA GLN H 175 -41.55 16.46 33.37
C GLN H 175 -41.73 17.96 33.21
N ALA H 176 -42.93 18.43 32.88
CA ALA H 176 -43.21 19.86 32.77
C ALA H 176 -43.04 20.60 34.10
N ASN H 177 -43.35 19.98 35.23
CA ASN H 177 -43.08 20.57 36.54
C ASN H 177 -41.58 20.65 36.86
N GLU H 178 -40.79 19.62 36.56
CA GLU H 178 -39.33 19.69 36.67
C GLU H 178 -38.71 20.76 35.77
N VAL H 179 -39.19 20.92 34.53
CA VAL H 179 -38.75 22.02 33.65
C VAL H 179 -39.10 23.38 34.24
N ARG H 180 -40.33 23.56 34.74
CA ARG H 180 -40.78 24.79 35.39
C ARG H 180 -39.94 25.14 36.63
N LYS H 181 -39.58 24.15 37.44
CA LYS H 181 -38.68 24.33 38.59
C LYS H 181 -37.33 24.91 38.17
N VAL H 182 -36.75 24.49 37.04
CA VAL H 182 -35.52 25.07 36.50
C VAL H 182 -35.75 26.51 36.04
N LYS H 183 -36.77 26.77 35.21
CA LYS H 183 -37.03 28.11 34.66
C LYS H 183 -37.37 29.14 35.74
N LYS H 184 -37.95 28.72 36.88
CA LYS H 184 -38.23 29.56 38.05
C LYS H 184 -37.01 29.89 38.93
N PHE H 185 -35.93 29.09 38.92
CA PHE H 185 -34.92 29.12 40.00
C PHE H 185 -34.16 30.45 40.16
N GLU H 186 -33.65 31.01 39.06
CA GLU H 186 -33.05 32.34 39.00
C GLU H 186 -33.95 33.22 38.14
N GLN H 187 -34.40 34.36 38.64
CA GLN H 187 -35.35 35.24 37.95
C GLN H 187 -34.80 36.63 37.72
N GLY H 188 -35.27 37.24 36.64
CA GLY H 188 -35.11 38.66 36.43
C GLY H 188 -36.36 39.35 36.93
N PHE H 189 -37.27 39.70 36.03
CA PHE H 189 -38.57 40.18 36.43
C PHE H 189 -39.46 38.99 36.77
N ILE H 190 -39.86 38.87 38.04
CA ILE H 190 -40.82 37.86 38.48
C ILE H 190 -42.19 38.37 38.07
N THR H 191 -42.72 37.92 36.92
CA THR H 191 -44.01 38.36 36.42
C THR H 191 -45.16 37.44 36.81
N ASP H 192 -44.88 36.29 37.44
CA ASP H 192 -45.85 35.35 37.98
C ASP H 192 -45.57 35.04 39.48
N PRO H 193 -45.49 36.06 40.36
CA PRO H 193 -45.11 35.89 41.76
C PRO H 193 -46.09 34.99 42.53
N THR H 268 -36.47 48.95 32.43
CA THR H 268 -35.22 48.27 32.14
C THR H 268 -34.81 47.39 33.31
N LEU H 269 -34.48 46.13 33.02
CA LEU H 269 -34.10 45.20 34.08
C LEU H 269 -32.93 45.75 34.87
N LYS H 270 -32.15 46.64 34.27
CA LYS H 270 -31.10 47.33 35.01
C LYS H 270 -31.63 47.99 36.27
N GLU H 271 -32.95 48.09 36.40
CA GLU H 271 -33.58 48.53 37.65
C GLU H 271 -33.07 47.75 38.86
N ALA H 272 -32.40 46.62 38.65
CA ALA H 272 -31.89 45.83 39.76
C ALA H 272 -31.10 46.68 40.73
N ASN H 273 -30.21 47.53 40.21
CA ASN H 273 -29.41 48.39 41.07
C ASN H 273 -29.50 49.85 40.62
N ALA H 295 -44.70 41.99 38.77
CA ALA H 295 -43.46 42.70 38.51
C ALA H 295 -42.69 42.95 39.81
N ILE H 296 -41.78 42.03 40.13
CA ILE H 296 -41.01 42.08 41.36
C ILE H 296 -39.56 41.76 41.05
N ILE H 297 -38.67 42.25 41.91
CA ILE H 297 -37.25 41.96 41.81
C ILE H 297 -36.73 41.62 43.20
N ALA H 298 -35.88 40.60 43.26
CA ALA H 298 -35.32 40.13 44.52
C ALA H 298 -33.80 40.14 44.43
N ARG H 299 -33.15 40.48 45.55
CA ARG H 299 -31.70 40.53 45.58
C ARG H 299 -31.07 39.15 45.50
N THR H 300 -31.81 38.09 45.85
CA THR H 300 -31.25 36.75 45.76
C THR H 300 -30.80 36.43 44.36
N ASP H 301 -31.51 36.91 43.35
CA ASP H 301 -31.08 36.70 41.98
C ASP H 301 -29.85 37.53 41.64
N LEU H 302 -29.70 38.69 42.27
CA LEU H 302 -28.43 39.42 42.13
C LEU H 302 -27.27 38.65 42.73
N LYS H 303 -27.49 38.05 43.89
CA LYS H 303 -26.44 37.22 44.48
C LYS H 303 -26.14 36.02 43.61
N LYS H 304 -27.17 35.41 43.03
CA LYS H 304 -26.96 34.28 42.14
C LYS H 304 -26.12 34.69 40.95
N ASN H 305 -26.44 35.83 40.35
CA ASN H 305 -25.62 36.38 39.28
C ASN H 305 -24.17 36.52 39.73
N ARG H 306 -23.96 37.19 40.87
CA ARG H 306 -22.61 37.41 41.37
C ARG H 306 -21.84 36.10 41.52
N ASP H 307 -22.48 35.09 42.09
CA ASP H 307 -21.77 33.87 42.44
C ASP H 307 -21.52 32.94 41.28
N TYR H 308 -22.30 33.06 40.21
CA TYR H 308 -22.20 32.17 39.05
C TYR H 308 -22.03 33.01 37.80
N PRO H 309 -20.78 33.30 37.43
CA PRO H 309 -20.55 34.19 36.30
C PRO H 309 -20.65 33.51 34.95
N LEU H 310 -20.82 32.19 34.91
CA LEU H 310 -20.95 31.45 33.68
C LEU H 310 -22.33 30.85 33.48
N ALA H 311 -23.33 31.28 34.22
CA ALA H 311 -24.64 30.64 34.15
C ALA H 311 -25.26 30.77 32.78
N SER H 312 -25.82 29.67 32.28
CA SER H 312 -26.51 29.64 31.00
C SER H 312 -27.90 30.19 31.18
N LYS H 313 -28.15 31.40 30.70
CA LYS H 313 -29.42 32.06 30.88
C LYS H 313 -30.03 32.42 29.54
N ASP H 314 -31.35 32.57 29.52
CA ASP H 314 -32.10 33.12 28.38
C ASP H 314 -32.21 34.65 28.48
N SER H 315 -32.90 35.26 27.53
CA SER H 315 -33.05 36.71 27.46
C SER H 315 -33.72 37.28 28.70
N GLN H 316 -34.67 36.54 29.28
CA GLN H 316 -35.35 36.95 30.48
C GLN H 316 -34.54 36.75 31.74
N LYS H 317 -33.29 36.32 31.62
CA LYS H 317 -32.39 36.11 32.74
C LYS H 317 -32.67 34.83 33.50
N GLN H 318 -33.48 33.92 32.96
CA GLN H 318 -33.81 32.63 33.56
C GLN H 318 -32.82 31.57 33.10
N LEU H 319 -32.58 30.53 33.89
CA LEU H 319 -31.71 29.44 33.47
C LEU H 319 -32.23 28.74 32.21
N LEU H 320 -31.34 28.27 31.35
CA LEU H 320 -31.71 27.39 30.24
C LEU H 320 -32.05 25.98 30.74
N CYS H 321 -33.09 25.38 30.18
CA CYS H 321 -33.45 23.99 30.42
C CYS H 321 -33.74 23.27 29.11
N GLY H 322 -33.20 22.07 28.95
CA GLY H 322 -33.63 21.13 27.93
C GLY H 322 -34.55 20.04 28.48
N ALA H 323 -35.26 19.34 27.60
CA ALA H 323 -36.04 18.16 27.94
C ALA H 323 -35.97 17.10 26.83
N ALA H 324 -36.23 15.84 27.19
CA ALA H 324 -36.40 14.76 26.23
C ALA H 324 -37.89 14.50 25.91
N VAL H 325 -38.14 14.04 24.69
CA VAL H 325 -39.42 13.43 24.28
C VAL H 325 -39.10 12.22 23.40
N GLY H 326 -39.99 11.25 23.31
CA GLY H 326 -39.88 10.16 22.34
C GLY H 326 -40.42 10.53 20.96
N THR H 327 -40.55 9.52 20.09
CA THR H 327 -41.07 9.66 18.73
C THR H 327 -42.41 8.95 18.55
N ARG H 328 -43.14 8.69 19.63
CA ARG H 328 -44.48 8.11 19.62
C ARG H 328 -45.54 9.20 19.49
N GLU H 329 -46.75 8.84 19.10
CA GLU H 329 -47.84 9.82 18.94
C GLU H 329 -48.17 10.53 20.25
N ASP H 330 -48.09 9.84 21.40
CA ASP H 330 -48.42 10.46 22.67
C ASP H 330 -47.38 11.45 23.13
N ASP H 331 -46.22 11.58 22.47
CA ASP H 331 -45.21 12.61 22.78
C ASP H 331 -45.65 14.01 22.33
N LYS H 332 -46.64 14.12 21.44
CA LYS H 332 -47.17 15.41 20.98
C LYS H 332 -47.83 16.22 22.09
N TYR H 333 -48.62 15.57 22.95
CA TYR H 333 -49.16 16.18 24.17
C TYR H 333 -48.05 16.54 25.17
N ARG H 334 -47.08 15.65 25.39
CA ARG H 334 -45.91 15.93 26.25
C ARG H 334 -45.21 17.20 25.80
N LEU H 335 -44.93 17.34 24.52
CA LEU H 335 -44.22 18.50 24.01
C LEU H 335 -45.03 19.80 24.10
N ASP H 336 -46.36 19.74 23.95
CA ASP H 336 -47.23 20.87 24.24
C ASP H 336 -47.05 21.34 25.69
N LEU H 337 -47.07 20.44 26.67
CA LEU H 337 -46.81 20.82 28.06
C LEU H 337 -45.40 21.39 28.29
N LEU H 338 -44.36 20.81 27.71
CA LEU H 338 -42.99 21.30 27.87
C LEU H 338 -42.79 22.69 27.28
N THR H 339 -43.44 22.99 26.15
CA THR H 339 -43.39 24.32 25.56
C THR H 339 -44.25 25.33 26.33
N GLN H 340 -45.32 24.92 27.01
CA GLN H 340 -45.99 25.76 28.00
C GLN H 340 -45.11 26.03 29.24
N ALA H 341 -44.35 25.04 29.71
CA ALA H 341 -43.44 25.17 30.85
C ALA H 341 -42.19 26.03 30.55
N GLY H 342 -41.94 26.36 29.29
CA GLY H 342 -40.87 27.26 28.86
C GLY H 342 -39.56 26.59 28.47
N VAL H 343 -39.58 25.32 28.04
CA VAL H 343 -38.37 24.60 27.64
C VAL H 343 -37.64 25.30 26.47
N ASP H 344 -36.31 25.35 26.52
CA ASP H 344 -35.52 26.07 25.53
C ASP H 344 -35.10 25.20 24.34
N VAL H 345 -34.93 23.90 24.56
CA VAL H 345 -34.38 22.96 23.58
C VAL H 345 -34.90 21.53 23.85
N ILE H 346 -35.02 20.72 22.80
CA ILE H 346 -35.52 19.34 22.85
C ILE H 346 -34.48 18.36 22.33
N VAL H 347 -34.36 17.19 22.94
CA VAL H 347 -33.70 16.00 22.36
C VAL H 347 -34.74 14.91 22.07
N LEU H 348 -34.68 14.28 20.89
CA LEU H 348 -35.62 13.24 20.47
C LEU H 348 -35.30 11.80 20.92
N ASP H 349 -34.15 11.62 21.57
CA ASP H 349 -33.85 10.48 22.45
C ASP H 349 -34.17 9.06 21.91
N SER H 350 -33.40 8.61 20.91
CA SER H 350 -33.52 7.29 20.29
C SER H 350 -32.19 6.54 20.31
N SER H 351 -32.22 5.21 20.38
CA SER H 351 -31.07 4.34 20.10
C SER H 351 -30.51 4.56 18.69
N GLN H 352 -31.40 4.73 17.73
CA GLN H 352 -31.12 4.82 16.30
C GLN H 352 -32.05 5.88 15.71
N GLY H 353 -31.57 7.11 15.56
CA GLY H 353 -32.38 8.28 15.19
C GLY H 353 -32.76 8.36 13.71
N ASN H 354 -32.16 7.57 12.85
CA ASN H 354 -32.43 7.59 11.42
C ASN H 354 -33.66 6.75 11.08
N SER H 355 -34.84 7.26 11.41
CA SER H 355 -36.11 6.56 11.26
C SER H 355 -37.21 7.49 10.79
N VAL H 356 -38.19 6.93 10.09
CA VAL H 356 -39.39 7.68 9.69
C VAL H 356 -40.13 8.28 10.89
N TYR H 357 -40.12 7.60 12.04
CA TYR H 357 -40.74 8.08 13.28
C TYR H 357 -40.07 9.36 13.79
N GLN H 358 -38.74 9.40 13.80
CA GLN H 358 -38.03 10.59 14.24
C GLN H 358 -38.08 11.72 13.21
N ILE H 359 -37.98 11.42 11.92
CA ILE H 359 -38.07 12.42 10.85
C ILE H 359 -39.47 13.07 10.85
N ALA H 360 -40.54 12.29 10.97
CA ALA H 360 -41.89 12.81 11.11
C ALA H 360 -42.05 13.69 12.36
N MET H 361 -41.42 13.30 13.48
CA MET H 361 -41.40 14.13 14.69
C MET H 361 -40.65 15.46 14.47
N VAL H 362 -39.47 15.47 13.85
CA VAL H 362 -38.73 16.71 13.55
C VAL H 362 -39.55 17.66 12.67
N HIS H 363 -40.19 17.16 11.62
CA HIS H 363 -41.08 17.96 10.77
C HIS H 363 -42.29 18.51 11.52
N TYR H 364 -42.92 17.72 12.39
CA TYR H 364 -44.03 18.18 13.23
C TYR H 364 -43.61 19.29 14.17
N ILE H 365 -42.45 19.17 14.83
CA ILE H 365 -41.99 20.17 15.78
C ILE H 365 -41.67 21.47 15.08
N LYS H 366 -40.90 21.45 13.99
CA LYS H 366 -40.55 22.65 13.23
C LYS H 366 -41.74 23.34 12.59
N GLN H 367 -42.84 22.63 12.34
CA GLN H 367 -44.10 23.24 11.92
C GLN H 367 -44.82 23.93 13.09
N LYS H 368 -45.03 23.24 14.22
CA LYS H 368 -45.86 23.75 15.32
C LYS H 368 -45.16 24.76 16.24
N TYR H 369 -43.87 24.57 16.49
CA TYR H 369 -43.04 25.40 17.37
C TYR H 369 -41.79 25.89 16.62
N PRO H 370 -41.93 26.79 15.63
CA PRO H 370 -40.84 27.14 14.71
C PRO H 370 -39.64 27.84 15.37
N HIS H 371 -39.78 28.37 16.59
CA HIS H 371 -38.69 28.96 17.38
C HIS H 371 -38.01 27.98 18.34
N LEU H 372 -38.51 26.75 18.46
CA LEU H 372 -37.93 25.72 19.31
C LEU H 372 -36.69 25.08 18.66
N GLN H 373 -35.68 24.80 19.47
CA GLN H 373 -34.47 24.12 19.04
C GLN H 373 -34.60 22.61 19.25
N VAL H 374 -34.22 21.80 18.27
CA VAL H 374 -34.37 20.34 18.28
C VAL H 374 -33.05 19.66 17.97
N ILE H 375 -32.62 18.73 18.81
CA ILE H 375 -31.43 17.92 18.61
C ILE H 375 -31.86 16.51 18.22
N GLY H 376 -31.31 16.01 17.12
CA GLY H 376 -31.61 14.69 16.58
C GLY H 376 -31.08 13.56 17.45
N GLY H 377 -31.94 12.59 17.74
CA GLY H 377 -31.62 11.33 18.45
C GLY H 377 -30.52 10.55 17.77
N ASN H 378 -29.93 9.59 18.48
CA ASN H 378 -28.54 9.21 18.23
C ASN H 378 -28.19 8.69 16.84
N VAL H 379 -27.03 9.12 16.35
CA VAL H 379 -26.44 8.72 15.07
C VAL H 379 -24.95 8.45 15.23
N VAL H 380 -24.36 7.68 14.32
CA VAL H 380 -22.93 7.33 14.31
C VAL H 380 -22.32 7.29 12.90
N THR H 381 -23.10 7.55 11.86
CA THR H 381 -22.62 7.62 10.47
C THR H 381 -23.08 8.89 9.78
N ALA H 382 -22.32 9.35 8.79
CA ALA H 382 -22.71 10.50 7.98
C ALA H 382 -24.03 10.29 7.23
N ALA H 383 -24.37 9.07 6.84
CA ALA H 383 -25.64 8.75 6.17
C ALA H 383 -26.87 8.97 7.08
N GLN H 384 -26.75 8.66 8.36
CA GLN H 384 -27.77 9.00 9.35
C GLN H 384 -27.86 10.51 9.58
N ALA H 385 -26.71 11.20 9.70
CA ALA H 385 -26.66 12.64 9.90
C ALA H 385 -27.32 13.41 8.75
N LYS H 386 -27.13 12.97 7.50
CA LYS H 386 -27.78 13.55 6.31
C LYS H 386 -29.29 13.66 6.43
N ASN H 387 -30.00 12.58 6.73
CA ASN H 387 -31.46 12.61 6.74
C ASN H 387 -32.03 13.48 7.86
N LEU H 388 -31.35 13.61 9.00
CA LEU H 388 -31.79 14.46 10.10
C LEU H 388 -31.44 15.93 9.89
N ILE H 389 -30.29 16.24 9.32
CA ILE H 389 -29.95 17.60 8.89
C ILE H 389 -30.90 18.06 7.79
N ASP H 390 -31.25 17.20 6.83
CA ASP H 390 -32.27 17.46 5.81
C ASP H 390 -33.69 17.61 6.37
N ALA H 391 -34.05 16.94 7.46
CA ALA H 391 -35.29 17.18 8.18
C ALA H 391 -35.31 18.50 8.97
N GLY H 392 -34.14 19.11 9.23
CA GLY H 392 -34.02 20.43 9.84
C GLY H 392 -33.73 20.45 11.33
N VAL H 393 -33.03 19.45 11.89
CA VAL H 393 -32.53 19.52 13.26
C VAL H 393 -31.49 20.65 13.42
N ASP H 394 -31.35 21.16 14.64
CA ASP H 394 -30.40 22.21 15.00
C ASP H 394 -29.11 21.69 15.67
N GLY H 395 -29.06 20.41 16.00
CA GLY H 395 -27.91 19.69 16.54
C GLY H 395 -28.10 18.18 16.42
N LEU H 396 -27.07 17.38 16.68
CA LEU H 396 -27.14 15.91 16.70
C LEU H 396 -26.48 15.34 17.97
N ARG H 397 -27.06 14.29 18.56
CA ARG H 397 -26.39 13.43 19.57
C ARG H 397 -25.64 12.31 18.86
N VAL H 398 -24.37 12.12 19.17
CA VAL H 398 -23.53 11.13 18.51
C VAL H 398 -23.06 10.09 19.51
N GLY H 399 -23.38 8.83 19.22
CA GLY H 399 -22.92 7.67 19.96
C GLY H 399 -23.95 6.56 20.00
N MET H 400 -23.53 5.33 19.75
CA MET H 400 -24.39 4.15 19.75
C MET H 400 -23.60 2.94 20.23
N GLY H 401 -24.04 2.34 21.33
CA GLY H 401 -23.40 1.14 21.87
C GLY H 401 -22.20 1.41 22.80
N CYS H 402 -21.59 2.59 22.74
CA CYS H 402 -20.80 3.14 23.83
C CYS H 402 -21.73 3.60 24.97
N GLY H 403 -21.14 4.13 26.04
CA GLY H 403 -21.88 4.52 27.24
C GLY H 403 -21.79 3.42 28.29
N SER H 404 -21.42 3.75 29.52
CA SER H 404 -20.98 2.75 30.50
C SER H 404 -22.01 1.69 30.89
N ILE H 405 -23.29 2.04 30.93
CA ILE H 405 -24.44 1.16 31.21
C ILE H 405 -24.98 0.42 29.97
N CYS H 406 -24.33 0.51 28.82
CA CYS H 406 -24.84 0.02 27.54
C CYS H 406 -24.46 -1.45 27.23
N ILE H 407 -25.35 -2.20 26.58
CA ILE H 407 -25.06 -3.53 26.01
C ILE H 407 -25.57 -3.71 24.56
N THR H 408 -26.02 -2.62 23.90
CA THR H 408 -26.61 -2.66 22.56
C THR H 408 -25.74 -3.35 21.50
N GLN H 409 -24.41 -3.26 21.58
CA GLN H 409 -23.51 -3.92 20.62
C GLN H 409 -23.57 -5.44 20.71
N GLU H 410 -23.58 -6.01 21.91
CA GLU H 410 -23.67 -7.46 22.15
C GLU H 410 -25.07 -8.02 21.93
N VAL H 411 -26.11 -7.20 22.13
CA VAL H 411 -27.51 -7.61 21.91
C VAL H 411 -27.94 -7.48 20.43
N MET H 412 -27.48 -6.44 19.72
CA MET H 412 -28.04 -6.03 18.42
C MET H 412 -27.04 -6.05 17.25
N ALA H 413 -25.74 -6.25 17.51
CA ALA H 413 -24.63 -6.10 16.57
C ALA H 413 -24.38 -4.70 16.00
N CYS H 414 -25.29 -3.73 16.18
CA CYS H 414 -25.08 -2.35 15.75
C CYS H 414 -24.26 -1.52 16.74
N GLY H 415 -23.54 -0.56 16.20
CA GLY H 415 -22.88 0.51 16.94
C GLY H 415 -21.73 1.10 16.15
N ARG H 416 -20.91 1.92 16.81
CA ARG H 416 -19.60 2.33 16.28
C ARG H 416 -18.65 2.70 17.42
N PRO H 417 -17.33 2.48 17.28
CA PRO H 417 -16.34 3.01 18.23
C PRO H 417 -16.43 4.53 18.30
N GLN H 418 -16.52 5.09 19.49
CA GLN H 418 -17.01 6.45 19.68
C GLN H 418 -16.10 7.54 19.13
N GLY H 419 -14.78 7.35 19.11
CA GLY H 419 -13.87 8.29 18.48
C GLY H 419 -14.15 8.49 17.00
N THR H 420 -14.24 7.38 16.27
CA THR H 420 -14.52 7.44 14.84
C THR H 420 -15.89 8.06 14.58
N ALA H 421 -16.89 7.69 15.37
CA ALA H 421 -18.26 8.20 15.22
C ALA H 421 -18.31 9.73 15.39
N VAL H 422 -17.68 10.24 16.44
CA VAL H 422 -17.57 11.67 16.68
C VAL H 422 -16.82 12.36 15.56
N TYR H 423 -15.69 11.83 15.11
CA TYR H 423 -14.96 12.47 14.02
C TYR H 423 -15.79 12.53 12.74
N LYS H 424 -16.35 11.39 12.31
CA LYS H 424 -17.03 11.27 11.01
C LYS H 424 -18.35 12.03 10.97
N VAL H 425 -19.14 11.98 12.03
CA VAL H 425 -20.38 12.77 12.08
C VAL H 425 -20.10 14.26 12.21
N ALA H 426 -19.13 14.69 13.02
CA ALA H 426 -18.78 16.11 13.10
C ALA H 426 -18.19 16.65 11.81
N GLU H 427 -17.36 15.88 11.11
CA GLU H 427 -16.83 16.31 9.83
C GLU H 427 -17.94 16.49 8.81
N TYR H 428 -18.97 15.65 8.81
CA TYR H 428 -20.13 15.84 7.94
C TYR H 428 -21.00 17.03 8.37
N ALA H 429 -21.34 17.12 9.65
CA ALA H 429 -22.27 18.12 10.16
C ALA H 429 -21.75 19.57 10.07
N ARG H 430 -20.44 19.80 10.12
CA ARG H 430 -19.84 21.14 9.97
C ARG H 430 -20.13 21.78 8.61
N ARG H 431 -20.33 20.97 7.56
CA ARG H 431 -20.63 21.41 6.19
C ARG H 431 -21.96 22.15 6.08
N PHE H 432 -22.83 21.95 7.07
CA PHE H 432 -24.18 22.53 7.18
C PHE H 432 -24.29 23.47 8.38
N GLY H 433 -23.21 23.70 9.12
CA GLY H 433 -23.17 24.55 10.31
C GLY H 433 -23.89 23.97 11.53
N VAL H 434 -23.94 22.65 11.68
CA VAL H 434 -24.68 21.96 12.75
C VAL H 434 -23.71 21.48 13.83
N PRO H 435 -23.88 21.86 15.12
CA PRO H 435 -23.06 21.36 16.21
C PRO H 435 -23.31 19.88 16.57
N ILE H 436 -22.30 19.24 17.14
CA ILE H 436 -22.35 17.84 17.60
C ILE H 436 -22.23 17.75 19.12
N ILE H 437 -23.09 16.94 19.73
CA ILE H 437 -22.92 16.47 21.11
C ILE H 437 -22.28 15.09 21.06
N ALA H 438 -21.12 14.90 21.68
CA ALA H 438 -20.54 13.57 21.89
C ALA H 438 -21.15 12.94 23.15
N ASP H 439 -21.79 11.78 23.01
CA ASP H 439 -22.65 11.20 24.03
C ASP H 439 -22.19 9.81 24.47
N GLY H 440 -21.78 9.68 25.74
CA GLY H 440 -21.37 8.42 26.37
C GLY H 440 -19.90 8.01 26.16
N GLY H 441 -19.36 7.21 27.09
CA GLY H 441 -17.97 6.76 27.05
C GLY H 441 -16.96 7.73 27.67
N ILE H 442 -17.41 8.76 28.35
CA ILE H 442 -16.55 9.78 28.96
C ILE H 442 -16.22 9.36 30.40
N GLN H 443 -14.99 8.90 30.63
CA GLN H 443 -14.53 8.41 31.93
C GLN H 443 -13.53 9.34 32.64
N THR H 444 -12.88 10.25 31.90
CA THR H 444 -11.74 11.06 32.34
C THR H 444 -11.77 12.41 31.63
N VAL H 445 -11.10 13.43 32.16
CA VAL H 445 -11.06 14.75 31.51
C VAL H 445 -10.33 14.70 30.16
N GLY H 446 -9.37 13.78 29.98
CA GLY H 446 -8.73 13.49 28.71
C GLY H 446 -9.69 12.95 27.65
N HIS H 447 -10.71 12.17 28.02
CA HIS H 447 -11.78 11.80 27.07
C HIS H 447 -12.58 13.02 26.64
N VAL H 448 -12.86 13.99 27.51
CA VAL H 448 -13.55 15.23 27.14
C VAL H 448 -12.71 16.03 26.15
N VAL H 449 -11.44 16.25 26.44
CA VAL H 449 -10.52 16.97 25.55
C VAL H 449 -10.41 16.28 24.19
N LYS H 450 -10.25 14.95 24.15
CA LYS H 450 -10.24 14.18 22.91
C LYS H 450 -11.53 14.29 22.12
N ALA H 451 -12.68 14.10 22.75
CA ALA H 451 -13.97 14.28 22.09
C ALA H 451 -14.08 15.68 21.45
N LEU H 452 -13.65 16.71 22.17
CA LEU H 452 -13.75 18.07 21.67
C LEU H 452 -12.77 18.31 20.54
N ALA H 453 -11.58 17.73 20.63
CA ALA H 453 -10.58 17.89 19.58
C ALA H 453 -11.00 17.20 18.29
N LEU H 454 -11.75 16.11 18.38
CA LEU H 454 -12.20 15.41 17.20
C LEU H 454 -13.35 16.10 16.49
N GLY H 455 -13.85 17.22 17.00
CA GLY H 455 -14.92 17.99 16.36
C GLY H 455 -16.23 18.07 17.13
N ALA H 456 -16.40 17.40 18.27
CA ALA H 456 -17.57 17.61 19.12
C ALA H 456 -17.61 19.06 19.61
N SER H 457 -18.78 19.70 19.58
CA SER H 457 -18.95 21.06 20.08
C SER H 457 -19.25 21.09 21.58
N THR H 458 -19.89 20.03 22.08
CA THR H 458 -20.23 19.79 23.48
C THR H 458 -20.14 18.30 23.78
N VAL H 459 -20.05 17.94 25.06
CA VAL H 459 -19.89 16.57 25.54
C VAL H 459 -20.98 16.29 26.57
N MET H 460 -21.69 15.19 26.41
CA MET H 460 -22.78 14.77 27.30
C MET H 460 -22.35 13.61 28.18
N MET H 461 -22.52 13.75 29.49
CA MET H 461 -22.09 12.79 30.48
C MET H 461 -23.28 12.18 31.21
N GLY H 462 -23.25 10.86 31.35
CA GLY H 462 -24.11 10.10 32.23
C GLY H 462 -23.36 9.73 33.49
N SER H 463 -22.54 8.69 33.41
CA SER H 463 -21.82 8.08 34.53
C SER H 463 -20.98 9.06 35.32
N LEU H 464 -20.25 9.96 34.64
CA LEU H 464 -19.41 10.94 35.31
C LEU H 464 -20.21 11.91 36.19
N LEU H 465 -21.52 12.10 35.97
CA LEU H 465 -22.37 12.93 36.82
C LEU H 465 -23.28 12.12 37.76
N ALA H 466 -23.44 10.83 37.52
CA ALA H 466 -24.15 9.93 38.40
C ALA H 466 -23.48 9.87 39.79
N ALA H 467 -24.28 9.70 40.84
CA ALA H 467 -23.85 9.76 42.24
C ALA H 467 -23.14 11.07 42.67
N THR H 468 -23.34 12.17 41.96
CA THR H 468 -23.24 13.49 42.59
C THR H 468 -24.48 13.75 43.44
N THR H 469 -24.45 14.71 44.36
CA THR H 469 -25.57 14.92 45.29
C THR H 469 -26.83 15.40 44.58
N GLU H 470 -26.70 16.18 43.50
CA GLU H 470 -27.82 16.63 42.67
C GLU H 470 -28.41 15.55 41.75
N ALA H 471 -27.74 14.42 41.55
CA ALA H 471 -28.30 13.29 40.79
C ALA H 471 -29.51 12.68 41.53
N PRO H 472 -30.59 12.28 40.84
CA PRO H 472 -31.81 11.75 41.46
C PRO H 472 -31.61 10.51 42.35
N GLY H 473 -32.53 10.31 43.28
CA GLY H 473 -32.52 9.18 44.23
C GLY H 473 -31.60 9.40 45.43
N GLU H 474 -31.49 8.39 46.28
CA GLU H 474 -30.86 8.47 47.60
C GLU H 474 -29.64 7.55 47.72
N TYR H 475 -28.68 7.93 48.56
CA TYR H 475 -27.48 7.13 48.82
C TYR H 475 -27.76 5.85 49.63
N PHE H 476 -26.93 4.83 49.44
CA PHE H 476 -26.87 3.59 50.23
C PHE H 476 -25.42 3.13 50.41
N PHE H 477 -25.18 2.26 51.39
CA PHE H 477 -23.82 1.86 51.85
C PHE H 477 -23.58 0.34 51.73
N SER H 478 -24.26 -0.33 50.80
CA SER H 478 -24.37 -1.81 50.76
C SER H 478 -23.03 -2.54 50.70
N ASP H 479 -22.06 -2.03 49.93
CA ASP H 479 -20.71 -2.61 49.82
C ASP H 479 -19.66 -1.88 50.70
N GLY H 480 -20.11 -1.23 51.78
CA GLY H 480 -19.27 -0.40 52.66
C GLY H 480 -18.98 1.00 52.10
N VAL H 481 -18.68 1.12 50.80
CA VAL H 481 -18.62 2.41 50.08
C VAL H 481 -20.03 3.01 49.90
N ARG H 482 -20.11 4.35 49.94
CA ARG H 482 -21.35 5.10 49.68
C ARG H 482 -21.64 5.19 48.17
N LEU H 483 -22.86 4.85 47.77
CA LEU H 483 -23.26 4.58 46.39
C LEU H 483 -24.62 5.21 46.04
N LYS H 484 -24.86 5.55 44.77
CA LYS H 484 -26.22 5.70 44.19
C LYS H 484 -26.46 4.65 43.11
N LYS H 485 -27.71 4.42 42.72
CA LYS H 485 -28.08 3.63 41.54
C LYS H 485 -27.87 4.43 40.26
N TYR H 486 -27.47 3.76 39.18
CA TYR H 486 -27.26 4.32 37.85
C TYR H 486 -27.72 3.29 36.81
N ARG H 487 -28.85 3.53 36.13
CA ARG H 487 -29.67 2.41 35.63
C ARG H 487 -29.65 2.09 34.14
N GLY H 488 -29.36 3.04 33.25
CA GLY H 488 -29.58 2.86 31.80
C GLY H 488 -31.06 2.81 31.41
N MET H 489 -31.48 3.61 30.44
CA MET H 489 -32.90 3.85 30.11
C MET H 489 -33.58 2.70 29.36
N GLY H 490 -32.79 1.85 28.72
CA GLY H 490 -33.22 0.60 28.12
C GLY H 490 -32.88 -0.63 28.96
N SER H 491 -32.48 -0.49 30.22
CA SER H 491 -32.56 -1.60 31.18
C SER H 491 -34.02 -1.94 31.48
N LEU H 492 -34.29 -3.16 31.93
CA LEU H 492 -35.66 -3.57 32.27
C LEU H 492 -36.05 -3.16 33.70
N ASP H 493 -35.09 -2.68 34.50
CA ASP H 493 -35.33 -1.87 35.70
C ASP H 493 -36.02 -0.54 35.37
N ALA H 494 -35.56 0.18 34.34
CA ALA H 494 -36.16 1.44 33.89
C ALA H 494 -37.60 1.25 33.37
N VAL H 512 -42.67 -10.31 24.98
CA VAL H 512 -41.21 -10.24 25.10
C VAL H 512 -40.67 -8.83 24.83
N LYS H 513 -39.80 -8.35 25.72
CA LYS H 513 -39.02 -7.09 25.59
C LYS H 513 -37.59 -7.32 26.07
N ILE H 514 -36.61 -6.82 25.33
CA ILE H 514 -35.18 -7.12 25.52
C ILE H 514 -34.42 -5.92 26.10
N ALA H 515 -33.55 -6.14 27.07
CA ALA H 515 -32.73 -5.07 27.64
C ALA H 515 -31.68 -4.54 26.64
N GLN H 516 -31.56 -3.22 26.53
CA GLN H 516 -30.48 -2.52 25.85
C GLN H 516 -29.37 -2.04 26.81
N GLY H 517 -29.57 -2.15 28.12
CA GLY H 517 -28.68 -1.64 29.14
C GLY H 517 -28.77 -2.40 30.44
N VAL H 518 -27.79 -2.19 31.30
CA VAL H 518 -27.66 -2.83 32.62
C VAL H 518 -27.93 -1.81 33.73
N SER H 519 -28.66 -2.21 34.76
CA SER H 519 -28.82 -1.36 35.94
C SER H 519 -27.75 -1.67 36.96
N GLY H 520 -27.06 -0.65 37.43
CA GLY H 520 -25.91 -0.80 38.32
C GLY H 520 -25.78 0.33 39.31
N SER H 521 -24.56 0.53 39.81
CA SER H 521 -24.30 1.45 40.90
C SER H 521 -22.97 2.17 40.77
N ILE H 522 -22.87 3.39 41.31
CA ILE H 522 -21.75 4.31 41.17
C ILE H 522 -21.44 4.90 42.55
N GLN H 523 -20.16 5.06 42.87
CA GLN H 523 -19.67 5.66 44.11
C GLN H 523 -19.92 7.17 44.20
N ASP H 524 -20.21 7.68 45.39
CA ASP H 524 -20.42 9.10 45.67
C ASP H 524 -19.26 10.00 45.20
N LYS H 525 -19.58 11.18 44.65
CA LYS H 525 -18.62 12.23 44.21
C LYS H 525 -18.88 13.62 44.80
N GLY H 526 -19.84 13.80 45.71
CA GLY H 526 -20.18 15.13 46.23
C GLY H 526 -20.98 15.98 45.23
N SER H 527 -20.92 17.31 45.31
CA SER H 527 -21.75 18.17 44.45
C SER H 527 -21.18 18.41 43.05
N ILE H 528 -22.07 18.66 42.09
CA ILE H 528 -21.73 19.19 40.76
C ILE H 528 -20.90 20.46 40.89
N GLN H 529 -21.21 21.34 41.84
CA GLN H 529 -20.55 22.63 42.00
C GLN H 529 -19.10 22.57 42.51
N LYS H 530 -18.62 21.42 43.00
CA LYS H 530 -17.23 21.22 43.38
C LYS H 530 -16.50 20.32 42.39
N PHE H 531 -17.21 19.74 41.43
CA PHE H 531 -16.71 18.76 40.48
C PHE H 531 -16.68 19.28 39.04
N VAL H 532 -17.57 20.21 38.68
CA VAL H 532 -17.56 20.76 37.34
C VAL H 532 -16.41 21.75 37.18
N PRO H 533 -16.04 22.59 38.18
CA PRO H 533 -14.85 23.44 38.05
C PRO H 533 -13.55 22.63 37.93
N TYR H 534 -13.50 21.40 38.43
CA TYR H 534 -12.41 20.46 38.14
C TYR H 534 -12.37 20.02 36.67
N LEU H 535 -13.50 19.67 36.06
CA LEU H 535 -13.55 19.35 34.63
C LEU H 535 -13.17 20.56 33.78
N ILE H 536 -13.66 21.76 34.11
CA ILE H 536 -13.28 23.00 33.45
C ILE H 536 -11.77 23.24 33.54
N ALA H 537 -11.17 23.16 34.74
CA ALA H 537 -9.74 23.33 34.90
C ALA H 537 -8.91 22.29 34.13
N GLY H 538 -9.34 21.03 34.11
CA GLY H 538 -8.70 19.98 33.31
C GLY H 538 -8.83 20.20 31.80
N ILE H 539 -9.98 20.66 31.30
CA ILE H 539 -10.12 21.05 29.89
C ILE H 539 -9.19 22.21 29.57
N GLN H 540 -9.11 23.24 30.42
CA GLN H 540 -8.25 24.38 30.14
C GLN H 540 -6.78 23.96 30.09
N HIS H 541 -6.33 23.10 31.00
CA HIS H 541 -4.94 22.67 31.01
C HIS H 541 -4.60 21.74 29.84
N GLY H 542 -5.52 20.88 29.42
CA GLY H 542 -5.41 20.13 28.17
C GLY H 542 -5.29 21.05 26.96
N CYS H 543 -6.12 22.10 26.87
CA CYS H 543 -6.01 23.01 25.73
C CYS H 543 -4.74 23.84 25.78
N GLN H 544 -4.22 24.15 26.96
CA GLN H 544 -2.96 24.89 27.07
C GLN H 544 -1.78 24.08 26.50
N ASP H 545 -1.62 22.80 26.85
CA ASP H 545 -0.55 21.96 26.31
C ASP H 545 -0.63 21.74 24.79
N ILE H 546 -1.85 21.73 24.23
CA ILE H 546 -2.06 21.72 22.79
C ILE H 546 -1.70 23.06 22.13
N GLY H 547 -1.69 24.17 22.87
CA GLY H 547 -1.48 25.50 22.34
C GLY H 547 -2.75 26.16 21.78
N ALA H 548 -3.93 25.66 22.15
CA ALA H 548 -5.21 26.18 21.71
C ALA H 548 -5.70 27.21 22.71
N ARG H 549 -5.90 28.44 22.26
CA ARG H 549 -6.39 29.48 23.13
C ARG H 549 -7.89 29.40 23.39
N SER H 550 -8.62 28.57 22.66
CA SER H 550 -10.03 28.33 22.85
C SER H 550 -10.40 27.01 22.19
N LEU H 551 -11.63 26.56 22.43
CA LEU H 551 -12.08 25.31 21.81
C LEU H 551 -12.34 25.47 20.32
N SER H 552 -12.81 26.65 19.92
CA SER H 552 -12.90 26.99 18.51
C SER H 552 -11.55 26.89 17.82
N VAL H 553 -10.51 27.45 18.46
CA VAL H 553 -9.18 27.39 17.86
C VAL H 553 -8.69 25.95 17.81
N LEU H 554 -9.05 25.15 18.80
CA LEU H 554 -8.68 23.74 18.80
C LEU H 554 -9.26 23.02 17.60
N ARG H 555 -10.57 23.15 17.38
CA ARG H 555 -11.18 22.48 16.25
C ARG H 555 -10.67 23.03 14.92
N SER H 556 -10.40 24.33 14.87
CA SER H 556 -9.81 24.91 13.67
C SER H 556 -8.45 24.31 13.36
N MET H 557 -7.60 24.15 14.38
CA MET H 557 -6.30 23.53 14.17
C MET H 557 -6.42 22.07 13.76
N MET H 558 -7.46 21.39 14.23
CA MET H 558 -7.65 20.01 13.80
C MET H 558 -8.06 19.93 12.34
N TYR H 559 -9.06 20.71 11.93
CA TYR H 559 -9.52 20.61 10.55
C TYR H 559 -8.48 21.07 9.55
N SER H 560 -7.54 21.90 9.97
CA SER H 560 -6.54 22.48 9.09
C SER H 560 -5.23 21.70 9.05
N GLY H 561 -5.13 20.59 9.77
CA GLY H 561 -3.94 19.79 9.80
C GLY H 561 -2.88 20.23 10.78
N GLU H 562 -3.05 21.36 11.45
CA GLU H 562 -2.00 21.82 12.35
C GLU H 562 -1.88 20.92 13.57
N LEU H 563 -3.01 20.45 14.08
CA LEU H 563 -3.02 19.54 15.21
C LEU H 563 -2.65 18.14 14.74
N LYS H 564 -1.75 17.51 15.49
CA LYS H 564 -1.20 16.21 15.14
C LYS H 564 -1.60 15.15 16.16
N PHE H 565 -1.76 13.91 15.69
CA PHE H 565 -2.23 12.82 16.51
C PHE H 565 -1.24 11.68 16.43
N GLU H 566 -1.33 10.78 17.39
CA GLU H 566 -0.47 9.62 17.45
C GLU H 566 -1.30 8.45 17.90
N LYS H 567 -1.23 7.34 17.19
CA LYS H 567 -1.91 6.12 17.61
C LYS H 567 -1.15 5.45 18.74
N ARG H 568 -1.83 4.64 19.52
CA ARG H 568 -1.29 3.92 20.68
C ARG H 568 -1.45 2.43 20.48
N THR H 569 -0.41 1.66 20.77
CA THR H 569 -0.55 0.23 20.89
C THR H 569 -1.09 -0.10 22.28
N MET H 570 -1.25 -1.39 22.58
CA MET H 570 -1.70 -1.74 23.92
C MET H 570 -0.60 -1.49 24.95
N SER H 571 0.64 -1.82 24.61
CA SER H 571 1.73 -1.51 25.53
C SER H 571 1.86 -0.02 25.74
N ALA H 572 1.60 0.80 24.72
CA ALA H 572 1.56 2.24 24.86
C ALA H 572 0.47 2.71 25.82
N GLN H 573 -0.71 2.08 25.78
CA GLN H 573 -1.77 2.42 26.72
C GLN H 573 -1.42 1.97 28.14
N ILE H 574 -0.74 0.84 28.29
CA ILE H 574 -0.25 0.43 29.60
C ILE H 574 0.74 1.46 30.14
N GLU H 575 1.70 1.89 29.31
CA GLU H 575 2.68 2.94 29.64
C GLU H 575 2.04 4.31 29.95
N GLY H 576 0.90 4.65 29.34
CA GLY H 576 0.16 5.87 29.66
C GLY H 576 -0.62 5.85 30.98
N GLY H 577 -0.76 4.67 31.59
CA GLY H 577 -1.28 4.51 32.95
C GLY H 577 -0.17 4.50 34.02
N VAL H 578 -0.43 3.85 35.16
CA VAL H 578 0.50 3.73 36.28
C VAL H 578 1.21 2.38 36.23
N HIS H 579 2.54 2.35 36.38
CA HIS H 579 3.38 1.14 36.18
C HIS H 579 3.65 0.40 37.50
N GLY H 580 4.83 -0.21 37.64
CA GLY H 580 5.25 -1.12 38.71
C GLY H 580 5.46 -0.49 40.09
N LEU H 581 4.64 0.48 40.49
CA LEU H 581 4.51 0.90 41.89
C LEU H 581 3.99 -0.26 42.74
N HIS H 582 4.38 -0.34 44.00
CA HIS H 582 3.79 -1.32 44.93
C HIS H 582 2.32 -0.99 45.23
N SER H 583 2.07 0.29 45.53
CA SER H 583 0.77 0.90 45.83
C SER H 583 0.77 2.36 45.37
N TYR H 584 -0.40 2.94 45.13
CA TYR H 584 -0.57 4.38 44.93
C TYR H 584 -1.91 4.92 45.43
N THR H 585 -1.90 6.20 45.80
CA THR H 585 -3.08 7.02 46.09
C THR H 585 -3.26 8.04 44.96
N PHE H 586 -4.48 8.23 44.49
CA PHE H 586 -4.82 9.30 43.54
C PHE H 586 -5.77 10.31 44.20
N LEU H 587 -5.34 11.57 44.31
CA LEU H 587 -6.20 12.71 44.59
C LEU H 587 -6.29 13.55 43.31
N PRO H 588 -7.45 13.70 42.66
CA PRO H 588 -7.57 14.39 41.37
C PRO H 588 -7.40 15.90 41.48
N PHE H 589 -7.99 16.53 42.51
CA PHE H 589 -7.93 17.96 42.79
C PHE H 589 -8.00 18.25 44.29
N THR H 590 -7.35 19.33 44.75
CA THR H 590 -7.18 19.66 46.18
C THR H 590 -8.19 20.69 46.72
N LYS H 591 -8.76 21.52 45.84
CA LYS H 591 -9.68 22.63 46.18
C LYS H 591 -10.91 22.66 45.28
PG GTP I . -45.50 34.30 -46.68
O1G GTP I . -45.93 33.62 -47.91
O2G GTP I . -46.59 34.95 -45.94
O3G GTP I . -44.36 35.18 -46.89
O3B GTP I . -44.94 33.21 -45.69
PB GTP I . -45.52 31.74 -45.67
O1B GTP I . -44.89 30.89 -46.72
O2B GTP I . -47.00 31.76 -45.60
O3A GTP I . -45.09 31.20 -44.25
PA GTP I . -43.61 30.65 -44.05
O1A GTP I . -43.60 29.18 -44.21
O2A GTP I . -42.60 31.48 -44.76
O5' GTP I . -43.40 30.96 -42.49
C5' GTP I . -42.34 30.37 -41.77
C4' GTP I . -42.40 30.63 -40.26
O4' GTP I . -42.21 31.98 -39.92
C3' GTP I . -43.71 30.22 -39.60
O3' GTP I . -43.72 28.83 -39.32
C2' GTP I . -43.73 31.10 -38.34
O2' GTP I . -43.43 30.41 -37.16
C1' GTP I . -42.59 32.09 -38.57
N9 GTP I . -42.95 33.48 -38.22
C8 GTP I . -42.35 34.27 -37.27
N7 GTP I . -42.81 35.49 -37.22
C5 GTP I . -43.80 35.51 -38.21
C6 GTP I . -44.66 36.56 -38.67
O6 GTP I . -44.71 37.74 -38.31
N1 GTP I . -45.55 36.17 -39.64
C2 GTP I . -45.60 34.92 -40.14
N2 GTP I . -46.51 34.67 -41.05
N3 GTP I . -44.80 33.92 -39.77
C4 GTP I . -43.92 34.28 -38.80
H5' GTP I . -41.39 30.75 -42.16
H5'' GTP I . -42.35 29.29 -41.93
H4' GTP I . -41.60 30.04 -39.80
H3' GTP I . -44.55 30.48 -40.25
HO3' GTP I . -43.59 28.74 -38.36
H2' GTP I . -44.70 31.61 -38.27
HO2' GTP I . -44.13 29.78 -36.97
H1' GTP I . -41.76 31.78 -37.94
H8 GTP I . -41.55 33.91 -36.64
HN1 GTP I . -46.18 36.87 -40.02
HN21 GTP I . -46.53 33.73 -41.45
HN22 GTP I . -47.13 35.39 -41.38
PG GTP J . -42.32 18.31 -30.24
O1G GTP J . -41.57 17.85 -29.04
O2G GTP J . -43.05 17.22 -30.93
O3G GTP J . -41.59 19.22 -31.13
O3B GTP J . -43.42 19.35 -29.77
PB GTP J . -44.40 19.06 -28.57
O1B GTP J . -43.61 19.09 -27.31
O2B GTP J . -45.39 20.16 -28.64
O3A GTP J . -45.16 17.67 -28.50
PA GTP J . -46.36 17.37 -29.50
O1A GTP J . -46.76 15.98 -29.20
O2A GTP J . -45.98 17.68 -30.88
O5' GTP J . -47.67 18.24 -29.15
C5' GTP J . -48.67 18.37 -30.14
C4' GTP J . -49.69 19.51 -29.90
O4' GTP J . -49.03 20.76 -29.79
C3' GTP J . -50.62 19.61 -31.11
O3' GTP J . -51.85 20.23 -30.79
C2' GTP J . -49.83 20.55 -32.03
O2' GTP J . -50.66 21.31 -32.89
C1' GTP J . -49.14 21.46 -31.03
N9 GTP J . -47.82 21.91 -31.53
C8 GTP J . -46.59 21.40 -31.27
N7 GTP J . -45.61 22.12 -31.76
C5 GTP J . -46.26 23.15 -32.42
C6 GTP J . -45.75 24.28 -33.14
O6 GTP J . -44.58 24.61 -33.31
N1 GTP J . -46.72 25.10 -33.66
C2 GTP J . -48.04 24.83 -33.58
N2 GTP J . -48.85 25.63 -34.19
N3 GTP J . -48.57 23.80 -32.92
C4 GTP J . -47.61 23.00 -32.34
H5' GTP J . -49.23 17.44 -30.20
H5'' GTP J . -48.21 18.56 -31.12
H4' GTP J . -50.26 19.30 -28.99
H3' GTP J . -50.79 18.65 -31.58
HO3' GTP J . -51.99 20.83 -31.53
H2' GTP J . -49.10 19.97 -32.60
HO2' GTP J . -50.13 21.97 -33.33
H1' GTP J . -49.77 22.34 -30.87
H8 GTP J . -46.43 20.49 -30.70
HN1 GTP J . -46.41 25.96 -34.07
HN21 GTP J . -49.84 25.44 -34.12
HN22 GTP J . -48.52 26.43 -34.70
P IMP K . -13.44 21.74 -28.03
O1P IMP K . -12.61 20.58 -27.65
O2P IMP K . -14.80 21.29 -28.41
O3P IMP K . -12.80 22.40 -29.20
O5' IMP K . -13.49 22.72 -26.80
C5' IMP K . -14.34 23.84 -26.86
C4' IMP K . -14.28 24.56 -25.48
O4' IMP K . -13.06 25.29 -25.37
C3' IMP K . -15.31 25.65 -25.33
O3' IMP K . -16.63 25.18 -25.10
C2' IMP K . -14.74 26.50 -24.20
O2' IMP K . -15.07 26.00 -22.92
C1' IMP K . -13.21 26.36 -24.41
N9 IMP K . -12.54 27.54 -24.92
C8 IMP K . -13.01 28.48 -25.82
N7 IMP K . -12.12 29.42 -26.08
C5 IMP K . -11.00 29.06 -25.34
C6 IMP K . -9.67 29.70 -25.26
O6 IMP K . -9.31 30.66 -25.90
N1 IMP K . -8.85 29.08 -24.39
C2 IMP K . -9.24 28.02 -23.61
N3 IMP K . -10.40 27.40 -23.71
C4 IMP K . -11.28 27.94 -24.63
H5'1 IMP K . -14.03 24.53 -27.65
H5'2 IMP K . -15.38 23.54 -27.05
H4' IMP K . -14.38 23.82 -24.67
H3' IMP K . -15.30 26.27 -26.25
HO3' IMP K . -16.61 24.58 -24.35
H2' IMP K . -15.06 27.55 -24.31
HO2' IMP K . -15.59 25.18 -23.00
H1' IMP K . -12.72 26.07 -23.47
H8 IMP K . -14.02 28.43 -26.23
HN1 IMP K . -7.91 29.45 -24.32
H2 IMP K . -8.50 27.77 -22.85
PA NAD L . -12.83 37.01 -18.28
O1A NAD L . -13.81 36.28 -17.46
O2A NAD L . -13.20 38.37 -18.72
O5B NAD L . -11.48 37.16 -17.42
C5B NAD L . -10.41 37.99 -17.83
C4B NAD L . -9.85 38.77 -16.63
O4B NAD L . -10.81 39.73 -16.18
C3B NAD L . -9.52 37.87 -15.44
O3B NAD L . -8.35 38.37 -14.83
C2B NAD L . -10.78 38.03 -14.56
O2B NAD L . -10.58 37.69 -13.20
C1B NAD L . -11.07 39.51 -14.80
N9A NAD L . -12.46 39.95 -14.48
C8A NAD L . -13.66 39.35 -14.77
N7A NAD L . -14.71 40.04 -14.40
C5A NAD L . -14.15 41.17 -13.80
C6A NAD L . -14.66 42.34 -13.19
N6A NAD L . -15.94 42.64 -13.04
N1A NAD L . -13.85 43.27 -12.69
C2A NAD L . -12.55 43.06 -12.78
N3A NAD L . -11.92 42.03 -13.34
C4A NAD L . -12.79 41.11 -13.83
O3 NAD L . -12.57 36.20 -19.61
PN NAD L . -11.73 34.86 -19.52
O1N NAD L . -11.97 34.12 -18.28
O2N NAD L . -10.33 35.15 -19.92
O5D NAD L . -12.38 34.01 -20.71
C5D NAD L . -12.49 34.56 -22.02
C4D NAD L . -13.13 33.60 -23.02
O4D NAD L . -12.29 32.51 -23.30
C3D NAD L . -14.47 33.02 -22.54
O3D NAD L . -15.30 32.76 -23.64
C2D NAD L . -14.02 31.72 -21.86
O2D NAD L . -15.05 30.71 -21.85
C1D NAD L . -12.82 31.32 -22.70
N1N NAD L . -11.78 30.56 -21.95
C2N NAD L . -12.04 29.30 -21.51
C3N NAD L . -11.09 28.53 -20.80
C7N NAD L . -11.32 27.20 -20.35
O7N NAD L . -10.40 26.41 -20.22
N7N NAD L . -12.54 26.85 -20.05
C4N NAD L . -9.81 29.09 -20.59
C5N NAD L . -9.55 30.38 -21.06
C6N NAD L . -10.55 31.09 -21.73
H51A NAD L . -10.71 38.70 -18.60
H52A NAD L . -9.62 37.37 -18.23
H4B NAD L . -8.95 39.29 -16.95
H3B NAD L . -9.39 36.83 -15.74
HO3A NAD L . -8.02 37.73 -14.18
H2B NAD L . -11.59 37.44 -14.97
HO2A NAD L . -10.75 36.76 -13.10
H1B NAD L . -10.38 40.10 -14.20
H8A NAD L . -13.72 38.40 -15.29
H61A NAD L . -16.65 42.00 -13.35
H62A NAD L . -16.15 43.51 -12.57
H2A NAD L . -11.92 43.83 -12.36
H51N NAD L . -11.49 34.82 -22.39
H52N NAD L . -13.08 35.47 -21.98
H4D NAD L . -13.31 34.16 -23.94
H3D NAD L . -14.96 33.70 -21.84
HO3N NAD L . -16.20 32.87 -23.35
H2D NAD L . -13.72 31.94 -20.84
HO2N NAD L . -15.90 31.12 -21.91
H1D NAD L . -13.18 30.70 -23.52
H2N NAD L . -13.02 28.90 -21.75
H71N NAD L . -12.68 25.91 -19.70
H72N NAD L . -13.31 27.49 -20.11
H4N NAD L . -9.05 28.54 -20.06
H5N NAD L . -8.58 30.82 -20.86
H6N NAD L . -10.36 32.10 -22.05
PG GTP M . 27.70 64.35 -23.62
O1G GTP M . 28.31 65.52 -22.97
O2G GTP M . 28.61 63.21 -23.72
O3G GTP M . 27.01 64.69 -24.86
O3B GTP M . 26.62 63.90 -22.55
PB GTP M . 25.34 63.09 -23.00
O1B GTP M . 25.71 61.98 -23.92
O2B GTP M . 24.28 64.05 -23.38
O3A GTP M . 24.99 62.45 -21.60
PA GTP M . 23.52 61.92 -21.39
O1A GTP M . 22.70 62.96 -20.72
O2A GTP M . 22.97 61.26 -22.59
O5' GTP M . 23.72 60.79 -20.26
C5' GTP M . 24.01 59.45 -20.62
C4' GTP M . 24.27 58.53 -19.41
O4' GTP M . 25.67 58.39 -19.20
C3' GTP M . 23.63 58.90 -18.07
O3' GTP M . 22.68 57.92 -17.71
C2' GTP M . 24.84 58.91 -17.12
O2' GTP M . 24.61 58.39 -15.83
C1' GTP M . 25.84 58.03 -17.85
N9 GTP M . 27.24 58.22 -17.38
C8 GTP M . 28.04 57.30 -16.76
N7 GTP M . 29.26 57.68 -16.56
C5 GTP M . 29.26 58.99 -17.05
C6 GTP M . 30.33 59.97 -17.15
O6 GTP M . 31.51 59.85 -16.85
N1 GTP M . 29.92 61.17 -17.67
C2 GTP M . 28.66 61.42 -18.08
N2 GTP M . 28.40 62.61 -18.55
N3 GTP M . 27.66 60.54 -18.04
C4 GTP M . 28.03 59.35 -17.51
H5' GTP M . 23.15 59.04 -21.16
H5'' GTP M . 24.87 59.42 -21.28
H4' GTP M . 23.90 57.54 -19.69
H3' GTP M . 23.17 59.89 -18.08
HO3' GTP M . 22.59 57.91 -16.75
H2' GTP M . 25.22 59.93 -17.04
HO2' GTP M . 23.82 58.80 -15.49
H1' GTP M . 25.54 56.99 -17.70
H8 GTP M . 27.68 56.30 -16.52
HN1 GTP M . 30.63 61.89 -17.79
HN21 GTP M . 29.13 63.32 -18.61
HN22 GTP M . 27.47 62.80 -18.88
PG GTP N . 13.15 53.30 -9.46
O1G GTP N . 11.83 53.90 -9.20
O2G GTP N . 13.73 53.65 -10.78
O3G GTP N . 13.23 51.86 -9.14
O3B GTP N . 14.21 54.03 -8.52
PB GTP N . 13.97 54.10 -6.94
O1B GTP N . 13.96 52.72 -6.40
O2B GTP N . 15.10 54.91 -6.41
O3A GTP N . 12.64 54.72 -6.34
PA GTP N . 12.15 56.19 -6.67
O1A GTP N . 10.70 56.16 -6.34
O2A GTP N . 12.53 56.70 -7.99
O5' GTP N . 12.72 57.23 -5.57
C5' GTP N . 14.10 57.60 -5.52
C4' GTP N . 14.37 59.11 -5.61
O4' GTP N . 15.69 59.27 -6.12
C3' GTP N . 13.48 59.86 -6.62
O3' GTP N . 13.48 61.25 -6.40
C2' GTP N . 14.18 59.55 -7.93
O2' GTP N . 13.93 60.48 -8.96
C1' GTP N . 15.65 59.54 -7.51
N9 GTP N . 16.40 58.55 -8.32
C8 GTP N . 16.07 57.25 -8.60
N7 GTP N . 16.87 56.67 -9.45
C5 GTP N . 17.79 57.66 -9.77
C6 GTP N . 18.91 57.63 -10.66
O6 GTP N . 19.36 56.70 -11.30
N1 GTP N . 19.57 58.83 -10.74
C2 GTP N . 19.22 59.93 -10.04
N2 GTP N . 19.98 60.97 -10.18
N3 GTP N . 18.19 59.99 -9.20
C4 GTP N . 17.50 58.81 -9.10
H5' GTP N . 14.53 57.23 -4.59
H5'' GTP N . 14.63 57.14 -6.35
H4' GTP N . 14.27 59.56 -4.63
H3' GTP N . 12.45 59.48 -6.63
HO3' GTP N . 13.47 61.64 -7.28
H2' GTP N . 13.89 58.55 -8.27
HO2' GTP N . 13.84 59.96 -9.76
H1' GTP N . 16.07 60.53 -7.70
H8 GTP N . 15.21 56.75 -8.19
HN1 GTP N . 20.44 58.82 -11.26
HN21 GTP N . 19.71 61.79 -9.66
HN22 GTP N . 20.79 60.96 -10.79
P IMP O . 17.89 26.33 -20.69
O1P IMP O . 16.80 25.33 -20.64
O2P IMP O . 18.43 26.36 -22.06
O3P IMP O . 17.36 27.67 -20.35
O5' IMP O . 19.01 25.89 -19.65
C5' IMP O . 20.08 26.79 -19.39
C4' IMP O . 20.95 26.17 -18.28
O4' IMP O . 21.75 25.12 -18.83
C3' IMP O . 22.02 27.12 -17.78
O3' IMP O . 21.53 28.13 -16.92
C2' IMP O . 23.03 26.18 -17.13
O2' IMP O . 22.68 25.84 -15.79
C1' IMP O . 22.90 24.90 -17.99
N9 IMP O . 24.05 24.61 -18.85
C8 IMP O . 24.88 25.50 -19.51
N7 IMP O . 25.82 24.87 -20.22
C5 IMP O . 25.55 23.52 -20.05
C6 IMP O . 26.22 22.34 -20.64
O6 IMP O . 27.13 22.36 -21.44
N1 IMP O . 25.70 21.17 -20.19
C2 IMP O . 24.72 21.10 -19.23
N3 IMP O . 24.07 22.15 -18.74
C4 IMP O . 24.50 23.37 -19.20
H5'1 IMP O . 20.67 26.97 -20.29
H5'2 IMP O . 19.69 27.75 -19.04
H4' IMP O . 20.34 25.82 -17.45
H3' IMP O . 22.50 27.58 -18.64
HO3' IMP O . 21.01 27.70 -16.21
H2' IMP O . 24.05 26.60 -17.16
HO2' IMP O . 21.84 26.29 -15.55
H1' IMP O . 22.74 24.02 -17.35
H8 IMP O . 24.77 26.56 -19.42
HN1 IMP O . 26.09 20.33 -20.57
H2 IMP O . 24.56 20.09 -18.87
PA NAD P . 33.98 22.52 -13.45
O1A NAD P . 33.24 22.75 -12.21
O2A NAD P . 35.25 23.26 -13.61
O5B NAD P . 34.33 20.97 -13.53
C5B NAD P . 35.28 20.43 -14.45
C4B NAD P . 36.22 19.44 -13.74
O4B NAD P . 37.22 20.15 -12.99
C3B NAD P . 35.50 18.51 -12.75
O3B NAD P . 36.13 17.24 -12.81
C2B NAD P . 35.74 19.25 -11.42
O2B NAD P . 35.57 18.42 -10.27
C1B NAD P . 37.18 19.73 -11.63
N9A NAD P . 37.59 20.86 -10.76
C8A NAD P . 36.94 22.02 -10.46
N7A NAD P . 37.63 22.85 -9.70
C5A NAD P . 38.83 22.15 -9.50
C6A NAD P . 40.04 22.42 -8.80
N6A NAD P . 40.31 23.53 -8.15
N1A NAD P . 41.03 21.55 -8.77
C2A NAD P . 40.85 20.39 -9.40
N3A NAD P . 39.79 20.00 -10.09
C4A NAD P . 38.80 20.94 -10.11
O3 NAD P . 33.09 22.99 -14.67
PN NAD P . 31.92 22.03 -15.11
O1N NAD P . 31.18 21.49 -13.96
O2N NAD P . 32.42 21.12 -16.15
O5D NAD P . 30.91 23.05 -15.84
C5D NAD P . 31.37 23.86 -16.92
C4D NAD P . 30.29 24.80 -17.46
O4D NAD P . 29.22 24.06 -18.03
C3D NAD P . 29.68 25.71 -16.40
O3D NAD P . 29.29 26.92 -17.01
C2D NAD P . 28.48 24.89 -15.92
O2D NAD P . 27.43 25.71 -15.37
C1D NAD P . 28.07 24.16 -17.20
N1N NAD P . 27.44 22.83 -16.94
C2N NAD P . 26.26 22.75 -16.29
C3N NAD P . 25.62 21.50 -16.04
C7N NAD P . 24.37 21.39 -15.37
O7N NAD P . 23.64 20.42 -15.56
N7N NAD P . 24.01 22.30 -14.51
C4N NAD P . 26.22 20.33 -16.51
C5N NAD P . 27.46 20.42 -17.17
C6N NAD P . 28.05 21.68 -17.38
H51A NAD P . 35.87 21.21 -14.91
H52A NAD P . 34.75 19.89 -15.22
H4B NAD P . 36.71 18.84 -14.49
H3B NAD P . 34.44 18.42 -12.98
HO3A NAD P . 35.58 16.60 -12.35
H2B NAD P . 35.08 20.11 -11.35
HO2A NAD P . 34.65 18.46 -10.01
H1B NAD P . 37.85 18.90 -11.49
H8A NAD P . 35.96 22.26 -10.83
H61A NAD P . 39.61 24.25 -8.06
H62A NAD P . 41.20 23.59 -7.68
H2A NAD P . 41.66 19.69 -9.35
H51N NAD P . 31.71 23.22 -17.73
H52N NAD P . 32.22 24.46 -16.59
H4D NAD P . 30.75 25.42 -18.24
H3D NAD P . 30.40 25.90 -15.59
HO3N NAD P . 29.39 27.61 -16.34
H2D NAD P . 28.82 24.19 -15.16
HO2N NAD P . 27.81 26.52 -15.04
H1D NAD P . 27.35 24.78 -17.73
H2N NAD P . 25.80 23.68 -15.99
H71N NAD P . 23.13 22.18 -14.05
H72N NAD P . 24.60 23.11 -14.32
H4N NAD P . 25.77 19.36 -16.35
H5N NAD P . 27.97 19.52 -17.49
H6N NAD P . 29.02 21.75 -17.86
PG GTP Q . 61.79 -8.86 -39.20
O1G GTP Q . 61.93 -7.67 -40.05
O2G GTP Q . 63.06 -9.55 -38.97
O3G GTP Q . 60.72 -9.79 -39.63
O3B GTP Q . 61.37 -8.42 -37.75
PB GTP Q . 60.50 -7.12 -37.54
O1B GTP Q . 59.31 -7.12 -38.42
O2B GTP Q . 61.40 -5.94 -37.50
O3A GTP Q . 59.99 -7.44 -36.08
PA GTP Q . 59.49 -6.24 -35.19
O1A GTP Q . 60.61 -5.69 -34.39
O2A GTP Q . 58.66 -5.28 -35.95
O5' GTP Q . 58.55 -6.95 -34.12
C5' GTP Q . 57.17 -7.14 -34.37
C4' GTP Q . 56.46 -8.07 -33.38
O4' GTP Q . 56.47 -9.40 -33.84
C3' GTP Q . 56.96 -8.09 -31.93
O3' GTP Q . 56.08 -7.34 -31.13
C2' GTP Q . 56.99 -9.58 -31.58
O2' GTP Q . 56.37 -9.93 -30.37
C1' GTP Q . 56.17 -10.20 -32.71
N9 GTP Q . 56.48 -11.62 -32.93
C8 GTP Q . 55.65 -12.68 -32.68
N7 GTP Q . 56.13 -13.84 -33.06
C5 GTP Q . 57.40 -13.51 -33.58
C6 GTP Q . 58.40 -14.32 -34.21
O6 GTP Q . 58.35 -15.51 -34.50
N1 GTP Q . 59.54 -13.63 -34.56
C2 GTP Q . 59.69 -12.30 -34.36
N2 GTP Q . 60.81 -11.76 -34.74
N3 GTP Q . 58.77 -11.50 -33.83
C4 GTP Q . 57.63 -12.17 -33.46
H5' GTP Q . 57.02 -7.53 -35.37
H5'' GTP Q . 56.67 -6.17 -34.32
H4' GTP Q . 55.42 -7.76 -33.36
H3' GTP Q . 57.97 -7.69 -31.85
HO3' GTP Q . 56.04 -7.73 -30.26
H2' GTP Q . 58.01 -9.94 -31.61
HO2' GTP Q . 56.85 -9.52 -29.65
H1' GTP Q . 55.12 -10.08 -32.45
H8 GTP Q . 54.67 -12.57 -32.26
HN1 GTP Q . 60.28 -14.15 -35.01
HN21 GTP Q . 60.92 -10.77 -34.62
HN22 GTP Q . 61.55 -12.32 -35.15
PG GTP R . 52.42 -2.30 -18.75
O1G GTP R . 52.58 -1.51 -17.47
O2G GTP R . 53.11 -1.57 -19.88
O3G GTP R . 50.95 -2.46 -19.06
O3B GTP R . 53.13 -3.76 -18.58
PB GTP R . 53.06 -4.73 -17.25
O1B GTP R . 51.70 -4.67 -16.64
O2B GTP R . 53.33 -6.15 -17.67
O3A GTP R . 54.17 -4.24 -16.15
PA GTP R . 55.31 -3.08 -16.42
O1A GTP R . 55.32 -2.11 -15.27
O2A GTP R . 55.02 -2.34 -17.68
O5' GTP R . 56.77 -3.81 -16.57
C5' GTP R . 56.79 -5.17 -16.86
C4' GTP R . 58.24 -5.62 -16.87
O4' GTP R . 58.50 -6.67 -18.07
C3' GTP R . 58.98 -4.59 -17.17
O3' GTP R . 60.39 -4.85 -16.73
C2' GTP R . 58.91 -4.51 -18.69
O2' GTP R . 60.08 -4.03 -19.19
C1' GTP R . 58.71 -5.97 -19.15
N9 GTP R . 57.53 -6.06 -20.02
C8 GTP R . 56.23 -5.76 -19.89
N7 GTP R . 55.62 -6.07 -21.04
C5 GTP R . 56.54 -6.56 -21.86
C6 GTP R . 56.43 -7.08 -23.29
O6 GTP R . 55.39 -7.08 -23.83
N1 GTP R . 57.58 -7.55 -23.95
C2 GTP R . 58.84 -7.53 -23.29
N2 GTP R . 60.02 -8.02 -23.98
N3 GTP R . 58.93 -7.05 -21.92
C4 GTP R . 57.73 -6.55 -21.23
H5' GTP R . 56.34 -5.35 -17.83
H5'' GTP R . 56.26 -5.73 -16.09
H4' GTP R . 58.53 -6.05 -15.92
H3' GTP R . 58.59 -3.69 -16.70
HO3' GTP R . 60.93 -4.08 -16.94
H2' GTP R . 58.07 -3.89 -19.01
HO2' GTP R . 60.03 -3.98 -20.15
H1' GTP R . 59.59 -6.34 -19.68
H8 GTP R . 55.76 -5.34 -19.02
HN1 GTP R . 57.51 -7.88 -24.90
HN21 GTP R . 59.94 -9.01 -24.12
HN22 GTP R . 60.11 -7.55 -24.87
P IMP S . 24.29 -4.50 -28.82
O1P IMP S . 23.28 -3.64 -28.16
O2P IMP S . 24.13 -4.36 -30.28
O3P IMP S . 25.65 -4.07 -28.44
O5' IMP S . 24.02 -5.99 -28.36
C5' IMP S . 24.97 -6.99 -28.70
C4' IMP S . 24.52 -8.31 -28.05
O4' IMP S . 23.42 -8.87 -28.80
C3' IMP S . 25.54 -9.42 -28.18
O3' IMP S . 26.65 -9.29 -27.29
C2' IMP S . 24.71 -10.68 -27.97
O2' IMP S . 24.52 -10.98 -26.59
C1' IMP S . 23.33 -10.28 -28.57
N9 IMP S . 23.00 -10.95 -29.82
C8 IMP S . 23.83 -11.30 -30.87
N7 IMP S . 23.18 -11.86 -31.86
C5 IMP S . 21.84 -11.82 -31.48
C6 IMP S . 20.63 -12.24 -32.22
O6 IMP S . 20.59 -12.67 -33.35
N1 IMP S . 19.51 -12.11 -31.48
C2 IMP S . 19.50 -11.69 -30.17
N3 IMP S . 20.57 -11.24 -29.52
C4 IMP S . 21.75 -11.29 -30.23
H5'1 IMP S . 25.02 -7.11 -29.79
H5'2 IMP S . 25.97 -6.72 -28.32
H4' IMP S . 24.25 -8.16 -27.01
H3' IMP S . 25.91 -9.43 -29.21
HO3' IMP S . 26.28 -9.17 -26.40
H2' IMP S . 25.15 -11.53 -28.49
HO2' IMP S . 24.94 -10.30 -26.04
H1' IMP S . 22.53 -10.49 -27.85
H8 IMP S . 24.91 -11.15 -30.82
HN1 IMP S . 18.64 -12.35 -31.94
H2 IMP S . 18.53 -11.80 -29.70
PA NAD T . 21.89 -22.54 -29.68
O1A NAD T . 22.45 -22.54 -28.32
O2A NAD T . 22.48 -23.50 -30.65
O5B NAD T . 20.33 -22.91 -29.56
C5B NAD T . 19.55 -23.30 -30.69
C4B NAD T . 18.72 -24.56 -30.36
O4B NAD T . 19.56 -25.70 -30.23
C3B NAD T . 17.93 -24.41 -29.05
O3B NAD T . 16.69 -25.08 -29.23
C2B NAD T . 18.87 -25.13 -28.06
O2B NAD T . 18.22 -25.56 -26.87
C1B NAD T . 19.37 -26.27 -28.94
N9A NAD T . 20.62 -26.93 -28.49
C8A NAD T . 21.77 -26.39 -27.98
N7A NAD T . 22.71 -27.26 -27.72
C5A NAD T . 22.12 -28.48 -28.05
C6A NAD T . 22.52 -29.83 -28.04
N6A NAD T . 23.70 -30.29 -27.65
N1A NAD T . 21.70 -30.81 -28.41
C2A NAD T . 20.48 -30.47 -28.80
N3A NAD T . 19.97 -29.26 -28.89
C4A NAD T . 20.85 -28.29 -28.50
O3 NAD T . 22.10 -21.11 -30.32
PN NAD T . 21.15 -19.96 -29.83
O1N NAD T . 20.89 -20.00 -28.38
O2N NAD T . 20.00 -19.86 -30.76
O5D NAD T . 22.05 -18.65 -30.09
C5D NAD T . 22.67 -18.43 -31.35
C4D NAD T . 23.50 -17.15 -31.41
O4D NAD T . 22.67 -16.00 -31.33
C3D NAD T . 24.52 -17.04 -30.27
O3D NAD T . 25.64 -16.31 -30.72
C2D NAD T . 23.73 -16.27 -29.20
O2D NAD T . 24.57 -15.52 -28.31
C1D NAD T . 22.84 -15.36 -30.07
N1N NAD T . 21.54 -15.02 -29.44
C2N NAD T . 21.52 -14.21 -28.34
C3N NAD T . 20.30 -13.86 -27.71
C7N NAD T . 20.24 -13.02 -26.57
O7N NAD T . 19.26 -12.33 -26.33
N7N NAD T . 21.23 -13.03 -25.71
C4N NAD T . 19.10 -14.30 -28.27
C5N NAD T . 19.14 -15.12 -29.41
C6N NAD T . 20.37 -15.46 -29.97
H51A NAD T . 20.16 -23.51 -31.56
H52A NAD T . 18.87 -22.49 -30.94
H4B NAD T . 18.02 -24.72 -31.18
H3B NAD T . 17.78 -23.37 -28.78
HO3A NAD T . 16.11 -24.84 -28.51
H2B NAD T . 19.70 -24.48 -27.81
HO2A NAD T . 18.24 -24.85 -26.24
H1B NAD T . 18.58 -27.02 -29.00
H8A NAD T . 21.90 -25.33 -27.84
H61A NAD T . 24.39 -29.65 -27.30
H62A NAD T . 23.83 -31.29 -27.65
H2A NAD T . 19.84 -31.28 -29.10
H51N NAD T . 23.32 -19.27 -31.57
H52N NAD T . 21.90 -18.38 -32.13
H4D NAD T . 24.04 -17.16 -32.36
H3D NAD T . 24.82 -18.03 -29.91
HO3N NAD T . 26.40 -16.63 -30.23
H2D NAD T . 23.13 -16.96 -28.64
HO2N NAD T . 25.44 -15.91 -28.29
H1D NAD T . 23.40 -14.44 -30.26
H2N NAD T . 22.48 -13.86 -27.98
H71N NAD T . 21.15 -12.46 -24.90
H72N NAD T . 22.04 -13.63 -25.85
H4N NAD T . 18.15 -14.04 -27.83
H5N NAD T . 18.21 -15.49 -29.82
H6N NAD T . 20.41 -16.13 -30.83
PG GTP U . -11.04 -37.40 -62.51
O1G GTP U . -9.90 -37.74 -63.36
O2G GTP U . -12.21 -38.23 -62.78
O3G GTP U . -11.36 -35.97 -62.46
O3B GTP U . -10.69 -37.77 -61.02
PB GTP U . -9.18 -37.78 -60.52
O1B GTP U . -8.49 -36.50 -60.87
O2B GTP U . -8.57 -39.08 -60.88
O3A GTP U . -9.48 -37.72 -58.97
PA GTP U . -8.43 -38.41 -58.00
O1A GTP U . -8.76 -39.84 -57.79
O2A GTP U . -7.04 -38.04 -58.34
O5' GTP U . -8.69 -37.69 -56.58
C5' GTP U . -9.96 -37.70 -55.97
C4' GTP U . -9.98 -36.72 -54.80
O4' GTP U . -11.18 -35.94 -54.87
C3' GTP U . -9.94 -37.39 -53.43
O3' GTP U . -9.20 -36.60 -52.52
C2' GTP U . -11.43 -37.45 -53.07
O2' GTP U . -11.69 -37.41 -51.69
C1' GTP U . -11.96 -36.18 -53.71
N9 GTP U . -13.40 -36.32 -54.01
C8 GTP U . -14.45 -35.68 -53.41
N7 GTP U . -15.62 -36.01 -53.86
C5 GTP U . -15.34 -36.98 -54.83
C6 GTP U . -16.19 -37.73 -55.72
O6 GTP U . -17.41 -37.67 -55.84
N1 GTP U . -15.52 -38.62 -56.53
C2 GTP U . -14.18 -38.76 -56.52
N2 GTP U . -13.66 -39.65 -57.32
N3 GTP U . -13.34 -38.08 -55.74
C4 GTP U . -13.98 -37.19 -54.92
H5' GTP U . -10.19 -38.71 -55.62
H5'' GTP U . -10.72 -37.42 -56.69
H4' GTP U . -9.13 -36.05 -54.89
H3' GTP U . -9.52 -38.39 -53.48
HO3' GTP U . -9.40 -36.91 -51.63
H2' GTP U . -11.87 -38.33 -53.52
HO2' GTP U . -11.17 -38.09 -51.26
H1' GTP U . -11.81 -35.36 -53.00
H8 GTP U . -14.30 -34.93 -52.65
HN1 GTP U . -16.06 -39.16 -57.19
HN21 GTP U . -14.25 -40.21 -57.92
HN22 GTP U . -12.66 -39.76 -57.32
PG GTP V . -2.78 -38.37 -40.54
O1G GTP V . -2.08 -38.17 -39.21
O2G GTP V . -1.81 -38.91 -41.55
O3G GTP V . -3.32 -37.06 -41.04
O3B GTP V . -4.01 -39.45 -40.37
PB GTP V . -4.78 -39.85 -38.97
O1B GTP V . -4.33 -38.98 -37.82
O2B GTP V . -6.26 -39.69 -39.16
O3A GTP V . -4.42 -41.41 -38.61
PA GTP V . -3.21 -42.21 -39.39
O1A GTP V . -2.35 -42.94 -38.39
O2A GTP V . -2.37 -41.26 -40.16
O5' GTP V . -3.91 -43.28 -40.43
C5' GTP V . -5.29 -43.44 -40.34
C4' GTP V . -5.66 -44.76 -40.97
O4' GTP V . -6.85 -44.56 -42.04
C3' GTP V . -4.65 -45.20 -41.66
O3' GTP V . -4.78 -46.67 -41.87
C2' GTP V . -4.79 -44.47 -43.01
O2' GTP V . -4.36 -45.27 -44.02
C1' GTP V . -6.30 -44.20 -43.16
N9 GTP V . -6.54 -42.77 -43.38
C8 GTP V . -6.27 -41.65 -42.69
N7 GTP V . -6.73 -40.62 -43.40
C5 GTP V . -7.27 -41.10 -44.51
C6 GTP V . -7.95 -40.39 -45.68
O6 GTP V . -8.04 -39.22 -45.68
N1 GTP V . -8.44 -41.17 -46.76
C2 GTP V . -8.31 -42.58 -46.75
N2 GTP V . -8.82 -43.35 -47.86
N3 GTP V . -7.67 -43.24 -45.63
C4 GTP V . -7.15 -42.44 -44.50
H5' GTP V . -5.79 -42.63 -40.88
H5'' GTP V . -5.60 -43.43 -39.30
H4' GTP V . -5.94 -45.48 -40.20
H3' GTP V . -3.71 -44.96 -41.17
HO3' GTP V . -4.03 -46.99 -42.37
H2' GTP V . -4.23 -43.53 -42.99
HO2' GTP V . -4.45 -44.80 -44.85
H1' GTP V . -6.71 -44.78 -43.99
H8 GTP V . -5.78 -41.60 -41.73
HN1 GTP V . -8.88 -40.69 -47.53
HN21 GTP V . -9.83 -43.30 -47.87
HN22 GTP V . -8.45 -42.99 -48.72
P IMP W . -7.09 -9.06 -36.15
O1P IMP W . -6.18 -8.42 -35.17
O2P IMP W . -7.14 -8.17 -37.35
O3P IMP W . -6.55 -10.38 -36.54
O5' IMP W . -8.52 -9.19 -35.48
C5' IMP W . -9.54 -9.97 -36.10
C4' IMP W . -10.81 -9.89 -35.21
O4' IMP W . -11.40 -8.58 -35.36
C3' IMP W . -11.96 -10.76 -35.66
O3' IMP W . -11.83 -12.13 -35.37
C2' IMP W . -13.17 -10.13 -34.96
O2' IMP W . -13.31 -10.55 -33.61
C1' IMP W . -12.78 -8.64 -34.96
N9 IMP W . -13.58 -7.85 -35.88
C8 IMP W . -14.00 -8.17 -37.16
N7 IMP W . -14.72 -7.21 -37.71
C5 IMP W . -14.71 -6.19 -36.76
C6 IMP W . -15.28 -4.83 -36.83
O6 IMP W . -15.83 -4.34 -37.79
N1 IMP W . -15.14 -4.15 -35.68
C2 IMP W . -14.58 -4.68 -34.54
N3 IMP W . -14.00 -5.87 -34.49
C4 IMP W . -14.06 -6.61 -35.65
H5'1 IMP W . -9.75 -9.60 -37.10
H5'2 IMP W . -9.22 -11.02 -36.17
H4' IMP W . -10.56 -10.09 -34.17
H3' IMP W . -12.08 -10.64 -36.74
HO3' IMP W . -11.30 -12.25 -34.56
H2' IMP W . -14.09 -10.33 -35.53
HO2' IMP W . -12.88 -11.42 -33.47
H1' IMP W . -12.91 -8.22 -33.96
H8 IMP W . -13.78 -9.14 -37.60
HN1 IMP W . -15.47 -3.19 -35.68
H2 IMP W . -14.70 -4.04 -33.68
PA NAD X . -25.05 -8.06 -34.18
O1A NAD X . -24.86 -9.11 -33.15
O2A NAD X . -26.07 -8.33 -35.22
O5B NAD X . -25.49 -6.72 -33.42
C5B NAD X . -26.06 -5.61 -34.08
C4B NAD X . -27.28 -5.09 -33.31
O4B NAD X . -28.38 -5.99 -33.45
C3B NAD X . -27.01 -4.94 -31.81
O3B NAD X . -27.68 -3.79 -31.35
C2B NAD X . -27.60 -6.25 -31.26
O2B NAD X . -27.92 -6.20 -29.87
C1B NAD X . -28.83 -6.39 -32.17
N9A NAD X . -29.41 -7.75 -32.24
C8A NAD X . -28.78 -8.97 -32.40
N7A NAD X . -29.59 -9.99 -32.49
C5A NAD X . -30.85 -9.40 -32.37
C6A NAD X . -32.19 -9.88 -32.39
N6A NAD X . -32.55 -11.13 -32.57
N1A NAD X . -33.22 -9.05 -32.26
C2A NAD X . -32.96 -7.77 -32.08
N3A NAD X . -31.78 -7.18 -32.06
C4A NAD X . -30.75 -8.06 -32.20
O3 NAD X . -23.69 -7.89 -34.97
PN NAD X . -22.56 -7.06 -34.27
O1N NAD X . -22.41 -7.40 -32.85
O2N NAD X . -22.68 -5.64 -34.67
O5D NAD X . -21.25 -7.62 -35.02
C5D NAD X . -21.15 -7.61 -36.43
C4D NAD X . -19.86 -8.26 -36.94
O4D NAD X . -18.73 -7.47 -36.59
C3D NAD X . -19.62 -9.66 -36.38
O3D NAD X . -18.88 -10.41 -37.33
C2D NAD X . -18.79 -9.36 -35.12
O2D NAD X . -17.96 -10.46 -34.72
C1D NAD X . -17.98 -8.14 -35.58
N1N NAD X . -17.58 -7.23 -34.48
C2N NAD X . -16.68 -7.64 -33.54
C3N NAD X . -16.28 -6.79 -32.47
C7N NAD X . -15.33 -7.17 -31.49
O7N NAD X . -14.63 -6.33 -30.93
N7N NAD X . -15.23 -8.43 -31.13
C4N NAD X . -16.81 -5.50 -32.41
C5N NAD X . -17.72 -5.08 -33.40
C6N NAD X . -18.10 -5.96 -34.42
H51A NAD X . -26.36 -5.84 -35.11
H52A NAD X . -25.31 -4.80 -34.13
H4B NAD X . -27.55 -4.12 -33.73
H3B NAD X . -25.94 -4.87 -31.60
HO3A NAD X . -27.40 -3.60 -30.45
H2B NAD X . -26.91 -7.07 -31.46
HO2A NAD X . -27.15 -6.49 -29.39
H1B NAD X . -29.59 -5.70 -31.82
H8A NAD X . -27.71 -9.06 -32.45
H61A NAD X . -31.85 -11.86 -32.63
H62A NAD X . -33.55 -11.33 -32.53
H2A NAD X . -33.82 -7.12 -31.97
H51N NAD X . -21.99 -8.16 -36.85
H52N NAD X . -21.20 -6.58 -36.80
H4D NAD X . -19.93 -8.32 -38.03
H3D NAD X . -20.56 -10.16 -36.15
HO3N NAD X . -19.16 -11.32 -37.25
H2D NAD X . -19.45 -9.09 -34.32
HO2N NAD X . -18.25 -11.26 -35.16
H1D NAD X . -17.08 -8.51 -36.07
H2N NAD X . -16.27 -8.63 -33.67
H71N NAD X . -14.58 -8.65 -30.40
H72N NAD X . -15.79 -9.15 -31.56
H4N NAD X . -16.54 -4.82 -31.62
H5N NAD X . -18.15 -4.09 -33.35
H6N NAD X . -18.82 -5.67 -35.16
PG GTP Y . -54.68 -36.51 27.54
O1G GTP Y . -55.40 -35.77 28.59
O2G GTP Y . -55.40 -37.69 27.06
O3G GTP Y . -53.27 -36.76 27.89
O3B GTP Y . -54.62 -35.45 26.37
PB GTP Y . -54.30 -35.91 24.88
O1B GTP Y . -53.51 -34.76 24.37
O2B GTP Y . -55.61 -36.15 24.23
O3A GTP Y . -53.34 -37.18 24.84
PA GTP Y . -53.33 -38.14 23.57
O1A GTP Y . -52.18 -39.04 23.80
O2A GTP Y . -54.64 -38.79 23.40
O5' GTP Y . -52.99 -37.35 22.21
C5' GTP Y . -51.82 -36.56 22.06
C4' GTP Y . -51.10 -36.71 20.71
O4' GTP Y . -50.45 -37.95 20.55
C3' GTP Y . -51.96 -36.58 19.46
O3' GTP Y . -52.30 -35.24 19.17
C2' GTP Y . -51.06 -37.19 18.37
O2' GTP Y . -50.22 -36.28 17.68
C1' GTP Y . -50.10 -38.07 19.18
N9 GTP Y . -50.11 -39.46 18.70
C8 GTP Y . -49.11 -40.11 18.04
N7 GTP Y . -49.36 -41.37 17.76
C5 GTP Y . -50.65 -41.55 18.27
C6 GTP Y . -51.50 -42.72 18.33
O6 GTP Y . -51.25 -43.87 17.97
N1 GTP Y . -52.73 -42.49 18.90
C2 GTP Y . -53.10 -41.28 19.40
N2 GTP Y . -54.29 -41.20 19.92
N3 GTP Y . -52.35 -40.19 19.38
C4 GTP Y . -51.13 -40.39 18.82
H5' GTP Y . -51.11 -36.76 22.86
H5'' GTP Y . -52.11 -35.51 22.15
H4' GTP Y . -50.33 -35.93 20.66
H3' GTP Y . -52.85 -37.18 19.55
HO3' GTP Y . -52.46 -35.21 18.23
H2' GTP Y . -51.66 -37.77 17.68
HO2' GTP Y . -50.71 -35.52 17.38
H1' GTP Y . -49.10 -37.67 19.05
H8 GTP Y . -48.17 -39.64 17.79
HN1 GTP Y . -53.36 -43.27 18.99
HN21 GTP Y . -54.57 -40.32 20.32
HN22 GTP Y . -54.91 -42.01 19.97
PG GTP Z . -48.81 -24.24 11.33
O1G GTP Z . -49.65 -23.04 11.19
O2G GTP Z . -48.94 -24.93 12.63
O3G GTP Z . -47.41 -24.08 10.87
O3B GTP Z . -49.44 -25.37 10.40
PB GTP Z . -49.71 -25.09 8.86
O1B GTP Z . -48.42 -24.79 8.19
O2B GTP Z . -50.35 -26.33 8.35
O3A GTP Z . -50.61 -23.86 8.39
PA GTP Z . -52.12 -23.67 8.83
O1A GTP Z . -52.40 -22.25 8.55
O2A GTP Z . -52.43 -24.16 10.19
O5' GTP Z . -53.13 -24.42 7.82
C5' GTP Z . -53.28 -25.83 7.77
C4' GTP Z . -54.70 -26.34 8.06
O4' GTP Z . -54.56 -27.70 8.48
C3' GTP Z . -55.40 -25.63 9.24
O3' GTP Z . -56.79 -25.86 9.29
C2' GTP Z . -54.80 -26.36 10.44
O2' GTP Z . -55.64 -26.35 11.58
C1' GTP Z . -54.62 -27.77 9.90
N9 GTP Z . -53.41 -28.38 10.49
C8 GTP Z . -52.16 -27.83 10.65
N7 GTP Z . -51.37 -28.56 11.38
C5 GTP Z . -52.13 -29.66 11.73
C6 GTP Z . -51.83 -30.81 12.53
O6 GTP Z . -50.78 -31.11 13.07
N1 GTP Z . -52.87 -31.69 12.65
C2 GTP Z . -54.08 -31.50 12.09
N2 GTP Z . -54.96 -32.45 12.25
N3 GTP Z . -54.41 -30.45 11.34
C4 GTP Z . -53.38 -29.56 11.19
H5' GTP Z . -52.98 -26.19 6.79
H5'' GTP Z . -52.63 -26.29 8.52
H4' GTP Z . -55.31 -26.26 7.17
H3' GTP Z . -55.18 -24.56 9.28
HO3' GTP Z . -56.93 -26.04 10.21
H2' GTP Z . -53.84 -25.92 10.68
HO2' GTP Z . -55.08 -26.06 12.30
H1' GTP Z . -55.49 -28.37 10.18
H8 GTP Z . -51.88 -26.87 10.27
HN1 GTP Z . -52.66 -32.57 13.11
HN21 GTP Z . -55.85 -32.33 11.79
HN22 GTP Z . -54.74 -33.29 12.78
P IMP AA . -20.77 -23.99 20.84
O1P IMP AA . -20.58 -24.63 22.16
O2P IMP AA . -22.21 -23.72 20.64
O3P IMP AA . -20.00 -22.74 20.82
O5' IMP AA . -20.22 -24.92 19.69
C5' IMP AA . -20.88 -26.13 19.42
C4' IMP AA . -20.17 -26.80 18.22
O4' IMP AA . -18.92 -27.37 18.64
C3' IMP AA . -20.89 -28.02 17.70
O3' IMP AA . -22.05 -27.72 16.93
C2' IMP AA . -19.80 -28.76 16.93
O2' IMP AA . -19.64 -28.26 15.60
C1' IMP AA . -18.53 -28.40 17.73
N9 IMP AA . -17.98 -29.52 18.50
C8 IMP AA . -18.66 -30.52 19.16
N7 IMP AA . -17.84 -31.36 19.78
C5 IMP AA . -16.58 -30.84 19.57
C6 IMP AA . -15.27 -31.30 20.07
O6 IMP AA . -15.07 -32.23 20.82
N1 IMP AA . -14.24 -30.57 19.59
C2 IMP AA . -14.40 -29.55 18.69
N3 IMP AA . -15.57 -29.08 18.28
C4 IMP AA . -16.67 -29.75 18.76
H5'1 IMP AA . -20.84 -26.80 20.29
H5'2 IMP AA . -21.93 -25.95 19.16
H4' IMP AA . -20.02 -26.07 17.41
H3' IMP AA . -21.18 -28.64 18.55
HO3' IMP AA . -21.80 -27.08 16.25
H2' IMP AA . -20.00 -29.84 16.91
HO2' IMP AA . -20.23 -27.50 15.45
H1' IMP AA . -17.74 -28.05 17.07
H8 IMP AA . -19.74 -30.62 19.13
HN1 IMP AA . -13.32 -30.81 19.92
H2 IMP AA . -13.46 -29.19 18.28
PA NAD BA . -14.34 -38.48 12.34
O1A NAD BA . -14.81 -37.68 11.19
O2A NAD BA . -14.81 -39.88 12.42
O5B NAD BA . -12.74 -38.54 12.28
C5B NAD BA . -11.96 -39.36 13.13
C4B NAD BA . -10.85 -40.06 12.33
O4B NAD BA . -11.39 -41.14 11.57
C3B NAD BA . -10.15 -39.11 11.35
O3B NAD BA . -8.78 -39.45 11.29
C2B NAD BA . -10.90 -39.43 10.03
O2B NAD BA . -10.20 -39.05 8.86
C1B NAD BA . -11.08 -40.94 10.19
N9A NAD BA . -12.15 -41.54 9.36
C8A NAD BA . -13.44 -41.10 9.15
N7A NAD BA . -14.16 -41.89 8.40
C5A NAD BA . -13.27 -42.92 8.08
C6A NAD BA . -13.34 -44.12 7.33
N6A NAD BA . -14.41 -44.56 6.69
N1A NAD BA . -12.30 -44.93 7.19
C2A NAD BA . -11.16 -44.57 7.78
N3A NAD BA . -10.94 -43.49 8.52
C4A NAD BA . -12.05 -42.70 8.63
O3 NAD BA . -14.83 -37.79 13.68
PN NAD BA . -14.10 -36.48 14.14
O1N NAD BA . -13.80 -35.56 13.03
O2N NAD BA . -13.04 -36.83 15.10
O5D NAD BA . -15.27 -35.77 14.98
C5D NAD BA . -15.89 -36.45 16.05
C4D NAD BA . -17.06 -35.66 16.64
O4D NAD BA . -16.57 -34.46 17.25
C3D NAD BA . -18.11 -35.23 15.63
O3D NAD BA . -19.36 -35.10 16.30
C2D NAD BA . -17.58 -33.86 15.16
O2D NAD BA . -18.59 -33.00 14.65
C1D NAD BA . -16.94 -33.34 16.46
N1N NAD BA . -15.78 -32.43 16.21
C2N NAD BA . -16.00 -31.20 15.66
C3N NAD BA . -14.93 -30.30 15.41
C7N NAD BA . -15.11 -29.01 14.86
O7N NAD BA . -14.30 -28.11 15.04
N7N NAD BA . -16.14 -28.79 14.08
C4N NAD BA . -13.62 -30.67 15.79
C5N NAD BA . -13.43 -31.94 16.36
C6N NAD BA . -14.52 -32.80 16.56
H51A NAD BA . -12.57 -40.12 13.63
H52A NAD BA . -11.50 -38.74 13.90
H4B NAD BA . -10.11 -40.45 13.03
H3B NAD BA . -10.28 -38.07 11.63
HO3A NAD BA . -8.30 -38.77 10.80
H2B NAD BA . -11.88 -38.95 10.06
HO2A NAD BA . -10.44 -38.15 8.64
H1B NAD BA . -10.13 -41.42 9.96
H8A NAD BA . -13.83 -40.19 9.58
H61A NAD BA . -15.25 -44.00 6.67
H62A NAD BA . -14.32 -45.40 6.16
H2A NAD BA . -10.33 -45.23 7.65
H51N NAD BA . -16.29 -37.41 15.71
H52N NAD BA . -15.16 -36.65 16.84
H4D NAD BA . -17.53 -36.28 17.40
H3D NAD BA . -18.18 -35.94 14.80
HO3N NAD BA . -20.04 -35.34 15.68
H2D NAD BA . -16.82 -34.03 14.40
HO2N NAD BA . -19.40 -33.46 14.49
H1D NAD BA . -17.70 -32.79 17.01
H2N NAD BA . -17.02 -30.95 15.42
H71N NAD BA . -16.24 -27.87 13.69
H72N NAD BA . -16.82 -29.51 13.88
H4N NAD BA . -12.78 -30.01 15.64
H5N NAD BA . -12.42 -32.26 16.61
H6N NAD BA . -14.36 -33.79 16.96
PG GTP CA . 22.75 -62.95 32.66
O1G GTP CA . 23.49 -63.23 31.44
O2G GTP CA . 23.59 -62.98 33.87
O3G GTP CA . 21.53 -63.74 32.82
O3B GTP CA . 22.23 -61.46 32.65
PB GTP CA . 21.97 -60.71 31.26
O1B GTP CA . 21.14 -61.53 30.35
O2B GTP CA . 23.25 -60.10 30.81
O3A GTP CA . 21.10 -59.55 31.90
PA GTP CA . 20.23 -58.64 30.94
O1A GTP CA . 18.90 -59.28 30.77
O2A GTP CA . 20.23 -57.30 31.55
O5' GTP CA . 20.84 -58.48 29.46
C5' GTP CA . 21.96 -57.63 29.22
C4' GTP CA . 21.52 -56.25 28.71
O4' GTP CA . 22.47 -55.28 29.18
C3' GTP CA . 21.53 -56.19 27.19
O3' GTP CA . 20.62 -55.20 26.70
C2' GTP CA . 22.99 -55.81 26.95
O2' GTP CA . 23.26 -55.18 25.73
C1' GTP CA . 23.27 -54.85 28.09
N9 GTP CA . 24.72 -54.81 28.38
C8 GTP CA . 25.61 -53.82 28.05
N7 GTP CA . 26.85 -54.06 28.35
C5 GTP CA . 26.80 -55.35 28.91
C6 GTP CA . 27.84 -56.19 29.44
O6 GTP CA . 29.04 -55.98 29.54
N1 GTP CA . 27.38 -57.41 29.90
C2 GTP CA . 26.08 -57.78 29.86
N2 GTP CA . 25.78 -58.95 30.38
N3 GTP CA . 25.09 -57.03 29.38
C4 GTP CA . 25.51 -55.81 28.92
H5' GTP CA . 22.62 -58.10 28.49
H5'' GTP CA . 22.53 -57.50 30.14
H4' GTP CA . 20.54 -56.02 29.10
H3' GTP CA . 21.30 -57.16 26.73
HO3' GTP CA . 20.84 -55.06 25.78
H2' GTP CA . 23.60 -56.70 27.04
HO2' GTP CA . 22.75 -55.65 25.05
H1' GTP CA . 22.93 -53.86 27.79
H8 GTP CA . 25.28 -52.89 27.58
HN1 GTP CA . 28.05 -58.04 30.30
HN21 GTP CA . 24.82 -59.25 30.42
HN22 GTP CA . 26.50 -59.54 30.77
PG GTP DA . 15.14 -51.37 15.30
O1G GTP DA . 15.53 -49.96 15.13
O2G GTP DA . 13.93 -51.76 14.56
O3G GTP DA . 15.18 -51.83 16.71
O3B GTP DA . 16.34 -52.22 14.70
PB GTP DA . 16.53 -52.34 13.13
O1B GTP DA . 16.44 -51.01 12.50
O2B GTP DA . 17.84 -52.99 12.93
O3A GTP DA . 15.47 -53.20 12.31
PA GTP DA . 15.15 -54.71 12.67
O1A GTP DA . 14.58 -55.26 11.43
O2A GTP DA . 14.27 -54.77 13.86
O5' GTP DA . 16.42 -55.63 13.03
C5' GTP DA . 17.17 -56.31 12.03
C4' GTP DA . 18.17 -57.32 12.63
O4' GTP DA . 19.29 -56.67 13.22
C3' GTP DA . 17.58 -58.27 13.67
O3' GTP DA . 17.03 -59.46 13.13
C2' GTP DA . 18.80 -58.59 14.54
O2' GTP DA . 19.62 -59.63 14.01
C1' GTP DA . 19.58 -57.27 14.47
N9 GTP DA . 19.20 -56.38 15.57
C8 GTP DA . 18.45 -55.22 15.53
N7 GTP DA . 18.50 -54.53 16.64
C5 GTP DA . 19.30 -55.30 17.47
C6 GTP DA . 19.81 -55.03 18.78
O6 GTP DA . 19.68 -54.02 19.45
N1 GTP DA . 20.61 -56.03 19.27
C2 GTP DA . 20.91 -57.17 18.59
N2 GTP DA . 21.71 -58.00 19.18
N3 GTP DA . 20.49 -57.43 17.36
C4 GTP DA . 19.69 -56.45 16.84
H5' GTP DA . 17.71 -55.59 11.43
H5'' GTP DA . 16.50 -56.87 11.38
H4' GTP DA . 18.55 -57.92 11.81
H3' GTP DA . 16.84 -57.77 14.29
HO3' GTP DA . 17.18 -60.14 13.79
H2' GTP DA . 18.50 -58.82 15.57
HO2' GTP DA . 20.32 -59.85 14.64
H1' GTP DA . 20.65 -57.47 14.56
H8 GTP DA . 17.93 -54.87 14.65
HN1 GTP DA . 21.11 -55.84 20.13
HN21 GTP DA . 21.94 -58.85 18.68
HN22 GTP DA . 22.12 -57.79 20.08
P IMP EA . 11.23 -24.42 26.82
O1P IMP EA . 11.16 -24.38 28.29
O2P IMP EA . 11.04 -25.81 26.35
O3P IMP EA . 10.14 -23.56 26.29
O5' IMP EA . 12.60 -23.83 26.29
C5' IMP EA . 13.79 -24.57 26.52
C4' IMP EA . 14.94 -23.83 25.81
O4' IMP EA . 15.29 -22.65 26.57
C3' IMP EA . 16.24 -24.60 25.82
O3' IMP EA . 16.29 -25.67 24.89
C2' IMP EA . 17.29 -23.50 25.59
O2' IMP EA . 17.45 -23.19 24.21
C1' IMP EA . 16.65 -22.28 26.29
N9 IMP EA . 17.30 -21.92 27.54
C8 IMP EA . 17.88 -22.74 28.49
N7 IMP EA . 18.36 -22.05 29.52
C5 IMP EA . 18.03 -20.74 29.25
C6 IMP EA . 18.26 -19.53 30.08
O6 IMP EA . 18.75 -19.50 31.19
N1 IMP EA . 17.88 -18.40 29.45
C2 IMP EA . 17.39 -18.38 28.17
N3 IMP EA . 17.10 -19.45 27.45
C4 IMP EA . 17.43 -20.66 28.05
H5'1 IMP EA . 14.00 -24.66 27.59
H5'2 IMP EA . 13.70 -25.57 26.09
H4' IMP EA . 14.66 -23.56 24.78
H3' IMP EA . 16.40 -25.00 26.83
HO3' IMP EA . 16.04 -25.31 24.01
H2' IMP EA . 18.25 -23.78 26.02
HO2' IMP EA . 16.82 -23.70 23.67
H1' IMP EA . 16.68 -21.40 25.63
H8 IMP EA . 17.95 -23.81 28.35
HN1 IMP EA . 17.98 -17.54 29.97
H2 IMP EA . 17.32 -17.38 27.78
PA NAD FA . 28.03 -18.38 27.16
O1A NAD FA . 27.91 -18.92 25.79
O2A NAD FA . 28.63 -19.24 28.20
O5B NAD FA . 28.98 -17.09 27.04
C5B NAD FA . 29.17 -16.20 28.12
C4B NAD FA . 30.04 -15.02 27.69
O4B NAD FA . 31.35 -15.48 27.38
C3B NAD FA . 29.49 -14.30 26.45
O3B NAD FA . 29.76 -12.92 26.59
C2B NAD FA . 30.29 -14.97 25.33
O2B NAD FA . 30.37 -14.17 24.15
C1B NAD FA . 31.64 -15.19 26.01
N9A NAD FA . 32.49 -16.28 25.45
C8A NAD FA . 32.13 -17.50 24.94
N7A NAD FA . 33.14 -18.24 24.55
C5A NAD FA . 34.25 -17.42 24.83
C6A NAD FA . 35.65 -17.54 24.69
N6A NAD FA . 36.28 -18.60 24.20
N1A NAD FA . 36.47 -16.57 25.05
C2A NAD FA . 35.94 -15.46 25.53
N3A NAD FA . 34.66 -15.19 25.72
C4A NAD FA . 33.85 -16.23 25.35
O3 NAD FA . 26.71 -17.77 27.75
PN NAD FA . 25.33 -18.15 27.11
O1N NAD FA . 25.30 -17.75 25.69
O2N NAD FA . 24.30 -17.55 27.97
O5D NAD FA . 25.09 -19.74 27.20
C5D NAD FA . 25.10 -20.41 28.46
C4D NAD FA . 23.89 -21.35 28.62
O4D NAD FA . 22.68 -20.62 28.74
C3D NAD FA . 23.71 -22.32 27.45
O3D NAD FA . 23.15 -23.52 27.95
C2D NAD FA . 22.71 -21.56 26.57
O2D NAD FA . 22.01 -22.40 25.65
C1D NAD FA . 21.82 -20.90 27.64
N1N NAD FA . 21.07 -19.70 27.16
C2N NAD FA . 20.22 -19.80 26.11
C3N NAD FA . 19.54 -18.68 25.58
C7N NAD FA . 18.66 -18.75 24.46
O7N NAD FA . 17.82 -17.89 24.26
N7N NAD FA . 18.80 -19.73 23.61
C4N NAD FA . 19.70 -17.43 26.22
C5N NAD FA . 20.56 -17.35 27.32
C6N NAD FA . 21.24 -18.49 27.77
H51A NAD FA . 28.22 -15.82 28.47
H52A NAD FA . 29.65 -16.73 28.95
H4B NAD FA . 30.09 -14.32 28.53
H3B NAD FA . 28.41 -14.47 26.35
HO3A NAD FA . 29.34 -12.44 25.88
H2B NAD FA . 29.84 -15.93 25.09
HO2A NAD FA . 29.63 -14.39 23.58
H1B NAD FA . 32.18 -14.25 25.96
H8A NAD FA . 31.10 -17.82 24.87
H61A NAD FA . 35.75 -19.38 23.85
H62A NAD FA . 37.28 -18.54 24.10
H2A NAD FA . 36.64 -14.68 25.80
H51N NAD FA . 25.10 -19.70 29.29
H52N NAD FA . 26.01 -21.00 28.53
H4D NAD FA . 24.05 -21.93 29.54
H3D NAD FA . 24.65 -22.49 26.93
HO3N NAD FA . 23.53 -24.23 27.44
H2D NAD FA . 23.24 -20.79 26.01
HO2N NAD FA . 22.54 -23.16 25.41
H1D NAD FA . 21.10 -21.66 27.97
H2N NAD FA . 20.08 -20.79 25.70
H71N NAD FA . 18.17 -19.75 22.83
H72N NAD FA . 19.50 -20.45 23.73
H4N NAD FA . 19.19 -16.55 25.87
H5N NAD FA . 20.75 -16.39 27.78
H6N NAD FA . 21.94 -18.41 28.60
PG GTP GA . 36.05 16.03 58.83
O1G GTP GA . 34.95 15.15 59.26
O2G GTP GA . 36.81 16.62 59.94
O3G GTP GA . 35.61 17.03 57.85
O3B GTP GA . 37.12 15.18 58.04
PB GTP GA . 37.32 13.65 58.35
O1B GTP GA . 36.31 12.82 57.63
O2B GTP GA . 37.44 13.43 59.82
O3A GTP GA . 38.73 13.13 57.84
PA GTP GA . 39.26 13.58 56.42
O1A GTP GA . 39.94 14.89 56.57
O2A GTP GA . 40.10 12.45 55.95
O5' GTP GA . 38.13 13.71 55.29
C5' GTP GA . 38.53 14.13 54.00
C4' GTP GA . 37.41 14.13 52.98
O4' GTP GA . 36.52 15.24 53.20
C3' GTP GA . 38.03 14.30 51.59
O3' GTP GA . 37.38 13.47 50.65
C2' GTP GA . 37.86 15.79 51.33
O2' GTP GA . 37.66 16.14 49.97
C1' GTP GA . 36.61 16.14 52.11
N9 GTP GA . 36.63 17.57 52.54
C8 GTP GA . 35.92 18.61 52.03
N7 GTP GA . 36.15 19.76 52.61
C5 GTP GA . 37.11 19.45 53.57
C6 GTP GA . 37.77 20.27 54.56
O6 GTP GA . 37.61 21.47 54.81
N1 GTP GA . 38.69 19.59 55.33
C2 GTP GA . 38.92 18.26 55.20
N2 GTP GA . 39.78 17.71 56.04
N3 GTP GA . 38.33 17.48 54.31
C4 GTP GA . 37.42 18.13 53.52
H5' GTP GA . 39.30 13.45 53.66
H5'' GTP GA . 38.99 15.12 54.05
H4' GTP GA . 36.86 13.19 53.04
H3' GTP GA . 39.10 14.04 51.61
HO3' GTP GA . 37.73 13.75 49.80
H2' GTP GA . 38.73 16.31 51.74
HO2' GTP GA . 38.15 15.51 49.44
H1' GTP GA . 35.76 15.98 51.45
H8 GTP GA . 35.21 18.49 51.22
HN1 GTP GA . 39.17 20.10 56.05
HN21 GTP GA . 39.84 16.71 56.06
HN22 GTP GA . 40.24 18.26 56.75
PG GTP HA . 39.32 9.15 38.33
O1G GTP HA . 38.20 9.37 37.40
O2G GTP HA . 40.29 8.14 37.89
O3G GTP HA . 38.91 9.04 39.75
O3B GTP HA . 40.08 10.54 38.42
PB GTP HA . 40.90 11.08 37.17
O1B GTP HA . 39.96 11.32 36.05
O2B GTP HA . 41.55 12.34 37.65
O3A GTP HA . 42.05 10.21 36.49
PA GTP HA . 43.31 9.66 37.27
O1A GTP HA . 43.80 8.56 36.40
O2A GTP HA . 43.07 9.35 38.68
O5' GTP HA . 44.53 10.72 37.21
C5' GTP HA . 44.54 11.92 37.95
C4' GTP HA . 45.72 12.08 38.93
O4' GTP HA . 45.30 13.03 39.91
C3' GTP HA . 46.07 10.81 39.73
O3' GTP HA . 47.33 10.90 40.36
C2' GTP HA . 45.00 10.85 40.81
O2' GTP HA . 45.34 10.13 41.98
C1' GTP HA . 44.87 12.33 41.08
N9 GTP HA . 43.47 12.65 41.45
C8 GTP HA . 42.32 12.25 40.85
N7 GTP HA . 41.24 12.54 41.52
C5 GTP HA . 41.74 13.19 42.66
C6 GTP HA . 41.06 13.72 43.80
O6 GTP HA . 39.86 13.80 44.01
N1 GTP HA . 41.90 14.24 44.75
C2 GTP HA . 43.24 14.27 44.63
N2 GTP HA . 43.90 14.86 45.58
N3 GTP HA . 43.91 13.76 43.59
C4 GTP HA . 43.09 13.24 42.63
H5' GTP HA . 43.63 12.00 38.55
H5'' GTP HA . 44.55 12.77 37.26
H4' GTP HA . 46.60 12.42 38.39
H3' GTP HA . 45.98 9.90 39.13
HO3' GTP HA . 47.17 10.56 41.25
H2' GTP HA . 44.06 10.46 40.41
HO2' GTP HA . 44.57 9.61 42.19
H1' GTP HA . 45.53 12.60 41.90
H8 GTP HA . 42.28 11.67 39.94
HN1 GTP HA . 41.46 14.75 45.50
HN21 GTP HA . 44.91 14.91 45.47
HN22 GTP HA . 43.43 15.29 46.35
P IMP IA . 9.91 6.77 36.03
O1P IMP IA . 9.18 6.59 37.31
O2P IMP IA . 11.34 6.51 36.24
O3P IMP IA . 9.35 5.82 35.05
O5' IMP IA . 9.70 8.24 35.45
C5' IMP IA . 10.30 9.35 36.10
C4' IMP IA . 9.93 10.62 35.30
O4' IMP IA . 8.55 10.97 35.51
C3' IMP IA . 10.60 11.89 35.79
O3' IMP IA . 11.98 12.02 35.49
C2' IMP IA . 9.74 13.00 35.20
O2' IMP IA . 10.02 13.30 33.83
C1' IMP IA . 8.34 12.36 35.24
N9 IMP IA . 7.47 12.92 36.26
C8 IMP IA . 7.80 13.35 37.54
N7 IMP IA . 6.73 13.79 38.20
C5 IMP IA . 5.68 13.60 37.33
C6 IMP IA . 4.24 13.84 37.52
O6 IMP IA . 3.70 14.21 38.54
N1 IMP IA . 3.51 13.62 36.40
C2 IMP IA . 4.07 13.26 35.20
N3 IMP IA . 5.35 12.95 35.04
C4 IMP IA . 6.14 13.13 36.14
H5'1 IMP IA . 9.93 9.45 37.13
H5'2 IMP IA . 11.38 9.24 36.12
H4' IMP IA . 10.14 10.47 34.23
H3' IMP IA . 10.49 11.93 36.89
HO3' IMP IA . 12.13 11.64 34.59
H2' IMP IA . 9.79 13.91 35.81
HO2' IMP IA . 10.94 13.04 33.61
H1' IMP IA . 7.84 12.48 34.27
H8 IMP IA . 8.81 13.33 37.91
HN1 IMP IA . 2.52 13.74 36.48
H2 IMP IA . 3.35 13.29 34.39
PA NAD JA . 5.28 24.15 35.18
O1A NAD JA . 6.23 24.12 34.05
O2A NAD JA . 5.50 25.19 36.20
O5B NAD JA . 3.81 24.39 34.57
C5B NAD JA . 2.68 24.70 35.37
C4B NAD JA . 1.89 25.85 34.74
O4B NAD JA . 2.57 27.10 34.92
C3B NAD JA . 1.66 25.67 33.24
O3B NAD JA . 0.37 26.14 32.92
C2B NAD JA . 2.78 26.56 32.66
O2B NAD JA . 2.57 26.94 31.31
C1B NAD JA . 2.77 27.71 33.66
N9A NAD JA . 3.99 28.54 33.69
C8A NAD JA . 5.31 28.16 33.74
N7A NAD JA . 6.16 29.15 33.83
C5A NAD JA . 5.32 30.28 33.83
C6A NAD JA . 5.53 31.67 33.90
N6A NAD JA . 6.68 32.29 34.02
N1A NAD JA . 4.49 32.53 33.86
C2A NAD JA . 3.29 32.02 33.73
N3A NAD JA . 2.94 30.74 33.66
C4A NAD JA . 4.02 29.91 33.71
O3 NAD JA . 5.38 22.79 35.96
PN NAD JA . 4.68 21.53 35.33
O1N NAD JA . 4.84 21.47 33.87
O2N NAD JA . 3.33 21.39 35.92
O5D NAD JA . 5.57 20.34 35.94
C5D NAD JA . 5.72 20.20 37.34
C4D NAD JA . 6.64 19.03 37.74
O4D NAD JA . 6.07 17.79 37.36
C3D NAD JA . 8.03 19.08 37.10
O3D NAD JA . 8.96 18.47 37.97
C2D NAD JA . 7.83 18.27 35.82
O2D NAD JA . 9.04 17.69 35.33
C1D NAD JA . 6.80 17.22 36.29
N1N NAD JA . 5.91 16.72 35.19
C2N NAD JA . 6.44 16.00 34.16
C3N NAD JA . 5.63 15.50 33.11
C7N NAD JA . 6.13 14.73 32.04
O7N NAD JA . 5.43 13.90 31.47
N7N NAD JA . 7.34 14.98 31.59
C4N NAD JA . 4.24 15.73 33.17
C5N NAD JA . 3.71 16.46 34.24
C6N NAD JA . 4.57 16.96 35.24
H51A NAD JA . 2.04 23.83 35.43
H52A NAD JA . 2.97 24.98 36.38
H4B NAD JA . 0.92 25.91 35.24
H3B NAD JA . 1.77 24.63 32.94
HO3A NAD JA . 0.15 25.89 32.02
H2B NAD JA . 3.73 26.02 32.74
HO2A NAD JA . 2.94 26.27 30.73
H1B NAD JA . 1.91 28.35 33.42
H8A NAD JA . 5.61 27.12 33.72
H61A NAD JA . 7.54 31.75 34.01
H62A NAD JA . 6.68 33.29 34.02
H2A NAD JA . 2.48 32.73 33.70
H51N NAD JA . 4.75 20.04 37.80
H52N NAD JA . 6.14 21.12 37.75
H4D NAD JA . 6.74 19.07 38.83
H3D NAD JA . 8.31 20.12 36.88
HO3N NAD JA . 9.79 18.94 37.86
H2D NAD JA . 7.39 18.92 35.06
HO2N NAD JA . 9.78 18.19 35.66
H1D NAD JA . 7.37 16.38 36.69
H2N NAD JA . 7.51 15.82 34.19
H71N NAD JA . 7.65 14.46 30.78
H72N NAD JA . 7.94 15.67 32.01
H4N NAD JA . 3.59 15.35 32.41
H5N NAD JA . 2.65 16.66 34.29
H6N NAD JA . 4.17 17.55 36.05
PG GTP KA . -39.07 34.06 52.24
O1G GTP KA . -39.48 35.31 51.59
O2G GTP KA . -40.15 33.08 52.46
O3G GTP KA . -38.27 34.28 53.46
O3B GTP KA . -38.05 33.33 51.30
PB GTP KA . -38.26 33.28 49.71
O1B GTP KA . -39.70 33.19 49.39
O2B GTP KA . -37.45 32.15 49.24
O3A GTP KA . -37.73 34.62 49.03
PA GTP KA . -36.18 34.90 48.96
O1A GTP KA . -36.02 36.36 48.78
O2A GTP KA . -35.46 34.29 50.09
O5' GTP KA . -35.66 34.22 47.60
C5' GTP KA . -36.05 34.72 46.33
C4' GTP KA . -35.59 33.77 45.22
O4' GTP KA . -36.67 32.92 44.85
C3' GTP KA . -35.10 34.50 43.96
O3' GTP KA . -33.93 33.87 43.48
C2' GTP KA . -36.30 34.33 43.01
O2' GTP KA . -35.95 34.24 41.65
C1' GTP KA . -36.90 33.02 43.45
N9 GTP KA . -38.33 32.96 43.08
C8 GTP KA . -38.92 32.17 42.12
N7 GTP KA . -40.21 32.33 42.02
C5 GTP KA . -40.50 33.31 42.98
C6 GTP KA . -41.76 33.88 43.39
O6 GTP KA . -42.90 33.62 43.01
N1 GTP KA . -41.63 34.85 44.35
C2 GTP KA . -40.45 35.22 44.89
N2 GTP KA . -40.46 36.17 45.79
N3 GTP KA . -39.27 34.69 44.56
C4 GTP KA . -39.36 33.72 43.60
H5' GTP KA . -35.59 35.70 46.19
H5'' GTP KA . -37.13 34.84 46.28
H4' GTP KA . -34.77 33.16 45.60
H3' GTP KA . -34.91 35.55 44.14
HO3' GTP KA . -33.80 34.14 42.57
H2' GTP KA . -36.99 35.15 43.17
HO2' GTP KA . -35.39 35.00 41.43
H1' GTP KA . -36.35 32.21 42.94
H8 GTP KA . -38.35 31.47 41.53
HN1 GTP KA . -42.48 35.28 44.71
HN21 GTP KA . -39.58 36.44 46.21
HN22 GTP KA . -41.33 36.60 46.08
PG GTP LA . -23.52 36.73 34.62
O1G GTP LA . -23.52 36.89 36.11
O2G GTP LA . -23.25 35.29 34.24
O3G GTP LA . -22.47 37.62 34.00
O3B GTP LA . -25.02 37.15 34.06
PB GTP LA . -25.31 37.96 32.66
O1B GTP LA . -25.23 37.03 31.50
O2B GTP LA . -26.70 38.54 32.72
O3A GTP LA . -24.21 39.17 32.50
PA GTP LA . -23.80 40.23 33.70
O1A GTP LA . -22.43 40.78 33.42
O2A GTP LA . -23.79 39.55 35.03
O5' GTP LA . -24.88 41.46 33.73
C5' GTP LA . -26.25 41.18 33.69
C4' GTP LA . -27.00 42.44 34.03
O4' GTP LA . -28.51 42.12 34.51
C3' GTP LA . -26.44 43.01 35.05
O3' GTP LA . -26.78 44.47 35.08
C2' GTP LA . -27.07 42.30 36.27
O2' GTP LA . -27.20 43.17 37.29
C1' GTP LA . -28.46 41.83 35.78
N9 GTP LA . -28.60 40.39 35.95
C8 GTP LA . -27.95 39.31 35.48
N7 GTP LA . -28.54 38.24 36.01
C5 GTP LA . -29.54 38.64 36.77
C6 GTP LA . -30.55 37.86 37.59
O6 GTP LA . -30.50 36.68 37.61
N1 GTP LA . -31.52 38.55 38.34
C2 GTP LA . -31.57 39.98 38.32
N2 GTP LA . -32.57 40.67 39.08
N3 GTP LA . -30.60 40.72 37.52
C4 GTP LA . -29.58 39.99 36.74
H5' GTP LA . -26.49 40.40 34.41
H5'' GTP LA . -26.53 40.85 32.69
H4' GTP LA . -27.02 43.13 33.18
H3' GTP LA . -25.36 42.87 35.04
HO3' GTP LA . -26.36 44.88 35.85
H2' GTP LA . -26.46 41.44 36.57
HO2' GTP LA . -27.60 42.72 38.05
H1' GTP LA . -29.25 42.36 36.32
H8 GTP LA . -27.10 39.32 34.82
HN1 GTP LA . -32.19 38.04 38.89
HN21 GTP LA . -33.48 40.51 38.68
HN22 GTP LA . -32.56 40.34 40.04
P IMP MA . -22.06 7.16 30.05
O1P IMP MA . -22.50 6.29 31.17
O2P IMP MA . -21.89 8.54 30.54
O3P IMP MA . -20.77 6.62 29.55
O5' IMP MA . -23.09 7.11 28.86
C5' IMP MA . -24.37 7.70 29.04
C4' IMP MA . -25.14 7.55 27.72
O4' IMP MA . -25.64 6.21 27.59
C3' IMP MA . -26.43 8.34 27.69
O3' IMP MA . -26.25 9.74 27.52
C2' IMP MA . -27.23 7.65 26.59
O2' IMP MA . -26.89 8.14 25.29
C1' IMP MA . -26.76 6.19 26.69
N9 IMP MA . -27.77 5.27 27.22
C8 IMP MA . -28.70 5.49 28.20
N7 IMP MA . -29.42 4.41 28.47
C5 IMP MA . -28.91 3.43 27.63
C6 IMP MA . -29.28 2.01 27.50
O6 IMP MA . -30.09 1.42 28.19
N1 IMP MA . -28.61 1.38 26.52
C2 IMP MA . -27.74 2.02 25.68
N3 IMP MA . -27.33 3.28 25.83
C4 IMP MA . -27.94 3.98 26.86
H5'1 IMP MA . -24.91 7.21 29.85
H5'2 IMP MA . -24.26 8.76 29.28
H4' IMP MA . -24.51 7.82 26.86
H3' IMP MA . -26.95 8.17 28.65
HO3' IMP MA . -25.69 9.88 26.73
H2' IMP MA . -28.31 7.75 26.76
HO2' IMP MA . -26.18 8.80 25.36
H1' IMP MA . -26.44 5.81 25.71
H8 IMP MA . -28.81 6.45 28.68
HN1 IMP MA . -28.78 0.39 26.42
H2 IMP MA . -27.44 1.40 24.83
PA NAD NA . -37.39 4.04 20.99
O1A NAD NA . -36.87 5.08 20.08
O2A NAD NA . -38.77 4.21 21.48
O5B NAD NA . -37.35 2.65 20.18
C5B NAD NA . -38.04 1.48 20.60
C4B NAD NA . -38.75 0.83 19.41
O4B NAD NA . -39.92 1.57 19.06
C3B NAD NA . -37.88 0.75 18.15
O3B NAD NA . -38.16 -0.46 17.49
C2B NAD NA . -38.36 1.99 17.37
O2B NAD NA . -38.06 1.95 15.98
C1B NAD NA . -39.85 1.96 17.69
N9A NAD NA . -40.58 3.24 17.51
C8A NAD NA . -40.21 4.51 17.86
N7A NAD NA . -41.11 5.42 17.60
C5A NAD NA . -42.13 4.69 17.02
C6A NAD NA . -43.41 4.99 16.48
N6A NAD NA . -43.96 6.19 16.43
N1A NAD NA . -44.19 4.06 15.96
C2A NAD NA . -43.74 2.81 15.95
N3A NAD NA . -42.57 2.38 16.40
C4A NAD NA . -41.81 3.37 16.93
O3 NAD NA . -36.49 3.98 22.27
PN NAD NA . -35.08 3.28 22.15
O1N NAD NA . -34.38 3.64 20.92
O2N NAD NA . -35.21 1.86 22.53
O5D NAD NA . -34.29 3.99 23.35
C5D NAD NA . -34.81 3.99 24.67
C4D NAD NA . -33.94 4.80 25.64
O4D NAD NA . -32.69 4.16 25.82
C3D NAD NA . -33.66 6.21 25.18
O3D NAD NA . -33.47 7.03 26.32
C2D NAD NA . -32.35 6.06 24.41
O2D NAD NA . -31.56 7.25 24.34
C1D NAD NA . -31.66 4.92 25.19
N1N NAD NA . -30.77 4.08 24.34
C2N NAD NA . -29.60 4.61 23.86
C3N NAD NA . -28.73 3.85 23.04
C7N NAD NA . -27.51 4.37 22.55
O7N NAD NA . -26.56 3.63 22.34
N7N NAD NA . -27.43 5.64 22.28
C4N NAD NA . -29.07 2.52 22.75
C5N NAD NA . -30.26 1.99 23.26
C6N NAD NA . -31.10 2.79 24.05
H51A NAD NA . -38.76 1.70 21.38
H52A NAD NA . -37.31 0.78 21.00
H4B NAD NA . -39.04 -0.18 19.71
H3B NAD NA . -36.82 0.82 18.40
HO3A NAD NA . -37.51 -0.59 16.78
H2B NAD NA . -37.92 2.88 17.81
HO2A NAD NA . -37.18 2.29 15.85
H1B NAD NA . -40.32 1.18 17.08
H8A NAD NA . -39.27 4.73 18.34
H61A NAD NA . -43.44 7.00 16.76
H62A NAD NA . -44.86 6.27 16.00
H2A NAD NA . -44.39 2.07 15.51
H51N NAD NA . -34.89 2.97 25.02
H52N NAD NA . -35.81 4.43 24.67
H4D NAD NA . -34.47 4.82 26.59
H3D NAD NA . -34.45 6.61 24.54
HO3N NAD NA . -33.83 7.89 26.12
H2D NAD NA . -32.57 5.72 23.39
HO2N NAD NA . -32.08 8.01 24.63
H1D NAD NA . -31.07 5.38 25.98
H2N NAD NA . -29.38 5.62 24.16
H71N NAD NA . -26.55 5.98 21.92
H72N NAD NA . -28.22 6.26 22.40
H4N NAD NA . -28.43 1.90 22.12
H5N NAD NA . -30.55 0.98 23.01
H6N NAD NA . -32.04 2.41 24.41
#